data_3VT0
#
_entry.id   3VT0
#
_cell.length_a   107.694
_cell.length_b   122.376
_cell.length_c   404.656
_cell.angle_alpha   90.00
_cell.angle_beta   90.00
_cell.angle_gamma   90.00
#
_symmetry.space_group_name_H-M   'P 21 21 21'
#
loop_
_entity.id
_entity.type
_entity.pdbx_description
1 polymer 'Ricin B lectin'
2 branched beta-D-galactopyranose-(1-4)-beta-D-glucopyranose
3 non-polymer GLYCEROL
#
_entity_poly.entity_id   1
_entity_poly.type   'polypeptide(L)'
_entity_poly.pdbx_seq_one_letter_code
;MGSSHHHHHHSSGLVPRGSHMASMTGGQQMGRGSEFAAEGVIVNGTQFKDTSGNVIHAHGGGMLKHGDYYYWYGEYRDDS
NLFLGVSCYRSKDLVNWEYRGEVLSRNSAPELNHCNIERPKVMYNASTGEFVMWMHWENGINYGQARAAVAYSKTPDGKF
TYIRSFRPMQDTGVMDHGLPGYMSRDCNVFVDTDGKGYFISAANENMDLHLYELTPDYKNIASLKAKLFVGQQREAPCLI
KRNGYYYLITSGCTGWNPNQAKYAYSKDLASGWSQLYNLGNSTTYRSQPTFIIPVQGSSGTSYLYMGDRWAGAWGGKVND
SQYVWLPLNFISDTTLELPYYDSVKIDASSGIISEYIPDTTRYKLVNKNSGKVLDVLDGSVDNAAQIVQWTDNGSLSQQW
YLVDVGGGYKKIVNVKSGRALDVKDESKEDGGVLIQYTSNGGYNQHWKFTDIGDGYYKISSRHCGKLIDVRKWSTEDGGI
IQQWSDAGGTNQHWKLVLVSSPEPSPSPSPQVVKGDVNGDLKVNST
;
_entity_poly.pdbx_strand_id   A,B,C,D,E,F
#
# COMPACT_ATOMS: atom_id res chain seq x y z
N GLU A 39 -21.74 26.71 27.11
CA GLU A 39 -20.35 26.38 27.43
C GLU A 39 -20.25 25.03 28.14
N GLY A 40 -20.69 23.99 27.45
CA GLY A 40 -20.62 22.64 28.01
C GLY A 40 -19.24 22.05 27.85
N VAL A 41 -18.26 22.66 28.51
CA VAL A 41 -16.87 22.24 28.41
C VAL A 41 -16.33 21.75 29.75
N ILE A 42 -15.59 20.65 29.71
CA ILE A 42 -15.01 20.05 30.92
C ILE A 42 -13.49 20.12 30.88
N VAL A 43 -12.89 20.42 32.03
CA VAL A 43 -11.44 20.49 32.13
C VAL A 43 -10.90 19.30 32.91
N ASN A 44 -10.23 18.38 32.21
CA ASN A 44 -9.68 17.19 32.83
C ASN A 44 -8.52 17.50 33.77
N GLY A 45 -8.21 16.56 34.66
CA GLY A 45 -7.14 16.74 35.61
C GLY A 45 -7.52 17.67 36.74
N THR A 46 -8.81 17.89 36.91
CA THR A 46 -9.31 18.78 37.96
C THR A 46 -10.48 18.14 38.71
N GLN A 47 -10.97 18.84 39.73
CA GLN A 47 -12.13 18.38 40.48
C GLN A 47 -13.36 19.20 40.10
N PHE A 48 -14.26 18.57 39.35
CA PHE A 48 -15.47 19.25 38.89
C PHE A 48 -16.26 19.79 40.06
N LYS A 49 -16.88 20.95 39.88
CA LYS A 49 -17.70 21.55 40.92
C LYS A 49 -19.19 21.50 40.57
N ASP A 50 -20.01 21.17 41.56
CA ASP A 50 -21.45 21.12 41.36
C ASP A 50 -22.03 22.52 41.23
N THR A 51 -23.33 22.58 40.96
CA THR A 51 -24.01 23.87 40.79
C THR A 51 -23.89 24.74 42.04
N SER A 52 -23.75 24.10 43.19
CA SER A 52 -23.64 24.80 44.47
C SER A 52 -22.30 25.51 44.60
N GLY A 53 -21.33 25.09 43.78
CA GLY A 53 -20.00 25.68 43.82
C GLY A 53 -19.04 24.89 44.69
N ASN A 54 -19.44 23.67 45.02
CA ASN A 54 -18.62 22.77 45.84
C ASN A 54 -18.01 21.65 45.04
N VAL A 55 -16.83 21.19 45.48
CA VAL A 55 -16.13 20.12 44.80
C VAL A 55 -16.92 18.81 44.83
N ILE A 56 -17.14 18.23 43.66
CA ILE A 56 -17.83 16.96 43.53
C ILE A 56 -16.96 15.83 44.08
N HIS A 57 -17.55 14.99 44.93
CA HIS A 57 -16.83 13.86 45.53
C HIS A 57 -17.50 12.53 45.21
N ALA A 58 -17.26 12.01 44.02
CA ALA A 58 -17.78 10.72 43.61
C ALA A 58 -16.68 9.86 43.00
N HIS A 59 -15.68 9.53 43.82
CA HIS A 59 -14.51 8.78 43.36
C HIS A 59 -14.86 7.33 43.04
N GLY A 60 -14.23 6.80 42.00
CA GLY A 60 -14.45 5.43 41.57
C GLY A 60 -15.91 5.14 41.31
N GLY A 61 -16.68 6.17 41.00
CA GLY A 61 -18.11 6.05 40.80
C GLY A 61 -18.51 5.59 39.42
N GLY A 62 -19.80 5.73 39.12
CA GLY A 62 -20.33 5.36 37.82
C GLY A 62 -21.47 6.27 37.43
N MET A 63 -22.25 5.87 36.43
CA MET A 63 -23.36 6.69 35.96
C MET A 63 -24.50 5.86 35.37
N LEU A 64 -25.72 6.38 35.49
CA LEU A 64 -26.90 5.71 34.97
C LEU A 64 -27.83 6.71 34.29
N LYS A 65 -28.32 6.34 33.11
CA LYS A 65 -29.24 7.19 32.37
C LYS A 65 -30.68 6.69 32.51
N HIS A 66 -31.47 7.42 33.29
CA HIS A 66 -32.87 7.05 33.51
C HIS A 66 -33.78 8.26 33.39
N GLY A 67 -34.77 8.15 32.50
CA GLY A 67 -35.71 9.24 32.29
C GLY A 67 -35.11 10.39 31.51
N ASP A 68 -34.95 11.53 32.18
CA ASP A 68 -34.42 12.73 31.55
C ASP A 68 -33.12 13.18 32.21
N TYR A 69 -32.60 12.36 33.11
CA TYR A 69 -31.41 12.74 33.88
C TYR A 69 -30.30 11.68 33.84
N TYR A 70 -29.06 12.14 33.90
CA TYR A 70 -27.91 11.27 34.09
C TYR A 70 -27.48 11.34 35.54
N TYR A 71 -27.46 10.19 36.21
CA TYR A 71 -27.10 10.14 37.62
C TYR A 71 -25.68 9.65 37.84
N TRP A 72 -24.91 10.43 38.59
CA TRP A 72 -23.51 10.12 38.86
C TRP A 72 -23.31 9.72 40.32
N TYR A 73 -23.02 8.44 40.54
CA TYR A 73 -22.77 7.93 41.88
C TYR A 73 -21.29 7.81 42.15
N GLY A 74 -20.92 7.71 43.43
CA GLY A 74 -19.53 7.58 43.82
C GLY A 74 -19.33 7.63 45.32
N GLU A 75 -18.14 7.24 45.76
CA GLU A 75 -17.84 7.22 47.20
C GLU A 75 -16.73 8.18 47.58
N TYR A 76 -16.57 8.41 48.88
CA TYR A 76 -15.53 9.31 49.39
C TYR A 76 -15.29 9.06 50.88
N ARG A 77 -14.01 9.02 51.26
CA ARG A 77 -13.63 8.77 52.64
C ARG A 77 -13.82 10.00 53.54
N ASP A 78 -13.43 9.87 54.80
CA ASP A 78 -13.52 10.96 55.77
C ASP A 78 -12.14 11.29 56.32
N ASP A 79 -12.09 11.61 57.61
CA ASP A 79 -10.82 11.95 58.26
C ASP A 79 -10.00 10.71 58.54
N SER A 80 -10.67 9.59 58.77
CA SER A 80 -9.99 8.34 59.06
C SER A 80 -9.83 7.47 57.81
N ASN A 81 -10.03 8.09 56.65
CA ASN A 81 -9.92 7.40 55.37
C ASN A 81 -10.85 6.19 55.29
N LEU A 82 -12.04 6.33 55.87
CA LEU A 82 -13.02 5.26 55.89
C LEU A 82 -14.30 5.67 55.15
N PHE A 83 -15.11 4.68 54.81
CA PHE A 83 -16.37 4.93 54.10
C PHE A 83 -17.24 5.95 54.86
N LEU A 84 -17.52 7.06 54.19
CA LEU A 84 -18.35 8.10 54.77
C LEU A 84 -19.74 8.05 54.15
N GLY A 85 -19.79 8.09 52.82
CA GLY A 85 -21.06 8.04 52.12
C GLY A 85 -20.91 7.89 50.61
N VAL A 86 -21.97 7.44 49.96
CA VAL A 86 -21.99 7.31 48.51
C VAL A 86 -22.82 8.42 47.88
N SER A 87 -22.15 9.48 47.44
CA SER A 87 -22.82 10.66 46.90
C SER A 87 -23.56 10.37 45.61
N CYS A 88 -24.48 11.26 45.25
CA CYS A 88 -25.24 11.13 44.01
C CYS A 88 -25.48 12.50 43.40
N TYR A 89 -25.05 12.66 42.15
CA TYR A 89 -25.21 13.93 41.44
C TYR A 89 -26.09 13.74 40.20
N ARG A 90 -26.93 14.74 39.93
CA ARG A 90 -27.89 14.67 38.84
C ARG A 90 -27.66 15.79 37.83
N SER A 91 -27.86 15.48 36.55
CA SER A 91 -27.66 16.46 35.49
C SER A 91 -28.28 16.03 34.17
N LYS A 92 -28.58 16.99 33.31
CA LYS A 92 -29.12 16.72 31.99
C LYS A 92 -28.08 17.00 30.91
N ASP A 93 -27.18 17.95 31.18
CA ASP A 93 -26.19 18.37 30.21
C ASP A 93 -24.85 17.65 30.39
N LEU A 94 -24.72 16.93 31.50
CA LEU A 94 -23.51 16.15 31.78
C LEU A 94 -22.30 17.02 32.14
N VAL A 95 -22.54 18.31 32.35
CA VAL A 95 -21.47 19.23 32.73
C VAL A 95 -21.79 19.92 34.05
N ASN A 96 -23.03 20.38 34.19
CA ASN A 96 -23.48 21.02 35.41
C ASN A 96 -24.20 20.03 36.33
N TRP A 97 -23.54 19.67 37.43
CA TRP A 97 -24.07 18.65 38.33
C TRP A 97 -24.72 19.21 39.58
N GLU A 98 -25.83 18.59 39.99
CA GLU A 98 -26.56 19.03 41.17
C GLU A 98 -26.46 17.99 42.29
N TYR A 99 -26.18 18.46 43.50
CA TYR A 99 -26.05 17.59 44.66
C TYR A 99 -27.41 17.02 45.05
N ARG A 100 -27.44 15.71 45.31
CA ARG A 100 -28.69 15.05 45.67
C ARG A 100 -28.58 14.29 46.99
N GLY A 101 -27.46 14.47 47.68
CA GLY A 101 -27.25 13.83 48.97
C GLY A 101 -26.61 12.46 48.86
N GLU A 102 -26.45 11.78 49.99
CA GLU A 102 -25.87 10.44 50.03
C GLU A 102 -26.96 9.37 49.95
N VAL A 103 -27.03 8.71 48.80
CA VAL A 103 -27.98 7.62 48.62
C VAL A 103 -27.63 6.45 49.54
N LEU A 104 -26.38 6.43 49.99
CA LEU A 104 -25.92 5.42 50.93
C LEU A 104 -24.96 6.05 51.92
N SER A 105 -25.16 5.78 53.20
CA SER A 105 -24.33 6.38 54.24
C SER A 105 -23.72 5.32 55.15
N ARG A 106 -22.75 5.72 55.96
CA ARG A 106 -22.15 4.82 56.92
C ARG A 106 -23.16 4.51 58.04
N ASN A 107 -24.30 5.19 57.98
CA ASN A 107 -25.37 4.98 58.95
C ASN A 107 -26.45 4.04 58.42
N SER A 108 -26.38 3.74 57.13
CA SER A 108 -27.39 2.89 56.48
C SER A 108 -27.39 1.47 57.03
N ALA A 109 -26.27 1.07 57.62
CA ALA A 109 -26.14 -0.28 58.16
C ALA A 109 -25.08 -0.34 59.26
N PRO A 110 -25.16 -1.36 60.13
CA PRO A 110 -24.21 -1.52 61.24
C PRO A 110 -22.80 -1.83 60.75
N GLU A 111 -22.67 -2.62 59.69
CA GLU A 111 -21.36 -2.98 59.17
C GLU A 111 -20.80 -1.91 58.23
N LEU A 112 -21.60 -0.88 57.98
CA LEU A 112 -21.15 0.23 57.13
C LEU A 112 -20.53 1.34 57.96
N ASN A 113 -20.56 1.18 59.28
CA ASN A 113 -19.97 2.16 60.19
C ASN A 113 -18.45 2.25 60.04
N HIS A 114 -17.79 1.12 60.22
CA HIS A 114 -16.33 1.06 60.16
C HIS A 114 -15.89 0.11 59.05
N CYS A 115 -15.82 0.61 57.82
CA CYS A 115 -15.49 -0.23 56.68
C CYS A 115 -14.99 0.57 55.47
N ASN A 116 -14.55 -0.14 54.44
CA ASN A 116 -14.13 0.48 53.19
C ASN A 116 -15.09 0.15 52.05
N ILE A 117 -15.64 1.18 51.42
CA ILE A 117 -16.47 0.96 50.24
C ILE A 117 -15.97 1.77 49.06
N GLU A 118 -15.69 1.08 47.97
CA GLU A 118 -15.14 1.72 46.78
C GLU A 118 -15.75 1.15 45.50
N ARG A 119 -15.76 1.95 44.44
CA ARG A 119 -16.32 1.54 43.16
C ARG A 119 -17.77 1.09 43.24
N PRO A 120 -18.65 1.98 43.72
CA PRO A 120 -20.08 1.68 43.78
C PRO A 120 -20.76 1.95 42.44
N LYS A 121 -21.50 0.97 41.93
CA LYS A 121 -22.18 1.11 40.64
C LYS A 121 -23.68 0.90 40.79
N VAL A 122 -24.46 1.61 39.96
CA VAL A 122 -25.91 1.50 40.02
C VAL A 122 -26.51 1.08 38.68
N MET A 123 -27.40 0.10 38.72
CA MET A 123 -28.07 -0.40 37.53
C MET A 123 -29.58 -0.42 37.73
N TYR A 124 -30.33 -0.25 36.64
CA TYR A 124 -31.79 -0.21 36.73
C TYR A 124 -32.44 -1.52 36.27
N ASN A 125 -33.52 -1.89 36.94
CA ASN A 125 -34.27 -3.09 36.60
C ASN A 125 -35.64 -2.74 36.03
N ALA A 126 -35.87 -3.10 34.77
CA ALA A 126 -37.12 -2.80 34.09
C ALA A 126 -38.28 -3.58 34.71
N SER A 127 -38.04 -4.84 35.03
CA SER A 127 -39.06 -5.71 35.61
C SER A 127 -39.58 -5.14 36.93
N THR A 128 -38.70 -5.11 37.93
CA THR A 128 -39.07 -4.65 39.26
C THR A 128 -39.40 -3.16 39.27
N GLY A 129 -38.53 -2.35 38.67
CA GLY A 129 -38.72 -0.91 38.65
C GLY A 129 -37.93 -0.25 39.77
N GLU A 130 -36.96 -0.98 40.33
CA GLU A 130 -36.14 -0.47 41.41
C GLU A 130 -34.66 -0.46 41.02
N PHE A 131 -33.90 0.49 41.57
CA PHE A 131 -32.50 0.63 41.25
C PHE A 131 -31.61 -0.17 42.19
N VAL A 132 -30.89 -1.16 41.64
CA VAL A 132 -30.00 -1.99 42.42
C VAL A 132 -28.58 -1.44 42.39
N MET A 133 -27.93 -1.40 43.54
CA MET A 133 -26.59 -0.85 43.67
C MET A 133 -25.59 -1.89 44.19
N TRP A 134 -24.48 -2.04 43.48
CA TRP A 134 -23.41 -2.95 43.90
C TRP A 134 -22.16 -2.16 44.27
N MET A 135 -21.23 -2.82 44.97
CA MET A 135 -20.02 -2.15 45.43
C MET A 135 -18.99 -3.14 45.99
N HIS A 136 -17.88 -2.60 46.47
CA HIS A 136 -16.81 -3.41 47.06
C HIS A 136 -16.68 -3.08 48.54
N TRP A 137 -16.75 -4.12 49.38
CA TRP A 137 -16.72 -3.92 50.83
C TRP A 137 -15.47 -4.49 51.47
N GLU A 138 -14.94 -3.77 52.47
CA GLU A 138 -13.77 -4.21 53.22
C GLU A 138 -13.90 -3.86 54.69
N ASN A 139 -13.04 -4.44 55.52
CA ASN A 139 -13.11 -4.24 56.97
C ASN A 139 -12.86 -2.81 57.43
N GLY A 140 -11.91 -2.13 56.77
CA GLY A 140 -11.46 -0.83 57.22
C GLY A 140 -10.20 -1.01 58.04
N ILE A 141 -9.90 -2.27 58.34
CA ILE A 141 -8.68 -2.62 59.06
C ILE A 141 -7.72 -3.31 58.09
N ASN A 142 -8.28 -4.03 57.12
CA ASN A 142 -7.49 -4.74 56.13
C ASN A 142 -8.32 -5.04 54.88
N TYR A 143 -7.74 -5.82 53.98
CA TYR A 143 -8.41 -6.18 52.73
C TYR A 143 -8.60 -7.69 52.61
N GLY A 144 -8.79 -8.36 53.74
CA GLY A 144 -8.97 -9.80 53.75
C GLY A 144 -10.38 -10.21 53.37
N GLN A 145 -11.34 -9.35 53.67
CA GLN A 145 -12.73 -9.62 53.36
C GLN A 145 -13.12 -9.12 51.98
N ALA A 146 -12.56 -9.74 50.94
CA ALA A 146 -12.87 -9.36 49.57
C ALA A 146 -14.28 -9.80 49.21
N ARG A 147 -15.25 -8.97 49.57
CA ARG A 147 -16.65 -9.29 49.35
C ARG A 147 -17.40 -8.16 48.65
N ALA A 148 -18.53 -8.50 48.03
CA ALA A 148 -19.37 -7.50 47.38
C ALA A 148 -20.55 -7.13 48.27
N ALA A 149 -21.07 -5.92 48.09
CA ALA A 149 -22.21 -5.45 48.86
C ALA A 149 -23.33 -5.01 47.94
N VAL A 150 -24.57 -5.10 48.42
CA VAL A 150 -25.74 -4.78 47.60
C VAL A 150 -26.72 -3.85 48.32
N ALA A 151 -27.38 -3.00 47.55
CA ALA A 151 -28.41 -2.12 48.08
C ALA A 151 -29.42 -1.83 46.97
N TYR A 152 -30.50 -1.13 47.31
CA TYR A 152 -31.51 -0.79 46.31
C TYR A 152 -32.48 0.30 46.79
N SER A 153 -33.20 0.89 45.85
CA SER A 153 -34.16 1.94 46.15
C SER A 153 -35.19 2.06 45.05
N LYS A 154 -36.40 2.52 45.40
CA LYS A 154 -37.46 2.71 44.42
C LYS A 154 -37.16 3.91 43.53
N THR A 155 -36.37 4.84 44.05
CA THR A 155 -35.99 6.03 43.30
C THR A 155 -34.47 6.09 43.15
N PRO A 156 -33.99 6.77 42.09
CA PRO A 156 -32.55 6.86 41.80
C PRO A 156 -31.79 7.72 42.82
N ASP A 157 -32.33 8.88 43.15
CA ASP A 157 -31.66 9.79 44.08
C ASP A 157 -32.23 9.69 45.49
N GLY A 158 -32.94 8.60 45.76
CA GLY A 158 -33.53 8.38 47.07
C GLY A 158 -32.60 7.58 47.97
N LYS A 159 -32.90 7.58 49.27
CA LYS A 159 -32.10 6.86 50.24
C LYS A 159 -32.15 5.36 50.00
N PHE A 160 -31.01 4.78 49.61
CA PHE A 160 -30.92 3.35 49.35
C PHE A 160 -30.96 2.56 50.66
N THR A 161 -31.47 1.33 50.59
CA THR A 161 -31.52 0.46 51.74
C THR A 161 -30.50 -0.68 51.61
N TYR A 162 -29.47 -0.66 52.46
CA TYR A 162 -28.42 -1.66 52.42
C TYR A 162 -28.98 -3.06 52.69
N ILE A 163 -28.49 -4.04 51.95
CA ILE A 163 -28.94 -5.42 52.11
C ILE A 163 -27.94 -6.28 52.87
N ARG A 164 -26.84 -6.62 52.21
CA ARG A 164 -25.84 -7.50 52.80
C ARG A 164 -24.51 -7.44 52.06
N SER A 165 -23.47 -7.97 52.69
CA SER A 165 -22.17 -8.10 52.05
C SER A 165 -21.77 -9.57 52.07
N PHE A 166 -21.15 -10.03 50.99
CA PHE A 166 -20.86 -11.46 50.85
C PHE A 166 -19.81 -11.73 49.77
N ARG A 167 -19.18 -12.90 49.87
CA ARG A 167 -18.28 -13.38 48.83
C ARG A 167 -19.05 -14.32 47.91
N PRO A 168 -19.22 -13.94 46.64
CA PRO A 168 -20.01 -14.70 45.66
C PRO A 168 -19.81 -16.20 45.78
N MET A 169 -20.87 -16.97 45.60
CA MET A 169 -20.78 -18.43 45.64
C MET A 169 -20.31 -18.92 47.02
N GLN A 170 -20.82 -18.31 48.07
CA GLN A 170 -20.45 -18.70 49.44
C GLN A 170 -21.02 -20.06 49.82
N ASP A 171 -22.25 -20.32 49.38
CA ASP A 171 -22.94 -21.55 49.72
C ASP A 171 -22.41 -22.77 48.96
N THR A 172 -21.77 -22.52 47.82
CA THR A 172 -21.21 -23.60 47.02
C THR A 172 -20.09 -24.32 47.78
N GLY A 173 -19.58 -23.66 48.81
CA GLY A 173 -18.54 -24.24 49.65
C GLY A 173 -17.15 -24.02 49.12
N VAL A 174 -17.05 -23.40 47.95
CA VAL A 174 -15.74 -23.14 47.32
C VAL A 174 -14.89 -22.23 48.19
N MET A 175 -13.60 -22.53 48.27
CA MET A 175 -12.68 -21.74 49.07
C MET A 175 -11.72 -20.94 48.17
N ASP A 176 -11.61 -19.64 48.44
CA ASP A 176 -10.74 -18.77 47.65
C ASP A 176 -9.75 -18.04 48.56
N HIS A 177 -8.58 -18.64 48.74
CA HIS A 177 -7.52 -18.06 49.56
C HIS A 177 -7.90 -17.93 51.04
N GLY A 178 -8.19 -19.07 51.66
CA GLY A 178 -8.44 -19.11 53.09
C GLY A 178 -9.88 -18.95 53.51
N LEU A 179 -10.68 -18.25 52.72
CA LEU A 179 -12.06 -17.99 53.07
C LEU A 179 -13.05 -18.58 52.07
N PRO A 180 -14.27 -18.88 52.53
CA PRO A 180 -15.32 -19.43 51.67
C PRO A 180 -15.91 -18.37 50.75
N GLY A 181 -16.08 -18.71 49.48
CA GLY A 181 -16.61 -17.78 48.50
C GLY A 181 -15.51 -17.09 47.72
N TYR A 182 -15.79 -16.82 46.44
CA TYR A 182 -14.84 -16.13 45.58
C TYR A 182 -14.55 -14.73 46.09
N MET A 183 -13.28 -14.33 46.02
CA MET A 183 -12.90 -12.97 46.40
C MET A 183 -13.52 -11.98 45.43
N SER A 184 -13.82 -10.79 45.92
CA SER A 184 -14.47 -9.77 45.09
C SER A 184 -14.03 -8.37 45.48
N ARG A 185 -13.08 -7.83 44.72
CA ARG A 185 -12.62 -6.46 44.96
C ARG A 185 -13.16 -5.49 43.91
N ASP A 186 -12.28 -4.94 43.09
CA ASP A 186 -12.69 -4.02 42.04
C ASP A 186 -13.84 -4.62 41.23
N CYS A 187 -14.93 -3.88 41.11
CA CYS A 187 -16.15 -4.41 40.49
C CYS A 187 -16.81 -3.43 39.52
N ASN A 188 -17.89 -3.89 38.91
CA ASN A 188 -18.68 -3.08 38.00
C ASN A 188 -19.92 -3.83 37.54
N VAL A 189 -20.95 -3.10 37.12
CA VAL A 189 -22.21 -3.72 36.70
C VAL A 189 -22.50 -3.50 35.22
N PHE A 190 -23.38 -4.32 34.67
CA PHE A 190 -23.74 -4.23 33.25
C PHE A 190 -25.11 -4.83 32.97
N VAL A 191 -25.93 -4.09 32.22
CA VAL A 191 -27.26 -4.57 31.84
C VAL A 191 -27.28 -4.91 30.36
N ASP A 192 -27.51 -6.19 30.05
CA ASP A 192 -27.51 -6.66 28.67
C ASP A 192 -28.82 -6.30 27.97
N THR A 193 -28.85 -6.49 26.65
CA THR A 193 -30.02 -6.16 25.85
C THR A 193 -31.23 -7.01 26.23
N ASP A 194 -30.98 -8.27 26.55
CA ASP A 194 -32.05 -9.21 26.89
C ASP A 194 -32.65 -8.94 28.27
N GLY A 195 -32.04 -8.00 29.00
CA GLY A 195 -32.54 -7.63 30.30
C GLY A 195 -31.85 -8.36 31.44
N LYS A 196 -30.84 -9.17 31.10
CA LYS A 196 -30.09 -9.90 32.11
C LYS A 196 -29.05 -9.00 32.78
N GLY A 197 -29.03 -9.02 34.11
CA GLY A 197 -28.07 -8.24 34.86
C GLY A 197 -26.77 -8.99 35.07
N TYR A 198 -25.67 -8.24 35.13
CA TYR A 198 -24.35 -8.85 35.28
C TYR A 198 -23.49 -8.09 36.27
N PHE A 199 -22.76 -8.83 37.11
CA PHE A 199 -21.83 -8.24 38.07
C PHE A 199 -20.44 -8.83 37.84
N ILE A 200 -19.46 -7.95 37.64
CA ILE A 200 -18.09 -8.39 37.41
C ILE A 200 -17.15 -7.85 38.48
N SER A 201 -16.20 -8.68 38.91
CA SER A 201 -15.24 -8.28 39.93
C SER A 201 -13.97 -9.12 39.85
N ALA A 202 -12.91 -8.64 40.48
CA ALA A 202 -11.62 -9.33 40.48
C ALA A 202 -11.55 -10.37 41.60
N ALA A 203 -11.38 -11.63 41.20
CA ALA A 203 -11.30 -12.72 42.16
C ALA A 203 -9.92 -13.38 42.15
N ASN A 204 -9.74 -14.37 43.01
CA ASN A 204 -8.48 -15.10 43.09
C ASN A 204 -7.28 -14.17 43.26
N GLU A 205 -7.36 -13.30 44.27
CA GLU A 205 -6.31 -12.34 44.54
C GLU A 205 -6.09 -11.37 43.39
N ASN A 206 -7.19 -10.86 42.84
CA ASN A 206 -7.14 -9.90 41.74
C ASN A 206 -6.45 -10.45 40.50
N MET A 207 -6.18 -11.75 40.48
CA MET A 207 -5.49 -12.38 39.36
C MET A 207 -6.46 -12.76 38.25
N ASP A 208 -7.70 -13.05 38.62
CA ASP A 208 -8.72 -13.45 37.65
C ASP A 208 -9.93 -12.52 37.71
N LEU A 209 -10.64 -12.43 36.60
CA LEU A 209 -11.89 -11.66 36.55
C LEU A 209 -13.07 -12.61 36.50
N HIS A 210 -14.03 -12.39 37.39
CA HIS A 210 -15.23 -13.21 37.44
C HIS A 210 -16.46 -12.44 36.97
N LEU A 211 -17.12 -12.97 35.95
CA LEU A 211 -18.35 -12.37 35.45
C LEU A 211 -19.55 -13.15 35.98
N TYR A 212 -20.27 -12.56 36.93
CA TYR A 212 -21.42 -13.22 37.53
C TYR A 212 -22.72 -12.78 36.88
N GLU A 213 -23.59 -13.76 36.59
CA GLU A 213 -24.91 -13.47 36.08
C GLU A 213 -25.88 -13.30 37.24
N LEU A 214 -26.60 -12.19 37.26
CA LEU A 214 -27.51 -11.89 38.36
C LEU A 214 -28.90 -12.47 38.14
N THR A 215 -29.60 -12.74 39.24
CA THR A 215 -30.98 -13.17 39.18
C THR A 215 -31.82 -12.02 38.61
N PRO A 216 -33.04 -12.33 38.14
CA PRO A 216 -33.92 -11.32 37.54
C PRO A 216 -34.07 -10.05 38.37
N ASP A 217 -33.90 -10.15 39.69
CA ASP A 217 -34.07 -9.00 40.57
C ASP A 217 -32.80 -8.16 40.70
N TYR A 218 -31.72 -8.66 40.12
CA TYR A 218 -30.42 -7.95 40.14
C TYR A 218 -29.77 -7.93 41.52
N LYS A 219 -30.52 -8.34 42.54
CA LYS A 219 -30.04 -8.24 43.92
C LYS A 219 -29.25 -9.46 44.38
N ASN A 220 -29.25 -10.51 43.55
CA ASN A 220 -28.53 -11.74 43.89
C ASN A 220 -27.75 -12.30 42.71
N ILE A 221 -26.85 -13.24 43.00
CA ILE A 221 -26.06 -13.88 41.96
C ILE A 221 -26.67 -15.22 41.55
N ALA A 222 -26.97 -15.36 40.26
CA ALA A 222 -27.60 -16.57 39.74
C ALA A 222 -26.60 -17.64 39.34
N SER A 223 -25.45 -17.21 38.82
CA SER A 223 -24.42 -18.15 38.38
C SER A 223 -23.12 -17.46 37.98
N LEU A 224 -22.07 -18.26 37.82
CA LEU A 224 -20.79 -17.75 37.35
C LEU A 224 -20.73 -17.85 35.83
N LYS A 225 -20.99 -16.73 35.15
CA LYS A 225 -21.07 -16.73 33.69
C LYS A 225 -19.78 -17.20 33.03
N ALA A 226 -18.66 -16.62 33.44
CA ALA A 226 -17.37 -17.00 32.87
C ALA A 226 -16.19 -16.36 33.60
N LYS A 227 -15.05 -17.04 33.57
CA LYS A 227 -13.81 -16.50 34.10
C LYS A 227 -13.02 -15.85 32.95
N LEU A 228 -12.68 -14.58 33.12
CA LEU A 228 -12.05 -13.82 32.05
C LEU A 228 -10.62 -13.39 32.40
N PHE A 229 -9.70 -13.61 31.47
CA PHE A 229 -8.32 -13.15 31.61
C PHE A 229 -7.67 -13.68 32.88
N VAL A 230 -7.56 -15.00 32.97
CA VAL A 230 -7.00 -15.65 34.15
C VAL A 230 -5.49 -15.42 34.26
N GLY A 231 -5.04 -15.14 35.47
CA GLY A 231 -3.61 -14.96 35.75
C GLY A 231 -3.02 -13.71 35.11
N GLN A 232 -3.85 -12.93 34.43
CA GLN A 232 -3.40 -11.73 33.75
C GLN A 232 -3.52 -10.49 34.65
N GLN A 233 -4.27 -10.64 35.75
CA GLN A 233 -4.31 -9.61 36.79
C GLN A 233 -4.81 -8.26 36.26
N ARG A 234 -6.07 -8.22 35.83
CA ARG A 234 -6.68 -6.99 35.34
C ARG A 234 -7.63 -6.41 36.39
N GLU A 235 -7.60 -5.09 36.54
CA GLU A 235 -8.42 -4.42 37.55
C GLU A 235 -9.32 -3.36 36.93
N ALA A 236 -10.11 -2.71 37.78
CA ALA A 236 -11.02 -1.64 37.35
C ALA A 236 -11.71 -1.97 36.02
N PRO A 237 -12.45 -3.10 35.98
CA PRO A 237 -13.10 -3.54 34.75
C PRO A 237 -14.33 -2.70 34.41
N CYS A 238 -14.55 -2.48 33.12
CA CYS A 238 -15.73 -1.77 32.63
C CYS A 238 -16.37 -2.56 31.50
N LEU A 239 -17.58 -3.05 31.72
CA LEU A 239 -18.27 -3.87 30.73
C LEU A 239 -19.31 -3.06 29.97
N ILE A 240 -19.18 -3.04 28.65
CA ILE A 240 -20.12 -2.33 27.79
C ILE A 240 -20.47 -3.14 26.54
N LYS A 241 -21.46 -2.68 25.80
CA LYS A 241 -21.87 -3.34 24.56
C LYS A 241 -22.24 -2.29 23.52
N ARG A 242 -21.98 -2.60 22.25
CA ARG A 242 -22.26 -1.65 21.17
C ARG A 242 -23.13 -2.28 20.08
N ASN A 243 -22.51 -3.04 19.19
CA ASN A 243 -23.23 -3.67 18.09
C ASN A 243 -23.07 -5.19 18.10
N GLY A 244 -23.70 -5.84 19.09
CA GLY A 244 -23.55 -7.27 19.25
C GLY A 244 -22.14 -7.61 19.70
N TYR A 245 -21.39 -6.58 20.05
CA TYR A 245 -20.02 -6.75 20.52
C TYR A 245 -19.86 -6.28 21.97
N TYR A 246 -19.38 -7.17 22.83
CA TYR A 246 -19.10 -6.82 24.22
C TYR A 246 -17.66 -6.34 24.36
N TYR A 247 -17.47 -5.25 25.08
CA TYR A 247 -16.14 -4.68 25.27
C TYR A 247 -15.78 -4.58 26.75
N LEU A 248 -14.58 -5.02 27.10
CA LEU A 248 -14.13 -5.01 28.49
C LEU A 248 -12.87 -4.16 28.67
N ILE A 249 -13.06 -2.94 29.16
CA ILE A 249 -11.95 -2.04 29.43
C ILE A 249 -11.41 -2.25 30.84
N THR A 250 -10.16 -2.68 30.92
CA THR A 250 -9.54 -2.96 32.21
C THR A 250 -8.29 -2.13 32.44
N SER A 251 -7.73 -2.22 33.65
CA SER A 251 -6.49 -1.54 33.97
C SER A 251 -5.50 -2.54 34.58
N GLY A 252 -4.32 -2.05 34.94
CA GLY A 252 -3.32 -2.89 35.57
C GLY A 252 -3.45 -2.85 37.08
N CYS A 253 -2.65 -3.67 37.77
CA CYS A 253 -2.65 -3.70 39.21
C CYS A 253 -1.37 -3.09 39.78
N THR A 254 -1.38 -1.78 39.98
CA THR A 254 -0.22 -1.07 40.51
C THR A 254 -0.61 0.01 41.51
N GLY A 255 -1.60 -0.31 42.35
CA GLY A 255 -2.05 0.62 43.37
C GLY A 255 -2.49 1.96 42.81
N TRP A 256 -2.04 3.04 43.43
CA TRP A 256 -2.39 4.39 42.97
C TRP A 256 -1.78 4.68 41.61
N ASN A 257 -0.56 4.22 41.41
CA ASN A 257 0.18 4.48 40.17
C ASN A 257 -0.64 4.17 38.91
N PRO A 258 -0.88 5.20 38.08
CA PRO A 258 -1.56 5.00 36.80
C PRO A 258 -0.78 4.02 35.93
N ASN A 259 -1.49 3.27 35.09
CA ASN A 259 -0.85 2.27 34.25
C ASN A 259 -1.50 2.13 32.87
N GLN A 260 -0.98 1.21 32.07
CA GLN A 260 -1.49 0.97 30.73
C GLN A 260 -2.86 0.29 30.77
N ALA A 261 -3.90 1.01 30.35
CA ALA A 261 -5.23 0.44 30.25
C ALA A 261 -5.33 -0.42 29.00
N LYS A 262 -6.20 -1.43 29.04
CA LYS A 262 -6.38 -2.32 27.91
C LYS A 262 -7.85 -2.65 27.70
N TYR A 263 -8.15 -3.27 26.55
CA TYR A 263 -9.53 -3.63 26.24
C TYR A 263 -9.59 -4.93 25.45
N ALA A 264 -10.78 -5.53 25.40
CA ALA A 264 -11.00 -6.74 24.63
C ALA A 264 -12.44 -6.78 24.14
N TYR A 265 -12.72 -7.66 23.18
CA TYR A 265 -14.06 -7.75 22.61
C TYR A 265 -14.48 -9.21 22.42
N SER A 266 -15.78 -9.42 22.26
CA SER A 266 -16.33 -10.74 22.03
C SER A 266 -17.79 -10.66 21.62
N LYS A 267 -18.24 -11.63 20.83
CA LYS A 267 -19.62 -11.68 20.38
C LYS A 267 -20.50 -12.28 21.48
N ASP A 268 -19.89 -13.04 22.38
CA ASP A 268 -20.61 -13.67 23.48
C ASP A 268 -19.89 -13.46 24.81
N LEU A 269 -20.65 -13.30 25.88
CA LEU A 269 -20.09 -13.09 27.20
C LEU A 269 -19.42 -14.35 27.74
N ALA A 270 -20.00 -15.50 27.40
CA ALA A 270 -19.49 -16.79 27.89
C ALA A 270 -18.09 -17.08 27.36
N SER A 271 -17.89 -16.89 26.06
CA SER A 271 -16.60 -17.16 25.44
C SER A 271 -16.42 -16.36 24.15
N GLY A 272 -15.28 -16.54 23.50
CA GLY A 272 -15.00 -15.85 22.26
C GLY A 272 -14.28 -14.52 22.47
N TRP A 273 -13.80 -14.31 23.69
CA TRP A 273 -13.09 -13.07 24.02
C TRP A 273 -11.73 -13.02 23.34
N SER A 274 -11.36 -11.84 22.86
CA SER A 274 -10.08 -11.65 22.19
C SER A 274 -8.95 -11.42 23.19
N GLN A 275 -7.78 -11.08 22.67
CA GLN A 275 -6.63 -10.77 23.52
C GLN A 275 -6.74 -9.32 23.99
N LEU A 276 -5.78 -8.90 24.81
CA LEU A 276 -5.78 -7.54 25.34
C LEU A 276 -5.10 -6.56 24.39
N TYR A 277 -5.78 -5.47 24.09
CA TYR A 277 -5.23 -4.42 23.24
C TYR A 277 -5.08 -3.13 24.02
N ASN A 278 -3.91 -2.49 23.90
CA ASN A 278 -3.62 -1.26 24.62
C ASN A 278 -4.61 -0.13 24.33
N LEU A 279 -4.98 0.59 25.38
CA LEU A 279 -5.88 1.73 25.25
C LEU A 279 -5.26 2.95 25.94
N GLY A 280 -5.24 4.08 25.22
CA GLY A 280 -4.58 5.28 25.72
C GLY A 280 -3.09 5.09 25.77
N ASN A 281 -2.40 5.92 26.55
CA ASN A 281 -0.95 5.82 26.68
C ASN A 281 -0.53 4.86 27.80
N SER A 282 0.72 5.00 28.24
CA SER A 282 1.28 4.10 29.24
C SER A 282 0.74 4.33 30.64
N THR A 283 0.01 5.43 30.83
CA THR A 283 -0.55 5.75 32.14
C THR A 283 -2.03 6.09 32.05
N THR A 284 -2.65 5.73 30.93
CA THR A 284 -4.05 6.07 30.69
C THR A 284 -4.29 7.55 30.96
N TYR A 285 -3.32 8.38 30.58
CA TYR A 285 -3.41 9.82 30.76
C TYR A 285 -3.53 10.17 32.24
N ARG A 286 -2.70 9.52 33.06
CA ARG A 286 -2.70 9.72 34.50
C ARG A 286 -4.09 9.54 35.11
N SER A 287 -4.67 8.36 34.91
CA SER A 287 -5.97 8.04 35.49
C SER A 287 -6.22 6.54 35.48
N GLN A 288 -7.30 6.12 36.11
CA GLN A 288 -7.70 4.72 36.12
C GLN A 288 -9.17 4.61 35.76
N PRO A 289 -9.50 3.76 34.77
CA PRO A 289 -10.87 3.61 34.30
C PRO A 289 -11.82 3.24 35.43
N THR A 290 -13.02 3.81 35.43
CA THR A 290 -13.99 3.53 36.47
C THR A 290 -15.35 3.12 35.90
N PHE A 291 -15.72 3.72 34.77
CA PHE A 291 -17.00 3.40 34.14
C PHE A 291 -17.14 4.00 32.75
N ILE A 292 -17.98 3.38 31.92
CA ILE A 292 -18.20 3.83 30.55
C ILE A 292 -19.67 3.70 30.16
N ILE A 293 -20.32 4.83 29.91
CA ILE A 293 -21.73 4.82 29.51
C ILE A 293 -21.96 5.42 28.12
N PRO A 294 -22.92 4.85 27.38
CA PRO A 294 -23.33 5.38 26.07
C PRO A 294 -24.15 6.64 26.23
N VAL A 295 -23.71 7.74 25.63
CA VAL A 295 -24.47 8.98 25.64
C VAL A 295 -25.24 9.14 24.33
N GLN A 296 -26.52 8.87 24.37
CA GLN A 296 -27.36 8.90 23.17
C GLN A 296 -28.06 10.24 22.99
N GLY A 297 -28.11 10.71 21.74
CA GLY A 297 -28.74 11.97 21.43
C GLY A 297 -29.39 11.97 20.06
N SER A 298 -29.60 13.17 19.51
CA SER A 298 -30.25 13.31 18.21
C SER A 298 -29.33 12.91 17.07
N SER A 299 -28.07 13.32 17.16
CA SER A 299 -27.10 13.02 16.10
C SER A 299 -26.74 11.54 16.09
N GLY A 300 -26.48 10.98 17.25
CA GLY A 300 -26.13 9.58 17.38
C GLY A 300 -25.78 9.19 18.80
N THR A 301 -24.82 8.28 18.94
CA THR A 301 -24.39 7.81 20.25
C THR A 301 -22.88 7.96 20.45
N SER A 302 -22.49 8.62 21.52
CA SER A 302 -21.08 8.79 21.87
C SER A 302 -20.78 8.20 23.24
N TYR A 303 -19.88 7.23 23.29
CA TYR A 303 -19.53 6.58 24.55
C TYR A 303 -18.57 7.42 25.38
N LEU A 304 -18.96 7.69 26.63
CA LEU A 304 -18.16 8.52 27.52
C LEU A 304 -17.30 7.67 28.47
N TYR A 305 -16.03 8.04 28.59
CA TYR A 305 -15.11 7.36 29.49
C TYR A 305 -14.90 8.15 30.78
N MET A 306 -14.99 7.45 31.91
CA MET A 306 -14.76 8.07 33.21
C MET A 306 -13.55 7.46 33.89
N GLY A 307 -12.73 8.31 34.51
CA GLY A 307 -11.54 7.84 35.18
C GLY A 307 -11.27 8.60 36.46
N ASP A 308 -10.31 8.11 37.24
CA ASP A 308 -9.94 8.75 38.48
C ASP A 308 -8.45 9.02 38.53
N ARG A 309 -8.08 10.28 38.74
CA ARG A 309 -6.70 10.65 38.96
C ARG A 309 -6.44 10.64 40.46
N TRP A 310 -6.23 9.45 41.00
CA TRP A 310 -6.07 9.27 42.44
C TRP A 310 -4.97 10.13 43.03
N ALA A 311 -5.31 10.91 44.04
CA ALA A 311 -4.36 11.79 44.70
C ALA A 311 -3.24 11.00 45.38
N GLY A 312 -3.48 9.71 45.60
CA GLY A 312 -2.50 8.84 46.23
C GLY A 312 -1.20 8.79 45.47
N ALA A 313 -1.25 9.17 44.19
CA ALA A 313 -0.06 9.18 43.35
C ALA A 313 0.97 10.17 43.86
N TRP A 314 0.51 11.30 44.38
CA TRP A 314 1.41 12.33 44.90
C TRP A 314 1.29 12.49 46.42
N GLY A 315 0.79 11.46 47.09
CA GLY A 315 0.71 11.45 48.53
C GLY A 315 -0.43 12.27 49.10
N GLY A 316 -1.54 12.34 48.36
CA GLY A 316 -2.70 13.07 48.81
C GLY A 316 -3.81 12.14 49.27
N LYS A 317 -4.76 12.70 50.02
CA LYS A 317 -5.90 11.92 50.50
C LYS A 317 -6.86 11.61 49.35
N VAL A 318 -7.61 10.53 49.49
CA VAL A 318 -8.54 10.10 48.46
C VAL A 318 -9.48 11.21 48.01
N ASN A 319 -9.93 12.03 48.96
CA ASN A 319 -10.87 13.11 48.66
C ASN A 319 -10.28 14.18 47.76
N ASP A 320 -8.96 14.19 47.62
CA ASP A 320 -8.28 15.17 46.77
C ASP A 320 -8.07 14.63 45.36
N SER A 321 -8.73 13.52 45.04
CA SER A 321 -8.60 12.91 43.72
C SER A 321 -9.39 13.68 42.67
N GLN A 322 -8.82 13.79 41.47
CA GLN A 322 -9.45 14.52 40.39
C GLN A 322 -10.06 13.56 39.38
N TYR A 323 -10.81 14.09 38.41
CA TYR A 323 -11.50 13.26 37.44
C TYR A 323 -10.98 13.49 36.02
N VAL A 324 -11.11 12.47 35.18
CA VAL A 324 -10.69 12.56 33.78
C VAL A 324 -11.75 11.93 32.87
N TRP A 325 -12.45 12.78 32.13
CA TRP A 325 -13.48 12.31 31.21
C TRP A 325 -13.05 12.48 29.76
N LEU A 326 -13.17 11.41 28.98
CA LEU A 326 -12.75 11.42 27.59
C LEU A 326 -13.73 10.63 26.73
N PRO A 327 -13.80 10.96 25.43
CA PRO A 327 -14.67 10.22 24.52
C PRO A 327 -14.06 8.90 24.07
N LEU A 328 -14.85 7.83 24.10
CA LEU A 328 -14.39 6.53 23.63
C LEU A 328 -14.84 6.30 22.18
N ASN A 329 -13.91 6.44 21.25
CA ASN A 329 -14.22 6.33 19.83
C ASN A 329 -14.03 4.93 19.27
N PHE A 330 -14.90 4.55 18.34
CA PHE A 330 -14.83 3.22 17.73
C PHE A 330 -14.45 3.30 16.25
N ILE A 331 -13.15 3.12 15.97
CA ILE A 331 -12.68 3.07 14.60
C ILE A 331 -13.36 1.93 13.86
N SER A 332 -13.41 0.77 14.51
CA SER A 332 -14.08 -0.39 13.97
C SER A 332 -14.69 -1.21 15.11
N ASP A 333 -15.42 -2.24 14.78
CA ASP A 333 -16.01 -3.12 15.79
C ASP A 333 -14.92 -3.80 16.62
N THR A 334 -13.70 -3.79 16.10
CA THR A 334 -12.59 -4.47 16.76
C THR A 334 -11.47 -3.50 17.13
N THR A 335 -11.58 -2.25 16.71
CA THR A 335 -10.57 -1.25 16.98
C THR A 335 -11.12 -0.05 17.74
N LEU A 336 -10.62 0.16 18.96
CA LEU A 336 -11.08 1.25 19.80
C LEU A 336 -10.02 2.32 19.99
N GLU A 337 -10.47 3.54 20.25
CA GLU A 337 -9.57 4.67 20.43
C GLU A 337 -9.96 5.49 21.67
N LEU A 338 -8.97 5.87 22.46
CA LEU A 338 -9.21 6.70 23.64
C LEU A 338 -8.23 7.86 23.67
N PRO A 339 -8.58 8.97 23.02
CA PRO A 339 -7.73 10.16 22.91
C PRO A 339 -7.78 11.01 24.18
N TYR A 340 -6.74 11.82 24.40
CA TYR A 340 -6.72 12.71 25.55
C TYR A 340 -6.87 14.17 25.13
N TYR A 341 -7.96 14.78 25.56
CA TYR A 341 -8.19 16.20 25.32
C TYR A 341 -8.14 16.94 26.65
N ASP A 342 -7.24 17.92 26.76
CA ASP A 342 -7.12 18.69 27.98
C ASP A 342 -8.44 19.36 28.33
N SER A 343 -9.27 19.57 27.32
CA SER A 343 -10.60 20.11 27.49
C SER A 343 -11.58 19.43 26.56
N VAL A 344 -12.69 18.95 27.11
CA VAL A 344 -13.68 18.20 26.33
C VAL A 344 -15.02 18.92 26.27
N LYS A 345 -15.59 19.02 25.07
CA LYS A 345 -16.91 19.62 24.90
C LYS A 345 -17.97 18.52 24.79
N ILE A 346 -19.07 18.69 25.50
CA ILE A 346 -20.13 17.70 25.49
C ILE A 346 -21.50 18.32 25.23
N ASP A 347 -22.26 17.72 24.32
CA ASP A 347 -23.63 18.13 24.05
C ASP A 347 -24.55 16.93 24.16
N ALA A 348 -24.99 16.64 25.38
CA ALA A 348 -25.79 15.44 25.65
C ALA A 348 -27.05 15.38 24.78
N SER A 349 -27.63 16.53 24.47
CA SER A 349 -28.83 16.60 23.66
C SER A 349 -28.61 15.96 22.29
N SER A 350 -27.52 16.31 21.63
CA SER A 350 -27.21 15.79 20.30
C SER A 350 -26.49 14.45 20.39
N GLY A 351 -25.90 14.16 21.55
CA GLY A 351 -25.15 12.94 21.74
C GLY A 351 -23.79 13.01 21.07
N ILE A 352 -23.08 14.11 21.32
CA ILE A 352 -21.77 14.32 20.71
C ILE A 352 -20.72 14.66 21.76
N ILE A 353 -19.62 13.92 21.76
CA ILE A 353 -18.52 14.16 22.67
C ILE A 353 -17.22 14.34 21.88
N SER A 354 -16.74 15.58 21.81
CA SER A 354 -15.53 15.87 21.04
C SER A 354 -14.56 16.77 21.80
N GLU A 355 -13.50 17.17 21.12
CA GLU A 355 -12.47 18.02 21.71
C GLU A 355 -12.91 19.48 21.71
N TYR A 356 -12.51 20.23 22.73
CA TYR A 356 -12.79 21.65 22.78
C TYR A 356 -11.57 22.46 22.34
N ILE A 357 -11.69 23.16 21.22
CA ILE A 357 -10.61 23.98 20.71
C ILE A 357 -10.76 25.43 21.14
N PRO A 358 -9.88 25.90 22.03
CA PRO A 358 -9.90 27.28 22.54
C PRO A 358 -9.83 28.31 21.42
N ASP A 359 -8.99 28.07 20.42
CA ASP A 359 -8.83 29.00 19.30
C ASP A 359 -9.27 28.35 17.99
N THR A 360 -10.48 28.68 17.54
CA THR A 360 -11.07 28.04 16.37
C THR A 360 -10.47 28.54 15.06
N THR A 361 -9.48 29.42 15.15
CA THR A 361 -8.85 29.98 13.95
C THR A 361 -8.26 28.88 13.08
N ARG A 362 -8.73 28.82 11.83
CA ARG A 362 -8.24 27.82 10.88
C ARG A 362 -6.98 28.30 10.18
N TYR A 363 -6.14 27.36 9.76
CA TYR A 363 -4.88 27.71 9.12
C TYR A 363 -4.54 26.81 7.93
N LYS A 364 -3.68 27.31 7.05
CA LYS A 364 -3.10 26.52 5.98
C LYS A 364 -1.58 26.63 6.06
N LEU A 365 -0.90 25.50 5.92
CA LEU A 365 0.56 25.48 5.97
C LEU A 365 1.15 25.34 4.58
N VAL A 366 1.64 26.44 4.03
CA VAL A 366 2.17 26.47 2.67
C VAL A 366 3.68 26.28 2.65
N ASN A 367 4.16 25.35 1.82
CA ASN A 367 5.58 25.11 1.69
C ASN A 367 6.25 26.17 0.82
N LYS A 368 7.40 26.66 1.24
CA LYS A 368 8.11 27.71 0.52
C LYS A 368 8.59 27.23 -0.85
N ASN A 369 9.13 26.02 -0.89
CA ASN A 369 9.73 25.49 -2.11
C ASN A 369 8.71 25.03 -3.14
N SER A 370 7.72 24.25 -2.70
CA SER A 370 6.75 23.66 -3.61
C SER A 370 5.52 24.54 -3.84
N GLY A 371 5.16 25.32 -2.83
CA GLY A 371 3.97 26.15 -2.91
C GLY A 371 2.73 25.35 -2.53
N LYS A 372 2.92 24.06 -2.27
CA LYS A 372 1.83 23.19 -1.85
C LYS A 372 1.53 23.40 -0.37
N VAL A 373 0.37 22.93 0.07
CA VAL A 373 -0.02 23.07 1.47
C VAL A 373 -0.10 21.72 2.18
N LEU A 374 -0.02 21.76 3.51
CA LEU A 374 -0.08 20.54 4.30
C LEU A 374 -1.47 19.91 4.21
N ASP A 375 -1.52 18.62 3.90
CA ASP A 375 -2.77 17.93 3.66
C ASP A 375 -2.71 16.48 4.11
N VAL A 376 -3.86 15.81 4.11
CA VAL A 376 -3.92 14.39 4.44
C VAL A 376 -4.15 13.58 3.17
N LEU A 377 -3.42 12.48 3.02
CA LEU A 377 -3.54 11.65 1.82
C LEU A 377 -4.98 11.24 1.55
N ASP A 378 -5.44 11.49 0.33
CA ASP A 378 -6.81 11.18 -0.06
C ASP A 378 -7.84 11.86 0.83
N GLY A 379 -7.41 12.90 1.54
CA GLY A 379 -8.27 13.62 2.46
C GLY A 379 -8.95 12.69 3.44
N SER A 380 -8.26 11.61 3.79
CA SER A 380 -8.82 10.59 4.67
C SER A 380 -8.94 11.07 6.11
N VAL A 381 -9.90 10.52 6.84
CA VAL A 381 -10.07 10.82 8.26
C VAL A 381 -9.67 9.61 9.09
N ASP A 382 -9.21 8.56 8.40
CA ASP A 382 -8.75 7.35 9.07
C ASP A 382 -7.56 7.65 9.96
N ASN A 383 -7.36 6.80 10.97
CA ASN A 383 -6.26 6.98 11.91
C ASN A 383 -4.93 6.56 11.28
N ALA A 384 -3.87 7.27 11.63
CA ALA A 384 -2.53 6.99 11.11
C ALA A 384 -2.42 7.24 9.61
N ALA A 385 -3.28 8.10 9.09
CA ALA A 385 -3.27 8.43 7.67
C ALA A 385 -2.04 9.27 7.30
N GLN A 386 -1.41 8.91 6.19
CA GLN A 386 -0.20 9.59 5.74
C GLN A 386 -0.43 11.07 5.47
N ILE A 387 0.50 11.90 5.92
CA ILE A 387 0.43 13.34 5.66
C ILE A 387 1.22 13.69 4.41
N VAL A 388 0.57 14.38 3.47
CA VAL A 388 1.21 14.74 2.21
C VAL A 388 0.94 16.20 1.88
N GLN A 389 1.74 16.75 0.95
CA GLN A 389 1.52 18.10 0.47
C GLN A 389 0.58 18.04 -0.73
N TRP A 390 -0.25 19.07 -0.88
CA TRP A 390 -1.19 19.11 -1.99
C TRP A 390 -1.50 20.55 -2.41
N THR A 391 -1.99 20.70 -3.63
CA THR A 391 -2.32 22.02 -4.15
C THR A 391 -3.43 22.67 -3.32
N ASP A 392 -3.24 23.95 -3.01
CA ASP A 392 -4.23 24.70 -2.24
C ASP A 392 -5.59 24.68 -2.95
N ASN A 393 -6.50 23.85 -2.44
CA ASN A 393 -7.83 23.73 -3.04
C ASN A 393 -8.94 24.12 -2.07
N GLY A 394 -8.56 24.77 -0.97
CA GLY A 394 -9.52 25.24 0.01
C GLY A 394 -10.35 24.12 0.62
N SER A 395 -9.80 22.92 0.63
CA SER A 395 -10.50 21.75 1.18
C SER A 395 -10.37 21.71 2.69
N LEU A 396 -11.19 20.89 3.34
CA LEU A 396 -11.15 20.75 4.79
C LEU A 396 -9.87 20.09 5.27
N SER A 397 -9.43 19.05 4.54
CA SER A 397 -8.25 18.30 4.91
C SER A 397 -7.00 19.18 5.00
N GLN A 398 -7.07 20.35 4.38
CA GLN A 398 -5.94 21.26 4.33
C GLN A 398 -6.08 22.40 5.35
N GLN A 399 -6.98 22.23 6.31
CA GLN A 399 -7.19 23.24 7.34
C GLN A 399 -6.79 22.68 8.70
N TRP A 400 -6.09 23.48 9.50
CA TRP A 400 -5.56 23.01 10.77
C TRP A 400 -5.76 24.00 11.90
N TYR A 401 -6.08 23.48 13.09
CA TYR A 401 -6.17 24.29 14.30
C TYR A 401 -4.80 24.35 14.96
N LEU A 402 -4.65 25.26 15.91
CA LEU A 402 -3.42 25.36 16.69
C LEU A 402 -3.73 25.48 18.19
N VAL A 403 -3.59 24.37 18.90
CA VAL A 403 -3.89 24.33 20.33
C VAL A 403 -2.62 24.41 21.16
N ASP A 404 -2.47 25.50 21.91
CA ASP A 404 -1.33 25.69 22.78
C ASP A 404 -1.32 24.63 23.88
N VAL A 405 -0.15 24.04 24.13
CA VAL A 405 -0.05 22.96 25.11
C VAL A 405 1.09 23.18 26.11
N GLY A 406 1.36 24.44 26.43
CA GLY A 406 2.43 24.76 27.36
C GLY A 406 3.76 24.94 26.66
N GLY A 407 4.62 25.77 27.24
CA GLY A 407 5.90 26.08 26.63
C GLY A 407 5.70 26.79 25.31
N GLY A 408 6.63 26.60 24.38
CA GLY A 408 6.52 27.19 23.06
C GLY A 408 5.98 26.22 22.05
N TYR A 409 5.43 25.11 22.53
CA TYR A 409 4.93 24.06 21.66
C TYR A 409 3.41 24.10 21.51
N LYS A 410 2.92 23.54 20.42
CA LYS A 410 1.50 23.57 20.11
C LYS A 410 1.04 22.28 19.42
N LYS A 411 -0.27 22.05 19.40
CA LYS A 411 -0.85 20.91 18.71
C LYS A 411 -1.40 21.34 17.35
N ILE A 412 -0.98 20.65 16.30
CA ILE A 412 -1.50 20.90 14.97
C ILE A 412 -2.60 19.89 14.65
N VAL A 413 -3.85 20.32 14.80
CA VAL A 413 -4.99 19.41 14.65
C VAL A 413 -5.71 19.64 13.32
N ASN A 414 -5.97 18.55 12.61
CA ASN A 414 -6.71 18.61 11.35
C ASN A 414 -8.16 18.98 11.61
N VAL A 415 -8.79 19.65 10.65
CA VAL A 415 -10.18 20.08 10.81
C VAL A 415 -11.17 19.00 10.40
N LYS A 416 -10.97 18.44 9.22
CA LYS A 416 -11.85 17.37 8.73
C LYS A 416 -11.84 16.18 9.68
N SER A 417 -10.70 15.97 10.33
CA SER A 417 -10.56 14.91 11.34
C SER A 417 -9.86 15.48 12.57
N GLY A 418 -10.44 15.26 13.73
CA GLY A 418 -9.92 15.82 14.96
C GLY A 418 -8.56 15.26 15.38
N ARG A 419 -7.93 14.52 14.48
CA ARG A 419 -6.63 13.92 14.76
C ARG A 419 -5.52 14.96 14.69
N ALA A 420 -4.41 14.70 15.38
CA ALA A 420 -3.31 15.66 15.44
C ALA A 420 -2.13 15.24 14.59
N LEU A 421 -1.34 16.23 14.15
CA LEU A 421 -0.12 15.96 13.41
C LEU A 421 0.83 15.19 14.31
N ASP A 422 1.29 14.04 13.83
CA ASP A 422 2.05 13.12 14.68
C ASP A 422 3.24 12.50 13.94
N VAL A 423 4.35 12.33 14.65
CA VAL A 423 5.51 11.63 14.11
C VAL A 423 5.38 10.14 14.37
N LYS A 424 5.11 9.38 13.31
CA LYS A 424 4.86 7.94 13.41
C LYS A 424 5.84 7.20 14.31
N ASP A 425 5.30 6.50 15.31
CA ASP A 425 6.09 5.65 16.19
C ASP A 425 7.15 6.42 16.97
N GLU A 426 6.89 7.70 17.23
CA GLU A 426 7.82 8.53 17.98
C GLU A 426 9.24 8.41 17.45
N SER A 427 9.37 8.38 16.13
CA SER A 427 10.67 8.21 15.49
C SER A 427 11.58 9.41 15.75
N LYS A 428 12.88 9.16 15.86
CA LYS A 428 13.87 10.21 16.04
C LYS A 428 14.87 10.23 14.90
N GLU A 429 14.53 9.57 13.80
CA GLU A 429 15.43 9.43 12.66
C GLU A 429 14.99 10.30 11.48
N ASP A 430 15.94 10.65 10.62
CA ASP A 430 15.65 11.38 9.39
C ASP A 430 14.77 10.52 8.49
N GLY A 431 13.84 11.15 7.78
CA GLY A 431 12.95 10.44 6.89
C GLY A 431 11.76 9.86 7.63
N GLY A 432 11.68 10.16 8.93
CA GLY A 432 10.57 9.70 9.75
C GLY A 432 9.24 10.25 9.27
N VAL A 433 8.39 9.37 8.79
CA VAL A 433 7.10 9.76 8.22
C VAL A 433 6.19 10.46 9.23
N LEU A 434 5.48 11.49 8.75
CA LEU A 434 4.48 12.18 9.56
C LEU A 434 3.07 11.73 9.19
N ILE A 435 2.24 11.50 10.20
CA ILE A 435 0.87 11.05 10.00
C ILE A 435 -0.08 11.82 10.91
N GLN A 436 -1.38 11.62 10.70
CA GLN A 436 -2.38 12.14 11.62
C GLN A 436 -2.81 11.02 12.56
N TYR A 437 -2.71 11.27 13.86
CA TYR A 437 -3.00 10.24 14.84
C TYR A 437 -3.85 10.77 15.99
N THR A 438 -4.46 9.86 16.74
CA THR A 438 -5.28 10.22 17.88
C THR A 438 -4.45 10.97 18.91
N SER A 439 -5.01 12.05 19.46
CA SER A 439 -4.31 12.84 20.47
C SER A 439 -3.99 11.98 21.68
N ASN A 440 -2.71 11.90 22.04
CA ASN A 440 -2.28 11.10 23.17
C ASN A 440 -1.28 11.83 24.07
N GLY A 441 -1.22 13.15 23.94
CA GLY A 441 -0.36 13.97 24.77
C GLY A 441 1.12 13.67 24.60
N GLY A 442 1.44 12.86 23.60
CA GLY A 442 2.82 12.51 23.32
C GLY A 442 3.61 13.69 22.79
N TYR A 443 4.90 13.72 23.07
CA TYR A 443 5.77 14.79 22.60
C TYR A 443 5.91 14.79 21.10
N ASN A 444 5.64 13.64 20.48
CA ASN A 444 5.70 13.53 19.02
C ASN A 444 4.49 14.17 18.36
N GLN A 445 3.70 14.89 19.15
CA GLN A 445 2.53 15.61 18.65
C GLN A 445 2.62 17.10 19.01
N HIS A 446 3.70 17.48 19.67
CA HIS A 446 3.94 18.87 20.04
C HIS A 446 4.91 19.53 19.07
N TRP A 447 4.55 20.72 18.59
CA TRP A 447 5.35 21.41 17.59
C TRP A 447 5.64 22.85 17.98
N LYS A 448 6.90 23.28 17.83
CA LYS A 448 7.27 24.65 18.10
C LYS A 448 7.53 25.41 16.81
N PHE A 449 6.97 26.62 16.72
CA PHE A 449 7.14 27.46 15.54
C PHE A 449 8.26 28.46 15.73
N THR A 450 9.24 28.43 14.82
CA THR A 450 10.37 29.34 14.90
C THR A 450 10.37 30.30 13.71
N ASP A 451 10.04 31.57 13.99
CA ASP A 451 9.97 32.59 12.94
C ASP A 451 11.33 32.79 12.28
N ILE A 452 11.36 32.65 10.95
CA ILE A 452 12.59 32.89 10.19
C ILE A 452 12.46 34.13 9.32
N GLY A 453 11.30 34.77 9.38
CA GLY A 453 11.07 36.00 8.65
C GLY A 453 10.15 35.85 7.45
N ASP A 454 9.52 36.96 7.07
CA ASP A 454 8.68 37.00 5.89
C ASP A 454 7.44 36.09 6.01
N GLY A 455 7.09 35.76 7.24
CA GLY A 455 5.89 34.97 7.50
C GLY A 455 6.09 33.47 7.40
N TYR A 456 7.36 33.05 7.37
CA TYR A 456 7.69 31.64 7.31
C TYR A 456 8.28 31.15 8.63
N TYR A 457 8.04 29.88 8.94
CA TYR A 457 8.49 29.29 10.19
C TYR A 457 9.20 27.96 9.97
N LYS A 458 9.97 27.55 10.98
CA LYS A 458 10.55 26.21 11.01
C LYS A 458 9.88 25.41 12.12
N ILE A 459 8.96 24.53 11.74
CA ILE A 459 8.17 23.77 12.70
C ILE A 459 8.93 22.52 13.18
N SER A 460 9.53 22.62 14.37
CA SER A 460 10.32 21.51 14.91
C SER A 460 9.52 20.69 15.91
N SER A 461 9.80 19.39 15.96
CA SER A 461 9.14 18.49 16.90
C SER A 461 9.75 18.63 18.29
N ARG A 462 8.96 18.33 19.32
CA ARG A 462 9.42 18.44 20.70
C ARG A 462 10.21 17.21 21.11
N HIS A 463 10.04 16.13 20.35
CA HIS A 463 10.66 14.85 20.69
C HIS A 463 12.15 14.83 20.38
N CYS A 464 12.52 15.27 19.18
CA CYS A 464 13.92 15.26 18.76
C CYS A 464 14.39 16.61 18.24
N GLY A 465 13.45 17.43 17.77
CA GLY A 465 13.78 18.76 17.31
C GLY A 465 13.91 18.88 15.80
N LYS A 466 13.61 17.80 15.09
CA LYS A 466 13.68 17.80 13.63
C LYS A 466 12.46 18.49 13.04
N LEU A 467 12.65 19.13 11.88
CA LEU A 467 11.62 19.96 11.28
C LEU A 467 10.66 19.18 10.39
N ILE A 468 9.48 19.74 10.17
CA ILE A 468 8.53 19.18 9.20
C ILE A 468 9.11 19.37 7.80
N ASP A 469 9.34 18.26 7.10
CA ASP A 469 10.08 18.31 5.83
C ASP A 469 9.33 17.62 4.70
N VAL A 470 9.34 18.25 3.53
CA VAL A 470 8.79 17.63 2.33
C VAL A 470 9.85 16.71 1.70
N ARG A 471 9.56 15.41 1.71
CA ARG A 471 10.52 14.40 1.26
C ARG A 471 11.10 14.69 -0.13
N LYS A 472 12.43 14.64 -0.22
CA LYS A 472 13.12 14.78 -1.50
C LYS A 472 12.79 16.08 -2.24
N TRP A 473 12.51 17.12 -1.47
CA TRP A 473 12.22 18.43 -2.05
C TRP A 473 11.09 18.36 -3.08
N SER A 474 10.21 17.38 -2.92
CA SER A 474 9.13 17.18 -3.88
C SER A 474 8.34 18.45 -4.14
N THR A 475 7.90 18.62 -5.38
CA THR A 475 7.17 19.81 -5.79
C THR A 475 5.84 19.42 -6.43
N GLU A 476 5.48 18.14 -6.32
CA GLU A 476 4.27 17.61 -6.93
C GLU A 476 3.24 17.23 -5.86
N ASP A 477 2.02 16.94 -6.30
CA ASP A 477 0.97 16.52 -5.38
C ASP A 477 1.25 15.13 -4.82
N GLY A 478 0.95 14.93 -3.54
CA GLY A 478 1.16 13.65 -2.90
C GLY A 478 2.53 13.51 -2.28
N GLY A 479 3.28 14.62 -2.27
CA GLY A 479 4.61 14.63 -1.69
C GLY A 479 4.58 14.25 -0.22
N ILE A 480 5.33 13.21 0.13
CA ILE A 480 5.34 12.71 1.51
C ILE A 480 5.91 13.74 2.48
N ILE A 481 5.12 14.08 3.50
CA ILE A 481 5.60 14.96 4.57
C ILE A 481 6.27 14.13 5.65
N GLN A 482 7.50 14.49 5.99
CA GLN A 482 8.30 13.67 6.90
C GLN A 482 9.01 14.51 7.98
N GLN A 483 9.99 13.90 8.62
CA GLN A 483 10.77 14.52 9.67
C GLN A 483 12.23 14.53 9.26
N TRP A 484 12.89 15.68 9.40
CA TRP A 484 14.27 15.80 8.96
C TRP A 484 15.03 16.88 9.71
N SER A 485 16.34 16.72 9.82
CA SER A 485 17.19 17.69 10.50
C SER A 485 17.12 19.06 9.83
N ASP A 486 17.31 20.11 10.63
CA ASP A 486 17.30 21.48 10.10
C ASP A 486 18.48 21.68 9.15
N ALA A 487 18.21 21.59 7.86
CA ALA A 487 19.26 21.72 6.85
C ALA A 487 19.21 23.08 6.17
N GLY A 488 18.26 23.92 6.58
CA GLY A 488 18.13 25.26 6.04
C GLY A 488 17.49 25.29 4.66
N GLY A 489 17.00 24.13 4.21
CA GLY A 489 16.35 24.02 2.92
C GLY A 489 14.99 24.70 2.91
N THR A 490 14.56 25.15 1.74
CA THR A 490 13.27 25.83 1.61
C THR A 490 12.11 24.84 1.68
N ASN A 491 12.41 23.56 1.49
CA ASN A 491 11.40 22.53 1.60
C ASN A 491 11.05 22.24 3.06
N GLN A 492 11.74 22.93 3.95
CA GLN A 492 11.52 22.77 5.39
C GLN A 492 10.88 24.03 5.97
N HIS A 493 10.66 25.03 5.12
CA HIS A 493 10.06 26.29 5.55
C HIS A 493 8.59 26.34 5.18
N TRP A 494 7.77 26.73 6.16
CA TRP A 494 6.32 26.77 5.96
C TRP A 494 5.73 28.13 6.35
N LYS A 495 4.77 28.60 5.56
CA LYS A 495 4.08 29.85 5.86
C LYS A 495 2.72 29.58 6.48
N LEU A 496 2.40 30.31 7.54
CA LEU A 496 1.11 30.18 8.22
C LEU A 496 0.11 31.16 7.65
N VAL A 497 -0.95 30.66 7.03
CA VAL A 497 -1.94 31.49 6.38
C VAL A 497 -3.35 31.29 6.95
N LEU A 498 -3.97 32.38 7.39
CA LEU A 498 -5.33 32.32 7.92
C LEU A 498 -6.34 32.06 6.81
N VAL A 499 -7.40 31.32 7.14
CA VAL A 499 -8.45 31.02 6.18
C VAL A 499 -9.83 31.14 6.81
N GLU B 39 -56.37 -21.47 86.39
CA GLU B 39 -57.07 -22.25 85.38
C GLU B 39 -56.47 -22.06 84.00
N GLY B 40 -55.39 -22.79 83.71
CA GLY B 40 -54.73 -22.70 82.43
C GLY B 40 -55.41 -23.55 81.38
N VAL B 41 -56.67 -23.24 81.10
CA VAL B 41 -57.45 -23.99 80.12
C VAL B 41 -57.54 -23.24 78.80
N ILE B 42 -57.54 -23.98 77.70
CA ILE B 42 -57.63 -23.38 76.36
C ILE B 42 -58.78 -23.99 75.58
N VAL B 43 -59.63 -23.12 75.03
CA VAL B 43 -60.77 -23.57 74.24
C VAL B 43 -60.42 -23.61 72.75
N ASN B 44 -60.11 -24.79 72.24
CA ASN B 44 -59.74 -24.94 70.83
C ASN B 44 -60.86 -24.55 69.89
N GLY B 45 -60.50 -24.25 68.65
CA GLY B 45 -61.47 -23.88 67.63
C GLY B 45 -61.99 -22.47 67.81
N THR B 46 -61.22 -21.63 68.48
CA THR B 46 -61.60 -20.24 68.71
C THR B 46 -60.43 -19.30 68.51
N GLN B 47 -60.69 -17.99 68.60
CA GLN B 47 -59.65 -16.99 68.52
C GLN B 47 -59.21 -16.56 69.91
N PHE B 48 -58.01 -16.99 70.30
CA PHE B 48 -57.46 -16.64 71.61
C PHE B 48 -57.38 -15.13 71.76
N LYS B 49 -57.31 -14.65 73.00
CA LYS B 49 -57.21 -13.23 73.26
C LYS B 49 -55.99 -12.85 74.08
N ASP B 50 -55.46 -11.66 73.82
CA ASP B 50 -54.35 -11.13 74.59
C ASP B 50 -54.85 -10.61 75.93
N THR B 51 -53.91 -10.21 76.79
CA THR B 51 -54.26 -9.71 78.11
C THR B 51 -55.09 -8.43 78.04
N SER B 52 -55.14 -7.84 76.85
CA SER B 52 -55.88 -6.59 76.65
C SER B 52 -57.34 -6.85 76.29
N GLY B 53 -57.67 -8.10 75.97
CA GLY B 53 -59.03 -8.46 75.61
C GLY B 53 -59.27 -8.43 74.12
N ASN B 54 -58.18 -8.27 73.36
CA ASN B 54 -58.27 -8.24 71.91
C ASN B 54 -57.83 -9.58 71.30
N VAL B 55 -58.42 -9.91 70.16
CA VAL B 55 -58.12 -11.17 69.48
C VAL B 55 -56.67 -11.23 69.00
N ILE B 56 -56.00 -12.32 69.32
CA ILE B 56 -54.62 -12.53 68.89
C ILE B 56 -54.56 -12.83 67.39
N HIS B 57 -53.62 -12.20 66.69
CA HIS B 57 -53.46 -12.40 65.25
C HIS B 57 -52.06 -12.89 64.90
N ALA B 58 -51.77 -14.13 65.27
CA ALA B 58 -50.48 -14.74 64.95
C ALA B 58 -50.68 -16.03 64.15
N HIS B 59 -51.20 -15.90 62.94
CA HIS B 59 -51.55 -17.04 62.12
C HIS B 59 -50.32 -17.68 61.47
N GLY B 60 -50.38 -18.99 61.28
CA GLY B 60 -49.28 -19.73 60.68
C GLY B 60 -47.95 -19.43 61.33
N GLY B 61 -47.96 -19.22 62.64
CA GLY B 61 -46.74 -18.84 63.34
C GLY B 61 -46.16 -19.93 64.20
N GLY B 62 -44.97 -19.68 64.72
CA GLY B 62 -44.30 -20.62 65.60
C GLY B 62 -44.12 -20.04 66.99
N MET B 63 -43.23 -20.62 67.77
CA MET B 63 -42.99 -20.17 69.13
C MET B 63 -41.58 -20.51 69.62
N LEU B 64 -41.00 -19.62 70.41
CA LEU B 64 -39.65 -19.81 70.91
C LEU B 64 -39.57 -19.63 72.42
N LYS B 65 -38.79 -20.48 73.07
CA LYS B 65 -38.59 -20.40 74.52
C LYS B 65 -37.19 -19.92 74.85
N HIS B 66 -37.08 -18.65 75.22
CA HIS B 66 -35.78 -18.07 75.55
C HIS B 66 -35.80 -17.42 76.93
N GLY B 67 -35.02 -17.97 77.86
CA GLY B 67 -34.98 -17.47 79.22
C GLY B 67 -36.15 -17.96 80.05
N ASP B 68 -37.02 -17.03 80.43
CA ASP B 68 -38.19 -17.36 81.22
C ASP B 68 -39.47 -16.94 80.51
N TYR B 69 -39.43 -16.93 79.18
CA TYR B 69 -40.58 -16.48 78.38
C TYR B 69 -40.80 -17.30 77.12
N TYR B 70 -42.07 -17.50 76.78
CA TYR B 70 -42.45 -18.11 75.52
C TYR B 70 -42.91 -17.03 74.55
N TYR B 71 -42.32 -16.99 73.38
CA TYR B 71 -42.66 -15.96 72.39
C TYR B 71 -43.41 -16.55 71.20
N TRP B 72 -44.63 -16.08 71.00
CA TRP B 72 -45.46 -16.55 69.90
C TRP B 72 -45.44 -15.55 68.74
N TYR B 73 -44.84 -15.96 67.62
CA TYR B 73 -44.76 -15.11 66.44
C TYR B 73 -45.74 -15.56 65.37
N GLY B 74 -46.31 -14.61 64.64
CA GLY B 74 -47.25 -14.90 63.59
C GLY B 74 -47.51 -13.70 62.69
N GLU B 75 -48.29 -13.91 61.63
CA GLU B 75 -48.56 -12.85 60.67
C GLU B 75 -50.06 -12.73 60.37
N TYR B 76 -50.49 -11.54 59.98
CA TYR B 76 -51.88 -11.32 59.62
C TYR B 76 -52.01 -10.38 58.42
N ARG B 77 -53.02 -10.62 57.59
CA ARG B 77 -53.22 -9.87 56.35
C ARG B 77 -53.71 -8.45 56.58
N ASP B 78 -53.64 -7.64 55.52
CA ASP B 78 -54.18 -6.29 55.55
C ASP B 78 -55.51 -6.24 54.79
N ASP B 79 -55.94 -5.04 54.42
CA ASP B 79 -57.20 -4.88 53.69
C ASP B 79 -57.10 -5.43 52.27
N SER B 80 -55.88 -5.71 51.83
CA SER B 80 -55.64 -6.18 50.47
C SER B 80 -55.18 -7.64 50.45
N ASN B 81 -55.37 -8.33 51.57
CA ASN B 81 -54.95 -9.73 51.70
C ASN B 81 -53.44 -9.92 51.57
N LEU B 82 -52.70 -8.84 51.79
CA LEU B 82 -51.24 -8.85 51.71
C LEU B 82 -50.64 -8.74 53.11
N PHE B 83 -49.36 -9.08 53.23
CA PHE B 83 -48.66 -9.00 54.51
C PHE B 83 -48.57 -7.55 55.00
N LEU B 84 -48.93 -7.32 56.25
CA LEU B 84 -48.84 -5.98 56.85
C LEU B 84 -47.93 -5.97 58.07
N GLY B 85 -47.82 -7.09 58.76
CA GLY B 85 -47.00 -7.16 59.96
C GLY B 85 -46.95 -8.52 60.63
N VAL B 86 -45.80 -8.81 61.25
CA VAL B 86 -45.63 -10.02 62.03
C VAL B 86 -45.67 -9.69 63.52
N SER B 87 -46.69 -10.19 64.20
CA SER B 87 -46.92 -9.84 65.60
C SER B 87 -46.12 -10.72 66.56
N CYS B 88 -45.99 -10.27 67.79
CA CYS B 88 -45.24 -11.00 68.81
C CYS B 88 -45.95 -10.96 70.16
N TYR B 89 -46.21 -12.15 70.71
CA TYR B 89 -46.84 -12.28 72.02
C TYR B 89 -45.95 -13.11 72.93
N ARG B 90 -45.86 -12.71 74.19
CA ARG B 90 -45.07 -13.47 75.16
C ARG B 90 -45.87 -13.85 76.39
N SER B 91 -45.56 -15.02 76.95
CA SER B 91 -46.24 -15.51 78.14
C SER B 91 -45.40 -16.59 78.84
N LYS B 92 -45.58 -16.72 80.15
CA LYS B 92 -44.84 -17.72 80.91
C LYS B 92 -45.71 -18.93 81.25
N ASP B 93 -47.02 -18.77 81.14
CA ASP B 93 -47.96 -19.86 81.41
C ASP B 93 -48.60 -20.40 80.14
N LEU B 94 -48.25 -19.80 79.01
CA LEU B 94 -48.74 -20.25 77.70
C LEU B 94 -50.25 -20.10 77.55
N VAL B 95 -50.86 -19.29 78.40
CA VAL B 95 -52.31 -19.09 78.34
C VAL B 95 -52.66 -17.60 78.24
N ASN B 96 -51.95 -16.78 79.00
CA ASN B 96 -52.18 -15.33 78.98
C ASN B 96 -51.08 -14.61 78.22
N TRP B 97 -51.38 -14.21 76.99
CA TRP B 97 -50.38 -13.59 76.11
C TRP B 97 -50.39 -12.07 76.16
N GLU B 98 -49.21 -11.49 76.31
CA GLU B 98 -49.07 -10.03 76.31
C GLU B 98 -48.50 -9.56 74.97
N TYR B 99 -49.27 -8.73 74.27
CA TYR B 99 -48.87 -8.23 72.97
C TYR B 99 -47.65 -7.31 73.05
N ARG B 100 -46.69 -7.54 72.16
CA ARG B 100 -45.44 -6.79 72.19
C ARG B 100 -45.19 -6.05 70.87
N GLY B 101 -46.26 -5.83 70.10
CA GLY B 101 -46.14 -5.10 68.85
C GLY B 101 -45.60 -5.95 67.72
N GLU B 102 -45.50 -5.37 66.53
CA GLU B 102 -44.97 -6.06 65.37
C GLU B 102 -43.45 -6.07 65.37
N VAL B 103 -42.87 -7.27 65.42
CA VAL B 103 -41.42 -7.42 65.31
C VAL B 103 -40.99 -7.20 63.87
N LEU B 104 -41.92 -7.37 62.95
CA LEU B 104 -41.67 -7.12 61.54
C LEU B 104 -42.90 -6.47 60.91
N SER B 105 -42.69 -5.56 59.98
CA SER B 105 -43.79 -4.84 59.34
C SER B 105 -43.54 -4.63 57.86
N ARG B 106 -44.58 -4.21 57.15
CA ARG B 106 -44.48 -3.94 55.72
C ARG B 106 -43.63 -2.68 55.46
N ASN B 107 -43.43 -1.89 56.52
CA ASN B 107 -42.62 -0.67 56.40
C ASN B 107 -41.17 -0.90 56.82
N SER B 108 -40.86 -2.11 57.26
CA SER B 108 -39.51 -2.45 57.70
C SER B 108 -38.54 -2.49 56.53
N ALA B 109 -39.07 -2.73 55.33
CA ALA B 109 -38.26 -2.78 54.12
C ALA B 109 -39.10 -2.44 52.90
N PRO B 110 -38.49 -1.78 51.91
CA PRO B 110 -39.18 -1.39 50.67
C PRO B 110 -39.66 -2.60 49.88
N GLU B 111 -39.05 -3.75 50.12
CA GLU B 111 -39.42 -4.98 49.44
C GLU B 111 -40.66 -5.59 50.09
N LEU B 112 -40.96 -5.14 51.31
CA LEU B 112 -42.09 -5.67 52.06
C LEU B 112 -43.32 -4.77 51.98
N ASN B 113 -43.18 -3.63 51.33
CA ASN B 113 -44.29 -2.69 51.19
C ASN B 113 -45.52 -3.34 50.57
N HIS B 114 -45.30 -4.23 49.62
CA HIS B 114 -46.39 -4.91 48.93
C HIS B 114 -45.98 -6.34 48.59
N CYS B 115 -46.36 -7.28 49.45
CA CYS B 115 -45.99 -8.68 49.27
C CYS B 115 -46.81 -9.62 50.14
N ASN B 116 -46.66 -10.91 49.91
CA ASN B 116 -47.30 -11.94 50.72
C ASN B 116 -46.30 -12.71 51.56
N ILE B 117 -46.41 -12.56 52.88
CA ILE B 117 -45.55 -13.28 53.80
C ILE B 117 -46.37 -14.21 54.70
N GLU B 118 -45.97 -15.47 54.77
CA GLU B 118 -46.69 -16.45 55.58
C GLU B 118 -45.76 -17.48 56.22
N ARG B 119 -46.19 -18.00 57.37
CA ARG B 119 -45.42 -18.99 58.10
C ARG B 119 -44.06 -18.48 58.57
N PRO B 120 -44.05 -17.42 59.38
CA PRO B 120 -42.80 -16.86 59.92
C PRO B 120 -42.34 -17.61 61.16
N LYS B 121 -41.10 -18.11 61.13
CA LYS B 121 -40.54 -18.82 62.27
C LYS B 121 -39.23 -18.16 62.72
N VAL B 122 -39.01 -18.11 64.02
CA VAL B 122 -37.77 -17.54 64.55
C VAL B 122 -36.94 -18.59 65.28
N MET B 123 -35.63 -18.39 65.29
CA MET B 123 -34.71 -19.33 65.93
C MET B 123 -33.58 -18.59 66.61
N TYR B 124 -33.13 -19.10 67.77
CA TYR B 124 -32.05 -18.47 68.51
C TYR B 124 -30.71 -19.11 68.22
N ASN B 125 -29.66 -18.30 68.28
CA ASN B 125 -28.30 -18.78 68.03
C ASN B 125 -27.37 -18.45 69.20
N ALA B 126 -26.79 -19.48 69.79
CA ALA B 126 -25.91 -19.31 70.95
C ALA B 126 -24.63 -18.60 70.57
N SER B 127 -24.13 -18.89 69.37
CA SER B 127 -22.90 -18.29 68.87
C SER B 127 -23.03 -16.78 68.67
N THR B 128 -24.04 -16.38 67.91
CA THR B 128 -24.24 -14.97 67.61
C THR B 128 -24.86 -14.21 68.78
N GLY B 129 -25.82 -14.84 69.44
CA GLY B 129 -26.52 -14.20 70.54
C GLY B 129 -27.71 -13.40 70.05
N GLU B 130 -28.07 -13.59 68.78
CA GLU B 130 -29.19 -12.89 68.18
C GLU B 130 -30.21 -13.87 67.59
N PHE B 131 -31.41 -13.38 67.33
CA PHE B 131 -32.47 -14.24 66.80
C PHE B 131 -32.58 -14.06 65.28
N VAL B 132 -32.83 -15.15 64.57
CA VAL B 132 -32.97 -15.11 63.13
C VAL B 132 -34.37 -15.57 62.71
N MET B 133 -35.03 -14.75 61.90
CA MET B 133 -36.38 -15.03 61.44
C MET B 133 -36.41 -15.48 59.98
N TRP B 134 -37.23 -16.49 59.70
CA TRP B 134 -37.42 -16.97 58.34
C TRP B 134 -38.91 -16.96 57.99
N MET B 135 -39.22 -17.03 56.70
CA MET B 135 -40.62 -16.94 56.27
C MET B 135 -40.78 -17.26 54.79
N HIS B 136 -42.04 -17.34 54.35
CA HIS B 136 -42.36 -17.55 52.95
C HIS B 136 -42.70 -16.21 52.30
N TRP B 137 -42.05 -15.91 51.18
CA TRP B 137 -42.22 -14.62 50.53
C TRP B 137 -42.82 -14.73 49.13
N GLU B 138 -43.76 -13.85 48.83
CA GLU B 138 -44.36 -13.77 47.50
C GLU B 138 -44.53 -12.30 47.10
N ASN B 139 -44.60 -12.04 45.81
CA ASN B 139 -44.65 -10.66 45.31
C ASN B 139 -45.95 -9.93 45.66
N GLY B 140 -47.03 -10.67 45.79
CA GLY B 140 -48.31 -10.08 46.16
C GLY B 140 -49.33 -10.07 45.03
N ILE B 141 -48.89 -10.45 43.84
CA ILE B 141 -49.78 -10.49 42.68
C ILE B 141 -49.94 -11.93 42.18
N ASN B 142 -48.97 -12.77 42.50
CA ASN B 142 -49.05 -14.19 42.19
C ASN B 142 -48.09 -15.01 43.05
N TYR B 143 -48.18 -16.33 42.94
CA TYR B 143 -47.32 -17.24 43.70
C TYR B 143 -46.25 -17.87 42.81
N GLY B 144 -45.58 -17.04 42.02
CA GLY B 144 -44.56 -17.54 41.11
C GLY B 144 -43.15 -17.43 41.67
N GLN B 145 -42.93 -16.41 42.49
CA GLN B 145 -41.61 -16.18 43.08
C GLN B 145 -41.15 -17.34 43.95
N ALA B 146 -42.02 -17.76 44.86
CA ALA B 146 -41.74 -18.89 45.74
C ALA B 146 -40.33 -18.83 46.31
N ARG B 147 -40.12 -17.91 47.26
CA ARG B 147 -38.80 -17.72 47.86
C ARG B 147 -38.90 -17.51 49.37
N ALA B 148 -37.78 -17.71 50.06
CA ALA B 148 -37.73 -17.52 51.50
C ALA B 148 -37.14 -16.16 51.84
N ALA B 149 -37.42 -15.68 53.05
CA ALA B 149 -36.90 -14.39 53.50
C ALA B 149 -36.22 -14.53 54.85
N VAL B 150 -35.32 -13.59 55.16
CA VAL B 150 -34.56 -13.65 56.40
C VAL B 150 -34.58 -12.31 57.14
N ALA B 151 -34.55 -12.37 58.46
CA ALA B 151 -34.46 -11.18 59.30
C ALA B 151 -33.80 -11.55 60.62
N TYR B 152 -33.41 -10.54 61.40
CA TYR B 152 -32.78 -10.80 62.70
C TYR B 152 -32.88 -9.61 63.65
N SER B 153 -32.69 -9.89 64.93
CA SER B 153 -32.77 -8.85 65.96
C SER B 153 -31.99 -9.26 67.21
N LYS B 154 -31.61 -8.27 68.01
CA LYS B 154 -30.89 -8.53 69.25
C LYS B 154 -31.84 -8.98 70.35
N THR B 155 -33.05 -8.42 70.33
CA THR B 155 -34.07 -8.75 71.31
C THR B 155 -35.30 -9.35 70.64
N PRO B 156 -36.01 -10.24 71.34
CA PRO B 156 -37.20 -10.91 70.81
C PRO B 156 -38.31 -9.93 70.48
N ASP B 157 -38.70 -9.11 71.45
CA ASP B 157 -39.79 -8.16 71.26
C ASP B 157 -39.40 -6.98 70.36
N GLY B 158 -38.10 -6.83 70.13
CA GLY B 158 -37.60 -5.75 69.29
C GLY B 158 -37.90 -5.97 67.82
N LYS B 159 -37.99 -4.87 67.07
CA LYS B 159 -38.28 -4.95 65.65
C LYS B 159 -37.10 -5.46 64.85
N PHE B 160 -37.28 -6.61 64.22
CA PHE B 160 -36.23 -7.24 63.40
C PHE B 160 -35.85 -6.37 62.21
N THR B 161 -34.67 -6.63 61.66
CA THR B 161 -34.20 -5.92 60.47
C THR B 161 -34.14 -6.86 59.28
N TYR B 162 -35.01 -6.62 58.30
CA TYR B 162 -35.12 -7.49 57.13
C TYR B 162 -33.83 -7.52 56.33
N ILE B 163 -33.42 -8.73 55.91
CA ILE B 163 -32.21 -8.87 55.09
C ILE B 163 -32.54 -8.95 53.61
N ARG B 164 -32.95 -10.13 53.15
CA ARG B 164 -33.22 -10.34 51.74
C ARG B 164 -34.15 -11.53 51.51
N SER B 165 -34.85 -11.53 50.37
CA SER B 165 -35.65 -12.67 49.96
C SER B 165 -34.94 -13.37 48.81
N PHE B 166 -34.92 -14.70 48.85
CA PHE B 166 -34.21 -15.46 47.82
C PHE B 166 -34.68 -16.91 47.77
N ARG B 167 -34.46 -17.54 46.61
CA ARG B 167 -34.74 -18.96 46.46
C ARG B 167 -33.48 -19.75 46.79
N PRO B 168 -33.58 -20.70 47.72
CA PRO B 168 -32.44 -21.47 48.24
C PRO B 168 -31.45 -21.87 47.14
N MET B 169 -30.20 -21.46 47.31
CA MET B 169 -29.13 -21.77 46.36
C MET B 169 -29.43 -21.28 44.94
N GLN B 170 -29.40 -19.97 44.77
CA GLN B 170 -29.63 -19.37 43.45
C GLN B 170 -28.40 -19.48 42.56
N ASP B 171 -27.22 -19.37 43.18
CA ASP B 171 -25.97 -19.32 42.43
C ASP B 171 -25.46 -20.70 42.01
N THR B 172 -26.10 -21.75 42.51
CA THR B 172 -25.69 -23.12 42.18
C THR B 172 -25.98 -23.47 40.73
N GLY B 173 -26.53 -22.51 40.00
CA GLY B 173 -26.86 -22.71 38.59
C GLY B 173 -28.01 -23.69 38.40
N VAL B 174 -28.81 -23.85 39.46
CA VAL B 174 -29.96 -24.76 39.40
C VAL B 174 -31.24 -24.00 39.06
N MET B 175 -32.09 -24.62 38.27
CA MET B 175 -33.35 -24.02 37.86
C MET B 175 -34.54 -24.87 38.33
N ASP B 176 -35.52 -24.23 38.94
CA ASP B 176 -36.71 -24.93 39.41
C ASP B 176 -37.97 -24.26 38.86
N HIS B 177 -38.46 -24.78 37.74
CA HIS B 177 -39.67 -24.27 37.10
C HIS B 177 -39.51 -22.84 36.58
N GLY B 178 -38.51 -22.64 35.72
CA GLY B 178 -38.34 -21.38 35.01
C GLY B 178 -37.58 -20.30 35.75
N LEU B 179 -37.25 -20.54 37.01
CA LEU B 179 -36.52 -19.54 37.80
C LEU B 179 -35.27 -20.15 38.44
N PRO B 180 -34.30 -19.30 38.80
CA PRO B 180 -33.04 -19.77 39.40
C PRO B 180 -33.16 -19.97 40.90
N GLY B 181 -32.83 -21.18 41.35
CA GLY B 181 -32.96 -21.54 42.75
C GLY B 181 -34.21 -22.34 43.00
N TYR B 182 -34.16 -23.20 44.02
CA TYR B 182 -35.30 -24.05 44.36
C TYR B 182 -36.48 -23.23 44.87
N MET B 183 -37.69 -23.63 44.49
CA MET B 183 -38.90 -22.98 44.98
C MET B 183 -39.03 -23.19 46.49
N SER B 184 -39.45 -22.14 47.19
CA SER B 184 -39.61 -22.22 48.64
C SER B 184 -40.98 -21.70 49.07
N ARG B 185 -41.87 -22.62 49.40
CA ARG B 185 -43.22 -22.27 49.83
C ARG B 185 -43.35 -22.41 51.35
N ASP B 186 -44.14 -23.38 51.80
CA ASP B 186 -44.30 -23.64 53.22
C ASP B 186 -42.94 -23.92 53.86
N CYS B 187 -42.67 -23.28 54.99
CA CYS B 187 -41.35 -23.37 55.61
C CYS B 187 -41.41 -23.55 57.13
N ASN B 188 -40.26 -23.86 57.72
CA ASN B 188 -40.13 -24.02 59.16
C ASN B 188 -38.66 -24.18 59.56
N VAL B 189 -38.32 -23.77 60.77
CA VAL B 189 -36.93 -23.81 61.24
C VAL B 189 -36.70 -24.89 62.30
N PHE B 190 -35.45 -25.34 62.42
CA PHE B 190 -35.10 -26.36 63.40
C PHE B 190 -33.64 -26.23 63.84
N VAL B 191 -33.43 -26.22 65.16
CA VAL B 191 -32.09 -26.13 65.72
C VAL B 191 -31.70 -27.46 66.39
N ASP B 192 -30.69 -28.12 65.83
CA ASP B 192 -30.27 -29.42 66.35
C ASP B 192 -29.56 -29.26 67.69
N THR B 193 -29.14 -30.38 68.28
CA THR B 193 -28.46 -30.37 69.58
C THR B 193 -27.03 -29.85 69.44
N ASP B 194 -26.39 -30.17 68.33
CA ASP B 194 -25.02 -29.76 68.08
C ASP B 194 -24.91 -28.27 67.76
N GLY B 195 -26.05 -27.60 67.69
CA GLY B 195 -26.06 -26.17 67.47
C GLY B 195 -26.16 -25.76 66.01
N LYS B 196 -26.32 -26.74 65.13
CA LYS B 196 -26.46 -26.45 63.70
C LYS B 196 -27.89 -25.99 63.37
N GLY B 197 -27.99 -25.00 62.50
CA GLY B 197 -29.28 -24.48 62.08
C GLY B 197 -29.78 -25.14 60.81
N TYR B 198 -31.10 -25.26 60.69
CA TYR B 198 -31.70 -25.88 59.51
C TYR B 198 -32.96 -25.15 59.08
N PHE B 199 -33.20 -25.12 57.76
CA PHE B 199 -34.38 -24.49 57.20
C PHE B 199 -35.03 -25.43 56.19
N ILE B 200 -36.26 -25.82 56.46
CA ILE B 200 -36.97 -26.75 55.58
C ILE B 200 -38.14 -26.07 54.88
N SER B 201 -38.32 -26.37 53.60
CA SER B 201 -39.39 -25.77 52.81
C SER B 201 -39.87 -26.70 51.70
N ALA B 202 -41.02 -26.39 51.13
CA ALA B 202 -41.57 -27.17 50.03
C ALA B 202 -41.02 -26.68 48.70
N ALA B 203 -40.42 -27.58 47.93
CA ALA B 203 -39.82 -27.22 46.66
C ALA B 203 -40.40 -28.04 45.50
N ASN B 204 -39.86 -27.83 44.31
CA ASN B 204 -40.31 -28.53 43.11
C ASN B 204 -41.83 -28.48 42.96
N GLU B 205 -42.37 -27.26 42.99
CA GLU B 205 -43.82 -27.05 42.87
C GLU B 205 -44.57 -27.76 43.99
N ASN B 206 -44.02 -27.67 45.20
CA ASN B 206 -44.65 -28.24 46.39
C ASN B 206 -44.66 -29.77 46.39
N MET B 207 -43.97 -30.37 45.44
CA MET B 207 -43.95 -31.83 45.32
C MET B 207 -42.92 -32.47 46.25
N ASP B 208 -41.86 -31.75 46.54
CA ASP B 208 -40.78 -32.28 47.36
C ASP B 208 -40.49 -31.40 48.58
N LEU B 209 -39.78 -31.95 49.56
CA LEU B 209 -39.35 -31.18 50.71
C LEU B 209 -37.82 -31.07 50.72
N HIS B 210 -37.33 -29.90 51.10
CA HIS B 210 -35.90 -29.64 51.13
C HIS B 210 -35.42 -29.18 52.50
N LEU B 211 -34.51 -29.94 53.09
CA LEU B 211 -33.92 -29.57 54.37
C LEU B 211 -32.57 -28.91 54.13
N TYR B 212 -32.50 -27.60 54.34
CA TYR B 212 -31.27 -26.84 54.09
C TYR B 212 -30.45 -26.64 55.35
N GLU B 213 -29.16 -26.94 55.26
CA GLU B 213 -28.23 -26.67 56.35
C GLU B 213 -27.80 -25.21 56.30
N LEU B 214 -28.02 -24.49 57.39
CA LEU B 214 -27.75 -23.06 57.43
C LEU B 214 -26.32 -22.71 57.83
N THR B 215 -25.95 -21.45 57.62
CA THR B 215 -24.64 -20.97 58.02
C THR B 215 -24.59 -20.78 59.54
N PRO B 216 -23.38 -20.71 60.10
CA PRO B 216 -23.21 -20.55 61.55
C PRO B 216 -23.96 -19.34 62.12
N ASP B 217 -24.34 -18.40 61.26
CA ASP B 217 -25.06 -17.21 61.71
C ASP B 217 -26.56 -17.30 61.44
N TYR B 218 -26.98 -18.39 60.81
CA TYR B 218 -28.39 -18.65 60.55
C TYR B 218 -29.02 -17.68 59.55
N LYS B 219 -28.23 -16.73 59.06
CA LYS B 219 -28.74 -15.70 58.16
C LYS B 219 -28.62 -16.07 56.68
N ASN B 220 -28.01 -17.21 56.40
CA ASN B 220 -27.87 -17.70 55.03
C ASN B 220 -27.92 -19.23 54.94
N ILE B 221 -28.14 -19.73 53.74
CA ILE B 221 -28.18 -21.16 53.50
C ILE B 221 -26.82 -21.68 53.04
N ALA B 222 -26.21 -22.53 53.85
CA ALA B 222 -24.91 -23.10 53.53
C ALA B 222 -25.02 -24.14 52.42
N SER B 223 -26.01 -25.02 52.55
CA SER B 223 -26.23 -26.08 51.56
C SER B 223 -27.52 -26.82 51.86
N LEU B 224 -27.76 -27.91 51.13
CA LEU B 224 -28.92 -28.74 51.39
C LEU B 224 -28.50 -30.08 51.98
N LYS B 225 -29.24 -30.54 52.98
CA LYS B 225 -28.91 -31.78 53.67
C LYS B 225 -29.45 -33.00 52.91
N ALA B 226 -30.72 -32.94 52.55
CA ALA B 226 -31.34 -34.05 51.83
C ALA B 226 -32.73 -33.68 51.28
N LYS B 227 -33.13 -34.39 50.24
CA LYS B 227 -34.48 -34.25 49.69
C LYS B 227 -35.39 -35.27 50.36
N LEU B 228 -36.46 -34.80 50.98
CA LEU B 228 -37.35 -35.66 51.75
C LEU B 228 -38.72 -35.84 51.11
N PHE B 229 -39.15 -37.09 51.01
CA PHE B 229 -40.50 -37.40 50.55
C PHE B 229 -40.81 -36.79 49.19
N VAL B 230 -39.98 -37.13 48.19
CA VAL B 230 -40.19 -36.63 46.83
C VAL B 230 -41.46 -37.22 46.22
N GLY B 231 -42.28 -36.38 45.62
CA GLY B 231 -43.51 -36.83 45.00
C GLY B 231 -44.64 -36.99 45.99
N GLN B 232 -44.32 -36.93 47.28
CA GLN B 232 -45.33 -37.06 48.33
C GLN B 232 -46.20 -35.81 48.42
N GLN B 233 -45.64 -34.68 48.05
CA GLN B 233 -46.37 -33.42 48.05
C GLN B 233 -46.84 -33.04 49.45
N ARG B 234 -45.95 -33.20 50.43
CA ARG B 234 -46.26 -32.86 51.81
C ARG B 234 -46.01 -31.37 52.06
N GLU B 235 -46.89 -30.74 52.84
CA GLU B 235 -46.80 -29.31 53.10
C GLU B 235 -46.75 -29.01 54.60
N ALA B 236 -46.69 -27.73 54.93
CA ALA B 236 -46.65 -27.29 56.33
C ALA B 236 -45.83 -28.21 57.22
N PRO B 237 -44.52 -28.31 56.93
CA PRO B 237 -43.63 -29.22 57.66
C PRO B 237 -43.27 -28.69 59.05
N CYS B 238 -43.16 -29.60 60.00
CA CYS B 238 -42.75 -29.27 61.36
C CYS B 238 -41.65 -30.22 61.81
N LEU B 239 -40.46 -29.69 62.05
CA LEU B 239 -39.31 -30.50 62.41
C LEU B 239 -38.97 -30.39 63.89
N ILE B 240 -38.94 -31.51 64.58
CA ILE B 240 -38.62 -31.55 66.00
C ILE B 240 -37.71 -32.75 66.32
N LYS B 241 -37.13 -32.75 67.51
CA LYS B 241 -36.24 -33.84 67.92
C LYS B 241 -36.49 -34.26 69.36
N ARG B 242 -36.46 -35.57 69.61
CA ARG B 242 -36.67 -36.11 70.94
C ARG B 242 -36.01 -37.48 71.10
N ASN B 243 -35.29 -37.67 72.20
CA ASN B 243 -34.60 -38.93 72.47
C ASN B 243 -33.71 -39.40 71.33
N GLY B 244 -32.97 -38.46 70.73
CA GLY B 244 -32.07 -38.79 69.64
C GLY B 244 -32.79 -39.15 68.35
N TYR B 245 -34.11 -38.90 68.32
CA TYR B 245 -34.91 -39.16 67.14
C TYR B 245 -35.40 -37.87 66.48
N TYR B 246 -35.43 -37.87 65.15
CA TYR B 246 -35.96 -36.72 64.41
C TYR B 246 -37.38 -37.03 63.94
N TYR B 247 -38.30 -36.11 64.21
CA TYR B 247 -39.68 -36.27 63.79
C TYR B 247 -40.13 -35.16 62.85
N LEU B 248 -40.86 -35.52 61.81
CA LEU B 248 -41.31 -34.55 60.81
C LEU B 248 -42.82 -34.65 60.59
N ILE B 249 -43.56 -33.68 61.14
CA ILE B 249 -45.00 -33.64 60.97
C ILE B 249 -45.38 -32.76 59.77
N THR B 250 -46.12 -33.34 58.82
CA THR B 250 -46.48 -32.63 57.61
C THR B 250 -47.97 -32.72 57.31
N SER B 251 -48.50 -31.72 56.62
CA SER B 251 -49.89 -31.74 56.19
C SER B 251 -49.97 -32.10 54.71
N GLY B 252 -51.18 -32.06 54.17
CA GLY B 252 -51.39 -32.35 52.76
C GLY B 252 -51.53 -31.07 51.96
N CYS B 253 -51.39 -31.19 50.64
CA CYS B 253 -51.51 -30.03 49.76
C CYS B 253 -52.92 -29.92 49.20
N THR B 254 -53.81 -29.30 49.98
CA THR B 254 -55.21 -29.14 49.56
C THR B 254 -55.74 -27.76 49.92
N GLY B 255 -54.90 -26.75 49.82
CA GLY B 255 -55.30 -25.38 50.09
C GLY B 255 -55.92 -25.21 51.47
N TRP B 256 -57.03 -24.48 51.54
CA TRP B 256 -57.71 -24.22 52.80
C TRP B 256 -58.29 -25.50 53.39
N ASN B 257 -58.67 -26.43 52.52
CA ASN B 257 -59.26 -27.69 52.95
C ASN B 257 -58.39 -28.45 53.95
N PRO B 258 -58.89 -28.59 55.19
CA PRO B 258 -58.19 -29.40 56.20
C PRO B 258 -58.03 -30.82 55.71
N ASN B 259 -56.85 -31.41 55.93
CA ASN B 259 -56.58 -32.76 55.43
C ASN B 259 -55.92 -33.66 56.47
N GLN B 260 -55.40 -34.81 56.02
CA GLN B 260 -54.76 -35.77 56.90
C GLN B 260 -53.32 -35.40 57.20
N ALA B 261 -53.02 -35.17 58.47
CA ALA B 261 -51.66 -34.89 58.89
C ALA B 261 -50.88 -36.20 59.04
N LYS B 262 -49.59 -36.16 58.70
CA LYS B 262 -48.74 -37.34 58.80
C LYS B 262 -47.41 -37.01 59.44
N TYR B 263 -46.67 -38.04 59.83
CA TYR B 263 -45.36 -37.86 60.45
C TYR B 263 -44.39 -38.97 60.07
N ALA B 264 -43.12 -38.77 60.39
CA ALA B 264 -42.09 -39.77 60.12
C ALA B 264 -40.90 -39.56 61.04
N TYR B 265 -40.14 -40.61 61.27
CA TYR B 265 -38.99 -40.54 62.17
C TYR B 265 -37.72 -41.06 61.51
N SER B 266 -36.57 -40.67 62.07
CA SER B 266 -35.28 -41.10 61.55
C SER B 266 -34.16 -40.80 62.55
N LYS B 267 -33.11 -41.60 62.51
CA LYS B 267 -31.97 -41.40 63.40
C LYS B 267 -31.10 -40.25 62.92
N ASP B 268 -31.05 -40.05 61.61
CA ASP B 268 -30.30 -38.95 61.02
C ASP B 268 -31.19 -38.10 60.10
N LEU B 269 -30.64 -37.00 59.62
CA LEU B 269 -31.39 -36.10 58.74
C LEU B 269 -31.18 -36.43 57.27
N ALA B 270 -30.00 -36.98 56.96
CA ALA B 270 -29.64 -37.29 55.58
C ALA B 270 -30.37 -38.53 55.07
N SER B 271 -30.52 -39.53 55.94
CA SER B 271 -31.16 -40.78 55.54
C SER B 271 -31.75 -41.51 56.74
N GLY B 272 -32.48 -42.59 56.48
CA GLY B 272 -33.06 -43.41 57.53
C GLY B 272 -34.48 -43.00 57.87
N TRP B 273 -35.12 -42.28 56.96
CA TRP B 273 -36.49 -41.81 57.19
C TRP B 273 -37.53 -42.90 56.96
N SER B 274 -38.43 -43.06 57.92
CA SER B 274 -39.48 -44.06 57.83
C SER B 274 -40.60 -43.60 56.90
N GLN B 275 -41.50 -44.53 56.58
CA GLN B 275 -42.67 -44.20 55.77
C GLN B 275 -43.59 -43.26 56.53
N LEU B 276 -44.50 -42.61 55.83
CA LEU B 276 -45.43 -41.68 56.45
C LEU B 276 -46.53 -42.41 57.21
N TYR B 277 -46.73 -42.02 58.46
CA TYR B 277 -47.80 -42.59 59.28
C TYR B 277 -48.82 -41.51 59.63
N ASN B 278 -50.09 -41.90 59.62
CA ASN B 278 -51.17 -40.96 59.88
C ASN B 278 -51.13 -40.38 61.29
N LEU B 279 -51.53 -39.11 61.42
CA LEU B 279 -51.55 -38.42 62.70
C LEU B 279 -52.85 -37.63 62.83
N GLY B 280 -53.63 -37.94 63.85
CA GLY B 280 -54.93 -37.31 64.02
C GLY B 280 -55.94 -37.92 63.07
N ASN B 281 -57.11 -37.30 62.97
CA ASN B 281 -58.15 -37.79 62.07
C ASN B 281 -57.91 -37.39 60.61
N SER B 282 -58.96 -37.48 59.81
CA SER B 282 -58.86 -37.22 58.37
C SER B 282 -58.70 -35.74 58.04
N THR B 283 -59.03 -34.87 58.99
CA THR B 283 -58.95 -33.43 58.77
C THR B 283 -58.05 -32.75 59.79
N THR B 284 -57.23 -33.53 60.48
CA THR B 284 -56.38 -33.01 61.54
C THR B 284 -57.21 -32.10 62.46
N TYR B 285 -58.44 -32.52 62.71
CA TYR B 285 -59.35 -31.77 63.59
C TYR B 285 -59.57 -30.36 63.08
N ARG B 286 -59.84 -30.24 61.78
CA ARG B 286 -60.05 -28.95 61.14
C ARG B 286 -58.94 -27.97 61.47
N SER B 287 -57.72 -28.32 61.09
CA SER B 287 -56.57 -27.43 61.30
C SER B 287 -55.40 -27.87 60.42
N GLN B 288 -54.34 -27.05 60.42
CA GLN B 288 -53.14 -27.38 59.69
C GLN B 288 -51.92 -27.11 60.56
N PRO B 289 -51.04 -28.11 60.68
CA PRO B 289 -49.85 -28.01 61.55
C PRO B 289 -48.97 -26.82 61.17
N THR B 290 -48.60 -26.02 62.16
CA THR B 290 -47.77 -24.84 61.91
C THR B 290 -46.43 -24.90 62.64
N PHE B 291 -46.43 -25.49 63.84
CA PHE B 291 -45.21 -25.62 64.63
C PHE B 291 -45.41 -26.50 65.86
N ILE B 292 -44.32 -27.13 66.30
CA ILE B 292 -44.35 -27.98 67.49
C ILE B 292 -43.16 -27.63 68.39
N ILE B 293 -43.43 -27.45 69.68
CA ILE B 293 -42.40 -27.03 70.62
C ILE B 293 -42.42 -27.85 71.91
N PRO B 294 -41.23 -28.30 72.35
CA PRO B 294 -41.08 -29.02 73.61
C PRO B 294 -41.30 -28.11 74.81
N VAL B 295 -42.16 -28.53 75.74
CA VAL B 295 -42.42 -27.73 76.93
C VAL B 295 -41.76 -28.36 78.16
N GLN B 296 -40.66 -27.77 78.61
CA GLN B 296 -39.90 -28.29 79.73
C GLN B 296 -40.58 -27.97 81.06
N GLY B 297 -40.62 -28.95 81.96
CA GLY B 297 -41.24 -28.77 83.26
C GLY B 297 -40.59 -29.59 84.35
N SER B 298 -41.17 -29.55 85.55
CA SER B 298 -40.63 -30.27 86.69
C SER B 298 -40.93 -31.76 86.60
N SER B 299 -42.18 -32.11 86.31
CA SER B 299 -42.59 -33.51 86.23
C SER B 299 -42.07 -34.16 84.96
N GLY B 300 -41.76 -33.34 83.95
CA GLY B 300 -41.27 -33.84 82.68
C GLY B 300 -41.51 -32.86 81.55
N THR B 301 -41.37 -33.32 80.31
CA THR B 301 -41.60 -32.48 79.16
C THR B 301 -42.74 -32.98 78.29
N SER B 302 -43.58 -32.05 77.81
CA SER B 302 -44.69 -32.39 76.93
C SER B 302 -44.68 -31.50 75.71
N TYR B 303 -44.82 -32.11 74.53
CA TYR B 303 -44.78 -31.38 73.28
C TYR B 303 -46.11 -30.73 72.92
N LEU B 304 -46.06 -29.44 72.58
CA LEU B 304 -47.25 -28.69 72.23
C LEU B 304 -47.40 -28.56 70.72
N TYR B 305 -48.50 -29.09 70.19
CA TYR B 305 -48.81 -28.98 68.77
C TYR B 305 -49.64 -27.73 68.50
N MET B 306 -49.15 -26.87 67.61
CA MET B 306 -49.89 -25.68 67.22
C MET B 306 -50.44 -25.85 65.80
N GLY B 307 -51.71 -25.52 65.61
CA GLY B 307 -52.34 -25.63 64.31
C GLY B 307 -53.19 -24.43 63.96
N ASP B 308 -53.47 -24.26 62.68
CA ASP B 308 -54.29 -23.14 62.23
C ASP B 308 -55.61 -23.61 61.63
N ARG B 309 -56.71 -23.05 62.12
CA ARG B 309 -58.01 -23.28 61.54
C ARG B 309 -58.32 -22.16 60.56
N TRP B 310 -57.87 -22.32 59.32
CA TRP B 310 -58.01 -21.27 58.31
C TRP B 310 -59.47 -20.97 58.00
N ALA B 311 -59.84 -19.70 58.13
CA ALA B 311 -61.20 -19.26 57.86
C ALA B 311 -61.57 -19.46 56.39
N GLY B 312 -60.55 -19.62 55.55
CA GLY B 312 -60.77 -19.84 54.13
C GLY B 312 -61.60 -21.08 53.87
N ALA B 313 -61.70 -21.95 54.85
CA ALA B 313 -62.50 -23.17 54.73
C ALA B 313 -63.97 -22.84 54.54
N TRP B 314 -64.41 -21.71 55.11
CA TRP B 314 -65.79 -21.27 54.97
C TRP B 314 -65.89 -19.90 54.31
N GLY B 315 -64.93 -19.60 53.44
CA GLY B 315 -64.92 -18.35 52.71
C GLY B 315 -64.70 -17.15 53.60
N GLY B 316 -63.87 -17.31 54.62
CA GLY B 316 -63.59 -16.23 55.55
C GLY B 316 -62.21 -15.64 55.35
N LYS B 317 -62.02 -14.43 55.85
CA LYS B 317 -60.75 -13.73 55.72
C LYS B 317 -59.67 -14.43 56.55
N VAL B 318 -58.43 -14.33 56.11
CA VAL B 318 -57.31 -14.95 56.81
C VAL B 318 -57.22 -14.45 58.26
N ASN B 319 -57.61 -13.20 58.47
CA ASN B 319 -57.58 -12.61 59.81
C ASN B 319 -58.62 -13.22 60.75
N ASP B 320 -59.61 -13.90 60.19
CA ASP B 320 -60.66 -14.53 60.98
C ASP B 320 -60.28 -15.94 61.41
N SER B 321 -59.19 -16.46 60.86
CA SER B 321 -58.74 -17.81 61.17
C SER B 321 -58.55 -18.00 62.67
N GLN B 322 -58.78 -19.24 63.13
CA GLN B 322 -58.69 -19.56 64.54
C GLN B 322 -57.48 -20.47 64.82
N TYR B 323 -57.36 -20.91 66.06
CA TYR B 323 -56.22 -21.73 66.46
C TYR B 323 -56.64 -23.06 67.08
N VAL B 324 -55.77 -24.05 66.98
CA VAL B 324 -56.02 -25.37 67.55
C VAL B 324 -54.75 -25.94 68.18
N TRP B 325 -54.67 -25.89 69.50
CA TRP B 325 -53.51 -26.39 70.22
C TRP B 325 -53.80 -27.75 70.87
N LEU B 326 -52.90 -28.70 70.67
CA LEU B 326 -53.09 -30.05 71.19
C LEU B 326 -51.77 -30.63 71.70
N PRO B 327 -51.85 -31.56 72.66
CA PRO B 327 -50.65 -32.24 73.18
C PRO B 327 -50.20 -33.37 72.25
N LEU B 328 -48.95 -33.32 71.82
CA LEU B 328 -48.39 -34.38 70.99
C LEU B 328 -47.75 -35.45 71.87
N ASN B 329 -48.45 -36.58 72.03
CA ASN B 329 -47.98 -37.64 72.91
C ASN B 329 -47.11 -38.67 72.19
N PHE B 330 -46.01 -39.04 72.83
CA PHE B 330 -45.12 -40.06 72.29
C PHE B 330 -45.29 -41.40 73.02
N ILE B 331 -46.25 -42.20 72.56
CA ILE B 331 -46.45 -43.52 73.13
C ILE B 331 -45.14 -44.31 73.13
N SER B 332 -44.40 -44.19 72.03
CA SER B 332 -43.09 -44.81 71.91
C SER B 332 -42.22 -43.99 70.96
N ASP B 333 -41.04 -44.50 70.63
CA ASP B 333 -40.14 -43.80 69.72
C ASP B 333 -40.65 -43.86 68.28
N THR B 334 -41.51 -44.83 67.98
CA THR B 334 -42.02 -45.01 66.63
C THR B 334 -43.54 -44.97 66.59
N THR B 335 -44.14 -44.30 67.56
CA THR B 335 -45.60 -44.19 67.64
C THR B 335 -46.04 -42.90 68.29
N LEU B 336 -46.68 -42.02 67.52
CA LEU B 336 -47.19 -40.76 68.04
C LEU B 336 -48.71 -40.72 67.98
N GLU B 337 -49.29 -39.90 68.84
CA GLU B 337 -50.74 -39.73 68.88
C GLU B 337 -51.11 -38.27 69.08
N LEU B 338 -52.00 -37.77 68.22
CA LEU B 338 -52.46 -36.39 68.33
C LEU B 338 -53.96 -36.38 68.65
N PRO B 339 -54.30 -36.34 69.94
CA PRO B 339 -55.69 -36.33 70.40
C PRO B 339 -56.30 -34.94 70.33
N TYR B 340 -57.62 -34.86 70.17
CA TYR B 340 -58.31 -33.59 70.18
C TYR B 340 -59.18 -33.42 71.42
N TYR B 341 -58.87 -32.41 72.21
CA TYR B 341 -59.69 -32.08 73.37
C TYR B 341 -60.24 -30.66 73.19
N ASP B 342 -61.56 -30.53 73.19
CA ASP B 342 -62.19 -29.22 73.02
C ASP B 342 -61.62 -28.21 74.02
N SER B 343 -61.16 -28.71 75.16
CA SER B 343 -60.53 -27.87 76.17
C SER B 343 -59.25 -28.53 76.68
N VAL B 344 -58.14 -27.81 76.58
CA VAL B 344 -56.85 -28.35 77.00
C VAL B 344 -56.21 -27.53 78.11
N LYS B 345 -55.82 -28.21 79.19
CA LYS B 345 -55.15 -27.55 80.31
C LYS B 345 -53.63 -27.75 80.22
N ILE B 346 -52.87 -26.71 80.50
CA ILE B 346 -51.43 -26.77 80.42
C ILE B 346 -50.75 -26.10 81.60
N ASP B 347 -49.63 -26.67 82.04
CA ASP B 347 -48.84 -26.09 83.13
C ASP B 347 -47.38 -26.04 82.70
N ALA B 348 -46.88 -24.82 82.52
CA ALA B 348 -45.51 -24.62 82.04
C ALA B 348 -44.48 -25.12 83.05
N SER B 349 -44.64 -24.71 84.30
CA SER B 349 -43.73 -25.11 85.36
C SER B 349 -43.71 -26.63 85.55
N SER B 350 -44.85 -27.27 85.34
CA SER B 350 -44.95 -28.72 85.48
C SER B 350 -44.49 -29.41 84.20
N GLY B 351 -44.72 -28.78 83.07
CA GLY B 351 -44.38 -29.36 81.78
C GLY B 351 -45.41 -30.42 81.38
N ILE B 352 -46.66 -30.16 81.72
CA ILE B 352 -47.74 -31.11 81.45
C ILE B 352 -48.82 -30.52 80.55
N ILE B 353 -49.18 -31.25 79.51
CA ILE B 353 -50.25 -30.86 78.62
C ILE B 353 -51.27 -32.00 78.49
N SER B 354 -52.50 -31.76 78.93
CA SER B 354 -53.52 -32.79 78.91
C SER B 354 -54.92 -32.20 78.79
N GLU B 355 -55.91 -33.08 78.68
CA GLU B 355 -57.31 -32.67 78.56
C GLU B 355 -57.81 -32.05 79.87
N TYR B 356 -58.67 -31.04 79.75
CA TYR B 356 -59.27 -30.42 80.93
C TYR B 356 -60.64 -31.02 81.19
N ILE B 357 -60.78 -31.67 82.34
CA ILE B 357 -62.04 -32.30 82.72
C ILE B 357 -62.70 -31.52 83.86
N PRO B 358 -63.75 -30.76 83.53
CA PRO B 358 -64.49 -29.93 84.50
C PRO B 358 -65.04 -30.77 85.64
N ASP B 359 -65.44 -32.00 85.35
CA ASP B 359 -66.00 -32.89 86.36
C ASP B 359 -65.18 -34.17 86.46
N THR B 360 -64.41 -34.29 87.53
CA THR B 360 -63.50 -35.43 87.69
C THR B 360 -64.13 -36.59 88.47
N THR B 361 -65.43 -36.55 88.66
CA THR B 361 -66.12 -37.62 89.37
C THR B 361 -65.97 -38.96 88.66
N ARG B 362 -65.41 -39.94 89.36
CA ARG B 362 -65.21 -41.27 88.78
C ARG B 362 -66.49 -42.10 88.83
N TYR B 363 -66.66 -42.98 87.85
CA TYR B 363 -67.87 -43.79 87.76
C TYR B 363 -67.59 -45.26 87.45
N LYS B 364 -68.56 -46.11 87.75
CA LYS B 364 -68.51 -47.53 87.42
C LYS B 364 -69.81 -47.95 86.75
N LEU B 365 -69.72 -48.43 85.52
CA LEU B 365 -70.89 -48.84 84.76
C LEU B 365 -71.20 -50.32 84.97
N VAL B 366 -72.31 -50.59 85.65
CA VAL B 366 -72.69 -51.96 85.96
C VAL B 366 -73.85 -52.43 85.09
N ASN B 367 -73.69 -53.57 84.43
CA ASN B 367 -74.73 -54.13 83.58
C ASN B 367 -75.81 -54.83 84.40
N LYS B 368 -77.07 -54.51 84.14
CA LYS B 368 -78.18 -55.12 84.85
C LYS B 368 -78.13 -56.64 84.82
N ASN B 369 -78.13 -57.20 83.61
CA ASN B 369 -78.16 -58.64 83.43
C ASN B 369 -76.98 -59.36 84.07
N SER B 370 -75.79 -59.19 83.48
CA SER B 370 -74.60 -59.90 83.93
C SER B 370 -74.18 -59.50 85.35
N GLY B 371 -74.39 -58.25 85.70
CA GLY B 371 -73.95 -57.74 86.98
C GLY B 371 -72.50 -57.31 86.93
N LYS B 372 -71.86 -57.56 85.77
CA LYS B 372 -70.48 -57.18 85.56
C LYS B 372 -70.38 -55.68 85.29
N VAL B 373 -69.16 -55.15 85.31
CA VAL B 373 -68.96 -53.73 85.06
C VAL B 373 -68.16 -53.48 83.78
N LEU B 374 -68.35 -52.31 83.19
CA LEU B 374 -67.63 -51.93 81.98
C LEU B 374 -66.13 -51.85 82.28
N ASP B 375 -65.33 -52.55 81.49
CA ASP B 375 -63.90 -52.63 81.75
C ASP B 375 -63.11 -52.79 80.45
N VAL B 376 -61.81 -52.51 80.51
CA VAL B 376 -60.92 -52.71 79.39
C VAL B 376 -60.22 -54.05 79.53
N LEU B 377 -60.20 -54.83 78.45
CA LEU B 377 -59.57 -56.15 78.46
C LEU B 377 -58.14 -56.09 79.01
N ASP B 378 -57.87 -56.90 80.03
CA ASP B 378 -56.55 -56.95 80.66
C ASP B 378 -56.14 -55.60 81.26
N GLY B 379 -57.10 -54.70 81.43
CA GLY B 379 -56.83 -53.38 81.96
C GLY B 379 -55.77 -52.65 81.16
N SER B 380 -55.63 -53.02 79.89
CA SER B 380 -54.62 -52.44 79.03
C SER B 380 -54.83 -50.95 78.81
N VAL B 381 -53.73 -50.21 78.69
CA VAL B 381 -53.80 -48.79 78.39
C VAL B 381 -53.47 -48.55 76.92
N ASP B 382 -53.22 -49.64 76.19
CA ASP B 382 -52.92 -49.57 74.77
C ASP B 382 -54.12 -49.04 73.98
N ASN B 383 -53.84 -48.42 72.85
CA ASN B 383 -54.90 -47.88 72.00
C ASN B 383 -55.60 -48.97 71.20
N ALA B 384 -56.91 -48.78 70.99
CA ALA B 384 -57.73 -49.76 70.28
C ALA B 384 -57.91 -51.05 71.07
N ALA B 385 -57.79 -50.96 72.39
CA ALA B 385 -57.97 -52.10 73.26
C ALA B 385 -59.45 -52.48 73.38
N GLN B 386 -59.72 -53.79 73.39
CA GLN B 386 -61.08 -54.30 73.45
C GLN B 386 -61.78 -53.94 74.76
N ILE B 387 -63.06 -53.59 74.67
CA ILE B 387 -63.85 -53.30 75.87
C ILE B 387 -64.69 -54.51 76.25
N VAL B 388 -64.52 -54.98 77.48
CA VAL B 388 -65.23 -56.14 77.97
C VAL B 388 -65.83 -55.91 79.35
N GLN B 389 -66.78 -56.76 79.74
CA GLN B 389 -67.38 -56.68 81.08
C GLN B 389 -66.58 -57.54 82.05
N TRP B 390 -66.64 -57.20 83.33
CA TRP B 390 -65.87 -57.92 84.34
C TRP B 390 -66.46 -57.73 85.74
N THR B 391 -66.18 -58.68 86.62
CA THR B 391 -66.65 -58.58 87.99
C THR B 391 -66.06 -57.35 88.67
N ASP B 392 -66.90 -56.62 89.40
CA ASP B 392 -66.46 -55.41 90.09
C ASP B 392 -65.32 -55.70 91.05
N ASN B 393 -64.10 -55.32 90.67
CA ASN B 393 -62.93 -55.51 91.52
C ASN B 393 -62.30 -54.20 91.97
N GLY B 394 -63.00 -53.10 91.71
CA GLY B 394 -62.56 -51.79 92.14
C GLY B 394 -61.26 -51.33 91.51
N SER B 395 -60.92 -51.90 90.35
CA SER B 395 -59.70 -51.54 89.65
C SER B 395 -59.86 -50.21 88.92
N LEU B 396 -58.73 -49.60 88.58
CA LEU B 396 -58.75 -48.32 87.87
C LEU B 396 -59.35 -48.45 86.47
N SER B 397 -59.04 -49.57 85.81
CA SER B 397 -59.51 -49.80 84.45
C SER B 397 -61.02 -49.91 84.36
N GLN B 398 -61.68 -49.95 85.52
CA GLN B 398 -63.14 -50.08 85.56
C GLN B 398 -63.80 -48.77 85.98
N GLN B 399 -63.01 -47.71 86.10
CA GLN B 399 -63.52 -46.40 86.45
C GLN B 399 -63.50 -45.48 85.23
N TRP B 400 -64.51 -44.62 85.11
CA TRP B 400 -64.65 -43.79 83.92
C TRP B 400 -65.04 -42.35 84.23
N TYR B 401 -64.45 -41.42 83.48
CA TYR B 401 -64.82 -40.01 83.56
C TYR B 401 -65.99 -39.73 82.62
N LEU B 402 -66.61 -38.57 82.79
CA LEU B 402 -67.68 -38.14 81.90
C LEU B 402 -67.49 -36.69 81.48
N VAL B 403 -67.11 -36.49 80.21
CA VAL B 403 -66.85 -35.16 79.69
C VAL B 403 -67.96 -34.70 78.76
N ASP B 404 -68.69 -33.66 79.15
CA ASP B 404 -69.76 -33.12 78.33
C ASP B 404 -69.21 -32.57 77.03
N VAL B 405 -69.83 -32.93 75.91
CA VAL B 405 -69.37 -32.49 74.60
C VAL B 405 -70.47 -31.79 73.81
N GLY B 406 -71.36 -31.09 74.52
CA GLY B 406 -72.45 -30.39 73.87
C GLY B 406 -73.65 -31.29 73.65
N GLY B 407 -74.83 -30.73 73.81
CA GLY B 407 -76.07 -31.49 73.68
C GLY B 407 -76.20 -32.48 74.83
N GLY B 408 -77.00 -33.52 74.63
CA GLY B 408 -77.20 -34.53 75.64
C GLY B 408 -76.17 -35.63 75.57
N TYR B 409 -75.10 -35.38 74.82
CA TYR B 409 -74.06 -36.37 74.61
C TYR B 409 -72.83 -36.10 75.46
N LYS B 410 -72.08 -37.15 75.78
CA LYS B 410 -70.91 -37.05 76.63
C LYS B 410 -69.82 -38.04 76.18
N LYS B 411 -68.59 -37.78 76.62
CA LYS B 411 -67.48 -38.68 76.36
C LYS B 411 -67.27 -39.62 77.56
N ILE B 412 -67.14 -40.91 77.27
CA ILE B 412 -66.84 -41.89 78.31
C ILE B 412 -65.35 -42.19 78.31
N VAL B 413 -64.62 -41.51 79.18
CA VAL B 413 -63.17 -41.63 79.22
C VAL B 413 -62.69 -42.54 80.34
N ASN B 414 -61.88 -43.53 79.99
CA ASN B 414 -61.30 -44.43 80.98
C ASN B 414 -60.38 -43.68 81.93
N VAL B 415 -60.28 -44.15 83.17
CA VAL B 415 -59.45 -43.49 84.16
C VAL B 415 -57.98 -43.90 84.07
N LYS B 416 -57.74 -45.22 84.02
CA LYS B 416 -56.39 -45.73 83.90
C LYS B 416 -55.70 -45.19 82.66
N SER B 417 -56.35 -45.36 81.51
CA SER B 417 -55.86 -44.80 80.26
C SER B 417 -56.78 -43.67 79.80
N GLY B 418 -56.19 -42.54 79.42
CA GLY B 418 -56.96 -41.37 79.05
C GLY B 418 -57.78 -41.53 77.78
N ARG B 419 -57.83 -42.75 77.26
CA ARG B 419 -58.57 -43.03 76.04
C ARG B 419 -60.07 -43.08 76.30
N ALA B 420 -60.87 -42.80 75.28
CA ALA B 420 -62.33 -42.74 75.42
C ALA B 420 -63.01 -43.93 74.76
N LEU B 421 -64.23 -44.22 75.23
CA LEU B 421 -65.03 -45.29 74.65
C LEU B 421 -65.34 -44.97 73.19
N ASP B 422 -65.10 -45.94 72.32
CA ASP B 422 -65.17 -45.70 70.88
C ASP B 422 -65.76 -46.90 70.13
N VAL B 423 -66.48 -46.62 69.05
CA VAL B 423 -67.02 -47.66 68.18
C VAL B 423 -66.04 -47.93 67.03
N LYS B 424 -65.39 -49.09 67.07
CA LYS B 424 -64.36 -49.46 66.10
C LYS B 424 -64.76 -49.15 64.66
N ASP B 425 -63.91 -48.40 63.96
CA ASP B 425 -64.11 -48.09 62.55
C ASP B 425 -65.45 -47.40 62.29
N GLU B 426 -65.92 -46.63 63.26
CA GLU B 426 -67.19 -45.92 63.15
C GLU B 426 -68.28 -46.78 62.53
N SER B 427 -68.43 -48.00 63.05
CA SER B 427 -69.43 -48.92 62.54
C SER B 427 -70.84 -48.44 62.85
N LYS B 428 -71.76 -48.69 61.92
CA LYS B 428 -73.15 -48.29 62.08
C LYS B 428 -74.07 -49.51 62.13
N GLU B 429 -73.54 -50.66 62.52
CA GLU B 429 -74.31 -51.89 62.47
C GLU B 429 -74.27 -52.68 63.76
N ASP B 430 -75.18 -53.64 63.88
CA ASP B 430 -75.27 -54.50 65.07
C ASP B 430 -74.04 -55.38 65.19
N GLY B 431 -73.54 -55.54 66.41
CA GLY B 431 -72.37 -56.35 66.65
C GLY B 431 -71.08 -55.55 66.53
N GLY B 432 -71.23 -54.24 66.38
CA GLY B 432 -70.08 -53.36 66.26
C GLY B 432 -69.25 -53.31 67.53
N VAL B 433 -68.09 -53.94 67.50
CA VAL B 433 -67.21 -54.00 68.66
C VAL B 433 -66.84 -52.62 69.18
N LEU B 434 -66.85 -52.47 70.50
CA LEU B 434 -66.43 -51.24 71.15
C LEU B 434 -65.01 -51.34 71.69
N ILE B 435 -64.24 -50.27 71.54
CA ILE B 435 -62.86 -50.23 72.03
C ILE B 435 -62.57 -48.89 72.68
N GLN B 436 -61.37 -48.76 73.25
CA GLN B 436 -60.90 -47.47 73.76
C GLN B 436 -59.93 -46.86 72.76
N TYR B 437 -60.19 -45.63 72.36
CA TYR B 437 -59.41 -44.99 71.31
C TYR B 437 -59.04 -43.56 71.65
N THR B 438 -58.05 -43.03 70.93
CA THR B 438 -57.62 -41.65 71.11
C THR B 438 -58.78 -40.70 70.82
N SER B 439 -58.98 -39.73 71.70
CA SER B 439 -60.05 -38.75 71.52
C SER B 439 -59.87 -38.02 70.19
N ASN B 440 -60.81 -38.23 69.26
CA ASN B 440 -60.71 -37.63 67.94
C ASN B 440 -61.95 -36.81 67.56
N GLY B 441 -62.77 -36.49 68.54
CA GLY B 441 -63.94 -35.67 68.32
C GLY B 441 -64.98 -36.33 67.42
N GLY B 442 -64.78 -37.60 67.11
CA GLY B 442 -65.71 -38.34 66.28
C GLY B 442 -67.00 -38.65 67.00
N TYR B 443 -68.09 -38.74 66.26
CA TYR B 443 -69.40 -39.03 66.85
C TYR B 443 -69.47 -40.43 67.45
N ASN B 444 -68.61 -41.32 66.96
CA ASN B 444 -68.55 -42.68 67.49
C ASN B 444 -67.95 -42.72 68.89
N GLN B 445 -67.62 -41.54 69.42
CA GLN B 445 -67.07 -41.43 70.76
C GLN B 445 -68.00 -40.60 71.66
N HIS B 446 -69.11 -40.15 71.10
CA HIS B 446 -70.11 -39.40 71.86
C HIS B 446 -71.28 -40.30 72.24
N TRP B 447 -71.74 -40.19 73.48
CA TRP B 447 -72.79 -41.06 73.99
C TRP B 447 -73.88 -40.28 74.72
N LYS B 448 -75.13 -40.67 74.50
CA LYS B 448 -76.26 -40.02 75.16
C LYS B 448 -76.89 -40.93 76.22
N PHE B 449 -77.07 -40.40 77.42
CA PHE B 449 -77.66 -41.16 78.51
C PHE B 449 -79.17 -40.93 78.59
N THR B 450 -79.92 -42.03 78.63
CA THR B 450 -81.39 -41.95 78.72
C THR B 450 -81.88 -42.73 79.94
N ASP B 451 -82.54 -42.03 80.85
CA ASP B 451 -83.03 -42.63 82.09
C ASP B 451 -84.28 -43.47 81.81
N ILE B 452 -84.31 -44.66 82.39
CA ILE B 452 -85.41 -45.60 82.22
C ILE B 452 -85.91 -46.17 83.55
N GLY B 453 -85.63 -45.44 84.64
CA GLY B 453 -85.98 -45.89 85.97
C GLY B 453 -84.77 -46.38 86.73
N ASP B 454 -84.78 -46.21 88.05
CA ASP B 454 -83.65 -46.60 88.87
C ASP B 454 -82.42 -45.85 88.40
N GLY B 455 -81.26 -46.45 88.67
CA GLY B 455 -79.95 -45.93 88.31
C GLY B 455 -79.46 -46.45 86.97
N TYR B 456 -80.37 -47.06 86.22
CA TYR B 456 -80.05 -47.65 84.94
C TYR B 456 -80.38 -46.74 83.75
N TYR B 457 -79.51 -46.74 82.74
CA TYR B 457 -79.69 -45.91 81.56
C TYR B 457 -79.57 -46.74 80.29
N LYS B 458 -79.95 -46.14 79.16
CA LYS B 458 -79.68 -46.73 77.85
C LYS B 458 -78.72 -45.83 77.09
N ILE B 459 -77.44 -46.17 77.15
CA ILE B 459 -76.38 -45.35 76.55
C ILE B 459 -76.28 -45.52 75.03
N SER B 460 -76.86 -44.59 74.30
CA SER B 460 -76.87 -44.65 72.85
C SER B 460 -75.70 -43.89 72.22
N SER B 461 -75.27 -44.36 71.05
CA SER B 461 -74.18 -43.71 70.31
C SER B 461 -74.74 -42.57 69.44
N ARG B 462 -73.97 -41.50 69.33
CA ARG B 462 -74.40 -40.34 68.57
C ARG B 462 -74.34 -40.59 67.06
N HIS B 463 -73.65 -41.66 66.67
CA HIS B 463 -73.42 -41.95 65.26
C HIS B 463 -74.66 -42.54 64.57
N CYS B 464 -75.28 -43.53 65.20
CA CYS B 464 -76.43 -44.20 64.61
C CYS B 464 -77.56 -44.45 65.60
N GLY B 465 -77.34 -44.10 66.86
CA GLY B 465 -78.37 -44.25 67.88
C GLY B 465 -78.29 -45.57 68.63
N LYS B 466 -77.63 -46.56 68.04
CA LYS B 466 -77.46 -47.87 68.67
C LYS B 466 -76.74 -47.72 70.00
N LEU B 467 -77.14 -48.53 70.98
CA LEU B 467 -76.64 -48.39 72.36
C LEU B 467 -75.67 -49.49 72.78
N ILE B 468 -75.01 -49.29 73.91
CA ILE B 468 -74.05 -50.25 74.44
C ILE B 468 -74.76 -51.56 74.79
N ASP B 469 -74.23 -52.67 74.29
CA ASP B 469 -74.87 -53.98 74.44
C ASP B 469 -73.85 -55.05 74.73
N VAL B 470 -74.12 -55.83 75.78
CA VAL B 470 -73.27 -56.98 76.09
C VAL B 470 -73.59 -58.11 75.13
N ARG B 471 -72.58 -58.55 74.39
CA ARG B 471 -72.77 -59.56 73.35
C ARG B 471 -73.39 -60.84 73.89
N LYS B 472 -74.55 -61.20 73.33
CA LYS B 472 -75.20 -62.47 73.66
C LYS B 472 -75.67 -62.53 75.12
N TRP B 473 -75.92 -61.38 75.71
CA TRP B 473 -76.35 -61.31 77.11
C TRP B 473 -75.34 -61.98 78.04
N SER B 474 -74.10 -62.09 77.58
CA SER B 474 -73.05 -62.77 78.32
C SER B 474 -73.08 -62.41 79.81
N THR B 475 -72.87 -63.41 80.65
CA THR B 475 -72.88 -63.20 82.10
C THR B 475 -71.54 -63.57 82.71
N GLU B 476 -70.54 -63.77 81.85
CA GLU B 476 -69.21 -64.15 82.29
C GLU B 476 -68.19 -63.04 82.10
N ASP B 477 -67.00 -63.20 82.68
CA ASP B 477 -65.93 -62.24 82.52
C ASP B 477 -65.38 -62.29 81.10
N GLY B 478 -64.96 -61.13 80.60
CA GLY B 478 -64.43 -61.04 79.25
C GLY B 478 -65.52 -60.92 78.20
N GLY B 479 -66.76 -60.76 78.66
CA GLY B 479 -67.89 -60.61 77.76
C GLY B 479 -67.74 -59.38 76.87
N ILE B 480 -67.70 -59.60 75.56
CA ILE B 480 -67.47 -58.53 74.61
C ILE B 480 -68.55 -57.44 74.66
N ILE B 481 -68.13 -56.23 74.99
CA ILE B 481 -69.01 -55.07 74.95
C ILE B 481 -69.11 -54.56 73.51
N GLN B 482 -70.32 -54.46 73.00
CA GLN B 482 -70.53 -54.09 71.60
C GLN B 482 -71.61 -53.05 71.40
N GLN B 483 -71.98 -52.84 70.15
CA GLN B 483 -73.02 -51.89 69.78
C GLN B 483 -74.19 -52.67 69.16
N TRP B 484 -75.40 -52.31 69.54
CA TRP B 484 -76.58 -53.02 69.05
C TRP B 484 -77.83 -52.16 69.12
N SER B 485 -78.81 -52.48 68.26
CA SER B 485 -80.08 -51.77 68.26
C SER B 485 -80.79 -51.94 69.59
N ASP B 486 -81.57 -50.94 69.98
CA ASP B 486 -82.32 -51.01 71.22
C ASP B 486 -83.37 -52.12 71.16
N ALA B 487 -83.15 -53.17 71.94
CA ALA B 487 -84.06 -54.31 71.95
C ALA B 487 -84.80 -54.45 73.27
N GLY B 488 -84.55 -53.50 74.19
CA GLY B 488 -85.21 -53.50 75.47
C GLY B 488 -84.73 -54.62 76.38
N GLY B 489 -83.65 -55.28 75.98
CA GLY B 489 -83.09 -56.36 76.77
C GLY B 489 -82.21 -55.85 77.91
N THR B 490 -82.28 -56.51 79.06
CA THR B 490 -81.55 -56.09 80.24
C THR B 490 -80.06 -55.95 80.00
N ASN B 491 -79.55 -56.70 79.02
CA ASN B 491 -78.14 -56.65 78.68
C ASN B 491 -77.73 -55.31 78.07
N GLN B 492 -78.72 -54.48 77.78
CA GLN B 492 -78.49 -53.17 77.19
C GLN B 492 -78.71 -52.06 78.22
N HIS B 493 -78.90 -52.46 79.47
CA HIS B 493 -79.16 -51.49 80.54
C HIS B 493 -77.96 -51.40 81.48
N TRP B 494 -77.53 -50.16 81.75
CA TRP B 494 -76.35 -49.93 82.58
C TRP B 494 -76.63 -49.01 83.75
N LYS B 495 -76.06 -49.35 84.91
CA LYS B 495 -76.23 -48.55 86.12
C LYS B 495 -75.00 -47.68 86.35
N LEU B 496 -75.22 -46.39 86.57
CA LEU B 496 -74.13 -45.45 86.81
C LEU B 496 -73.89 -45.28 88.31
N VAL B 497 -72.74 -45.78 88.77
CA VAL B 497 -72.41 -45.74 90.19
C VAL B 497 -71.16 -44.91 90.47
N LEU B 498 -71.24 -44.04 91.48
CA LEU B 498 -70.12 -43.20 91.86
C LEU B 498 -69.07 -43.98 92.65
N VAL B 499 -67.83 -43.50 92.63
CA VAL B 499 -66.74 -44.15 93.34
C VAL B 499 -65.87 -43.13 94.08
N GLY C 18 26.61 22.53 -58.26
CA GLY C 18 26.06 23.83 -57.89
C GLY C 18 26.86 24.50 -56.79
N SER C 19 27.43 25.65 -57.10
CA SER C 19 28.27 26.38 -56.15
C SER C 19 27.45 27.33 -55.29
N HIS C 20 26.49 28.01 -55.91
CA HIS C 20 25.68 28.99 -55.19
C HIS C 20 24.20 28.68 -55.25
N MET C 21 23.84 27.41 -55.04
CA MET C 21 22.44 27.01 -55.07
C MET C 21 21.71 27.32 -53.77
N ALA C 22 20.64 28.09 -53.88
CA ALA C 22 19.79 28.41 -52.73
C ALA C 22 19.21 27.12 -52.17
N SER C 23 19.09 27.07 -50.84
CA SER C 23 18.65 25.86 -50.17
C SER C 23 17.14 25.64 -50.32
N MET C 24 16.75 24.36 -50.37
CA MET C 24 15.34 24.00 -50.38
C MET C 24 14.64 24.73 -49.25
N THR C 25 13.38 25.10 -49.47
CA THR C 25 12.62 25.86 -48.49
C THR C 25 12.73 25.27 -47.08
N GLY C 26 13.24 26.07 -46.15
CA GLY C 26 13.38 25.64 -44.78
C GLY C 26 14.47 24.61 -44.60
N GLY C 27 15.38 24.53 -45.56
CA GLY C 27 16.45 23.56 -45.53
C GLY C 27 16.09 22.30 -46.30
N GLN C 28 17.05 21.39 -46.43
CA GLN C 28 16.81 20.13 -47.11
C GLN C 28 15.87 19.25 -46.30
N GLN C 29 14.63 19.12 -46.76
CA GLN C 29 13.61 18.35 -46.06
C GLN C 29 13.95 16.86 -46.05
N MET C 30 14.49 16.38 -47.17
CA MET C 30 14.81 14.95 -47.30
C MET C 30 16.31 14.72 -47.11
N GLY C 31 16.70 13.45 -47.01
CA GLY C 31 18.09 13.09 -46.85
C GLY C 31 18.48 12.86 -45.39
N ARG C 32 17.56 13.17 -44.48
CA ARG C 32 17.81 12.99 -43.06
C ARG C 32 17.81 11.53 -42.65
N GLY C 33 18.86 11.12 -41.94
CA GLY C 33 18.96 9.76 -41.43
C GLY C 33 18.48 9.67 -40.00
N SER C 34 17.28 9.10 -39.82
CA SER C 34 16.66 8.99 -38.51
C SER C 34 17.65 8.55 -37.44
N GLU C 35 17.63 9.22 -36.29
CA GLU C 35 18.53 8.88 -35.19
C GLU C 35 18.00 7.66 -34.45
N PHE C 36 16.79 7.25 -34.76
CA PHE C 36 16.16 6.10 -34.13
C PHE C 36 16.66 4.79 -34.73
N ALA C 37 17.23 4.87 -35.92
CA ALA C 37 17.68 3.67 -36.64
C ALA C 37 19.17 3.73 -36.96
N ALA C 38 19.85 4.76 -36.45
CA ALA C 38 21.28 4.91 -36.69
C ALA C 38 22.11 4.00 -35.78
N GLU C 39 23.24 3.52 -36.30
CA GLU C 39 24.11 2.64 -35.54
C GLU C 39 24.91 3.41 -34.48
N GLY C 40 25.07 2.81 -33.31
CA GLY C 40 25.82 3.40 -32.23
C GLY C 40 25.36 4.80 -31.88
N VAL C 41 24.05 4.98 -31.78
CA VAL C 41 23.49 6.29 -31.43
C VAL C 41 22.48 6.21 -30.29
N ILE C 42 22.79 6.90 -29.20
CA ILE C 42 21.89 6.99 -28.06
C ILE C 42 21.04 8.26 -28.15
N VAL C 43 19.73 8.10 -28.01
CA VAL C 43 18.82 9.23 -28.08
C VAL C 43 18.29 9.61 -26.70
N ASN C 44 18.83 10.68 -26.13
CA ASN C 44 18.37 11.17 -24.84
C ASN C 44 16.92 11.63 -24.89
N GLY C 45 16.13 11.19 -23.92
CA GLY C 45 14.71 11.51 -23.87
C GLY C 45 13.86 10.31 -24.25
N THR C 46 14.50 9.26 -24.72
CA THR C 46 13.80 8.03 -25.08
C THR C 46 14.21 6.91 -24.13
N GLN C 47 13.33 5.92 -24.01
CA GLN C 47 13.61 4.77 -23.15
C GLN C 47 14.77 3.95 -23.71
N PHE C 48 15.66 3.52 -22.82
CA PHE C 48 16.80 2.70 -23.22
C PHE C 48 16.48 1.23 -23.01
N LYS C 49 16.40 0.48 -24.11
CA LYS C 49 16.05 -0.93 -24.05
C LYS C 49 17.28 -1.83 -24.22
N ASP C 50 17.14 -3.09 -23.80
CA ASP C 50 18.22 -4.06 -23.95
C ASP C 50 18.05 -4.89 -25.22
N THR C 51 18.83 -5.96 -25.33
CA THR C 51 18.80 -6.81 -26.52
C THR C 51 17.44 -7.48 -26.70
N SER C 52 16.75 -7.71 -25.60
CA SER C 52 15.46 -8.39 -25.64
C SER C 52 14.29 -7.41 -25.71
N GLY C 53 14.57 -6.18 -26.15
CA GLY C 53 13.53 -5.17 -26.30
C GLY C 53 12.86 -4.78 -25.00
N ASN C 54 13.54 -5.03 -23.89
CA ASN C 54 13.01 -4.67 -22.57
C ASN C 54 13.71 -3.45 -22.00
N VAL C 55 12.94 -2.59 -21.33
CA VAL C 55 13.49 -1.38 -20.73
C VAL C 55 14.54 -1.73 -19.68
N ILE C 56 15.70 -1.07 -19.78
CA ILE C 56 16.78 -1.31 -18.83
C ILE C 56 16.47 -0.70 -17.47
N HIS C 57 16.62 -1.51 -16.43
CA HIS C 57 16.39 -1.03 -15.07
C HIS C 57 17.65 -1.06 -14.22
N ALA C 58 18.51 -0.06 -14.43
CA ALA C 58 19.75 0.08 -13.67
C ALA C 58 19.95 1.53 -13.26
N HIS C 59 19.20 1.96 -12.25
CA HIS C 59 19.20 3.36 -11.84
C HIS C 59 20.29 3.66 -10.84
N GLY C 60 20.81 4.90 -10.90
CA GLY C 60 21.86 5.34 -9.99
C GLY C 60 23.06 4.42 -9.98
N GLY C 61 23.29 3.72 -11.09
CA GLY C 61 24.38 2.76 -11.16
C GLY C 61 25.64 3.30 -11.80
N GLY C 62 26.59 2.42 -12.04
CA GLY C 62 27.84 2.78 -12.68
C GLY C 62 28.23 1.77 -13.73
N MET C 63 29.40 1.96 -14.33
CA MET C 63 29.87 1.05 -15.37
C MET C 63 31.29 0.57 -15.10
N LEU C 64 31.59 -0.65 -15.54
CA LEU C 64 32.90 -1.25 -15.32
C LEU C 64 33.44 -1.88 -16.60
N LYS C 65 34.66 -1.50 -16.97
CA LYS C 65 35.31 -2.07 -18.13
C LYS C 65 36.20 -3.24 -17.72
N HIS C 66 35.93 -4.41 -18.28
CA HIS C 66 36.71 -5.60 -17.96
C HIS C 66 36.76 -6.55 -19.14
N GLY C 67 37.96 -6.80 -19.66
CA GLY C 67 38.14 -7.62 -20.83
C GLY C 67 37.67 -6.92 -22.08
N ASP C 68 36.71 -7.53 -22.78
CA ASP C 68 36.16 -6.96 -23.99
C ASP C 68 34.78 -6.36 -23.74
N TYR C 69 34.29 -6.52 -22.51
CA TYR C 69 32.92 -6.10 -22.19
C TYR C 69 32.86 -4.93 -21.21
N TYR C 70 31.83 -4.11 -21.40
CA TYR C 70 31.46 -3.09 -20.42
C TYR C 70 30.31 -3.63 -19.59
N TYR C 71 30.36 -3.42 -18.28
CA TYR C 71 29.31 -3.91 -17.41
C TYR C 71 28.55 -2.77 -16.73
N TRP C 72 27.25 -2.72 -16.98
CA TRP C 72 26.40 -1.66 -16.44
C TRP C 72 25.59 -2.17 -15.25
N TYR C 73 25.94 -1.72 -14.06
CA TYR C 73 25.23 -2.12 -12.85
C TYR C 73 24.29 -1.02 -12.40
N GLY C 74 23.20 -1.41 -11.74
CA GLY C 74 22.22 -0.44 -11.25
C GLY C 74 21.18 -1.10 -10.36
N GLU C 75 20.43 -0.27 -9.63
CA GLU C 75 19.41 -0.76 -8.72
C GLU C 75 18.00 -0.48 -9.22
N TYR C 76 17.07 -1.37 -8.90
CA TYR C 76 15.67 -1.18 -9.28
C TYR C 76 14.72 -1.59 -8.14
N ARG C 77 13.70 -0.78 -7.92
CA ARG C 77 12.74 -1.01 -6.83
C ARG C 77 11.66 -2.03 -7.19
N ASP C 78 10.80 -2.33 -6.22
CA ASP C 78 9.67 -3.23 -6.43
C ASP C 78 8.35 -2.49 -6.31
N ASP C 79 7.30 -3.19 -5.90
CA ASP C 79 5.97 -2.60 -5.78
C ASP C 79 5.87 -1.64 -4.59
N SER C 80 6.65 -1.91 -3.54
CA SER C 80 6.63 -1.08 -2.35
C SER C 80 7.76 -0.05 -2.38
N ASN C 81 8.32 0.16 -3.56
CA ASN C 81 9.44 1.10 -3.72
C ASN C 81 10.62 0.72 -2.84
N LEU C 82 10.77 -0.58 -2.58
CA LEU C 82 11.89 -1.08 -1.80
C LEU C 82 12.89 -1.81 -2.70
N PHE C 83 14.09 -2.03 -2.19
CA PHE C 83 15.12 -2.71 -2.96
C PHE C 83 14.65 -4.07 -3.45
N LEU C 84 14.80 -4.32 -4.75
CA LEU C 84 14.40 -5.59 -5.35
C LEU C 84 15.61 -6.35 -5.86
N GLY C 85 16.61 -5.62 -6.34
CA GLY C 85 17.83 -6.23 -6.84
C GLY C 85 18.73 -5.26 -7.58
N VAL C 86 19.96 -5.71 -7.84
CA VAL C 86 20.92 -4.93 -8.62
C VAL C 86 21.13 -5.62 -9.97
N SER C 87 20.73 -4.95 -11.04
CA SER C 87 20.79 -5.54 -12.38
C SER C 87 22.17 -5.42 -13.01
N CYS C 88 22.44 -6.29 -13.98
CA CYS C 88 23.72 -6.30 -14.66
C CYS C 88 23.54 -6.45 -16.17
N TYR C 89 24.03 -5.48 -16.93
CA TYR C 89 24.00 -5.54 -18.39
C TYR C 89 25.42 -5.43 -18.91
N ARG C 90 25.70 -6.08 -20.03
CA ARG C 90 27.03 -5.99 -20.63
C ARG C 90 26.95 -5.71 -22.14
N SER C 91 27.91 -4.93 -22.62
CA SER C 91 27.96 -4.56 -24.03
C SER C 91 29.39 -4.32 -24.48
N LYS C 92 29.62 -4.43 -25.78
CA LYS C 92 30.94 -4.15 -26.35
C LYS C 92 30.96 -2.77 -27.02
N ASP C 93 29.78 -2.30 -27.42
CA ASP C 93 29.67 -1.04 -28.16
C ASP C 93 28.97 0.05 -27.37
N LEU C 94 28.57 -0.26 -26.15
CA LEU C 94 27.91 0.71 -25.27
C LEU C 94 26.53 1.13 -25.77
N VAL C 95 26.04 0.46 -26.82
CA VAL C 95 24.76 0.79 -27.41
C VAL C 95 23.78 -0.37 -27.28
N ASN C 96 24.26 -1.57 -27.55
CA ASN C 96 23.44 -2.77 -27.43
C ASN C 96 23.75 -3.54 -26.16
N TRP C 97 22.88 -3.42 -25.18
CA TRP C 97 23.10 -4.01 -23.86
C TRP C 97 22.37 -5.34 -23.67
N GLU C 98 23.11 -6.37 -23.29
CA GLU C 98 22.55 -7.68 -23.03
C GLU C 98 22.31 -7.87 -21.53
N TYR C 99 21.08 -8.23 -21.17
CA TYR C 99 20.73 -8.47 -19.78
C TYR C 99 21.38 -9.75 -19.28
N ARG C 100 22.01 -9.67 -18.12
CA ARG C 100 22.77 -10.80 -17.57
C ARG C 100 22.20 -11.32 -16.25
N GLY C 101 21.19 -10.63 -15.74
CA GLY C 101 20.55 -11.05 -14.50
C GLY C 101 20.82 -10.13 -13.33
N GLU C 102 20.43 -10.57 -12.14
CA GLU C 102 20.60 -9.77 -10.94
C GLU C 102 21.84 -10.20 -10.16
N VAL C 103 22.86 -9.34 -10.16
CA VAL C 103 24.10 -9.63 -9.43
C VAL C 103 23.86 -9.56 -7.92
N LEU C 104 22.82 -8.85 -7.52
CA LEU C 104 22.40 -8.82 -6.12
C LEU C 104 20.89 -8.80 -6.05
N SER C 105 20.34 -9.34 -4.96
CA SER C 105 18.89 -9.45 -4.81
C SER C 105 18.45 -9.18 -3.38
N ARG C 106 17.15 -8.98 -3.19
CA ARG C 106 16.59 -8.80 -1.87
C ARG C 106 16.65 -10.12 -1.10
N ASN C 107 16.97 -11.19 -1.80
CA ASN C 107 17.09 -12.51 -1.18
C ASN C 107 18.55 -12.89 -0.92
N SER C 108 19.46 -11.98 -1.23
CA SER C 108 20.88 -12.22 -1.03
C SER C 108 21.26 -12.19 0.45
N ALA C 109 20.42 -11.55 1.24
CA ALA C 109 20.67 -11.44 2.68
C ALA C 109 19.41 -11.01 3.41
N PRO C 110 19.21 -11.51 4.64
CA PRO C 110 18.04 -11.19 5.46
C PRO C 110 17.79 -9.69 5.56
N GLU C 111 18.84 -8.91 5.80
CA GLU C 111 18.69 -7.47 5.95
C GLU C 111 18.41 -6.76 4.64
N LEU C 112 18.34 -7.52 3.56
CA LEU C 112 18.03 -6.98 2.24
C LEU C 112 16.57 -7.27 1.85
N ASN C 113 15.89 -8.07 2.66
CA ASN C 113 14.49 -8.41 2.38
C ASN C 113 13.60 -7.18 2.40
N HIS C 114 13.82 -6.30 3.37
CA HIS C 114 13.03 -5.08 3.52
C HIS C 114 13.93 -3.89 3.77
N CYS C 115 14.59 -3.43 2.71
CA CYS C 115 15.51 -2.31 2.82
C CYS C 115 15.49 -1.45 1.57
N ASN C 116 16.46 -0.55 1.47
CA ASN C 116 16.57 0.33 0.30
C ASN C 116 18.02 0.54 -0.10
N ILE C 117 18.39 0.05 -1.27
CA ILE C 117 19.76 0.18 -1.76
C ILE C 117 19.86 1.24 -2.86
N GLU C 118 20.86 2.12 -2.74
CA GLU C 118 21.02 3.20 -3.71
C GLU C 118 22.46 3.34 -4.20
N ARG C 119 22.60 3.71 -5.47
CA ARG C 119 23.90 4.00 -6.08
C ARG C 119 24.95 2.90 -5.88
N PRO C 120 24.65 1.68 -6.36
CA PRO C 120 25.60 0.58 -6.30
C PRO C 120 26.70 0.75 -7.34
N LYS C 121 27.92 0.39 -6.97
CA LYS C 121 29.06 0.49 -7.88
C LYS C 121 29.92 -0.76 -7.82
N VAL C 122 30.57 -1.10 -8.93
CA VAL C 122 31.42 -2.28 -8.99
C VAL C 122 32.83 -1.95 -9.43
N MET C 123 33.80 -2.33 -8.60
CA MET C 123 35.21 -2.09 -8.89
C MET C 123 35.97 -3.40 -8.94
N TYR C 124 36.95 -3.50 -9.84
CA TYR C 124 37.73 -4.72 -9.97
C TYR C 124 39.06 -4.64 -9.23
N ASN C 125 39.39 -5.72 -8.53
CA ASN C 125 40.64 -5.81 -7.78
C ASN C 125 41.64 -6.71 -8.48
N ALA C 126 42.70 -6.12 -9.01
CA ALA C 126 43.70 -6.85 -9.78
C ALA C 126 44.49 -7.86 -8.93
N SER C 127 44.73 -7.51 -7.67
CA SER C 127 45.54 -8.35 -6.81
C SER C 127 44.79 -9.58 -6.29
N THR C 128 43.49 -9.44 -6.10
CA THR C 128 42.67 -10.54 -5.58
C THR C 128 41.89 -11.24 -6.69
N GLY C 129 41.67 -10.54 -7.80
CA GLY C 129 40.94 -11.08 -8.92
C GLY C 129 39.45 -11.14 -8.68
N GLU C 130 38.99 -10.45 -7.64
CA GLU C 130 37.57 -10.42 -7.30
C GLU C 130 36.95 -9.06 -7.62
N PHE C 131 35.65 -9.06 -7.88
CA PHE C 131 34.91 -7.83 -8.09
C PHE C 131 34.19 -7.44 -6.82
N VAL C 132 34.35 -6.19 -6.40
CA VAL C 132 33.74 -5.71 -5.16
C VAL C 132 32.64 -4.69 -5.47
N MET C 133 31.55 -4.76 -4.70
CA MET C 133 30.42 -3.87 -4.90
C MET C 133 30.16 -3.02 -3.66
N TRP C 134 30.07 -1.71 -3.85
CA TRP C 134 29.75 -0.79 -2.77
C TRP C 134 28.44 -0.06 -3.06
N MET C 135 27.67 0.22 -2.01
CA MET C 135 26.36 0.81 -2.19
C MET C 135 25.87 1.54 -0.93
N HIS C 136 24.80 2.30 -1.09
CA HIS C 136 24.16 2.99 0.02
C HIS C 136 23.04 2.13 0.59
N TRP C 137 23.01 1.98 1.91
CA TRP C 137 22.01 1.12 2.54
C TRP C 137 21.13 1.87 3.53
N GLU C 138 19.83 1.56 3.51
CA GLU C 138 18.88 2.13 4.45
C GLU C 138 17.91 1.03 4.91
N ASN C 139 17.35 1.20 6.10
CA ASN C 139 16.49 0.17 6.69
C ASN C 139 15.15 0.00 5.98
N GLY C 140 14.80 0.97 5.15
CA GLY C 140 13.57 0.88 4.37
C GLY C 140 12.41 1.69 4.91
N ILE C 141 12.47 2.03 6.20
CA ILE C 141 11.41 2.83 6.82
C ILE C 141 11.83 4.29 6.97
N ASN C 142 13.14 4.53 7.04
CA ASN C 142 13.66 5.87 7.16
C ASN C 142 15.11 5.97 6.68
N TYR C 143 15.68 7.17 6.77
CA TYR C 143 17.06 7.40 6.37
C TYR C 143 17.94 7.74 7.56
N GLY C 144 17.77 6.99 8.66
CA GLY C 144 18.52 7.24 9.87
C GLY C 144 19.82 6.46 9.93
N GLN C 145 19.79 5.23 9.41
CA GLN C 145 20.95 4.36 9.45
C GLN C 145 22.11 4.93 8.63
N ALA C 146 21.84 5.28 7.38
CA ALA C 146 22.84 5.85 6.49
C ALA C 146 24.13 5.04 6.51
N ARG C 147 24.06 3.80 6.05
CA ARG C 147 25.22 2.91 6.05
C ARG C 147 25.81 2.73 4.66
N ALA C 148 26.88 1.96 4.58
CA ALA C 148 27.45 1.52 3.32
C ALA C 148 27.43 0.00 3.31
N ALA C 149 27.27 -0.59 2.14
CA ALA C 149 27.20 -2.05 2.04
C ALA C 149 28.25 -2.59 1.07
N VAL C 150 28.70 -3.81 1.34
CA VAL C 150 29.75 -4.42 0.54
C VAL C 150 29.36 -5.82 0.05
N ALA C 151 29.78 -6.15 -1.16
CA ALA C 151 29.55 -7.47 -1.73
C ALA C 151 30.69 -7.82 -2.69
N TYR C 152 30.89 -9.10 -2.94
CA TYR C 152 31.98 -9.53 -3.81
C TYR C 152 31.60 -10.72 -4.69
N SER C 153 32.32 -10.87 -5.79
CA SER C 153 32.06 -11.96 -6.74
C SER C 153 33.32 -12.30 -7.54
N LYS C 154 33.49 -13.57 -7.85
CA LYS C 154 34.61 -14.02 -8.66
C LYS C 154 34.46 -13.54 -10.10
N THR C 155 33.21 -13.44 -10.54
CA THR C 155 32.91 -12.98 -11.89
C THR C 155 32.17 -11.64 -11.85
N PRO C 156 32.12 -10.93 -12.99
CA PRO C 156 31.47 -9.61 -12.99
C PRO C 156 29.96 -9.69 -13.14
N ASP C 157 29.48 -10.68 -13.90
CA ASP C 157 28.04 -10.83 -14.11
C ASP C 157 27.47 -12.00 -13.32
N GLY C 158 28.16 -12.39 -12.25
CA GLY C 158 27.74 -13.50 -11.42
C GLY C 158 27.00 -13.04 -10.18
N LYS C 159 26.47 -14.00 -9.43
CA LYS C 159 25.71 -13.68 -8.22
C LYS C 159 26.65 -13.25 -7.09
N PHE C 160 26.73 -11.95 -6.86
CA PHE C 160 27.55 -11.40 -5.79
C PHE C 160 27.11 -11.94 -4.43
N THR C 161 28.08 -12.23 -3.57
CA THR C 161 27.78 -12.66 -2.21
C THR C 161 27.84 -11.48 -1.25
N TYR C 162 26.71 -11.17 -0.63
CA TYR C 162 26.61 -10.03 0.28
C TYR C 162 27.49 -10.23 1.51
N ILE C 163 28.17 -9.16 1.92
CA ILE C 163 29.03 -9.21 3.10
C ILE C 163 28.33 -8.58 4.31
N ARG C 164 28.17 -7.25 4.28
CA ARG C 164 27.60 -6.55 5.42
C ARG C 164 27.31 -5.08 5.10
N SER C 165 26.64 -4.42 6.03
CA SER C 165 26.39 -2.99 5.94
C SER C 165 26.82 -2.33 7.25
N PHE C 166 27.36 -1.12 7.16
CA PHE C 166 27.93 -0.47 8.34
C PHE C 166 28.16 1.02 8.12
N ARG C 167 28.36 1.75 9.21
CA ARG C 167 28.77 3.14 9.15
C ARG C 167 30.28 3.24 9.36
N PRO C 168 30.99 3.81 8.37
CA PRO C 168 32.45 3.90 8.38
C PRO C 168 33.02 4.42 9.69
N MET C 169 34.13 3.82 10.13
CA MET C 169 34.85 4.27 11.31
C MET C 169 33.98 4.22 12.57
N GLN C 170 33.12 3.20 12.67
CA GLN C 170 32.18 3.11 13.78
C GLN C 170 32.87 2.75 15.10
N ASP C 171 34.02 2.11 15.02
CA ASP C 171 34.75 1.68 16.22
C ASP C 171 35.77 2.73 16.68
N THR C 172 35.92 3.80 15.91
CA THR C 172 36.87 4.85 16.24
C THR C 172 36.32 5.74 17.37
N GLY C 173 35.06 5.53 17.71
CA GLY C 173 34.44 6.28 18.77
C GLY C 173 33.80 7.56 18.29
N VAL C 174 33.85 7.80 16.99
CA VAL C 174 33.27 9.01 16.41
C VAL C 174 31.75 8.89 16.36
N MET C 175 31.07 10.00 16.65
CA MET C 175 29.61 10.05 16.62
C MET C 175 29.13 11.05 15.58
N ASP C 176 28.33 10.57 14.63
CA ASP C 176 27.79 11.44 13.59
C ASP C 176 26.26 11.48 13.66
N HIS C 177 25.75 12.44 14.43
CA HIS C 177 24.31 12.62 14.58
C HIS C 177 23.59 11.45 15.25
N GLY C 178 23.95 11.17 16.49
CA GLY C 178 23.23 10.21 17.29
C GLY C 178 23.66 8.75 17.15
N LEU C 179 24.47 8.46 16.15
CA LEU C 179 24.91 7.08 15.91
C LEU C 179 26.42 6.97 15.71
N PRO C 180 27.00 5.84 16.15
CA PRO C 180 28.43 5.57 16.03
C PRO C 180 28.85 5.37 14.58
N GLY C 181 29.90 6.08 14.16
CA GLY C 181 30.37 5.98 12.79
C GLY C 181 29.81 7.08 11.91
N TYR C 182 30.60 7.52 10.94
CA TYR C 182 30.15 8.56 10.02
C TYR C 182 28.94 8.11 9.22
N MET C 183 28.12 9.08 8.81
CA MET C 183 26.98 8.80 7.95
C MET C 183 27.48 8.55 6.53
N SER C 184 26.83 7.64 5.81
CA SER C 184 27.23 7.32 4.45
C SER C 184 26.03 7.20 3.52
N ARG C 185 25.70 8.30 2.84
CA ARG C 185 24.58 8.33 1.92
C ARG C 185 25.05 8.09 0.49
N ASP C 186 24.91 9.11 -0.37
CA ASP C 186 25.37 9.03 -1.75
C ASP C 186 26.84 8.62 -1.82
N CYS C 187 27.14 7.61 -2.64
CA CYS C 187 28.48 7.05 -2.68
C CYS C 187 28.96 6.74 -4.10
N ASN C 188 30.23 6.39 -4.19
CA ASN C 188 30.86 6.02 -5.46
C ASN C 188 32.24 5.44 -5.20
N VAL C 189 32.75 4.65 -6.13
CA VAL C 189 34.06 4.02 -5.96
C VAL C 189 35.09 4.53 -6.96
N PHE C 190 36.36 4.45 -6.58
CA PHE C 190 37.44 4.90 -7.45
C PHE C 190 38.70 4.06 -7.25
N VAL C 191 39.32 3.66 -8.36
CA VAL C 191 40.57 2.90 -8.32
C VAL C 191 41.70 3.72 -8.91
N ASP C 192 42.64 4.11 -8.05
CA ASP C 192 43.77 4.93 -8.47
C ASP C 192 44.76 4.10 -9.29
N THR C 193 45.73 4.78 -9.91
CA THR C 193 46.72 4.12 -10.75
C THR C 193 47.67 3.26 -9.93
N ASP C 194 47.95 3.69 -8.70
CA ASP C 194 48.86 2.97 -7.82
C ASP C 194 48.27 1.64 -7.34
N GLY C 195 46.98 1.45 -7.60
CA GLY C 195 46.30 0.23 -7.19
C GLY C 195 45.48 0.40 -5.93
N LYS C 196 45.44 1.62 -5.42
CA LYS C 196 44.67 1.94 -4.23
C LYS C 196 43.17 1.99 -4.53
N GLY C 197 42.37 1.40 -3.66
CA GLY C 197 40.93 1.46 -3.78
C GLY C 197 40.35 2.52 -2.87
N TYR C 198 39.32 3.22 -3.35
CA TYR C 198 38.70 4.28 -2.56
C TYR C 198 37.17 4.21 -2.60
N PHE C 199 36.55 4.74 -1.55
CA PHE C 199 35.10 4.79 -1.44
C PHE C 199 34.66 6.14 -0.90
N ILE C 200 34.07 6.96 -1.76
CA ILE C 200 33.65 8.31 -1.37
C ILE C 200 32.15 8.38 -1.15
N SER C 201 31.75 8.98 -0.03
CA SER C 201 30.33 9.10 0.29
C SER C 201 30.04 10.39 1.07
N ALA C 202 28.79 10.82 1.03
CA ALA C 202 28.37 12.02 1.73
C ALA C 202 28.13 11.73 3.21
N ALA C 203 28.79 12.50 4.07
CA ALA C 203 28.69 12.29 5.51
C ALA C 203 28.27 13.56 6.24
N ASN C 204 28.18 13.48 7.57
CA ASN C 204 27.79 14.61 8.40
C ASN C 204 26.51 15.27 7.90
N GLU C 205 25.45 14.46 7.83
CA GLU C 205 24.14 14.95 7.39
C GLU C 205 24.24 15.55 5.98
N ASN C 206 24.95 14.86 5.10
CA ASN C 206 25.07 15.28 3.70
C ASN C 206 25.76 16.63 3.52
N MET C 207 26.46 17.09 4.56
CA MET C 207 27.13 18.38 4.50
C MET C 207 28.56 18.25 3.97
N ASP C 208 29.22 17.15 4.30
CA ASP C 208 30.60 16.93 3.90
C ASP C 208 30.72 15.69 3.02
N LEU C 209 31.82 15.62 2.27
CA LEU C 209 32.14 14.41 1.51
C LEU C 209 33.36 13.73 2.11
N HIS C 210 33.23 12.42 2.37
CA HIS C 210 34.33 11.66 2.95
C HIS C 210 34.95 10.71 1.94
N LEU C 211 36.26 10.82 1.75
CA LEU C 211 36.98 9.92 0.88
C LEU C 211 37.70 8.85 1.71
N TYR C 212 37.25 7.61 1.59
CA TYR C 212 37.81 6.52 2.38
C TYR C 212 38.77 5.68 1.55
N GLU C 213 39.92 5.34 2.14
CA GLU C 213 40.86 4.43 1.51
C GLU C 213 40.50 3.00 1.90
N LEU C 214 40.29 2.14 0.89
CA LEU C 214 39.89 0.77 1.13
C LEU C 214 41.08 -0.12 1.47
N THR C 215 40.80 -1.23 2.14
CA THR C 215 41.82 -2.23 2.41
C THR C 215 42.30 -2.85 1.10
N PRO C 216 43.44 -3.54 1.12
CA PRO C 216 44.02 -4.14 -0.09
C PRO C 216 43.03 -5.00 -0.89
N ASP C 217 42.04 -5.58 -0.22
CA ASP C 217 41.08 -6.45 -0.91
C ASP C 217 39.81 -5.71 -1.35
N TYR C 218 39.79 -4.40 -1.11
CA TYR C 218 38.67 -3.55 -1.52
C TYR C 218 37.37 -3.86 -0.78
N LYS C 219 37.41 -4.84 0.13
CA LYS C 219 36.19 -5.29 0.79
C LYS C 219 35.98 -4.68 2.18
N ASN C 220 36.70 -3.61 2.48
CA ASN C 220 36.57 -2.92 3.76
C ASN C 220 37.27 -1.57 3.78
N ILE C 221 36.84 -0.69 4.66
CA ILE C 221 37.45 0.63 4.79
C ILE C 221 38.65 0.59 5.73
N ALA C 222 39.75 1.19 5.31
CA ALA C 222 40.98 1.17 6.09
C ALA C 222 41.20 2.47 6.86
N SER C 223 40.97 3.60 6.21
CA SER C 223 41.18 4.90 6.84
C SER C 223 40.48 6.03 6.10
N LEU C 224 40.41 7.20 6.73
CA LEU C 224 39.82 8.38 6.12
C LEU C 224 40.87 9.20 5.38
N LYS C 225 40.87 9.09 4.06
CA LYS C 225 41.84 9.80 3.24
C LYS C 225 41.75 11.31 3.43
N ALA C 226 40.53 11.85 3.33
CA ALA C 226 40.34 13.29 3.48
C ALA C 226 38.86 13.68 3.54
N LYS C 227 38.60 14.86 4.09
CA LYS C 227 37.27 15.45 4.07
C LYS C 227 37.22 16.54 3.01
N LEU C 228 36.28 16.42 2.08
CA LEU C 228 36.25 17.33 0.92
C LEU C 228 35.00 18.21 0.89
N PHE C 229 35.21 19.48 0.63
CA PHE C 229 34.12 20.45 0.48
C PHE C 229 33.13 20.38 1.64
N VAL C 230 33.64 20.57 2.86
CA VAL C 230 32.79 20.52 4.04
C VAL C 230 31.82 21.70 4.09
N GLY C 231 30.58 21.41 4.48
CA GLY C 231 29.58 22.45 4.63
C GLY C 231 29.06 23.00 3.31
N GLN C 232 29.54 22.43 2.21
CA GLN C 232 29.12 22.88 0.89
C GLN C 232 27.98 22.03 0.34
N GLN C 233 27.78 20.87 0.97
CA GLN C 233 26.63 20.03 0.68
C GLN C 233 26.60 19.56 -0.77
N ARG C 234 27.63 18.83 -1.17
CA ARG C 234 27.68 18.26 -2.52
C ARG C 234 27.31 16.78 -2.48
N GLU C 235 26.47 16.37 -3.42
CA GLU C 235 25.97 14.99 -3.46
C GLU C 235 26.35 14.30 -4.77
N ALA C 236 25.90 13.06 -4.92
CA ALA C 236 26.16 12.27 -6.12
C ALA C 236 27.58 12.45 -6.63
N PRO C 237 28.57 12.06 -5.79
CA PRO C 237 29.98 12.28 -6.11
C PRO C 237 30.49 11.31 -7.19
N CYS C 238 31.23 11.84 -8.15
CA CYS C 238 31.87 11.02 -9.18
C CYS C 238 33.35 11.35 -9.26
N LEU C 239 34.19 10.39 -8.88
CA LEU C 239 35.63 10.62 -8.83
C LEU C 239 36.36 9.93 -9.98
N ILE C 240 37.11 10.70 -10.76
CA ILE C 240 37.85 10.17 -11.90
C ILE C 240 39.26 10.77 -11.98
N LYS C 241 40.06 10.24 -12.89
CA LYS C 241 41.42 10.72 -13.11
C LYS C 241 41.79 10.64 -14.58
N ARG C 242 42.42 11.69 -15.10
CA ARG C 242 42.78 11.73 -16.51
C ARG C 242 44.29 11.81 -16.72
N ASN C 243 44.84 13.01 -16.68
CA ASN C 243 46.28 13.21 -16.84
C ASN C 243 46.94 13.69 -15.56
N GLY C 244 47.05 12.79 -14.58
CA GLY C 244 47.64 13.12 -13.30
C GLY C 244 46.74 14.03 -12.48
N TYR C 245 45.56 14.32 -13.02
CA TYR C 245 44.58 15.16 -12.35
C TYR C 245 43.40 14.35 -11.83
N TYR C 246 42.97 14.66 -10.62
CA TYR C 246 41.77 14.06 -10.05
C TYR C 246 40.59 15.01 -10.22
N TYR C 247 39.49 14.49 -10.75
CA TYR C 247 38.31 15.30 -10.99
C TYR C 247 37.12 14.79 -10.18
N LEU C 248 36.41 15.73 -9.54
CA LEU C 248 35.26 15.37 -8.72
C LEU C 248 33.99 16.10 -9.19
N ILE C 249 33.15 15.40 -9.92
CA ILE C 249 31.88 15.95 -10.39
C ILE C 249 30.79 15.66 -9.36
N THR C 250 30.12 16.70 -8.89
CA THR C 250 29.09 16.54 -7.87
C THR C 250 27.81 17.30 -8.23
N SER C 251 26.76 17.06 -7.45
CA SER C 251 25.50 17.76 -7.65
C SER C 251 25.09 18.46 -6.35
N GLY C 252 24.12 19.37 -6.46
CA GLY C 252 23.58 20.03 -5.29
C GLY C 252 22.68 19.07 -4.53
N CYS C 253 22.13 19.54 -3.40
CA CYS C 253 21.24 18.72 -2.60
C CYS C 253 19.82 19.25 -2.63
N THR C 254 19.04 18.79 -3.62
CA THR C 254 17.65 19.23 -3.75
C THR C 254 16.73 18.08 -4.12
N GLY C 255 16.85 16.96 -3.41
CA GLY C 255 16.01 15.80 -3.63
C GLY C 255 16.01 15.34 -5.07
N TRP C 256 14.81 15.08 -5.61
CA TRP C 256 14.66 14.64 -6.98
C TRP C 256 14.94 15.75 -7.97
N ASN C 257 14.63 16.98 -7.55
CA ASN C 257 14.81 18.15 -8.41
C ASN C 257 16.23 18.28 -8.94
N PRO C 258 16.40 18.23 -10.27
CA PRO C 258 17.71 18.43 -10.89
C PRO C 258 18.28 19.79 -10.52
N ASN C 259 19.61 19.86 -10.38
CA ASN C 259 20.26 21.11 -9.99
C ASN C 259 21.55 21.35 -10.76
N GLN C 260 22.27 22.41 -10.40
CA GLN C 260 23.51 22.76 -11.06
C GLN C 260 24.64 21.82 -10.66
N ALA C 261 25.14 21.05 -11.63
CA ALA C 261 26.28 20.17 -11.39
C ALA C 261 27.57 20.97 -11.41
N LYS C 262 28.48 20.64 -10.51
CA LYS C 262 29.76 21.32 -10.44
C LYS C 262 30.91 20.32 -10.48
N TYR C 263 32.11 20.81 -10.79
CA TYR C 263 33.29 19.95 -10.81
C TYR C 263 34.49 20.64 -10.18
N ALA C 264 35.47 19.86 -9.75
CA ALA C 264 36.68 20.40 -9.16
C ALA C 264 37.86 19.47 -9.44
N TYR C 265 39.05 20.06 -9.59
CA TYR C 265 40.23 19.28 -9.92
C TYR C 265 41.33 19.42 -8.87
N SER C 266 42.28 18.49 -8.89
CA SER C 266 43.40 18.50 -7.95
C SER C 266 44.42 17.44 -8.35
N LYS C 267 45.69 17.70 -8.04
CA LYS C 267 46.76 16.75 -8.35
C LYS C 267 47.03 15.81 -7.19
N ASP C 268 46.24 15.95 -6.13
CA ASP C 268 46.35 15.11 -4.94
C ASP C 268 44.98 14.82 -4.35
N LEU C 269 44.74 13.58 -3.95
CA LEU C 269 43.47 13.18 -3.38
C LEU C 269 43.20 13.82 -2.03
N ALA C 270 44.25 13.95 -1.22
CA ALA C 270 44.11 14.41 0.15
C ALA C 270 43.99 15.94 0.25
N SER C 271 44.57 16.65 -0.70
CA SER C 271 44.56 18.11 -0.66
C SER C 271 44.86 18.72 -2.03
N GLY C 272 44.76 20.05 -2.11
CA GLY C 272 45.04 20.76 -3.34
C GLY C 272 43.83 20.92 -4.23
N TRP C 273 42.67 20.52 -3.72
CA TRP C 273 41.43 20.62 -4.49
C TRP C 273 41.05 22.07 -4.75
N SER C 274 40.68 22.36 -6.00
CA SER C 274 40.29 23.69 -6.38
C SER C 274 38.85 24.00 -5.96
N GLN C 275 38.37 25.18 -6.32
CA GLN C 275 36.99 25.55 -6.06
C GLN C 275 36.06 24.79 -7.00
N LEU C 276 34.76 25.03 -6.86
CA LEU C 276 33.77 24.37 -7.70
C LEU C 276 33.48 25.20 -8.95
N TYR C 277 33.44 24.53 -10.09
CA TYR C 277 33.12 25.18 -11.35
C TYR C 277 31.86 24.58 -11.96
N ASN C 278 30.99 25.44 -12.49
CA ASN C 278 29.75 24.99 -13.09
C ASN C 278 29.94 24.04 -14.26
N LEU C 279 29.13 22.98 -14.30
CA LEU C 279 29.18 22.01 -15.38
C LEU C 279 27.77 21.77 -15.90
N GLY C 280 27.56 22.04 -17.19
CA GLY C 280 26.24 21.96 -17.79
C GLY C 280 25.38 23.13 -17.36
N ASN C 281 24.08 23.02 -17.59
CA ASN C 281 23.16 24.09 -17.22
C ASN C 281 22.67 23.98 -15.78
N SER C 282 21.72 24.82 -15.41
CA SER C 282 21.25 24.90 -14.03
C SER C 282 20.49 23.67 -13.56
N THR C 283 20.26 22.74 -14.48
CA THR C 283 19.53 21.52 -14.13
C THR C 283 20.28 20.27 -14.59
N THR C 284 21.51 20.47 -15.04
CA THR C 284 22.30 19.37 -15.59
C THR C 284 21.48 18.61 -16.64
N TYR C 285 20.73 19.37 -17.45
CA TYR C 285 19.90 18.79 -18.50
C TYR C 285 18.89 17.81 -17.91
N ARG C 286 18.27 18.22 -16.81
CA ARG C 286 17.30 17.39 -16.10
C ARG C 286 17.86 15.99 -15.82
N SER C 287 18.91 15.95 -15.03
CA SER C 287 19.52 14.69 -14.61
C SER C 287 20.39 14.90 -13.39
N GLN C 288 20.94 13.80 -12.85
CA GLN C 288 21.85 13.87 -11.72
C GLN C 288 23.01 12.91 -11.94
N PRO C 289 24.24 13.42 -11.77
CA PRO C 289 25.45 12.63 -11.98
C PRO C 289 25.39 11.31 -11.22
N THR C 290 25.75 10.22 -11.87
CA THR C 290 25.75 8.92 -11.22
C THR C 290 27.06 8.18 -11.40
N PHE C 291 27.72 8.40 -12.54
CA PHE C 291 29.00 7.75 -12.82
C PHE C 291 29.63 8.28 -14.11
N ILE C 292 30.95 8.38 -14.10
CA ILE C 292 31.70 8.81 -15.29
C ILE C 292 32.80 7.80 -15.58
N ILE C 293 32.81 7.27 -16.80
CA ILE C 293 33.75 6.23 -17.17
C ILE C 293 34.49 6.53 -18.47
N PRO C 294 35.81 6.30 -18.48
CA PRO C 294 36.65 6.50 -19.66
C PRO C 294 36.40 5.44 -20.72
N VAL C 295 36.23 5.88 -21.97
CA VAL C 295 36.06 4.96 -23.09
C VAL C 295 37.27 5.06 -24.01
N GLN C 296 38.16 4.08 -23.92
CA GLN C 296 39.41 4.10 -24.67
C GLN C 296 39.33 3.28 -25.96
N GLY C 297 39.90 3.81 -27.03
CA GLY C 297 39.90 3.14 -28.32
C GLY C 297 41.11 3.48 -29.15
N SER C 298 41.09 3.07 -30.41
CA SER C 298 42.23 3.28 -31.31
C SER C 298 42.46 4.76 -31.62
N SER C 299 41.37 5.51 -31.76
CA SER C 299 41.45 6.93 -32.10
C SER C 299 41.84 7.79 -30.90
N GLY C 300 41.46 7.35 -29.70
CA GLY C 300 41.77 8.09 -28.49
C GLY C 300 40.92 7.65 -27.32
N THR C 301 40.76 8.55 -26.35
CA THR C 301 39.98 8.25 -25.14
C THR C 301 38.98 9.35 -24.83
N SER C 302 37.70 9.01 -24.87
CA SER C 302 36.64 9.94 -24.50
C SER C 302 36.02 9.55 -23.16
N TYR C 303 35.35 10.49 -22.52
CA TYR C 303 34.74 10.23 -21.22
C TYR C 303 33.22 10.30 -21.27
N LEU C 304 32.57 9.21 -20.84
CA LEU C 304 31.12 9.12 -20.89
C LEU C 304 30.46 9.52 -19.57
N TYR C 305 29.61 10.54 -19.63
CA TYR C 305 28.85 10.96 -18.46
C TYR C 305 27.52 10.21 -18.36
N MET C 306 27.33 9.51 -17.25
CA MET C 306 26.07 8.82 -17.00
C MET C 306 25.27 9.60 -15.96
N GLY C 307 24.00 9.84 -16.26
CA GLY C 307 23.13 10.58 -15.35
C GLY C 307 21.77 9.94 -15.22
N ASP C 308 21.07 10.26 -14.14
CA ASP C 308 19.72 9.75 -13.92
C ASP C 308 18.69 10.87 -13.98
N ARG C 309 17.66 10.65 -14.78
CA ARG C 309 16.51 11.54 -14.81
C ARG C 309 15.41 10.96 -13.93
N TRP C 310 15.44 11.31 -12.65
CA TRP C 310 14.52 10.74 -11.66
C TRP C 310 13.07 11.14 -11.92
N ALA C 311 12.21 10.14 -12.04
CA ALA C 311 10.79 10.36 -12.27
C ALA C 311 10.12 11.03 -11.08
N GLY C 312 10.76 10.94 -9.92
CA GLY C 312 10.25 11.55 -8.71
C GLY C 312 10.14 13.07 -8.83
N ALA C 313 10.90 13.63 -9.76
CA ALA C 313 10.88 15.07 -9.99
C ALA C 313 9.51 15.53 -10.45
N TRP C 314 8.80 14.66 -11.16
CA TRP C 314 7.46 14.98 -11.63
C TRP C 314 6.40 14.06 -11.02
N GLY C 315 6.74 13.44 -9.89
CA GLY C 315 5.79 12.63 -9.14
C GLY C 315 5.64 11.21 -9.62
N GLY C 316 6.67 10.70 -10.30
CA GLY C 316 6.64 9.33 -10.79
C GLY C 316 7.39 8.37 -9.90
N LYS C 317 7.34 7.08 -10.24
CA LYS C 317 8.05 6.06 -9.48
C LYS C 317 9.52 6.00 -9.89
N VAL C 318 10.37 5.54 -8.99
CA VAL C 318 11.80 5.42 -9.27
C VAL C 318 12.04 4.56 -10.51
N ASN C 319 11.29 3.48 -10.64
CA ASN C 319 11.45 2.57 -11.77
C ASN C 319 11.09 3.21 -13.11
N ASP C 320 10.42 4.36 -13.06
CA ASP C 320 10.05 5.08 -14.27
C ASP C 320 11.11 6.11 -14.66
N SER C 321 12.22 6.12 -13.94
CA SER C 321 13.30 7.06 -14.19
C SER C 321 14.06 6.71 -15.47
N GLN C 322 14.47 7.73 -16.21
CA GLN C 322 15.20 7.54 -17.46
C GLN C 322 16.68 7.83 -17.27
N TYR C 323 17.45 7.69 -18.35
CA TYR C 323 18.90 7.89 -18.29
C TYR C 323 19.33 8.97 -19.27
N VAL C 324 20.35 9.73 -18.90
CA VAL C 324 20.90 10.76 -19.76
C VAL C 324 22.40 10.57 -19.96
N TRP C 325 22.80 10.15 -21.16
CA TRP C 325 24.21 9.93 -21.46
C TRP C 325 24.77 11.05 -22.32
N LEU C 326 25.87 11.65 -21.86
CA LEU C 326 26.50 12.76 -22.56
C LEU C 326 28.02 12.63 -22.51
N PRO C 327 28.71 13.19 -23.51
CA PRO C 327 30.18 13.19 -23.53
C PRO C 327 30.76 14.28 -22.62
N LEU C 328 31.71 13.90 -21.78
CA LEU C 328 32.43 14.86 -20.95
C LEU C 328 33.73 15.26 -21.63
N ASN C 329 33.79 16.50 -22.10
CA ASN C 329 34.95 16.97 -22.85
C ASN C 329 35.94 17.75 -22.00
N PHE C 330 37.23 17.49 -22.20
CA PHE C 330 38.28 18.21 -21.49
C PHE C 330 38.96 19.22 -22.40
N ILE C 331 38.43 20.44 -22.43
CA ILE C 331 39.04 21.51 -23.22
C ILE C 331 40.48 21.71 -22.78
N SER C 332 40.71 21.60 -21.48
CA SER C 332 42.04 21.65 -20.91
C SER C 332 42.06 20.86 -19.61
N ASP C 333 43.21 20.80 -18.95
CA ASP C 333 43.34 20.06 -17.70
C ASP C 333 42.56 20.75 -16.58
N THR C 334 42.16 21.99 -16.82
CA THR C 334 41.46 22.78 -15.80
C THR C 334 40.07 23.20 -16.25
N THR C 335 39.78 23.04 -17.54
CA THR C 335 38.49 23.45 -18.10
C THR C 335 37.71 22.27 -18.68
N LEU C 336 36.62 21.91 -18.00
CA LEU C 336 35.76 20.83 -18.46
C LEU C 336 34.44 21.37 -19.00
N GLU C 337 33.79 20.59 -19.86
CA GLU C 337 32.49 20.97 -20.38
C GLU C 337 31.60 19.75 -20.59
N LEU C 338 30.30 19.92 -20.35
CA LEU C 338 29.34 18.85 -20.54
C LEU C 338 28.21 19.31 -21.46
N PRO C 339 28.42 19.17 -22.77
CA PRO C 339 27.42 19.58 -23.77
C PRO C 339 26.20 18.67 -23.75
N TYR C 340 25.05 19.18 -24.18
CA TYR C 340 23.86 18.36 -24.31
C TYR C 340 23.54 18.07 -25.77
N TYR C 341 23.38 16.80 -26.09
CA TYR C 341 22.99 16.38 -27.43
C TYR C 341 21.79 15.46 -27.35
N ASP C 342 20.73 15.81 -28.07
CA ASP C 342 19.53 14.99 -28.09
C ASP C 342 19.86 13.59 -28.60
N SER C 343 20.86 13.52 -29.48
CA SER C 343 21.33 12.25 -30.00
C SER C 343 22.86 12.19 -29.96
N VAL C 344 23.38 11.19 -29.26
CA VAL C 344 24.83 11.05 -29.10
C VAL C 344 25.38 9.86 -29.88
N LYS C 345 26.52 10.06 -30.53
CA LYS C 345 27.15 9.02 -31.30
C LYS C 345 28.28 8.41 -30.48
N ILE C 346 28.23 7.09 -30.30
CA ILE C 346 29.24 6.39 -29.50
C ILE C 346 29.95 5.29 -30.29
N ASP C 347 31.24 5.50 -30.54
CA ASP C 347 32.06 4.49 -31.22
C ASP C 347 33.05 3.91 -30.23
N ALA C 348 32.63 2.85 -29.54
CA ALA C 348 33.45 2.24 -28.49
C ALA C 348 34.85 1.86 -28.98
N SER C 349 34.91 1.17 -30.11
CA SER C 349 36.18 0.70 -30.67
C SER C 349 37.13 1.87 -30.95
N SER C 350 36.58 2.97 -31.44
CA SER C 350 37.38 4.15 -31.77
C SER C 350 37.66 5.00 -30.53
N GLY C 351 36.82 4.85 -29.52
CA GLY C 351 36.94 5.66 -28.31
C GLY C 351 36.45 7.08 -28.56
N ILE C 352 35.41 7.19 -29.39
CA ILE C 352 34.87 8.50 -29.75
C ILE C 352 33.43 8.69 -29.29
N ILE C 353 33.17 9.78 -28.59
CA ILE C 353 31.83 10.14 -28.17
C ILE C 353 31.52 11.58 -28.56
N SER C 354 30.61 11.76 -29.51
CA SER C 354 30.30 13.08 -30.03
C SER C 354 28.82 13.23 -30.36
N GLU C 355 28.44 14.40 -30.87
CA GLU C 355 27.06 14.66 -31.26
C GLU C 355 26.73 13.99 -32.59
N TYR C 356 25.57 13.33 -32.65
CA TYR C 356 25.11 12.73 -33.89
C TYR C 356 24.24 13.72 -34.65
N ILE C 357 24.68 14.08 -35.86
CA ILE C 357 23.93 15.01 -36.70
C ILE C 357 23.09 14.24 -37.72
N PRO C 358 21.77 14.17 -37.50
CA PRO C 358 20.85 13.45 -38.39
C PRO C 358 20.97 13.92 -39.83
N ASP C 359 21.13 15.22 -40.02
CA ASP C 359 21.25 15.78 -41.37
C ASP C 359 22.62 16.43 -41.55
N THR C 360 23.50 15.75 -42.28
CA THR C 360 24.87 16.21 -42.47
C THR C 360 24.99 17.40 -43.43
N THR C 361 23.90 17.70 -44.13
CA THR C 361 23.89 18.80 -45.09
C THR C 361 24.57 20.05 -44.52
N ARG C 362 25.60 20.53 -45.22
CA ARG C 362 26.37 21.68 -44.75
C ARG C 362 25.93 22.96 -45.48
N TYR C 363 25.64 24.01 -44.71
CA TYR C 363 25.10 25.25 -45.26
C TYR C 363 26.03 26.44 -45.13
N LYS C 364 25.74 27.48 -45.89
CA LYS C 364 26.37 28.78 -45.75
C LYS C 364 25.27 29.83 -45.61
N LEU C 365 25.45 30.77 -44.70
CA LEU C 365 24.47 31.83 -44.48
C LEU C 365 24.97 33.17 -45.02
N VAL C 366 24.42 33.60 -46.14
CA VAL C 366 24.85 34.82 -46.79
C VAL C 366 23.91 35.98 -46.48
N ASN C 367 24.49 37.12 -46.13
CA ASN C 367 23.70 38.32 -45.85
C ASN C 367 23.35 39.06 -47.14
N LYS C 368 22.10 39.48 -47.26
CA LYS C 368 21.63 40.13 -48.49
C LYS C 368 22.31 41.48 -48.72
N ASN C 369 22.52 42.23 -47.65
CA ASN C 369 23.06 43.58 -47.75
C ASN C 369 24.56 43.60 -48.07
N SER C 370 25.33 42.76 -47.37
CA SER C 370 26.79 42.78 -47.51
C SER C 370 27.29 41.72 -48.49
N GLY C 371 26.58 40.60 -48.58
CA GLY C 371 27.00 39.49 -49.42
C GLY C 371 28.01 38.63 -48.69
N LYS C 372 28.35 39.02 -47.47
CA LYS C 372 29.27 38.26 -46.64
C LYS C 372 28.54 37.07 -46.01
N VAL C 373 29.30 36.10 -45.52
CA VAL C 373 28.72 34.89 -44.96
C VAL C 373 28.93 34.79 -43.45
N LEU C 374 28.03 34.10 -42.76
CA LEU C 374 28.13 33.90 -41.32
C LEU C 374 29.38 33.09 -41.02
N ASP C 375 30.22 33.60 -40.12
CA ASP C 375 31.50 32.99 -39.84
C ASP C 375 31.93 33.22 -38.39
N VAL C 376 32.96 32.51 -37.96
CA VAL C 376 33.51 32.69 -36.62
C VAL C 376 34.83 33.46 -36.68
N LEU C 377 34.99 34.41 -35.77
CA LEU C 377 36.19 35.26 -35.76
C LEU C 377 37.46 34.41 -35.68
N ASP C 378 38.37 34.65 -36.63
CA ASP C 378 39.63 33.92 -36.71
C ASP C 378 39.42 32.43 -37.00
N GLY C 379 38.19 32.07 -37.33
CA GLY C 379 37.84 30.67 -37.58
C GLY C 379 38.18 29.82 -36.37
N SER C 380 38.02 30.39 -35.19
CA SER C 380 38.39 29.71 -33.94
C SER C 380 37.42 28.60 -33.57
N VAL C 381 37.92 27.64 -32.79
CA VAL C 381 37.07 26.56 -32.28
C VAL C 381 36.89 26.74 -30.78
N ASP C 382 37.40 27.84 -30.24
CA ASP C 382 37.31 28.13 -28.82
C ASP C 382 35.88 28.49 -28.42
N ASN C 383 35.50 28.13 -27.21
CA ASN C 383 34.17 28.41 -26.68
C ASN C 383 33.94 29.92 -26.52
N ALA C 384 32.72 30.36 -26.79
CA ALA C 384 32.34 31.76 -26.63
C ALA C 384 33.02 32.68 -27.64
N ALA C 385 33.53 32.11 -28.73
CA ALA C 385 34.15 32.90 -29.79
C ALA C 385 33.12 33.81 -30.46
N GLN C 386 33.57 34.98 -30.89
CA GLN C 386 32.66 35.95 -31.50
C GLN C 386 32.25 35.55 -32.91
N ILE C 387 30.99 35.83 -33.25
CA ILE C 387 30.48 35.53 -34.58
C ILE C 387 30.49 36.77 -35.46
N VAL C 388 31.16 36.68 -36.60
CA VAL C 388 31.26 37.80 -37.54
C VAL C 388 30.92 37.34 -38.94
N GLN C 389 30.82 38.30 -39.87
CA GLN C 389 30.62 37.98 -41.27
C GLN C 389 31.96 38.07 -41.99
N TRP C 390 32.06 37.39 -43.14
CA TRP C 390 33.31 37.35 -43.87
C TRP C 390 33.08 36.99 -45.34
N THR C 391 33.99 37.40 -46.21
CA THR C 391 33.90 37.05 -47.62
C THR C 391 33.92 35.54 -47.79
N ASP C 392 33.07 35.05 -48.68
CA ASP C 392 33.00 33.62 -48.95
C ASP C 392 34.36 33.07 -49.34
N ASN C 393 34.97 32.30 -48.44
CA ASN C 393 36.28 31.70 -48.70
C ASN C 393 36.22 30.17 -48.67
N GLY C 394 35.02 29.62 -48.50
CA GLY C 394 34.79 28.19 -48.55
C GLY C 394 35.55 27.39 -47.50
N SER C 395 35.83 28.02 -46.36
CA SER C 395 36.50 27.32 -45.26
C SER C 395 35.46 26.65 -44.36
N LEU C 396 35.94 25.84 -43.42
CA LEU C 396 35.06 25.09 -42.53
C LEU C 396 34.31 25.97 -41.54
N SER C 397 34.97 27.03 -41.09
CA SER C 397 34.38 27.92 -40.09
C SER C 397 33.14 28.65 -40.61
N GLN C 398 32.93 28.59 -41.93
CA GLN C 398 31.79 29.25 -42.56
C GLN C 398 30.67 28.28 -42.88
N GLN C 399 30.86 27.01 -42.53
CA GLN C 399 29.88 25.98 -42.82
C GLN C 399 29.11 25.60 -41.56
N TRP C 400 27.80 25.42 -41.71
CA TRP C 400 26.94 25.16 -40.56
C TRP C 400 25.94 24.04 -40.82
N TYR C 401 25.64 23.26 -39.78
CA TYR C 401 24.60 22.24 -39.86
C TYR C 401 23.27 22.83 -39.40
N LEU C 402 22.19 22.10 -39.66
CA LEU C 402 20.87 22.47 -39.15
C LEU C 402 20.22 21.28 -38.46
N VAL C 403 20.18 21.32 -37.13
CA VAL C 403 19.64 20.22 -36.35
C VAL C 403 18.25 20.53 -35.83
N ASP C 404 17.31 19.63 -36.08
CA ASP C 404 15.96 19.76 -35.55
C ASP C 404 15.96 19.68 -34.03
N VAL C 405 15.38 20.68 -33.39
CA VAL C 405 15.35 20.75 -31.94
C VAL C 405 13.90 20.82 -31.44
N GLY C 406 12.96 20.68 -32.36
CA GLY C 406 11.54 20.65 -32.00
C GLY C 406 10.79 21.92 -32.37
N GLY C 407 9.51 21.75 -32.69
CA GLY C 407 8.64 22.87 -32.99
C GLY C 407 9.09 23.69 -34.20
N GLY C 408 9.86 23.06 -35.08
CA GLY C 408 10.33 23.73 -36.28
C GLY C 408 11.61 24.51 -36.06
N TYR C 409 11.96 24.72 -34.79
CA TYR C 409 13.18 25.45 -34.45
C TYR C 409 14.43 24.65 -34.80
N LYS C 410 15.52 25.35 -35.09
CA LYS C 410 16.75 24.71 -35.52
C LYS C 410 17.92 25.12 -34.64
N LYS C 411 18.91 24.23 -34.53
CA LYS C 411 20.15 24.55 -33.84
C LYS C 411 21.29 24.64 -34.85
N ILE C 412 21.77 25.85 -35.08
CA ILE C 412 22.82 26.09 -36.07
C ILE C 412 24.20 25.71 -35.54
N VAL C 413 24.70 24.56 -35.96
CA VAL C 413 25.96 24.04 -35.46
C VAL C 413 27.10 24.30 -36.45
N ASN C 414 28.20 24.84 -35.94
CA ASN C 414 29.39 25.09 -36.77
C ASN C 414 30.09 23.79 -37.10
N VAL C 415 30.40 23.58 -38.38
CA VAL C 415 31.03 22.34 -38.82
C VAL C 415 32.42 22.15 -38.22
N LYS C 416 33.17 23.24 -38.11
CA LYS C 416 34.53 23.18 -37.60
C LYS C 416 34.57 22.98 -36.09
N SER C 417 34.02 23.95 -35.35
CA SER C 417 34.07 23.92 -33.90
C SER C 417 33.15 22.85 -33.30
N GLY C 418 32.00 22.65 -33.93
CA GLY C 418 31.02 21.71 -33.42
C GLY C 418 30.13 22.36 -32.39
N ARG C 419 30.27 23.67 -32.24
CA ARG C 419 29.50 24.44 -31.27
C ARG C 419 28.29 25.10 -31.92
N ALA C 420 27.28 25.42 -31.12
CA ALA C 420 26.03 25.96 -31.63
C ALA C 420 25.99 27.48 -31.59
N LEU C 421 25.37 28.08 -32.60
CA LEU C 421 25.14 29.52 -32.62
C LEU C 421 24.38 29.90 -31.36
N ASP C 422 24.86 30.94 -30.67
CA ASP C 422 24.37 31.24 -29.34
C ASP C 422 24.29 32.74 -29.07
N VAL C 423 23.19 33.17 -28.45
CA VAL C 423 23.04 34.56 -28.01
C VAL C 423 23.66 34.72 -26.63
N LYS C 424 24.80 35.42 -26.57
CA LYS C 424 25.56 35.56 -25.33
C LYS C 424 24.71 35.92 -24.12
N ASP C 425 24.88 35.12 -23.05
CA ASP C 425 24.24 35.41 -21.77
C ASP C 425 22.71 35.50 -21.85
N GLU C 426 22.13 34.80 -22.81
CA GLU C 426 20.67 34.77 -22.96
C GLU C 426 20.08 36.18 -22.98
N SER C 427 20.80 37.11 -23.61
CA SER C 427 20.36 38.51 -23.67
C SER C 427 19.03 38.66 -24.40
N LYS C 428 18.31 39.73 -24.08
CA LYS C 428 17.05 40.03 -24.74
C LYS C 428 17.04 41.46 -25.28
N GLU C 429 18.22 42.08 -25.34
CA GLU C 429 18.33 43.47 -25.75
C GLU C 429 18.89 43.60 -27.17
N ASP C 430 18.58 44.70 -27.83
CA ASP C 430 19.13 44.99 -29.15
C ASP C 430 20.65 45.05 -29.06
N GLY C 431 21.33 44.60 -30.11
CA GLY C 431 22.79 44.65 -30.14
C GLY C 431 23.44 43.54 -29.34
N GLY C 432 22.62 42.63 -28.81
CA GLY C 432 23.13 41.49 -28.07
C GLY C 432 24.02 40.63 -28.95
N VAL C 433 25.31 40.62 -28.64
CA VAL C 433 26.30 39.91 -29.44
C VAL C 433 26.00 38.42 -29.58
N LEU C 434 26.35 37.85 -30.73
CA LEU C 434 26.20 36.42 -30.97
C LEU C 434 27.56 35.73 -30.92
N ILE C 435 27.58 34.53 -30.35
CA ILE C 435 28.81 33.76 -30.22
C ILE C 435 28.54 32.28 -30.48
N GLN C 436 29.60 31.49 -30.61
CA GLN C 436 29.45 30.05 -30.66
C GLN C 436 29.71 29.48 -29.28
N TYR C 437 28.81 28.62 -28.82
CA TYR C 437 28.90 28.12 -27.44
C TYR C 437 28.58 26.64 -27.35
N THR C 438 28.95 26.04 -26.22
CA THR C 438 28.67 24.63 -25.96
C THR C 438 27.16 24.40 -25.95
N SER C 439 26.70 23.43 -26.72
CA SER C 439 25.28 23.11 -26.78
C SER C 439 24.74 22.83 -25.38
N ASN C 440 23.77 23.63 -24.95
CA ASN C 440 23.22 23.49 -23.61
C ASN C 440 21.69 23.43 -23.60
N GLY C 441 21.10 23.26 -24.79
CA GLY C 441 19.66 23.10 -24.90
C GLY C 441 18.87 24.35 -24.57
N GLY C 442 19.57 25.47 -24.38
CA GLY C 442 18.92 26.73 -24.07
C GLY C 442 18.18 27.29 -25.27
N TYR C 443 17.14 28.07 -25.01
CA TYR C 443 16.36 28.68 -26.09
C TYR C 443 17.15 29.75 -26.83
N ASN C 444 18.26 30.18 -26.23
CA ASN C 444 19.13 31.15 -26.88
C ASN C 444 20.02 30.49 -27.92
N GLN C 445 19.80 29.19 -28.12
CA GLN C 445 20.52 28.44 -29.14
C GLN C 445 19.56 27.87 -30.18
N HIS C 446 18.27 28.15 -30.00
CA HIS C 446 17.24 27.70 -30.92
C HIS C 446 16.82 28.85 -31.84
N TRP C 447 16.66 28.56 -33.12
CA TRP C 447 16.36 29.60 -34.11
C TRP C 447 15.19 29.24 -35.01
N LYS C 448 14.39 30.24 -35.37
CA LYS C 448 13.26 30.04 -36.26
C LYS C 448 13.54 30.65 -37.64
N PHE C 449 13.30 29.87 -38.68
CA PHE C 449 13.51 30.32 -40.06
C PHE C 449 12.20 30.77 -40.70
N THR C 450 12.07 32.08 -40.89
CA THR C 450 10.88 32.63 -41.53
C THR C 450 11.18 33.01 -42.97
N ASP C 451 10.45 32.40 -43.91
CA ASP C 451 10.66 32.64 -45.33
C ASP C 451 10.14 34.01 -45.74
N ILE C 452 10.99 34.79 -46.39
CA ILE C 452 10.60 36.13 -46.85
C ILE C 452 10.76 36.27 -48.35
N GLY C 453 10.92 35.15 -49.05
CA GLY C 453 11.01 35.13 -50.49
C GLY C 453 12.40 35.29 -51.04
N ASP C 454 12.58 34.92 -52.30
CA ASP C 454 13.86 35.04 -52.99
C ASP C 454 14.97 34.25 -52.30
N GLY C 455 14.59 33.27 -51.49
CA GLY C 455 15.54 32.41 -50.83
C GLY C 455 16.19 33.03 -49.61
N TYR C 456 15.58 34.10 -49.10
CA TYR C 456 16.08 34.75 -47.90
C TYR C 456 15.18 34.49 -46.70
N TYR C 457 15.76 34.55 -45.50
CA TYR C 457 15.03 34.25 -44.28
C TYR C 457 15.24 35.32 -43.21
N LYS C 458 14.32 35.36 -42.25
CA LYS C 458 14.49 36.16 -41.05
C LYS C 458 14.67 35.24 -39.86
N ILE C 459 15.92 34.92 -39.55
CA ILE C 459 16.23 33.97 -38.48
C ILE C 459 16.10 34.60 -37.10
N SER C 460 15.05 34.24 -36.39
CA SER C 460 14.78 34.81 -35.07
C SER C 460 15.15 33.85 -33.95
N SER C 461 15.50 34.40 -32.79
CA SER C 461 15.81 33.61 -31.61
C SER C 461 14.53 33.17 -30.92
N ARG C 462 14.54 31.96 -30.36
CA ARG C 462 13.38 31.42 -29.68
C ARG C 462 13.16 32.09 -28.33
N HIS C 463 14.21 32.74 -27.83
CA HIS C 463 14.17 33.36 -26.51
C HIS C 463 13.37 34.67 -26.51
N CYS C 464 13.79 35.62 -27.34
CA CYS C 464 13.15 36.93 -27.37
C CYS C 464 12.46 37.23 -28.71
N GLY C 465 12.89 36.55 -29.77
CA GLY C 465 12.30 36.73 -31.07
C GLY C 465 13.05 37.71 -31.95
N LYS C 466 14.24 38.12 -31.51
CA LYS C 466 15.05 39.06 -32.28
C LYS C 466 15.83 38.32 -33.37
N LEU C 467 16.09 39.02 -34.47
CA LEU C 467 16.70 38.40 -35.65
C LEU C 467 18.22 38.47 -35.62
N ILE C 468 18.86 37.54 -36.32
CA ILE C 468 20.30 37.60 -36.55
C ILE C 468 20.57 38.87 -37.36
N ASP C 469 21.48 39.70 -36.87
CA ASP C 469 21.67 41.03 -37.43
C ASP C 469 23.15 41.36 -37.60
N VAL C 470 23.49 41.99 -38.73
CA VAL C 470 24.84 42.51 -38.93
C VAL C 470 24.92 43.92 -38.37
N ARG C 471 25.72 44.09 -37.32
CA ARG C 471 25.81 45.36 -36.61
C ARG C 471 26.08 46.54 -37.54
N LYS C 472 25.20 47.53 -37.50
CA LYS C 472 25.39 48.78 -38.24
C LYS C 472 25.42 48.60 -39.76
N TRP C 473 24.76 47.55 -40.25
CA TRP C 473 24.71 47.29 -41.68
C TRP C 473 26.10 47.18 -42.28
N SER C 474 27.05 46.68 -41.50
CA SER C 474 28.43 46.56 -41.95
C SER C 474 28.53 45.74 -43.24
N THR C 475 29.42 46.17 -44.13
CA THR C 475 29.64 45.47 -45.40
C THR C 475 31.09 45.03 -45.52
N GLU C 476 31.75 44.87 -44.38
CA GLU C 476 33.17 44.53 -44.36
C GLU C 476 33.45 43.24 -43.59
N ASP C 477 34.66 42.72 -43.73
CA ASP C 477 35.07 41.53 -42.99
C ASP C 477 35.20 41.86 -41.50
N GLY C 478 34.77 40.93 -40.66
CA GLY C 478 34.87 41.11 -39.22
C GLY C 478 33.67 41.82 -38.63
N GLY C 479 32.66 42.06 -39.46
CA GLY C 479 31.45 42.71 -39.02
C GLY C 479 30.75 41.90 -37.93
N ILE C 480 30.64 42.47 -36.74
CA ILE C 480 30.05 41.78 -35.61
C ILE C 480 28.61 41.34 -35.89
N ILE C 481 28.31 40.08 -35.60
CA ILE C 481 26.96 39.55 -35.73
C ILE C 481 26.26 39.60 -34.38
N GLN C 482 25.07 40.20 -34.36
CA GLN C 482 24.32 40.38 -33.12
C GLN C 482 22.86 40.05 -33.34
N GLN C 483 22.04 40.29 -32.33
CA GLN C 483 20.60 40.16 -32.46
C GLN C 483 19.97 41.56 -32.43
N TRP C 484 18.81 41.69 -33.08
CA TRP C 484 18.14 42.99 -33.15
C TRP C 484 16.68 42.81 -33.55
N SER C 485 15.85 43.75 -33.12
CA SER C 485 14.43 43.74 -33.48
C SER C 485 14.24 43.79 -34.99
N ASP C 486 13.17 43.17 -35.48
CA ASP C 486 12.89 43.15 -36.91
C ASP C 486 12.67 44.56 -37.43
N ALA C 487 13.67 45.08 -38.15
CA ALA C 487 13.61 46.44 -38.67
C ALA C 487 13.38 46.44 -40.19
N GLY C 488 13.11 45.26 -40.75
CA GLY C 488 12.87 45.13 -42.17
C GLY C 488 14.06 45.53 -43.02
N GLY C 489 15.24 45.45 -42.44
CA GLY C 489 16.47 45.80 -43.15
C GLY C 489 17.13 44.60 -43.80
N THR C 490 17.82 44.84 -44.91
CA THR C 490 18.48 43.77 -45.65
C THR C 490 19.67 43.19 -44.88
N ASN C 491 20.09 43.89 -43.83
CA ASN C 491 21.17 43.40 -42.99
C ASN C 491 20.67 42.34 -42.01
N GLN C 492 19.37 42.08 -42.05
CA GLN C 492 18.76 41.09 -41.18
C GLN C 492 18.29 39.88 -41.97
N HIS C 493 18.42 39.95 -43.29
CA HIS C 493 17.95 38.89 -44.18
C HIS C 493 19.09 38.01 -44.65
N TRP C 494 18.93 36.70 -44.45
CA TRP C 494 19.98 35.75 -44.78
C TRP C 494 19.54 34.71 -45.81
N LYS C 495 20.47 34.30 -46.66
CA LYS C 495 20.19 33.31 -47.70
C LYS C 495 20.85 31.98 -47.36
N LEU C 496 20.03 30.94 -47.23
CA LEU C 496 20.53 29.61 -46.93
C LEU C 496 21.07 28.97 -48.20
N VAL C 497 22.37 28.68 -48.22
CA VAL C 497 23.02 28.16 -49.42
C VAL C 497 23.79 26.87 -49.16
N LEU C 498 23.72 25.94 -50.11
CA LEU C 498 24.45 24.68 -50.01
C LEU C 498 25.93 24.88 -50.33
N VAL C 499 26.78 24.11 -49.64
CA VAL C 499 28.22 24.20 -49.85
C VAL C 499 28.66 23.33 -51.02
N GLU D 39 23.76 -43.90 34.24
CA GLU D 39 23.88 -43.63 32.81
C GLU D 39 23.97 -42.12 32.54
N GLY D 40 24.08 -41.34 33.61
CA GLY D 40 24.24 -39.91 33.49
C GLY D 40 25.67 -39.49 33.76
N VAL D 41 26.62 -40.31 33.31
CA VAL D 41 28.03 -40.07 33.55
C VAL D 41 28.86 -40.25 32.28
N ILE D 42 29.88 -39.41 32.11
CA ILE D 42 30.80 -39.53 31.00
C ILE D 42 32.20 -39.87 31.51
N VAL D 43 32.95 -40.62 30.71
CA VAL D 43 34.30 -41.00 31.08
C VAL D 43 35.33 -40.00 30.55
N ASN D 44 36.05 -39.34 31.45
CA ASN D 44 37.04 -38.35 31.07
C ASN D 44 38.23 -38.97 30.33
N GLY D 45 39.00 -38.13 29.65
CA GLY D 45 40.17 -38.59 28.92
C GLY D 45 39.82 -39.53 27.78
N THR D 46 38.61 -39.39 27.25
CA THR D 46 38.18 -40.22 26.12
C THR D 46 37.42 -39.40 25.10
N GLN D 47 37.09 -40.02 23.97
CA GLN D 47 36.29 -39.37 22.95
C GLN D 47 34.83 -39.80 23.05
N PHE D 48 33.98 -38.88 23.47
CA PHE D 48 32.56 -39.16 23.63
C PHE D 48 31.97 -39.56 22.29
N LYS D 49 30.83 -40.26 22.33
CA LYS D 49 30.16 -40.70 21.11
C LYS D 49 28.71 -40.24 21.04
N ASP D 50 28.26 -39.89 19.85
CA ASP D 50 26.89 -39.45 19.65
C ASP D 50 25.92 -40.63 19.68
N THR D 51 24.64 -40.35 19.47
CA THR D 51 23.61 -41.38 19.52
C THR D 51 23.77 -42.40 18.41
N SER D 52 24.64 -42.10 17.45
CA SER D 52 24.89 -42.98 16.31
C SER D 52 26.09 -43.89 16.53
N GLY D 53 26.67 -43.81 17.73
CA GLY D 53 27.82 -44.62 18.07
C GLY D 53 29.10 -44.16 17.41
N ASN D 54 29.11 -42.92 16.94
CA ASN D 54 30.28 -42.36 16.28
C ASN D 54 31.01 -41.36 17.18
N VAL D 55 32.33 -41.28 17.03
CA VAL D 55 33.13 -40.35 17.81
C VAL D 55 32.79 -38.90 17.46
N ILE D 56 32.27 -38.16 18.43
CA ILE D 56 31.91 -36.77 18.20
C ILE D 56 33.15 -35.88 18.11
N HIS D 57 33.15 -34.99 17.13
CA HIS D 57 34.29 -34.12 16.88
C HIS D 57 33.95 -32.64 17.08
N ALA D 58 34.06 -32.18 18.33
CA ALA D 58 33.81 -30.79 18.66
C ALA D 58 34.95 -30.26 19.52
N HIS D 59 36.11 -30.06 18.92
CA HIS D 59 37.30 -29.66 19.64
C HIS D 59 37.38 -28.15 19.84
N GLY D 60 37.96 -27.73 20.96
CA GLY D 60 38.11 -26.32 21.27
C GLY D 60 36.82 -25.54 21.12
N GLY D 61 35.69 -26.22 21.31
CA GLY D 61 34.40 -25.60 21.13
C GLY D 61 33.79 -25.07 22.41
N GLY D 62 32.52 -24.67 22.33
CA GLY D 62 31.80 -24.16 23.48
C GLY D 62 30.36 -24.65 23.50
N MET D 63 29.60 -24.21 24.49
CA MET D 63 28.20 -24.62 24.61
C MET D 63 27.24 -23.44 24.75
N LEU D 64 26.03 -23.63 24.23
CA LEU D 64 24.98 -22.62 24.32
C LEU D 64 23.66 -23.27 24.69
N LYS D 65 23.00 -22.74 25.70
CA LYS D 65 21.70 -23.25 26.12
C LYS D 65 20.57 -22.37 25.57
N HIS D 66 19.70 -22.97 24.77
CA HIS D 66 18.59 -22.24 24.18
C HIS D 66 17.35 -23.12 24.08
N GLY D 67 16.41 -22.92 24.99
CA GLY D 67 15.19 -23.71 25.02
C GLY D 67 15.33 -24.95 25.89
N ASP D 68 15.04 -26.10 25.30
CA ASP D 68 15.14 -27.37 26.01
C ASP D 68 16.48 -28.06 25.74
N TYR D 69 17.09 -27.70 24.62
CA TYR D 69 18.32 -28.36 24.19
C TYR D 69 19.58 -27.59 24.54
N TYR D 70 20.62 -28.31 24.95
CA TYR D 70 21.95 -27.75 25.08
C TYR D 70 22.70 -27.98 23.78
N TYR D 71 23.31 -26.92 23.25
CA TYR D 71 24.03 -27.02 21.98
C TYR D 71 25.53 -26.96 22.17
N TRP D 72 26.23 -27.92 21.57
CA TRP D 72 27.68 -28.01 21.68
C TRP D 72 28.33 -27.85 20.30
N TYR D 73 29.05 -26.75 20.12
CA TYR D 73 29.75 -26.49 18.87
C TYR D 73 31.24 -26.75 19.03
N GLY D 74 31.88 -27.18 17.95
CA GLY D 74 33.31 -27.46 17.98
C GLY D 74 33.93 -27.59 16.60
N GLU D 75 35.26 -27.65 16.56
CA GLU D 75 36.00 -27.72 15.30
C GLU D 75 36.50 -29.14 15.04
N TYR D 76 36.82 -29.45 13.79
CA TYR D 76 37.46 -30.71 13.44
C TYR D 76 38.13 -30.64 12.06
N ARG D 77 39.35 -31.13 11.98
CA ARG D 77 40.16 -30.98 10.77
C ARG D 77 39.88 -32.02 9.70
N ASP D 78 40.65 -31.95 8.63
CA ASP D 78 40.56 -32.91 7.53
C ASP D 78 41.85 -33.72 7.41
N ASP D 79 42.28 -33.99 6.19
CA ASP D 79 43.47 -34.79 5.92
C ASP D 79 44.73 -33.98 6.17
N SER D 80 44.74 -32.74 5.68
CA SER D 80 45.91 -31.87 5.74
C SER D 80 45.88 -31.03 7.01
N ASN D 81 45.18 -31.51 8.03
CA ASN D 81 45.05 -30.78 9.28
C ASN D 81 44.49 -29.37 9.10
N LEU D 82 43.68 -29.19 8.05
CA LEU D 82 43.04 -27.92 7.78
C LEU D 82 41.59 -27.91 8.26
N PHE D 83 41.03 -26.72 8.43
CA PHE D 83 39.64 -26.59 8.84
C PHE D 83 38.72 -27.31 7.86
N LEU D 84 37.89 -28.22 8.38
CA LEU D 84 36.96 -28.97 7.54
C LEU D 84 35.51 -28.55 7.82
N GLY D 85 35.25 -28.14 9.05
CA GLY D 85 33.90 -27.72 9.42
C GLY D 85 33.70 -27.62 10.93
N VAL D 86 32.67 -26.88 11.30
CA VAL D 86 32.26 -26.76 12.71
C VAL D 86 31.01 -27.58 12.94
N SER D 87 31.09 -28.53 13.87
CA SER D 87 29.98 -29.46 14.10
C SER D 87 29.04 -28.95 15.19
N CYS D 88 27.83 -29.50 15.22
CA CYS D 88 26.83 -29.12 16.20
C CYS D 88 26.21 -30.35 16.85
N TYR D 89 26.13 -30.35 18.18
CA TYR D 89 25.54 -31.46 18.91
C TYR D 89 24.55 -30.95 19.95
N ARG D 90 23.35 -31.53 19.96
CA ARG D 90 22.33 -31.12 20.92
C ARG D 90 21.95 -32.27 21.85
N SER D 91 21.65 -31.92 23.10
CA SER D 91 21.23 -32.91 24.09
C SER D 91 20.57 -32.23 25.29
N LYS D 92 19.66 -32.94 25.93
CA LYS D 92 18.95 -32.42 27.08
C LYS D 92 19.61 -32.87 28.39
N ASP D 93 20.31 -34.01 28.34
CA ASP D 93 20.92 -34.58 29.54
C ASP D 93 22.41 -34.27 29.64
N LEU D 94 22.98 -33.72 28.57
CA LEU D 94 24.40 -33.38 28.54
C LEU D 94 25.30 -34.61 28.52
N VAL D 95 24.73 -35.76 28.17
CA VAL D 95 25.50 -37.00 28.07
C VAL D 95 25.26 -37.67 26.72
N ASN D 96 24.00 -37.82 26.35
CA ASN D 96 23.62 -38.41 25.07
C ASN D 96 23.42 -37.32 24.01
N TRP D 97 24.44 -37.08 23.21
CA TRP D 97 24.42 -36.01 22.23
C TRP D 97 23.99 -36.48 20.85
N GLU D 98 23.01 -35.79 20.28
CA GLU D 98 22.57 -36.06 18.92
C GLU D 98 23.36 -35.21 17.94
N TYR D 99 23.89 -35.83 16.90
CA TYR D 99 24.73 -35.13 15.93
C TYR D 99 23.92 -34.42 14.85
N ARG D 100 23.93 -33.09 14.90
CA ARG D 100 23.31 -32.28 13.86
C ARG D 100 24.37 -32.00 12.79
N GLY D 101 23.95 -31.46 11.65
CA GLY D 101 24.86 -31.20 10.56
C GLY D 101 25.98 -30.24 10.89
N GLU D 102 26.78 -29.92 9.89
CA GLU D 102 27.87 -28.96 10.05
C GLU D 102 27.35 -27.54 9.91
N VAL D 103 27.28 -26.82 11.04
CA VAL D 103 26.78 -25.45 11.03
C VAL D 103 27.62 -24.55 10.14
N LEU D 104 28.89 -24.89 10.00
CA LEU D 104 29.81 -24.13 9.15
C LEU D 104 30.83 -25.08 8.54
N SER D 105 31.00 -25.02 7.22
CA SER D 105 31.94 -25.89 6.54
C SER D 105 33.00 -25.10 5.78
N ARG D 106 33.94 -25.81 5.18
CA ARG D 106 34.99 -25.19 4.38
C ARG D 106 34.43 -24.65 3.07
N ASN D 107 33.17 -24.97 2.80
CA ASN D 107 32.49 -24.51 1.58
C ASN D 107 31.51 -23.38 1.86
N SER D 108 31.49 -22.90 3.10
CA SER D 108 30.60 -21.81 3.48
C SER D 108 31.13 -20.48 2.98
N ALA D 109 32.38 -20.48 2.52
CA ALA D 109 33.01 -19.28 2.00
C ALA D 109 34.34 -19.62 1.33
N PRO D 110 34.71 -18.88 0.28
CA PRO D 110 35.95 -19.12 -0.47
C PRO D 110 37.17 -19.13 0.44
N GLU D 111 37.29 -18.16 1.33
CA GLU D 111 38.47 -18.06 2.19
C GLU D 111 38.51 -19.15 3.25
N LEU D 112 37.47 -19.98 3.29
CA LEU D 112 37.41 -21.09 4.24
C LEU D 112 37.79 -22.41 3.56
N ASN D 113 38.00 -22.35 2.25
CA ASN D 113 38.37 -23.54 1.48
C ASN D 113 39.69 -24.14 1.95
N HIS D 114 40.63 -23.26 2.30
CA HIS D 114 41.97 -23.67 2.73
C HIS D 114 42.46 -22.76 3.85
N CYS D 115 42.06 -23.06 5.07
CA CYS D 115 42.39 -22.20 6.20
C CYS D 115 42.42 -22.94 7.54
N ASN D 116 42.75 -22.20 8.60
CA ASN D 116 42.72 -22.74 9.96
C ASN D 116 41.72 -21.99 10.83
N ILE D 117 40.69 -22.69 11.26
CA ILE D 117 39.72 -22.10 12.18
C ILE D 117 39.85 -22.73 13.56
N GLU D 118 39.90 -21.90 14.59
CA GLU D 118 40.10 -22.39 15.96
C GLU D 118 39.12 -21.79 16.95
N ARG D 119 38.76 -22.59 17.95
CA ARG D 119 37.94 -22.15 19.06
C ARG D 119 36.68 -21.40 18.63
N PRO D 120 35.76 -22.10 17.95
CA PRO D 120 34.49 -21.52 17.53
C PRO D 120 33.49 -21.47 18.67
N LYS D 121 32.91 -20.29 18.91
CA LYS D 121 31.92 -20.13 19.97
C LYS D 121 30.63 -19.56 19.40
N VAL D 122 29.52 -19.84 20.07
CA VAL D 122 28.21 -19.35 19.62
C VAL D 122 27.44 -18.71 20.77
N MET D 123 26.82 -17.57 20.49
CA MET D 123 26.05 -16.85 21.49
C MET D 123 24.67 -16.51 20.94
N TYR D 124 23.74 -16.14 21.82
CA TYR D 124 22.39 -15.78 21.40
C TYR D 124 22.07 -14.32 21.71
N ASN D 125 21.61 -13.60 20.69
CA ASN D 125 21.22 -12.21 20.85
C ASN D 125 19.72 -12.08 21.11
N ALA D 126 19.37 -11.66 22.32
CA ALA D 126 17.97 -11.58 22.73
C ALA D 126 17.13 -10.69 21.82
N SER D 127 17.68 -9.52 21.48
CA SER D 127 16.94 -8.55 20.68
C SER D 127 16.74 -9.02 19.24
N THR D 128 17.83 -9.33 18.56
CA THR D 128 17.78 -9.72 17.15
C THR D 128 17.09 -11.08 16.97
N GLY D 129 17.40 -12.02 17.86
CA GLY D 129 16.81 -13.34 17.80
C GLY D 129 17.60 -14.30 16.93
N GLU D 130 18.82 -13.92 16.59
CA GLU D 130 19.69 -14.76 15.78
C GLU D 130 20.97 -15.14 16.53
N PHE D 131 21.60 -16.23 16.10
CA PHE D 131 22.79 -16.73 16.75
C PHE D 131 24.06 -16.24 16.06
N VAL D 132 24.92 -15.56 16.80
CA VAL D 132 26.17 -15.05 16.25
C VAL D 132 27.34 -15.95 16.67
N MET D 133 28.17 -16.31 15.69
CA MET D 133 29.28 -17.23 15.92
C MET D 133 30.64 -16.57 15.68
N TRP D 134 31.46 -16.54 16.72
CA TRP D 134 32.81 -15.99 16.62
C TRP D 134 33.86 -17.10 16.62
N MET D 135 35.02 -16.82 16.04
CA MET D 135 36.06 -17.83 15.92
C MET D 135 37.42 -17.21 15.61
N HIS D 136 38.44 -18.06 15.49
CA HIS D 136 39.80 -17.62 15.18
C HIS D 136 40.21 -18.13 13.81
N TRP D 137 40.63 -17.22 12.93
CA TRP D 137 40.92 -17.58 11.54
C TRP D 137 42.40 -17.41 11.17
N GLU D 138 42.92 -18.36 10.41
CA GLU D 138 44.28 -18.29 9.89
C GLU D 138 44.31 -18.74 8.43
N ASN D 139 45.28 -18.24 7.68
CA ASN D 139 45.31 -18.48 6.23
C ASN D 139 45.61 -19.93 5.83
N GLY D 140 46.11 -20.72 6.77
CA GLY D 140 46.35 -22.14 6.50
C GLY D 140 47.80 -22.49 6.20
N ILE D 141 48.63 -21.49 5.94
CA ILE D 141 50.05 -21.72 5.68
C ILE D 141 50.91 -21.15 6.80
N ASN D 142 50.34 -20.21 7.55
CA ASN D 142 51.01 -19.63 8.71
C ASN D 142 50.03 -19.00 9.69
N TYR D 143 50.56 -18.33 10.71
CA TYR D 143 49.73 -17.70 11.73
C TYR D 143 49.98 -16.19 11.78
N GLY D 144 50.26 -15.59 10.63
CA GLY D 144 50.56 -14.18 10.56
C GLY D 144 49.32 -13.30 10.58
N GLN D 145 48.25 -13.78 9.97
CA GLN D 145 47.02 -12.99 9.86
C GLN D 145 46.35 -12.77 11.21
N ALA D 146 46.21 -13.84 11.99
CA ALA D 146 45.60 -13.76 13.31
C ALA D 146 44.35 -12.89 13.30
N ARG D 147 43.29 -13.41 12.68
CA ARG D 147 42.05 -12.66 12.56
C ARG D 147 40.93 -13.27 13.41
N ALA D 148 39.86 -12.51 13.58
CA ALA D 148 38.63 -13.01 14.16
C ALA D 148 37.60 -13.13 13.04
N ALA D 149 36.76 -14.17 13.10
CA ALA D 149 35.76 -14.39 12.06
C ALA D 149 34.36 -14.47 12.65
N VAL D 150 33.37 -14.05 11.88
CA VAL D 150 31.99 -14.01 12.37
C VAL D 150 31.03 -14.70 11.40
N ALA D 151 30.01 -15.33 11.96
CA ALA D 151 28.93 -15.94 11.18
C ALA D 151 27.64 -15.83 11.95
N TYR D 152 26.51 -15.97 11.26
CA TYR D 152 25.21 -15.87 11.91
C TYR D 152 24.17 -16.79 11.28
N SER D 153 23.15 -17.11 12.06
CA SER D 153 22.07 -17.99 11.59
C SER D 153 20.81 -17.79 12.44
N LYS D 154 19.65 -17.90 11.80
CA LYS D 154 18.38 -17.77 12.50
C LYS D 154 18.17 -18.93 13.45
N THR D 155 18.66 -20.10 13.06
CA THR D 155 18.52 -21.32 13.87
C THR D 155 19.86 -21.71 14.50
N PRO D 156 19.81 -22.42 15.64
CA PRO D 156 21.03 -22.83 16.35
C PRO D 156 21.77 -23.96 15.65
N ASP D 157 21.04 -24.92 15.11
CA ASP D 157 21.67 -26.07 14.43
C ASP D 157 21.62 -25.95 12.91
N GLY D 158 21.19 -24.79 12.42
CA GLY D 158 21.12 -24.55 10.99
C GLY D 158 22.45 -24.10 10.43
N LYS D 159 22.61 -24.19 9.12
CA LYS D 159 23.86 -23.80 8.48
C LYS D 159 24.08 -22.29 8.52
N PHE D 160 25.09 -21.86 9.27
CA PHE D 160 25.42 -20.45 9.41
C PHE D 160 25.92 -19.86 8.10
N THR D 161 25.67 -18.57 7.91
CA THR D 161 26.18 -17.85 6.74
C THR D 161 27.39 -17.02 7.13
N TYR D 162 28.51 -17.27 6.46
CA TYR D 162 29.77 -16.61 6.78
C TYR D 162 29.71 -15.12 6.46
N ILE D 163 30.19 -14.29 7.39
CA ILE D 163 30.23 -12.85 7.19
C ILE D 163 31.59 -12.41 6.66
N ARG D 164 32.61 -12.46 7.53
CA ARG D 164 33.94 -12.01 7.17
C ARG D 164 34.97 -12.38 8.22
N SER D 165 36.24 -12.08 7.93
CA SER D 165 37.32 -12.23 8.89
C SER D 165 38.12 -10.95 8.91
N PHE D 166 38.53 -10.52 10.10
CA PHE D 166 39.20 -9.23 10.25
C PHE D 166 40.04 -9.15 11.51
N ARG D 167 40.97 -8.20 11.54
CA ARG D 167 41.72 -7.88 12.74
C ARG D 167 41.08 -6.67 13.42
N PRO D 168 40.60 -6.86 14.66
CA PRO D 168 39.89 -5.82 15.42
C PRO D 168 40.61 -4.48 15.37
N MET D 169 39.84 -3.40 15.32
CA MET D 169 40.38 -2.04 15.31
C MET D 169 41.31 -1.80 14.12
N GLN D 170 40.96 -2.40 12.98
CA GLN D 170 41.74 -2.25 11.75
C GLN D 170 41.77 -0.82 11.26
N ASP D 171 40.65 -0.10 11.40
CA ASP D 171 40.52 1.24 10.84
C ASP D 171 40.94 2.34 11.80
N THR D 172 41.39 1.97 13.00
CA THR D 172 41.83 2.95 13.99
C THR D 172 43.27 3.38 13.73
N GLY D 173 43.93 2.69 12.80
CA GLY D 173 45.29 3.02 12.43
C GLY D 173 46.32 2.33 13.31
N VAL D 174 45.84 1.54 14.26
CA VAL D 174 46.73 0.83 15.19
C VAL D 174 47.46 -0.29 14.47
N MET D 175 48.72 -0.49 14.85
CA MET D 175 49.55 -1.53 14.26
C MET D 175 49.99 -2.54 15.31
N ASP D 176 49.73 -3.82 15.05
CA ASP D 176 50.09 -4.88 15.99
C ASP D 176 51.05 -5.88 15.34
N HIS D 177 52.33 -5.56 15.37
CA HIS D 177 53.37 -6.45 14.87
C HIS D 177 53.32 -6.64 13.35
N GLY D 178 53.35 -5.55 12.60
CA GLY D 178 53.45 -5.62 11.16
C GLY D 178 52.17 -5.33 10.40
N LEU D 179 51.04 -5.83 10.92
CA LEU D 179 49.77 -5.68 10.23
C LEU D 179 48.83 -4.74 10.97
N PRO D 180 47.96 -4.03 10.21
CA PRO D 180 46.96 -3.12 10.78
C PRO D 180 45.95 -3.86 11.65
N GLY D 181 45.62 -3.27 12.80
CA GLY D 181 44.65 -3.88 13.69
C GLY D 181 45.29 -4.80 14.71
N TYR D 182 44.61 -5.00 15.84
CA TYR D 182 45.11 -5.86 16.90
C TYR D 182 45.11 -7.32 16.45
N MET D 183 46.10 -8.09 16.92
CA MET D 183 46.14 -9.52 16.66
C MET D 183 45.01 -10.19 17.44
N SER D 184 44.50 -11.28 16.89
CA SER D 184 43.41 -12.01 17.55
C SER D 184 43.53 -13.51 17.31
N ARG D 185 44.01 -14.22 18.32
CA ARG D 185 44.14 -15.67 18.23
C ARG D 185 43.11 -16.37 19.10
N ASP D 186 43.58 -17.02 20.17
CA ASP D 186 42.67 -17.69 21.10
C ASP D 186 41.54 -16.75 21.53
N CYS D 187 40.31 -17.19 21.32
CA CYS D 187 39.16 -16.31 21.53
C CYS D 187 38.04 -16.99 22.33
N ASN D 188 37.07 -16.18 22.76
CA ASN D 188 35.90 -16.66 23.46
C ASN D 188 34.84 -15.58 23.55
N VAL D 189 33.59 -15.99 23.70
CA VAL D 189 32.48 -15.03 23.74
C VAL D 189 31.78 -15.02 25.10
N PHE D 190 31.14 -13.90 25.42
CA PHE D 190 30.44 -13.75 26.70
C PHE D 190 29.30 -12.75 26.61
N VAL D 191 28.13 -13.13 27.11
CA VAL D 191 26.98 -12.26 27.14
C VAL D 191 26.68 -11.81 28.55
N ASP D 192 26.77 -10.50 28.80
CA ASP D 192 26.56 -9.94 30.12
C ASP D 192 25.07 -9.94 30.49
N THR D 193 24.77 -9.58 31.73
CA THR D 193 23.39 -9.54 32.20
C THR D 193 22.62 -8.38 31.58
N ASP D 194 23.32 -7.28 31.33
CA ASP D 194 22.70 -6.08 30.75
C ASP D 194 22.39 -6.28 29.26
N GLY D 195 22.83 -7.40 28.71
CA GLY D 195 22.58 -7.71 27.31
C GLY D 195 23.72 -7.31 26.40
N LYS D 196 24.79 -6.78 26.99
CA LYS D 196 25.97 -6.40 26.23
C LYS D 196 26.70 -7.63 25.71
N GLY D 197 27.16 -7.56 24.47
CA GLY D 197 27.94 -8.64 23.88
C GLY D 197 29.42 -8.37 24.00
N TYR D 198 30.21 -9.43 24.15
CA TYR D 198 31.66 -9.28 24.32
C TYR D 198 32.45 -10.35 23.60
N PHE D 199 33.61 -9.96 23.08
CA PHE D 199 34.51 -10.88 22.41
C PHE D 199 35.93 -10.69 22.93
N ILE D 200 36.46 -11.73 23.56
CA ILE D 200 37.80 -11.67 24.14
C ILE D 200 38.78 -12.54 23.36
N SER D 201 39.97 -12.02 23.12
CA SER D 201 41.00 -12.76 22.38
C SER D 201 42.40 -12.32 22.78
N ALA D 202 43.37 -13.19 22.52
CA ALA D 202 44.77 -12.91 22.83
C ALA D 202 45.40 -12.02 21.76
N ALA D 203 45.92 -10.88 22.18
CA ALA D 203 46.51 -9.92 21.25
C ALA D 203 47.95 -9.59 21.60
N ASN D 204 48.52 -8.61 20.91
CA ASN D 204 49.90 -8.19 21.12
C ASN D 204 50.85 -9.40 21.18
N GLU D 205 50.78 -10.25 20.17
CA GLU D 205 51.62 -11.43 20.10
C GLU D 205 51.34 -12.37 21.26
N ASN D 206 50.06 -12.54 21.58
CA ASN D 206 49.64 -13.44 22.65
C ASN D 206 50.05 -12.99 24.05
N MET D 207 50.67 -11.82 24.14
CA MET D 207 51.14 -11.30 25.43
C MET D 207 50.01 -10.70 26.25
N ASP D 208 49.10 -10.00 25.59
CA ASP D 208 47.99 -9.35 26.29
C ASP D 208 46.66 -9.99 25.93
N LEU D 209 45.64 -9.70 26.74
CA LEU D 209 44.27 -10.13 26.44
C LEU D 209 43.41 -8.92 26.15
N HIS D 210 42.67 -8.99 25.05
CA HIS D 210 41.80 -7.88 24.65
C HIS D 210 40.32 -8.24 24.79
N LEU D 211 39.60 -7.44 25.57
CA LEU D 211 38.16 -7.61 25.73
C LEU D 211 37.42 -6.57 24.90
N TYR D 212 36.71 -7.03 23.88
CA TYR D 212 35.99 -6.13 22.98
C TYR D 212 34.51 -6.12 23.28
N GLU D 213 33.92 -4.92 23.31
CA GLU D 213 32.47 -4.79 23.42
C GLU D 213 31.86 -4.84 22.03
N LEU D 214 31.00 -5.82 21.80
CA LEU D 214 30.39 -6.01 20.48
C LEU D 214 29.29 -5.00 20.20
N THR D 215 28.96 -4.85 18.92
CA THR D 215 27.82 -4.02 18.52
C THR D 215 26.54 -4.68 19.00
N PRO D 216 25.45 -3.89 19.11
CA PRO D 216 24.18 -4.39 19.64
C PRO D 216 23.72 -5.70 18.98
N ASP D 217 24.12 -5.94 17.73
CA ASP D 217 23.70 -7.16 17.03
C ASP D 217 24.73 -8.29 17.14
N TYR D 218 25.79 -8.04 17.90
CA TYR D 218 26.82 -9.05 18.16
C TYR D 218 27.65 -9.42 16.93
N LYS D 219 27.27 -8.90 15.77
CA LYS D 219 27.93 -9.30 14.52
C LYS D 219 29.15 -8.46 14.16
N ASN D 220 29.58 -7.60 15.09
CA ASN D 220 30.76 -6.77 14.86
C ASN D 220 31.31 -6.20 16.16
N ILE D 221 32.56 -5.72 16.11
CA ILE D 221 33.21 -5.15 17.29
C ILE D 221 32.97 -3.64 17.38
N ALA D 222 32.45 -3.20 18.52
CA ALA D 222 32.14 -1.79 18.72
C ALA D 222 33.33 -1.00 19.25
N SER D 223 33.94 -1.50 20.32
CA SER D 223 35.07 -0.81 20.93
C SER D 223 35.89 -1.73 21.82
N LEU D 224 37.04 -1.22 22.28
CA LEU D 224 37.92 -1.99 23.16
C LEU D 224 37.57 -1.72 24.62
N LYS D 225 36.95 -2.70 25.27
CA LYS D 225 36.52 -2.56 26.66
C LYS D 225 37.71 -2.34 27.58
N ALA D 226 38.67 -3.27 27.56
CA ALA D 226 39.85 -3.16 28.42
C ALA D 226 40.93 -4.17 28.05
N LYS D 227 42.18 -3.82 28.37
CA LYS D 227 43.31 -4.72 28.19
C LYS D 227 43.58 -5.46 29.49
N LEU D 228 43.47 -6.78 29.47
CA LEU D 228 43.59 -7.58 30.68
C LEU D 228 44.87 -8.40 30.71
N PHE D 229 45.58 -8.35 31.84
CA PHE D 229 46.77 -9.16 32.05
C PHE D 229 47.83 -8.93 30.99
N VAL D 230 48.25 -7.68 30.83
CA VAL D 230 49.28 -7.34 29.86
C VAL D 230 50.62 -7.97 30.25
N GLY D 231 51.26 -8.64 29.30
CA GLY D 231 52.55 -9.26 29.53
C GLY D 231 52.45 -10.61 30.22
N GLN D 232 51.28 -10.90 30.78
CA GLN D 232 51.06 -12.15 31.49
C GLN D 232 51.02 -13.35 30.54
N GLN D 233 50.74 -13.08 29.28
CA GLN D 233 50.73 -14.11 28.25
C GLN D 233 49.77 -15.25 28.58
N ARG D 234 48.50 -14.90 28.82
CA ARG D 234 47.48 -15.88 29.13
C ARG D 234 46.67 -16.25 27.89
N GLU D 235 46.38 -17.54 27.73
CA GLU D 235 45.68 -18.02 26.54
C GLU D 235 44.38 -18.75 26.90
N ALA D 236 43.71 -19.27 25.88
CA ALA D 236 42.46 -20.01 26.05
C ALA D 236 41.58 -19.41 27.15
N PRO D 237 41.18 -18.15 26.99
CA PRO D 237 40.40 -17.45 28.01
C PRO D 237 38.95 -17.89 28.03
N CYS D 238 38.38 -17.98 29.24
CA CYS D 238 36.98 -18.32 29.41
C CYS D 238 36.31 -17.32 30.35
N LEU D 239 35.32 -16.59 29.84
CA LEU D 239 34.68 -15.55 30.63
C LEU D 239 33.27 -15.94 31.05
N ILE D 240 33.04 -15.97 32.36
CA ILE D 240 31.72 -16.30 32.92
C ILE D 240 31.37 -15.38 34.08
N LYS D 241 30.13 -15.47 34.56
CA LYS D 241 29.66 -14.62 35.64
C LYS D 241 28.85 -15.42 36.65
N ARG D 242 29.02 -15.12 37.93
CA ARG D 242 28.33 -15.84 39.00
C ARG D 242 27.33 -14.95 39.75
N ASN D 243 27.79 -14.35 40.84
CA ASN D 243 26.94 -13.50 41.66
C ASN D 243 27.43 -12.06 41.67
N GLY D 244 27.27 -11.39 40.54
CA GLY D 244 27.78 -10.03 40.40
C GLY D 244 29.29 -10.03 40.29
N TYR D 245 29.85 -11.21 40.06
CA TYR D 245 31.30 -11.37 39.92
C TYR D 245 31.68 -11.89 38.53
N TYR D 246 32.70 -11.27 37.95
CA TYR D 246 33.24 -11.74 36.68
C TYR D 246 34.48 -12.60 36.90
N TYR D 247 34.46 -13.80 36.34
CA TYR D 247 35.58 -14.72 36.48
C TYR D 247 36.22 -15.03 35.13
N LEU D 248 37.54 -15.08 35.10
CA LEU D 248 38.27 -15.36 33.85
C LEU D 248 39.29 -16.49 34.04
N ILE D 249 38.99 -17.64 33.45
CA ILE D 249 39.88 -18.78 33.50
C ILE D 249 40.77 -18.81 32.26
N THR D 250 42.08 -18.73 32.48
CA THR D 250 43.03 -18.71 31.37
C THR D 250 44.12 -19.77 31.52
N SER D 251 44.61 -20.28 30.40
CA SER D 251 45.70 -21.24 30.41
C SER D 251 47.02 -20.56 30.07
N GLY D 252 48.11 -21.31 30.14
CA GLY D 252 49.42 -20.80 29.78
C GLY D 252 49.70 -21.02 28.30
N CYS D 253 50.67 -20.29 27.78
CA CYS D 253 51.02 -20.39 26.37
C CYS D 253 52.19 -21.33 26.15
N THR D 254 51.88 -22.62 25.98
CA THR D 254 52.92 -23.63 25.76
C THR D 254 52.49 -24.69 24.75
N GLY D 255 51.91 -24.24 23.64
CA GLY D 255 51.48 -25.15 22.58
C GLY D 255 50.54 -26.23 23.08
N TRP D 256 50.72 -27.44 22.56
CA TRP D 256 49.89 -28.58 22.95
C TRP D 256 50.13 -28.94 24.41
N ASN D 257 51.34 -28.65 24.90
CA ASN D 257 51.72 -28.99 26.27
C ASN D 257 50.73 -28.47 27.30
N PRO D 258 50.03 -29.39 27.99
CA PRO D 258 49.14 -29.01 29.09
C PRO D 258 49.91 -28.23 30.15
N ASN D 259 49.24 -27.30 30.83
CA ASN D 259 49.91 -26.46 31.81
C ASN D 259 48.98 -25.98 32.92
N GLN D 260 49.49 -25.11 33.79
CA GLN D 260 48.73 -24.60 34.92
C GLN D 260 47.67 -23.59 34.51
N ALA D 261 46.40 -23.96 34.69
CA ALA D 261 45.30 -23.03 34.45
C ALA D 261 45.15 -22.10 35.64
N LYS D 262 44.86 -20.84 35.37
CA LYS D 262 44.68 -19.86 36.44
C LYS D 262 43.35 -19.13 36.30
N TYR D 263 42.91 -18.48 37.38
CA TYR D 263 41.67 -17.72 37.34
C TYR D 263 41.81 -16.36 38.03
N ALA D 264 40.88 -15.47 37.73
CA ALA D 264 40.85 -14.15 38.34
C ALA D 264 39.43 -13.63 38.41
N TYR D 265 39.16 -12.78 39.39
CA TYR D 265 37.82 -12.24 39.58
C TYR D 265 37.82 -10.72 39.62
N SER D 266 36.65 -10.12 39.40
CA SER D 266 36.52 -8.67 39.43
C SER D 266 35.06 -8.25 39.50
N LYS D 267 34.81 -7.10 40.11
CA LYS D 267 33.47 -6.57 40.23
C LYS D 267 33.03 -5.96 38.90
N ASP D 268 33.99 -5.36 38.19
CA ASP D 268 33.72 -4.72 36.91
C ASP D 268 34.61 -5.30 35.81
N LEU D 269 34.14 -5.24 34.57
CA LEU D 269 34.90 -5.78 33.44
C LEU D 269 36.06 -4.88 33.06
N ALA D 270 35.85 -3.58 33.14
CA ALA D 270 36.85 -2.60 32.72
C ALA D 270 38.09 -2.61 33.60
N SER D 271 37.89 -2.82 34.90
CA SER D 271 39.00 -2.82 35.85
C SER D 271 38.63 -3.53 37.15
N GLY D 272 39.54 -3.47 38.13
CA GLY D 272 39.31 -4.09 39.42
C GLY D 272 39.57 -5.59 39.39
N TRP D 273 40.38 -6.03 38.44
CA TRP D 273 40.71 -7.46 38.32
C TRP D 273 41.77 -7.89 39.32
N SER D 274 41.58 -9.06 39.90
CA SER D 274 42.52 -9.61 40.86
C SER D 274 43.69 -10.29 40.16
N GLN D 275 44.68 -10.71 40.94
CA GLN D 275 45.82 -11.42 40.41
C GLN D 275 45.44 -12.84 40.03
N LEU D 276 46.32 -13.52 39.29
CA LEU D 276 46.05 -14.89 38.88
C LEU D 276 46.17 -15.87 40.04
N TYR D 277 45.22 -16.79 40.13
CA TYR D 277 45.23 -17.82 41.17
C TYR D 277 45.19 -19.21 40.55
N ASN D 278 46.05 -20.09 41.05
CA ASN D 278 46.14 -21.46 40.52
C ASN D 278 44.80 -22.19 40.54
N LEU D 279 44.55 -22.95 39.47
CA LEU D 279 43.33 -23.72 39.33
C LEU D 279 43.64 -25.11 38.80
N GLY D 280 43.48 -26.13 39.65
CA GLY D 280 43.81 -27.48 39.27
C GLY D 280 45.30 -27.74 39.43
N ASN D 281 45.76 -28.90 38.97
CA ASN D 281 47.17 -29.24 39.07
C ASN D 281 48.01 -28.55 38.00
N SER D 282 49.30 -28.89 37.96
CA SER D 282 50.24 -28.23 37.06
C SER D 282 49.97 -28.48 35.58
N THR D 283 49.06 -29.41 35.28
CA THR D 283 48.75 -29.74 33.91
C THR D 283 47.25 -29.64 33.61
N THR D 284 46.52 -29.01 34.52
CA THR D 284 45.06 -28.93 34.41
C THR D 284 44.49 -30.31 34.07
N TYR D 285 45.04 -31.34 34.71
CA TYR D 285 44.60 -32.71 34.50
C TYR D 285 44.69 -33.08 33.02
N ARG D 286 45.82 -32.75 32.42
CA ARG D 286 46.06 -33.03 31.00
C ARG D 286 44.93 -32.52 30.10
N SER D 287 44.68 -31.21 30.18
CA SER D 287 43.67 -30.57 29.36
C SER D 287 43.88 -29.07 29.27
N GLN D 288 43.24 -28.44 28.29
CA GLN D 288 43.32 -27.00 28.14
C GLN D 288 41.91 -26.39 28.12
N PRO D 289 41.68 -25.37 28.94
CA PRO D 289 40.38 -24.72 29.05
C PRO D 289 39.85 -24.29 27.67
N THR D 290 38.56 -24.50 27.43
CA THR D 290 37.96 -24.10 26.17
C THR D 290 36.68 -23.29 26.37
N PHE D 291 35.85 -23.69 27.35
CA PHE D 291 34.60 -23.00 27.62
C PHE D 291 33.97 -23.46 28.93
N ILE D 292 33.25 -22.56 29.59
CA ILE D 292 32.55 -22.87 30.83
C ILE D 292 31.10 -22.40 30.76
N ILE D 293 30.18 -23.30 31.09
CA ILE D 293 28.74 -22.99 30.99
C ILE D 293 28.00 -23.30 32.29
N PRO D 294 27.21 -22.32 32.76
CA PRO D 294 26.36 -22.49 33.94
C PRO D 294 25.22 -23.48 33.68
N VAL D 295 25.10 -24.50 34.51
CA VAL D 295 24.05 -25.50 34.35
C VAL D 295 22.98 -25.35 35.42
N GLN D 296 21.87 -24.72 35.06
CA GLN D 296 20.76 -24.49 35.99
C GLN D 296 19.87 -25.71 36.12
N GLY D 297 19.45 -26.01 37.34
CA GLY D 297 18.58 -27.14 37.59
C GLY D 297 17.54 -26.84 38.66
N SER D 298 16.79 -27.87 39.05
CA SER D 298 15.75 -27.72 40.06
C SER D 298 16.33 -27.33 41.42
N SER D 299 17.36 -28.06 41.84
CA SER D 299 17.98 -27.83 43.14
C SER D 299 18.93 -26.64 43.13
N GLY D 300 19.34 -26.22 41.94
CA GLY D 300 20.23 -25.07 41.80
C GLY D 300 21.13 -25.16 40.58
N THR D 301 21.95 -24.13 40.38
CA THR D 301 22.85 -24.08 39.24
C THR D 301 24.27 -24.46 39.63
N SER D 302 24.94 -25.18 38.73
CA SER D 302 26.32 -25.60 38.97
C SER D 302 27.11 -25.58 37.66
N TYR D 303 28.22 -24.84 37.66
CA TYR D 303 28.98 -24.60 36.44
C TYR D 303 29.72 -25.82 35.93
N LEU D 304 29.77 -25.96 34.60
CA LEU D 304 30.45 -27.06 33.95
C LEU D 304 31.72 -26.59 33.24
N TYR D 305 32.84 -27.21 33.56
CA TYR D 305 34.11 -26.88 32.91
C TYR D 305 34.36 -27.82 31.73
N MET D 306 34.67 -27.22 30.58
CA MET D 306 35.01 -28.00 29.39
C MET D 306 36.45 -27.75 28.99
N GLY D 307 37.19 -28.83 28.77
CA GLY D 307 38.60 -28.72 28.39
C GLY D 307 38.96 -29.69 27.30
N ASP D 308 40.04 -29.39 26.58
CA ASP D 308 40.52 -30.25 25.51
C ASP D 308 41.83 -30.92 25.85
N ARG D 309 41.86 -32.25 25.75
CA ARG D 309 43.11 -32.99 25.85
C ARG D 309 43.63 -33.25 24.45
N TRP D 310 44.46 -32.32 23.97
CA TRP D 310 44.95 -32.38 22.60
C TRP D 310 45.85 -33.58 22.34
N ALA D 311 45.58 -34.30 21.25
CA ALA D 311 46.37 -35.46 20.88
C ALA D 311 47.78 -35.05 20.44
N GLY D 312 47.94 -33.79 20.09
CA GLY D 312 49.22 -33.27 19.67
C GLY D 312 50.28 -33.42 20.76
N ALA D 313 49.83 -33.58 21.99
CA ALA D 313 50.73 -33.76 23.13
C ALA D 313 51.54 -35.05 22.99
N TRP D 314 50.93 -36.06 22.36
CA TRP D 314 51.60 -37.34 22.16
C TRP D 314 51.83 -37.65 20.69
N GLY D 315 51.89 -36.59 19.87
CA GLY D 315 52.17 -36.73 18.47
C GLY D 315 50.99 -37.21 17.65
N GLY D 316 49.79 -37.04 18.20
CA GLY D 316 48.58 -37.46 17.52
C GLY D 316 47.92 -36.33 16.76
N LYS D 317 47.08 -36.70 15.79
CA LYS D 317 46.33 -35.72 15.00
C LYS D 317 45.33 -34.97 15.87
N VAL D 318 44.93 -33.79 15.43
CA VAL D 318 43.97 -32.99 16.17
C VAL D 318 42.63 -33.69 16.33
N ASN D 319 42.25 -34.48 15.31
CA ASN D 319 40.99 -35.21 15.35
C ASN D 319 40.97 -36.30 16.42
N ASP D 320 42.14 -36.78 16.81
CA ASP D 320 42.25 -37.83 17.83
C ASP D 320 42.20 -37.25 19.23
N SER D 321 42.08 -35.93 19.33
CA SER D 321 42.02 -35.26 20.62
C SER D 321 40.84 -35.76 21.45
N GLN D 322 40.93 -35.58 22.76
CA GLN D 322 39.88 -36.03 23.67
C GLN D 322 39.30 -34.88 24.48
N TYR D 323 38.29 -35.16 25.28
CA TYR D 323 37.62 -34.12 26.05
C TYR D 323 37.68 -34.41 27.55
N VAL D 324 37.71 -33.34 28.34
CA VAL D 324 37.74 -33.46 29.80
C VAL D 324 36.77 -32.49 30.43
N TRP D 325 35.63 -33.00 30.90
CA TRP D 325 34.63 -32.17 31.57
C TRP D 325 34.68 -32.38 33.08
N LEU D 326 34.76 -31.27 33.82
CA LEU D 326 34.86 -31.32 35.26
C LEU D 326 34.01 -30.24 35.92
N PRO D 327 33.48 -30.52 37.12
CA PRO D 327 32.68 -29.55 37.89
C PRO D 327 33.53 -28.38 38.38
N LEU D 328 33.07 -27.16 38.12
CA LEU D 328 33.73 -25.97 38.63
C LEU D 328 33.04 -25.49 39.90
N ASN D 329 33.64 -25.81 41.05
CA ASN D 329 33.04 -25.48 42.34
C ASN D 329 33.49 -24.13 42.89
N PHE D 330 32.54 -23.36 43.39
CA PHE D 330 32.84 -22.06 43.98
C PHE D 330 32.78 -22.11 45.50
N ILE D 331 33.89 -22.49 46.12
CA ILE D 331 33.99 -22.52 47.57
C ILE D 331 33.68 -21.15 48.17
N SER D 332 34.11 -20.10 47.48
CA SER D 332 33.88 -18.73 47.92
C SER D 332 33.72 -17.81 46.71
N ASP D 333 33.40 -16.54 46.97
CA ASP D 333 33.31 -15.56 45.90
C ASP D 333 34.70 -15.20 45.36
N THR D 334 35.73 -15.65 46.06
CA THR D 334 37.10 -15.38 45.66
C THR D 334 37.96 -16.63 45.65
N THR D 335 37.31 -17.79 45.77
CA THR D 335 38.02 -19.06 45.80
C THR D 335 37.30 -20.14 44.99
N LEU D 336 37.95 -20.61 43.94
CA LEU D 336 37.37 -21.64 43.08
C LEU D 336 38.15 -22.95 43.18
N GLU D 337 37.51 -24.03 42.76
CA GLU D 337 38.14 -25.35 42.78
C GLU D 337 37.76 -26.18 41.56
N LEU D 338 38.77 -26.77 40.92
CA LEU D 338 38.55 -27.64 39.77
C LEU D 338 39.14 -29.03 40.05
N PRO D 339 38.34 -29.90 40.69
CA PRO D 339 38.78 -31.25 41.02
C PRO D 339 38.67 -32.18 39.81
N TYR D 340 39.41 -33.28 39.83
CA TYR D 340 39.35 -34.25 38.74
C TYR D 340 38.69 -35.55 39.16
N TYR D 341 37.69 -35.97 38.40
CA TYR D 341 37.01 -37.24 38.64
C TYR D 341 37.03 -38.07 37.37
N ASP D 342 37.58 -39.29 37.46
CA ASP D 342 37.67 -40.16 36.31
C ASP D 342 36.30 -40.35 35.68
N SER D 343 35.25 -40.23 36.51
CA SER D 343 33.88 -40.27 36.03
C SER D 343 33.06 -39.20 36.75
N VAL D 344 32.24 -38.48 36.00
CA VAL D 344 31.46 -37.38 36.56
C VAL D 344 29.95 -37.55 36.36
N LYS D 345 29.22 -37.54 37.49
CA LYS D 345 27.76 -37.63 37.47
C LYS D 345 27.15 -36.26 37.18
N ILE D 346 26.36 -36.19 36.12
CA ILE D 346 25.71 -34.93 35.75
C ILE D 346 24.24 -35.12 35.43
N ASP D 347 23.38 -34.41 36.15
CA ASP D 347 21.95 -34.45 35.92
C ASP D 347 21.45 -33.05 35.59
N ALA D 348 21.18 -32.81 34.31
CA ALA D 348 20.77 -31.49 33.84
C ALA D 348 19.50 -31.00 34.52
N SER D 349 18.52 -31.90 34.64
CA SER D 349 17.24 -31.55 35.26
C SER D 349 17.42 -30.97 36.65
N SER D 350 18.13 -31.70 37.50
CA SER D 350 18.39 -31.25 38.87
C SER D 350 19.45 -30.16 38.88
N GLY D 351 20.31 -30.17 37.88
CA GLY D 351 21.38 -29.19 37.77
C GLY D 351 22.51 -29.45 38.74
N ILE D 352 22.98 -30.70 38.79
CA ILE D 352 24.05 -31.08 39.70
C ILE D 352 25.23 -31.71 38.97
N ILE D 353 26.43 -31.27 39.34
CA ILE D 353 27.66 -31.87 38.85
C ILE D 353 28.47 -32.43 40.01
N SER D 354 28.92 -33.68 39.88
CA SER D 354 29.64 -34.33 40.96
C SER D 354 30.41 -35.55 40.49
N GLU D 355 31.07 -36.22 41.43
CA GLU D 355 31.83 -37.43 41.12
C GLU D 355 30.91 -38.64 41.06
N TYR D 356 31.24 -39.58 40.18
CA TYR D 356 30.45 -40.80 40.05
C TYR D 356 31.04 -41.93 40.88
N ILE D 357 30.33 -42.31 41.94
CA ILE D 357 30.77 -43.38 42.82
C ILE D 357 29.96 -44.65 42.59
N PRO D 358 30.57 -45.64 41.93
CA PRO D 358 29.92 -46.92 41.62
C PRO D 358 29.54 -47.69 42.89
N ASP D 359 30.22 -47.40 43.99
CA ASP D 359 29.97 -48.08 45.25
C ASP D 359 29.78 -47.08 46.39
N THR D 360 28.54 -46.80 46.73
CA THR D 360 28.20 -45.77 47.71
C THR D 360 28.26 -46.28 49.15
N THR D 361 28.64 -47.54 49.33
CA THR D 361 28.71 -48.14 50.66
C THR D 361 29.64 -47.33 51.56
N ARG D 362 29.18 -47.04 52.77
CA ARG D 362 29.94 -46.21 53.71
C ARG D 362 30.70 -47.06 54.73
N TYR D 363 32.00 -46.81 54.86
CA TYR D 363 32.84 -47.58 55.77
C TYR D 363 33.47 -46.70 56.85
N LYS D 364 34.00 -47.34 57.89
CA LYS D 364 34.74 -46.64 58.95
C LYS D 364 36.03 -47.39 59.24
N LEU D 365 37.15 -46.67 59.15
CA LEU D 365 38.48 -47.27 59.33
C LEU D 365 38.95 -47.21 60.78
N VAL D 366 38.84 -48.34 61.48
CA VAL D 366 39.27 -48.42 62.87
C VAL D 366 40.73 -48.88 62.93
N ASN D 367 41.37 -48.66 64.08
CA ASN D 367 42.77 -49.02 64.27
C ASN D 367 42.96 -49.98 65.44
N LYS D 368 43.96 -50.85 65.34
CA LYS D 368 44.24 -51.83 66.39
C LYS D 368 44.53 -51.16 67.73
N ASN D 369 45.71 -50.55 67.83
CA ASN D 369 46.15 -49.92 69.07
C ASN D 369 45.16 -48.89 69.60
N SER D 370 44.86 -47.89 68.79
CA SER D 370 43.99 -46.79 69.19
C SER D 370 42.60 -47.28 69.57
N GLY D 371 42.15 -48.35 68.93
CA GLY D 371 40.81 -48.87 69.17
C GLY D 371 39.75 -47.88 68.74
N LYS D 372 40.16 -46.93 67.90
CA LYS D 372 39.25 -45.89 67.41
C LYS D 372 39.30 -45.84 65.88
N VAL D 373 38.33 -45.14 65.29
CA VAL D 373 38.23 -45.04 63.84
C VAL D 373 38.84 -43.75 63.30
N LEU D 374 38.89 -43.63 61.98
CA LEU D 374 39.48 -42.47 61.33
C LEU D 374 38.45 -41.33 61.27
N ASP D 375 38.95 -40.11 61.25
CA ASP D 375 38.09 -38.92 61.32
C ASP D 375 38.79 -37.69 60.75
N VAL D 376 38.03 -36.62 60.54
CA VAL D 376 38.59 -35.36 60.08
C VAL D 376 38.62 -34.36 61.23
N LEU D 377 39.79 -33.76 61.47
CA LEU D 377 39.96 -32.83 62.57
C LEU D 377 38.86 -31.77 62.62
N ASP D 378 38.16 -31.71 63.75
CA ASP D 378 37.10 -30.72 63.96
C ASP D 378 35.92 -30.96 63.01
N GLY D 379 36.01 -32.02 62.21
CA GLY D 379 35.01 -32.29 61.20
C GLY D 379 34.93 -31.15 60.21
N SER D 380 36.10 -30.67 59.77
CA SER D 380 36.17 -29.50 58.89
C SER D 380 35.95 -29.86 57.42
N VAL D 381 35.14 -29.08 56.75
CA VAL D 381 34.90 -29.25 55.32
C VAL D 381 35.72 -28.25 54.52
N ASP D 382 36.75 -27.71 55.15
CA ASP D 382 37.64 -26.76 54.49
C ASP D 382 38.94 -27.47 54.09
N ASN D 383 39.39 -27.24 52.86
CA ASN D 383 40.62 -27.87 52.39
C ASN D 383 41.80 -27.65 53.33
N ALA D 384 42.80 -28.53 53.22
CA ALA D 384 43.95 -28.51 54.12
C ALA D 384 43.52 -28.91 55.53
N ALA D 385 42.32 -29.47 55.64
CA ALA D 385 41.81 -29.94 56.93
C ALA D 385 42.62 -31.15 57.40
N GLN D 386 43.17 -31.03 58.60
CA GLN D 386 43.99 -32.10 59.18
C GLN D 386 43.16 -33.35 59.43
N ILE D 387 43.80 -34.52 59.31
CA ILE D 387 43.14 -35.79 59.55
C ILE D 387 43.54 -36.35 60.91
N VAL D 388 42.54 -36.83 61.65
CA VAL D 388 42.78 -37.38 62.99
C VAL D 388 41.97 -38.66 63.19
N GLN D 389 42.11 -39.26 64.35
CA GLN D 389 41.37 -40.49 64.66
C GLN D 389 40.65 -40.37 66.00
N TRP D 390 39.33 -40.24 65.94
CA TRP D 390 38.50 -40.09 67.14
C TRP D 390 37.75 -41.38 67.46
N THR D 391 37.21 -41.43 68.68
CA THR D 391 36.36 -42.54 69.08
C THR D 391 35.15 -42.59 68.17
N ASP D 392 34.50 -43.77 68.12
CA ASP D 392 33.32 -43.94 67.29
C ASP D 392 32.19 -43.02 67.78
N ASN D 393 32.02 -41.90 67.08
CA ASN D 393 31.01 -40.91 67.46
C ASN D 393 29.78 -40.98 66.57
N GLY D 394 29.85 -41.77 65.52
CA GLY D 394 28.78 -41.86 64.54
C GLY D 394 28.74 -40.62 63.68
N SER D 395 29.72 -39.75 63.87
CA SER D 395 29.82 -38.52 63.11
C SER D 395 29.99 -38.80 61.62
N LEU D 396 29.64 -37.82 60.79
CA LEU D 396 29.73 -37.97 59.34
C LEU D 396 31.16 -37.75 58.85
N SER D 397 32.11 -37.79 59.77
CA SER D 397 33.52 -37.62 59.43
C SER D 397 34.27 -38.94 59.53
N GLN D 398 33.54 -40.00 59.88
CA GLN D 398 34.13 -41.32 60.03
C GLN D 398 33.74 -42.25 58.88
N GLN D 399 32.75 -41.85 58.10
CA GLN D 399 32.33 -42.63 56.94
C GLN D 399 33.08 -42.21 55.68
N TRP D 400 33.57 -43.19 54.94
CA TRP D 400 34.37 -42.93 53.74
C TRP D 400 33.94 -43.82 52.57
N TYR D 401 34.22 -43.35 51.35
CA TYR D 401 33.90 -44.11 50.15
C TYR D 401 35.13 -44.87 49.66
N LEU D 402 34.91 -45.81 48.73
CA LEU D 402 36.00 -46.55 48.13
C LEU D 402 35.96 -46.48 46.60
N VAL D 403 36.66 -45.51 46.03
CA VAL D 403 36.74 -45.38 44.58
C VAL D 403 38.03 -46.00 44.07
N ASP D 404 37.90 -46.97 43.17
CA ASP D 404 39.05 -47.68 42.65
C ASP D 404 39.72 -46.94 41.50
N VAL D 405 41.01 -46.63 41.67
CA VAL D 405 41.77 -45.92 40.65
C VAL D 405 42.93 -46.77 40.14
N GLY D 406 42.92 -47.07 38.85
CA GLY D 406 43.97 -47.86 38.24
C GLY D 406 43.72 -49.35 38.36
N GLY D 407 44.78 -50.09 38.66
CA GLY D 407 44.70 -51.54 38.75
C GLY D 407 44.16 -52.03 40.08
N GLY D 408 44.80 -51.62 41.18
CA GLY D 408 44.41 -52.07 42.50
C GLY D 408 44.29 -50.95 43.51
N TYR D 409 44.95 -49.84 43.23
CA TYR D 409 44.94 -48.69 44.13
C TYR D 409 43.56 -48.04 44.21
N LYS D 410 43.21 -47.53 45.38
CA LYS D 410 41.90 -46.93 45.60
C LYS D 410 42.02 -45.66 46.44
N LYS D 411 41.14 -44.70 46.20
CA LYS D 411 41.16 -43.43 46.92
C LYS D 411 40.09 -43.37 48.00
N ILE D 412 40.47 -42.92 49.19
CA ILE D 412 39.54 -42.79 50.31
C ILE D 412 38.92 -41.40 50.31
N VAL D 413 37.60 -41.35 50.19
CA VAL D 413 36.87 -40.08 50.13
C VAL D 413 35.96 -39.89 51.35
N ASN D 414 35.72 -38.63 51.72
CA ASN D 414 34.88 -38.32 52.87
C ASN D 414 33.44 -38.02 52.45
N VAL D 415 32.48 -38.42 53.28
CA VAL D 415 31.06 -38.20 52.99
C VAL D 415 30.66 -36.77 53.30
N LYS D 416 31.14 -36.25 54.44
CA LYS D 416 30.81 -34.91 54.89
C LYS D 416 31.32 -33.85 53.90
N SER D 417 32.64 -33.74 53.78
CA SER D 417 33.26 -32.77 52.90
C SER D 417 33.21 -33.22 51.43
N GLY D 418 33.94 -34.29 51.12
CA GLY D 418 33.97 -34.81 49.78
C GLY D 418 35.37 -34.90 49.22
N ARG D 419 36.36 -34.60 50.05
CA ARG D 419 37.76 -34.65 49.63
C ARG D 419 38.34 -36.04 49.78
N ALA D 420 39.47 -36.28 49.13
CA ALA D 420 40.15 -37.57 49.22
C ALA D 420 41.36 -37.46 50.16
N LEU D 421 41.68 -38.57 50.82
CA LEU D 421 42.82 -38.61 51.72
C LEU D 421 44.11 -38.34 50.95
N ASP D 422 44.81 -37.27 51.31
CA ASP D 422 45.98 -36.83 50.55
C ASP D 422 47.17 -36.55 51.44
N VAL D 423 48.33 -37.10 51.07
CA VAL D 423 49.56 -36.83 51.78
C VAL D 423 50.02 -35.40 51.50
N LYS D 424 50.01 -34.58 52.55
CA LYS D 424 50.33 -33.16 52.40
C LYS D 424 51.68 -32.94 51.70
N ASP D 425 51.66 -32.12 50.65
CA ASP D 425 52.87 -31.79 49.90
C ASP D 425 53.53 -33.01 49.27
N GLU D 426 52.74 -34.07 49.09
CA GLU D 426 53.25 -35.32 48.51
C GLU D 426 54.54 -35.76 49.18
N SER D 427 54.58 -35.62 50.50
CA SER D 427 55.78 -35.95 51.27
C SER D 427 56.21 -37.40 51.06
N LYS D 428 57.48 -37.59 50.73
CA LYS D 428 58.03 -38.93 50.53
C LYS D 428 58.87 -39.32 51.74
N GLU D 429 58.96 -38.41 52.70
CA GLU D 429 59.71 -38.64 53.94
C GLU D 429 58.84 -39.30 55.00
N ASP D 430 59.47 -39.89 56.01
CA ASP D 430 58.76 -40.42 57.17
C ASP D 430 58.31 -39.28 58.07
N GLY D 431 57.17 -39.47 58.71
CA GLY D 431 56.62 -38.45 59.59
C GLY D 431 55.89 -37.36 58.83
N GLY D 432 55.33 -37.74 57.68
CA GLY D 432 54.58 -36.80 56.86
C GLY D 432 53.14 -36.65 57.29
N VAL D 433 52.75 -35.42 57.63
CA VAL D 433 51.39 -35.14 58.07
C VAL D 433 50.37 -35.51 57.00
N LEU D 434 49.19 -35.94 57.42
CA LEU D 434 48.14 -36.36 56.50
C LEU D 434 46.92 -35.45 56.60
N ILE D 435 46.38 -35.05 55.44
CA ILE D 435 45.22 -34.17 55.40
C ILE D 435 44.29 -34.54 54.24
N GLN D 436 43.06 -34.06 54.29
CA GLN D 436 42.12 -34.26 53.18
C GLN D 436 42.33 -33.15 52.15
N TYR D 437 42.04 -33.45 50.89
CA TYR D 437 42.28 -32.50 49.82
C TYR D 437 41.46 -32.82 48.58
N THR D 438 41.17 -31.80 47.78
CA THR D 438 40.39 -31.97 46.56
C THR D 438 41.09 -32.95 45.62
N SER D 439 40.31 -33.82 44.99
CA SER D 439 40.85 -34.82 44.08
C SER D 439 41.65 -34.18 42.95
N ASN D 440 42.97 -34.29 43.03
CA ASN D 440 43.84 -33.75 41.99
C ASN D 440 44.46 -34.84 41.14
N GLY D 441 43.88 -36.04 41.19
CA GLY D 441 44.35 -37.17 40.40
C GLY D 441 45.78 -37.55 40.69
N GLY D 442 46.31 -37.08 41.81
CA GLY D 442 47.68 -37.37 42.20
C GLY D 442 47.86 -38.78 42.73
N TYR D 443 49.08 -39.29 42.67
CA TYR D 443 49.37 -40.63 43.15
C TYR D 443 49.26 -40.75 44.67
N ASN D 444 49.48 -39.63 45.36
CA ASN D 444 49.41 -39.61 46.82
C ASN D 444 47.99 -39.88 47.34
N GLN D 445 47.00 -39.68 46.48
CA GLN D 445 45.61 -39.92 46.85
C GLN D 445 45.19 -41.36 46.54
N HIS D 446 46.11 -42.14 46.01
CA HIS D 446 45.84 -43.53 45.68
C HIS D 446 46.34 -44.45 46.81
N TRP D 447 45.52 -45.42 47.17
CA TRP D 447 45.84 -46.32 48.29
C TRP D 447 45.43 -47.77 47.99
N LYS D 448 46.38 -48.69 48.11
CA LYS D 448 46.10 -50.11 47.91
C LYS D 448 46.03 -50.85 49.23
N PHE D 449 44.97 -51.65 49.42
CA PHE D 449 44.78 -52.39 50.66
C PHE D 449 45.53 -53.71 50.69
N THR D 450 45.99 -54.08 51.88
CA THR D 450 46.62 -55.38 52.10
C THR D 450 45.96 -56.07 53.29
N ASP D 451 45.43 -57.26 53.04
CA ASP D 451 44.73 -58.01 54.07
C ASP D 451 45.68 -58.68 55.07
N ILE D 452 45.46 -58.43 56.35
CA ILE D 452 46.28 -59.03 57.39
C ILE D 452 45.51 -59.99 58.26
N GLY D 453 44.37 -60.45 57.75
CA GLY D 453 43.58 -61.51 58.38
C GLY D 453 42.40 -61.10 59.23
N ASP D 454 42.68 -60.58 60.42
CA ASP D 454 41.65 -60.25 61.40
C ASP D 454 40.66 -59.18 60.93
N GLY D 455 40.79 -58.74 59.68
CA GLY D 455 39.92 -57.70 59.18
C GLY D 455 40.69 -56.40 59.06
N TYR D 456 41.77 -56.29 59.84
CA TYR D 456 42.64 -55.11 59.79
C TYR D 456 43.24 -55.00 58.40
N TYR D 457 43.90 -53.88 58.12
CA TYR D 457 44.49 -53.63 56.80
C TYR D 457 45.73 -52.75 56.86
N LYS D 458 46.85 -53.27 56.37
CA LYS D 458 48.02 -52.43 56.15
C LYS D 458 47.83 -51.71 54.83
N ILE D 459 47.32 -50.48 54.90
CA ILE D 459 47.08 -49.69 53.69
C ILE D 459 48.38 -49.49 52.91
N SER D 460 48.30 -48.82 51.77
CA SER D 460 49.51 -48.56 50.98
C SER D 460 49.40 -47.26 50.19
N SER D 461 50.47 -46.48 50.19
CA SER D 461 50.51 -45.22 49.44
C SER D 461 51.21 -45.44 48.11
N ARG D 462 50.66 -44.86 47.05
CA ARG D 462 51.17 -45.08 45.71
C ARG D 462 52.39 -44.23 45.38
N HIS D 463 52.65 -43.23 46.22
CA HIS D 463 53.75 -42.31 45.98
C HIS D 463 55.10 -42.87 46.42
N CYS D 464 55.17 -43.33 47.67
CA CYS D 464 56.43 -43.83 48.23
C CYS D 464 56.33 -45.25 48.77
N GLY D 465 55.21 -45.56 49.41
CA GLY D 465 55.01 -46.88 49.97
C GLY D 465 55.03 -46.90 51.49
N LYS D 466 55.19 -45.72 52.08
CA LYS D 466 55.12 -45.57 53.53
C LYS D 466 53.67 -45.28 53.89
N LEU D 467 53.22 -45.70 55.07
CA LEU D 467 51.79 -45.76 55.33
C LEU D 467 51.21 -45.06 56.55
N ILE D 468 49.88 -44.98 56.54
CA ILE D 468 49.11 -44.32 57.58
C ILE D 468 49.42 -44.90 58.96
N ASP D 469 50.01 -44.07 59.80
CA ASP D 469 50.33 -44.45 61.16
C ASP D 469 49.79 -43.42 62.15
N VAL D 470 49.55 -43.85 63.38
CA VAL D 470 49.15 -42.91 64.42
C VAL D 470 50.39 -42.34 65.10
N ARG D 471 50.69 -41.08 64.81
CA ARG D 471 51.90 -40.42 65.30
C ARG D 471 52.24 -40.76 66.75
N LYS D 472 53.48 -41.22 66.97
CA LYS D 472 53.98 -41.50 68.31
C LYS D 472 53.15 -42.53 69.05
N TRP D 473 52.52 -43.43 68.29
CA TRP D 473 51.75 -44.53 68.89
C TRP D 473 50.60 -44.06 69.77
N SER D 474 50.23 -42.79 69.64
CA SER D 474 49.16 -42.22 70.44
C SER D 474 47.83 -42.94 70.22
N THR D 475 46.99 -42.93 71.25
CA THR D 475 45.65 -43.50 71.17
C THR D 475 44.66 -42.49 71.72
N GLU D 476 45.15 -41.27 71.96
CA GLU D 476 44.34 -40.22 72.55
C GLU D 476 43.65 -39.38 71.48
N ASP D 477 42.69 -38.56 71.90
CA ASP D 477 41.98 -37.68 71.00
C ASP D 477 42.87 -36.53 70.55
N GLY D 478 42.80 -36.19 69.26
CA GLY D 478 43.65 -35.16 68.69
C GLY D 478 44.91 -35.77 68.11
N GLY D 479 44.88 -37.07 67.85
CA GLY D 479 46.02 -37.77 67.31
C GLY D 479 46.31 -37.41 65.87
N ILE D 480 47.56 -37.03 65.60
CA ILE D 480 47.95 -36.63 64.25
C ILE D 480 48.18 -37.86 63.37
N ILE D 481 47.29 -38.08 62.40
CA ILE D 481 47.49 -39.15 61.43
C ILE D 481 48.71 -38.86 60.58
N GLN D 482 49.50 -39.89 60.29
CA GLN D 482 50.80 -39.68 59.67
C GLN D 482 51.15 -40.79 58.68
N GLN D 483 52.35 -40.70 58.11
CA GLN D 483 52.86 -41.68 57.15
C GLN D 483 54.22 -42.17 57.60
N TRP D 484 54.40 -43.49 57.66
CA TRP D 484 55.66 -44.06 58.14
C TRP D 484 55.97 -45.41 57.50
N SER D 485 57.26 -45.74 57.42
CA SER D 485 57.68 -47.01 56.87
C SER D 485 57.17 -48.15 57.74
N ASP D 486 56.41 -49.05 57.14
CA ASP D 486 55.80 -50.16 57.87
C ASP D 486 56.83 -50.93 58.70
N ALA D 487 56.70 -50.86 60.01
CA ALA D 487 57.60 -51.57 60.91
C ALA D 487 56.86 -52.69 61.61
N GLY D 488 55.61 -52.92 61.21
CA GLY D 488 54.81 -53.97 61.79
C GLY D 488 54.06 -53.50 63.04
N GLY D 489 54.21 -52.22 63.37
CA GLY D 489 53.56 -51.65 64.52
C GLY D 489 52.07 -51.88 64.52
N THR D 490 51.53 -52.32 65.65
CA THR D 490 50.11 -52.62 65.76
C THR D 490 49.25 -51.36 65.88
N ASN D 491 49.73 -50.26 65.31
CA ASN D 491 48.96 -49.03 65.23
C ASN D 491 48.87 -48.54 63.80
N GLN D 492 49.45 -49.31 62.89
CA GLN D 492 49.42 -49.00 61.46
C GLN D 492 48.43 -49.90 60.74
N HIS D 493 47.69 -50.70 61.50
CA HIS D 493 46.70 -51.60 60.94
C HIS D 493 45.31 -50.97 61.05
N TRP D 494 44.44 -51.27 60.08
CA TRP D 494 43.12 -50.64 60.04
C TRP D 494 42.04 -51.60 59.54
N LYS D 495 41.13 -51.99 60.43
CA LYS D 495 40.01 -52.84 60.05
C LYS D 495 39.03 -52.10 59.15
N LEU D 496 38.66 -52.72 58.04
CA LEU D 496 37.67 -52.14 57.13
C LEU D 496 36.27 -52.49 57.62
N VAL D 497 35.66 -51.58 58.36
CA VAL D 497 34.35 -51.79 58.97
C VAL D 497 33.23 -51.07 58.22
N LEU D 498 32.06 -51.71 58.15
CA LEU D 498 30.90 -51.12 57.51
C LEU D 498 30.00 -50.41 58.53
N VAL D 499 29.07 -49.61 58.03
CA VAL D 499 28.13 -48.90 58.89
C VAL D 499 26.74 -48.83 58.25
N GLU E 39 31.21 38.40 -79.88
CA GLU E 39 31.13 37.07 -80.49
C GLU E 39 29.91 36.33 -79.95
N GLY E 40 28.76 37.01 -79.97
CA GLY E 40 27.52 36.42 -79.51
C GLY E 40 26.91 35.53 -80.58
N VAL E 41 27.70 34.59 -81.07
CA VAL E 41 27.26 33.70 -82.15
C VAL E 41 26.98 32.29 -81.65
N ILE E 42 25.95 31.67 -82.21
CA ILE E 42 25.57 30.31 -81.85
C ILE E 42 25.60 29.37 -83.06
N VAL E 43 26.23 28.21 -82.88
CA VAL E 43 26.33 27.24 -83.97
C VAL E 43 25.30 26.13 -83.81
N ASN E 44 24.26 26.18 -84.65
CA ASN E 44 23.20 25.17 -84.61
C ASN E 44 23.68 23.79 -85.01
N GLY E 45 22.96 22.77 -84.56
CA GLY E 45 23.31 21.38 -84.87
C GLY E 45 24.48 20.88 -84.06
N THR E 46 24.70 21.47 -82.89
CA THR E 46 25.78 21.06 -82.01
C THR E 46 25.33 21.06 -80.55
N GLN E 47 26.22 20.67 -79.66
CA GLN E 47 25.96 20.72 -78.23
C GLN E 47 26.64 21.93 -77.61
N PHE E 48 25.86 22.95 -77.27
CA PHE E 48 26.40 24.16 -76.67
C PHE E 48 27.16 23.81 -75.40
N LYS E 49 28.23 24.56 -75.13
CA LYS E 49 29.02 24.35 -73.92
C LYS E 49 28.87 25.51 -72.94
N ASP E 50 28.80 25.19 -71.66
CA ASP E 50 28.70 26.21 -70.62
C ASP E 50 30.03 26.92 -70.45
N THR E 51 30.06 27.91 -69.56
CA THR E 51 31.25 28.73 -69.34
C THR E 51 32.40 27.93 -68.76
N SER E 52 32.16 26.65 -68.47
CA SER E 52 33.19 25.79 -67.90
C SER E 52 33.77 24.85 -68.96
N GLY E 53 33.23 24.93 -70.17
CA GLY E 53 33.71 24.09 -71.27
C GLY E 53 33.06 22.73 -71.30
N ASN E 54 32.04 22.54 -70.47
CA ASN E 54 31.31 21.28 -70.41
C ASN E 54 30.03 21.32 -71.23
N VAL E 55 29.65 20.16 -71.77
CA VAL E 55 28.44 20.05 -72.58
C VAL E 55 27.19 20.41 -71.77
N ILE E 56 26.39 21.33 -72.29
CA ILE E 56 25.15 21.73 -71.64
C ILE E 56 24.09 20.65 -71.81
N HIS E 57 23.63 20.09 -70.69
CA HIS E 57 22.61 19.05 -70.72
C HIS E 57 21.25 19.58 -70.25
N ALA E 58 20.55 20.27 -71.16
CA ALA E 58 19.22 20.80 -70.87
C ALA E 58 18.28 20.56 -72.06
N HIS E 59 17.92 19.30 -72.27
CA HIS E 59 17.13 18.91 -73.42
C HIS E 59 15.64 19.03 -73.16
N GLY E 60 14.88 19.29 -74.22
CA GLY E 60 13.44 19.47 -74.11
C GLY E 60 13.06 20.47 -73.04
N GLY E 61 13.90 21.47 -72.83
CA GLY E 61 13.68 22.42 -71.77
C GLY E 61 13.04 23.72 -72.23
N GLY E 62 12.94 24.68 -71.32
CA GLY E 62 12.39 25.98 -71.61
C GLY E 62 13.28 27.08 -71.09
N MET E 63 12.83 28.32 -71.21
CA MET E 63 13.63 29.46 -70.77
C MET E 63 12.80 30.50 -70.04
N LEU E 64 13.39 31.14 -69.04
CA LEU E 64 12.71 32.15 -68.24
C LEU E 64 13.53 33.42 -68.16
N LYS E 65 12.85 34.55 -68.29
CA LYS E 65 13.49 35.86 -68.17
C LYS E 65 13.09 36.51 -66.86
N HIS E 66 14.01 36.52 -65.89
CA HIS E 66 13.73 37.13 -64.60
C HIS E 66 14.89 38.02 -64.16
N GLY E 67 14.63 39.32 -64.09
CA GLY E 67 15.66 40.28 -63.74
C GLY E 67 16.62 40.51 -64.88
N ASP E 68 17.92 40.43 -64.57
CA ASP E 68 18.96 40.65 -65.57
C ASP E 68 19.44 39.34 -66.17
N TYR E 69 18.80 38.24 -65.80
CA TYR E 69 19.26 36.93 -66.21
C TYR E 69 18.23 36.10 -66.98
N TYR E 70 18.71 35.35 -67.95
CA TYR E 70 17.91 34.35 -68.64
C TYR E 70 18.23 32.98 -68.04
N TYR E 71 17.20 32.26 -67.62
CA TYR E 71 17.40 30.94 -67.03
C TYR E 71 16.95 29.82 -67.95
N TRP E 72 17.88 28.93 -68.28
CA TRP E 72 17.62 27.83 -69.19
C TRP E 72 17.50 26.52 -68.44
N TYR E 73 16.32 25.91 -68.48
CA TYR E 73 16.09 24.63 -67.83
C TYR E 73 15.98 23.52 -68.87
N GLY E 74 16.15 22.28 -68.43
CA GLY E 74 16.06 21.15 -69.34
C GLY E 74 16.33 19.84 -68.64
N GLU E 75 15.89 18.74 -69.25
CA GLU E 75 16.08 17.42 -68.65
C GLU E 75 17.52 16.93 -68.75
N TYR E 76 17.81 15.85 -68.04
CA TYR E 76 19.15 15.32 -67.95
C TYR E 76 19.03 13.88 -67.47
N ARG E 77 19.47 12.95 -68.30
CA ARG E 77 19.28 11.52 -68.03
C ARG E 77 20.55 10.78 -67.67
N ASP E 78 20.37 9.58 -67.13
CA ASP E 78 21.50 8.77 -66.70
C ASP E 78 21.87 7.59 -67.62
N ASP E 79 22.43 6.55 -67.01
CA ASP E 79 22.84 5.37 -67.75
C ASP E 79 21.64 4.66 -68.36
N SER E 80 20.66 4.34 -67.51
CA SER E 80 19.44 3.67 -67.95
C SER E 80 18.48 4.58 -68.72
N ASN E 81 18.98 5.73 -69.12
CA ASN E 81 18.18 6.72 -69.84
C ASN E 81 17.01 7.23 -69.01
N LEU E 82 17.11 7.05 -67.69
CA LEU E 82 16.08 7.51 -66.76
C LEU E 82 16.34 8.93 -66.31
N PHE E 83 15.36 9.52 -65.64
CA PHE E 83 15.47 10.88 -65.12
C PHE E 83 16.59 11.01 -64.09
N LEU E 84 17.52 11.94 -64.34
CA LEU E 84 18.62 12.16 -63.42
C LEU E 84 18.49 13.50 -62.70
N GLY E 85 18.01 14.51 -63.44
CA GLY E 85 17.81 15.83 -62.88
C GLY E 85 17.44 16.87 -63.92
N VAL E 86 16.84 17.97 -63.46
CA VAL E 86 16.51 19.08 -64.33
C VAL E 86 17.55 20.18 -64.14
N SER E 87 18.40 20.37 -65.15
CA SER E 87 19.52 21.31 -65.05
C SER E 87 19.09 22.75 -65.24
N CYS E 88 19.88 23.67 -64.67
CA CYS E 88 19.62 25.09 -64.78
C CYS E 88 20.86 25.85 -65.22
N TYR E 89 20.73 26.62 -66.29
CA TYR E 89 21.83 27.42 -66.80
C TYR E 89 21.44 28.90 -66.84
N ARG E 90 22.35 29.76 -66.41
CA ARG E 90 22.07 31.19 -66.33
C ARG E 90 22.95 31.98 -67.30
N SER E 91 22.40 33.04 -67.87
CA SER E 91 23.14 33.87 -68.82
C SER E 91 22.47 35.24 -69.02
N LYS E 92 23.27 36.22 -69.41
CA LYS E 92 22.75 37.55 -69.69
C LYS E 92 22.67 37.82 -71.19
N ASP E 93 23.49 37.12 -71.96
CA ASP E 93 23.58 37.35 -73.40
C ASP E 93 22.98 36.21 -74.23
N LEU E 94 22.51 35.18 -73.54
CA LEU E 94 21.90 34.02 -74.20
C LEU E 94 22.91 33.18 -74.99
N VAL E 95 24.19 33.54 -74.86
CA VAL E 95 25.24 32.82 -75.57
C VAL E 95 26.17 32.11 -74.58
N ASN E 96 26.68 32.86 -73.60
CA ASN E 96 27.54 32.30 -72.57
C ASN E 96 26.74 31.84 -71.36
N TRP E 97 26.54 30.53 -71.24
CA TRP E 97 25.71 29.98 -70.18
C TRP E 97 26.52 29.45 -69.00
N GLU E 98 26.17 29.89 -67.81
CA GLU E 98 26.82 29.44 -66.58
C GLU E 98 25.98 28.35 -65.91
N TYR E 99 26.60 27.22 -65.65
CA TYR E 99 25.93 26.09 -65.01
C TYR E 99 25.63 26.39 -63.54
N ARG E 100 24.35 26.37 -63.19
CA ARG E 100 23.92 26.69 -61.83
C ARG E 100 23.74 25.43 -60.99
N GLY E 101 23.39 24.33 -61.65
CA GLY E 101 23.19 23.07 -60.96
C GLY E 101 21.85 22.43 -61.27
N GLU E 102 21.52 21.37 -60.54
CA GLU E 102 20.26 20.66 -60.74
C GLU E 102 19.18 21.20 -59.81
N VAL E 103 18.27 22.00 -60.37
CA VAL E 103 17.18 22.56 -59.58
C VAL E 103 16.22 21.47 -59.12
N LEU E 104 16.27 20.32 -59.80
CA LEU E 104 15.49 19.16 -59.42
C LEU E 104 16.28 17.91 -59.79
N SER E 105 16.23 16.90 -58.94
CA SER E 105 16.98 15.68 -59.17
C SER E 105 16.19 14.43 -58.81
N ARG E 106 16.76 13.26 -59.11
CA ARG E 106 16.12 11.99 -58.79
C ARG E 106 16.02 11.78 -57.29
N ASN E 107 16.67 12.65 -56.52
CA ASN E 107 16.66 12.56 -55.07
C ASN E 107 15.70 13.57 -54.44
N SER E 108 15.02 14.35 -55.28
CA SER E 108 14.10 15.37 -54.81
C SER E 108 12.83 14.74 -54.22
N ALA E 109 12.54 13.51 -54.64
CA ALA E 109 11.35 12.81 -54.16
C ALA E 109 11.46 11.31 -54.44
N PRO E 110 10.85 10.49 -53.59
CA PRO E 110 10.90 9.03 -53.74
C PRO E 110 10.47 8.57 -55.12
N GLU E 111 9.38 9.14 -55.65
CA GLU E 111 8.85 8.71 -56.95
C GLU E 111 9.69 9.25 -58.10
N LEU E 112 10.79 9.93 -57.77
CA LEU E 112 11.70 10.45 -58.78
C LEU E 112 12.99 9.64 -58.82
N ASN E 113 13.18 8.76 -57.84
CA ASN E 113 14.36 7.90 -57.76
C ASN E 113 14.54 7.10 -59.04
N HIS E 114 13.44 6.63 -59.58
CA HIS E 114 13.45 5.79 -60.78
C HIS E 114 12.23 6.11 -61.63
N CYS E 115 12.40 7.03 -62.59
CA CYS E 115 11.28 7.49 -63.40
C CYS E 115 11.72 8.20 -64.68
N ASN E 116 10.76 8.80 -65.36
CA ASN E 116 11.02 9.59 -66.56
C ASN E 116 10.45 10.99 -66.46
N ILE E 117 11.33 11.99 -66.49
CA ILE E 117 10.91 13.38 -66.52
C ILE E 117 11.39 14.02 -67.82
N GLU E 118 10.46 14.63 -68.55
CA GLU E 118 10.80 15.24 -69.82
C GLU E 118 9.99 16.52 -70.09
N ARG E 119 10.62 17.47 -70.76
CA ARG E 119 10.00 18.75 -71.09
C ARG E 119 9.57 19.56 -69.87
N PRO E 120 10.51 19.83 -68.96
CA PRO E 120 10.23 20.66 -67.78
C PRO E 120 10.25 22.14 -68.14
N LYS E 121 9.23 22.87 -67.71
CA LYS E 121 9.14 24.30 -67.98
C LYS E 121 8.98 25.08 -66.67
N VAL E 122 9.57 26.26 -66.62
CA VAL E 122 9.49 27.11 -65.43
C VAL E 122 8.78 28.43 -65.72
N MET E 123 7.81 28.76 -64.86
CA MET E 123 7.06 30.00 -65.00
C MET E 123 7.08 30.79 -63.70
N TYR E 124 7.14 32.11 -63.82
CA TYR E 124 7.19 32.98 -62.65
C TYR E 124 5.83 33.56 -62.29
N ASN E 125 5.49 33.48 -61.01
CA ASN E 125 4.23 34.03 -60.52
C ASN E 125 4.45 35.39 -59.85
N ALA E 126 3.96 36.45 -60.47
CA ALA E 126 4.20 37.81 -60.00
C ALA E 126 3.59 38.10 -58.64
N SER E 127 2.39 37.57 -58.39
CA SER E 127 1.67 37.84 -57.16
C SER E 127 2.28 37.14 -55.95
N THR E 128 2.65 35.87 -56.13
CA THR E 128 3.20 35.08 -55.04
C THR E 128 4.72 35.22 -54.93
N GLY E 129 5.35 35.61 -56.04
CA GLY E 129 6.77 35.83 -56.07
C GLY E 129 7.60 34.56 -56.11
N GLU E 130 6.94 33.43 -56.30
CA GLU E 130 7.62 32.15 -56.37
C GLU E 130 7.61 31.57 -57.77
N PHE E 131 8.58 30.69 -58.05
CA PHE E 131 8.69 30.06 -59.37
C PHE E 131 8.03 28.69 -59.37
N VAL E 132 7.21 28.43 -60.38
CA VAL E 132 6.52 27.14 -60.50
C VAL E 132 7.02 26.37 -61.71
N MET E 133 7.25 25.07 -61.52
CA MET E 133 7.80 24.23 -62.56
C MET E 133 6.90 23.05 -62.91
N TRP E 134 6.48 22.99 -64.18
CA TRP E 134 5.66 21.89 -64.68
C TRP E 134 6.46 20.97 -65.60
N MET E 135 6.08 19.70 -65.65
CA MET E 135 6.82 18.74 -66.45
C MET E 135 5.99 17.49 -66.75
N HIS E 136 6.53 16.62 -67.60
CA HIS E 136 5.90 15.36 -67.95
C HIS E 136 6.52 14.20 -67.17
N TRP E 137 5.68 13.42 -66.49
CA TRP E 137 6.18 12.35 -65.61
C TRP E 137 5.74 10.96 -66.07
N GLU E 138 6.67 10.03 -66.01
CA GLU E 138 6.39 8.61 -66.29
C GLU E 138 7.07 7.74 -65.23
N ASN E 139 6.53 6.55 -65.00
CA ASN E 139 7.01 5.71 -63.91
C ASN E 139 8.41 5.11 -64.12
N GLY E 140 8.92 5.21 -65.34
CA GLY E 140 10.26 4.76 -65.63
C GLY E 140 10.34 3.42 -66.35
N ILE E 141 9.25 2.67 -66.32
CA ILE E 141 9.22 1.37 -66.99
C ILE E 141 8.30 1.40 -68.21
N ASN E 142 7.31 2.29 -68.18
CA ASN E 142 6.39 2.44 -69.29
C ASN E 142 5.78 3.84 -69.36
N TYR E 143 4.96 4.08 -70.38
CA TYR E 143 4.30 5.37 -70.55
C TYR E 143 2.80 5.28 -70.32
N GLY E 144 2.40 4.45 -69.37
CA GLY E 144 0.98 4.24 -69.09
C GLY E 144 0.40 5.29 -68.17
N GLN E 145 1.24 5.88 -67.32
CA GLN E 145 0.78 6.85 -66.34
C GLN E 145 0.43 8.19 -66.99
N ALA E 146 1.35 8.71 -67.79
CA ALA E 146 1.14 9.99 -68.47
C ALA E 146 0.64 11.05 -67.51
N ARG E 147 1.49 11.47 -66.58
CA ARG E 147 1.11 12.45 -65.57
C ARG E 147 1.78 13.79 -65.78
N ALA E 148 1.30 14.79 -65.07
CA ALA E 148 1.94 16.10 -65.01
C ALA E 148 2.49 16.30 -63.61
N ALA E 149 3.74 16.77 -63.52
CA ALA E 149 4.38 16.95 -62.21
C ALA E 149 4.61 18.42 -61.89
N VAL E 150 4.46 18.78 -60.62
CA VAL E 150 4.59 20.17 -60.20
C VAL E 150 5.67 20.34 -59.15
N ALA E 151 6.39 21.46 -59.21
CA ALA E 151 7.41 21.79 -58.23
C ALA E 151 7.56 23.31 -58.15
N TYR E 152 7.94 23.81 -56.98
CA TYR E 152 8.07 25.25 -56.81
C TYR E 152 9.32 25.63 -56.03
N SER E 153 9.71 26.90 -56.12
CA SER E 153 10.90 27.40 -55.45
C SER E 153 10.79 28.89 -55.21
N LYS E 154 11.58 29.39 -54.26
CA LYS E 154 11.62 30.82 -53.98
C LYS E 154 12.68 31.49 -54.85
N THR E 155 13.55 30.67 -55.43
CA THR E 155 14.61 31.17 -56.29
C THR E 155 14.58 30.49 -57.66
N PRO E 156 15.05 31.18 -58.70
CA PRO E 156 15.06 30.63 -60.06
C PRO E 156 16.11 29.53 -60.25
N ASP E 157 17.27 29.69 -59.61
CA ASP E 157 18.37 28.75 -59.77
C ASP E 157 18.67 27.99 -58.48
N GLY E 158 17.68 27.86 -57.61
CA GLY E 158 17.85 27.15 -56.36
C GLY E 158 17.17 25.79 -56.36
N LYS E 159 17.34 25.05 -55.27
CA LYS E 159 16.73 23.73 -55.14
C LYS E 159 15.21 23.83 -55.06
N PHE E 160 14.53 23.31 -56.07
CA PHE E 160 13.07 23.27 -56.08
C PHE E 160 12.55 22.19 -55.14
N THR E 161 11.37 22.43 -54.57
CA THR E 161 10.73 21.45 -53.72
C THR E 161 9.61 20.75 -54.51
N TYR E 162 9.75 19.45 -54.68
CA TYR E 162 8.78 18.68 -55.45
C TYR E 162 7.43 18.65 -54.75
N ILE E 163 6.36 18.79 -55.52
CA ILE E 163 5.01 18.73 -54.97
C ILE E 163 4.38 17.37 -55.19
N ARG E 164 3.95 17.12 -56.43
CA ARG E 164 3.25 15.88 -56.75
C ARG E 164 3.14 15.66 -58.25
N SER E 165 2.75 14.45 -58.64
CA SER E 165 2.44 14.13 -60.02
C SER E 165 1.01 13.62 -60.10
N PHE E 166 0.30 14.02 -61.14
CA PHE E 166 -1.12 13.67 -61.25
C PHE E 166 -1.63 13.78 -62.68
N ARG E 167 -2.75 13.10 -62.94
CA ARG E 167 -3.45 13.24 -64.21
C ARG E 167 -4.56 14.28 -64.04
N PRO E 168 -4.51 15.35 -64.84
CA PRO E 168 -5.44 16.49 -64.73
C PRO E 168 -6.91 16.06 -64.67
N MET E 169 -7.68 16.73 -63.83
CA MET E 169 -9.12 16.49 -63.75
C MET E 169 -9.45 15.04 -63.41
N GLN E 170 -8.70 14.45 -62.49
CA GLN E 170 -8.91 13.05 -62.12
C GLN E 170 -10.08 12.87 -61.17
N ASP E 171 -10.46 13.95 -60.48
CA ASP E 171 -11.53 13.90 -59.49
C ASP E 171 -12.87 14.31 -60.08
N THR E 172 -12.91 14.52 -61.39
CA THR E 172 -14.14 14.92 -62.06
C THR E 172 -14.90 13.71 -62.59
N GLY E 173 -14.33 12.53 -62.41
CA GLY E 173 -14.95 11.30 -62.89
C GLY E 173 -14.49 10.95 -64.29
N VAL E 174 -13.73 11.86 -64.89
CA VAL E 174 -13.22 11.67 -66.25
C VAL E 174 -12.28 10.48 -66.34
N MET E 175 -12.45 9.68 -67.40
CA MET E 175 -11.58 8.54 -67.66
C MET E 175 -10.92 8.70 -69.03
N ASP E 176 -9.62 8.40 -69.09
CA ASP E 176 -8.87 8.49 -70.34
C ASP E 176 -8.05 7.23 -70.57
N HIS E 177 -8.64 6.26 -71.26
CA HIS E 177 -7.98 5.00 -71.58
C HIS E 177 -7.66 4.16 -70.34
N GLY E 178 -8.66 3.96 -69.49
CA GLY E 178 -8.53 3.05 -68.37
C GLY E 178 -8.05 3.67 -67.08
N LEU E 179 -7.70 4.95 -67.12
CA LEU E 179 -7.21 5.64 -65.92
C LEU E 179 -7.94 6.95 -65.66
N PRO E 180 -8.19 7.25 -64.38
CA PRO E 180 -8.87 8.48 -63.96
C PRO E 180 -8.08 9.73 -64.35
N GLY E 181 -8.75 10.66 -65.02
CA GLY E 181 -8.11 11.90 -65.43
C GLY E 181 -7.51 11.84 -66.82
N TYR E 182 -7.40 13.00 -67.45
CA TYR E 182 -6.82 13.10 -68.78
C TYR E 182 -5.37 12.67 -68.78
N MET E 183 -4.91 12.12 -69.91
CA MET E 183 -3.51 11.78 -70.08
C MET E 183 -2.71 13.06 -70.29
N SER E 184 -1.45 13.05 -69.88
CA SER E 184 -0.59 14.21 -70.02
C SER E 184 0.82 13.83 -70.44
N ARG E 185 1.15 14.09 -71.70
CA ARG E 185 2.47 13.79 -72.24
C ARG E 185 3.26 15.08 -72.45
N ASP E 186 3.60 15.36 -73.70
CA ASP E 186 4.30 16.60 -74.03
C ASP E 186 3.53 17.79 -73.48
N CYS E 187 4.26 18.72 -72.86
CA CYS E 187 3.61 19.84 -72.17
C CYS E 187 4.36 21.15 -72.33
N ASN E 188 3.76 22.22 -71.81
CA ASN E 188 4.37 23.55 -71.80
C ASN E 188 3.53 24.50 -70.94
N VAL E 189 4.11 25.64 -70.58
CA VAL E 189 3.43 26.61 -69.73
C VAL E 189 3.32 27.96 -70.42
N PHE E 190 2.30 28.73 -70.05
CA PHE E 190 2.09 30.04 -70.64
C PHE E 190 1.43 31.02 -69.68
N VAL E 191 2.07 32.17 -69.48
CA VAL E 191 1.52 33.23 -68.63
C VAL E 191 0.93 34.34 -69.48
N ASP E 192 -0.38 34.51 -69.41
CA ASP E 192 -1.06 35.52 -70.20
C ASP E 192 -0.81 36.91 -69.62
N THR E 193 -1.24 37.94 -70.34
CA THR E 193 -1.02 39.32 -69.92
C THR E 193 -1.91 39.71 -68.75
N ASP E 194 -2.93 38.91 -68.48
CA ASP E 194 -3.88 39.21 -67.40
C ASP E 194 -3.51 38.49 -66.10
N GLY E 195 -2.30 37.95 -66.05
CA GLY E 195 -1.83 37.27 -64.85
C GLY E 195 -2.24 35.81 -64.77
N LYS E 196 -3.10 35.38 -65.69
CA LYS E 196 -3.55 34.00 -65.72
C LYS E 196 -2.42 33.06 -66.10
N GLY E 197 -2.33 31.94 -65.40
CA GLY E 197 -1.35 30.92 -65.71
C GLY E 197 -2.00 29.75 -66.43
N TYR E 198 -1.28 29.18 -67.39
CA TYR E 198 -1.82 28.09 -68.19
C TYR E 198 -0.84 26.94 -68.36
N PHE E 199 -1.37 25.72 -68.39
CA PHE E 199 -0.58 24.52 -68.63
C PHE E 199 -1.22 23.73 -69.77
N ILE E 200 -0.44 23.49 -70.82
CA ILE E 200 -0.94 22.77 -71.98
C ILE E 200 -0.19 21.46 -72.17
N SER E 201 -0.92 20.39 -72.45
CA SER E 201 -0.32 19.07 -72.67
C SER E 201 -1.12 18.23 -73.64
N ALA E 202 -0.47 17.20 -74.19
CA ALA E 202 -1.13 16.30 -75.13
C ALA E 202 -1.89 15.21 -74.38
N ALA E 203 -3.21 15.16 -74.60
CA ALA E 203 -4.06 14.19 -73.93
C ALA E 203 -4.71 13.25 -74.94
N ASN E 204 -5.61 12.40 -74.44
CA ASN E 204 -6.33 11.45 -75.29
C ASN E 204 -5.39 10.69 -76.22
N GLU E 205 -4.44 9.97 -75.64
CA GLU E 205 -3.48 9.18 -76.41
C GLU E 205 -2.76 10.03 -77.45
N ASN E 206 -2.37 11.23 -77.03
CA ASN E 206 -1.62 12.14 -77.89
C ASN E 206 -2.42 12.68 -79.08
N MET E 207 -3.71 12.34 -79.13
CA MET E 207 -4.57 12.76 -80.23
C MET E 207 -5.00 14.21 -80.10
N ASP E 208 -5.24 14.65 -78.87
CA ASP E 208 -5.75 16.00 -78.63
C ASP E 208 -4.77 16.83 -77.79
N LEU E 209 -5.00 18.14 -77.77
CA LEU E 209 -4.21 19.04 -76.93
C LEU E 209 -5.11 19.75 -75.94
N HIS E 210 -4.85 19.55 -74.66
CA HIS E 210 -5.65 20.18 -73.60
C HIS E 210 -4.96 21.43 -73.06
N LEU E 211 -5.71 22.52 -72.98
CA LEU E 211 -5.22 23.76 -72.37
C LEU E 211 -5.88 23.94 -71.01
N TYR E 212 -5.06 23.89 -69.96
CA TYR E 212 -5.59 23.98 -68.59
C TYR E 212 -5.33 25.35 -67.99
N GLU E 213 -6.30 25.85 -67.23
CA GLU E 213 -6.13 27.10 -66.51
C GLU E 213 -5.67 26.83 -65.09
N LEU E 214 -4.46 27.27 -64.77
CA LEU E 214 -3.88 27.02 -63.45
C LEU E 214 -4.53 27.87 -62.37
N THR E 215 -4.49 27.38 -61.14
CA THR E 215 -4.94 28.14 -59.98
C THR E 215 -4.08 29.39 -59.85
N PRO E 216 -4.56 30.39 -59.12
CA PRO E 216 -3.84 31.66 -58.96
C PRO E 216 -2.35 31.50 -58.65
N ASP E 217 -1.98 30.45 -57.91
CA ASP E 217 -0.58 30.26 -57.51
C ASP E 217 0.23 29.42 -58.51
N TYR E 218 -0.41 29.05 -59.63
CA TYR E 218 0.25 28.29 -60.68
C TYR E 218 0.62 26.87 -60.28
N LYS E 219 0.36 26.51 -59.02
CA LYS E 219 0.80 25.21 -58.50
C LYS E 219 -0.23 24.10 -58.65
N ASN E 220 -1.37 24.41 -59.28
CA ASN E 220 -2.44 23.42 -59.44
C ASN E 220 -3.36 23.77 -60.60
N ILE E 221 -3.91 22.73 -61.24
CA ILE E 221 -4.85 22.92 -62.35
C ILE E 221 -6.25 23.24 -61.81
N ALA E 222 -6.82 24.33 -62.29
CA ALA E 222 -8.12 24.80 -61.81
C ALA E 222 -9.27 24.34 -62.69
N SER E 223 -9.09 24.41 -64.00
CA SER E 223 -10.15 24.04 -64.94
C SER E 223 -9.61 23.81 -66.35
N LEU E 224 -10.45 23.24 -67.20
CA LEU E 224 -10.10 22.98 -68.59
C LEU E 224 -10.49 24.17 -69.47
N LYS E 225 -9.49 24.94 -69.88
CA LYS E 225 -9.74 26.13 -70.70
C LYS E 225 -10.40 25.76 -72.03
N ALA E 226 -9.80 24.81 -72.74
CA ALA E 226 -10.34 24.37 -74.03
C ALA E 226 -9.59 23.17 -74.59
N LYS E 227 -10.26 22.45 -75.50
CA LYS E 227 -9.63 21.36 -76.22
C LYS E 227 -9.24 21.87 -77.61
N LEU E 228 -7.97 21.70 -77.97
CA LEU E 228 -7.47 22.26 -79.22
C LEU E 228 -6.92 21.21 -80.18
N PHE E 229 -7.32 21.34 -81.46
CA PHE E 229 -6.84 20.45 -82.52
C PHE E 229 -7.06 18.98 -82.18
N VAL E 230 -8.32 18.61 -81.94
CA VAL E 230 -8.66 17.25 -81.61
C VAL E 230 -8.49 16.32 -82.83
N GLY E 231 -7.83 15.20 -82.60
CA GLY E 231 -7.67 14.19 -83.64
C GLY E 231 -6.53 14.49 -84.60
N GLN E 232 -5.96 15.68 -84.47
CA GLN E 232 -4.87 16.09 -85.37
C GLN E 232 -3.51 15.62 -84.87
N GLN E 233 -3.49 15.10 -83.65
CA GLN E 233 -2.28 14.49 -83.09
C GLN E 233 -1.07 15.40 -83.16
N ARG E 234 -1.17 16.55 -82.50
CA ARG E 234 -0.06 17.51 -82.46
C ARG E 234 0.71 17.38 -81.16
N GLU E 235 2.04 17.46 -81.25
CA GLU E 235 2.90 17.29 -80.08
C GLU E 235 3.83 18.48 -79.89
N ALA E 236 4.64 18.41 -78.84
CA ALA E 236 5.61 19.47 -78.52
C ALA E 236 5.01 20.86 -78.70
N PRO E 237 3.93 21.17 -77.95
CA PRO E 237 3.24 22.45 -78.08
C PRO E 237 4.03 23.61 -77.50
N CYS E 238 3.96 24.76 -78.17
CA CYS E 238 4.61 25.98 -77.69
C CYS E 238 3.65 27.15 -77.80
N LEU E 239 3.14 27.60 -76.65
CA LEU E 239 2.15 28.66 -76.62
C LEU E 239 2.78 30.01 -76.30
N ILE E 240 2.56 30.98 -77.19
CA ILE E 240 3.11 32.33 -77.02
C ILE E 240 2.07 33.39 -77.38
N LYS E 241 2.48 34.65 -77.31
CA LYS E 241 1.60 35.77 -77.62
C LYS E 241 2.41 36.98 -78.09
N ARG E 242 1.91 37.67 -79.10
CA ARG E 242 2.62 38.80 -79.69
C ARG E 242 1.86 40.11 -79.57
N ASN E 243 0.98 40.39 -80.52
CA ASN E 243 0.21 41.63 -80.54
C ASN E 243 -1.29 41.38 -80.41
N GLY E 244 -1.69 40.80 -79.29
CA GLY E 244 -3.08 40.47 -79.07
C GLY E 244 -3.45 39.15 -79.72
N TYR E 245 -2.44 38.51 -80.34
CA TYR E 245 -2.63 37.22 -80.97
C TYR E 245 -1.90 36.11 -80.22
N TYR E 246 -2.58 34.98 -80.04
CA TYR E 246 -1.95 33.81 -79.45
C TYR E 246 -1.42 32.91 -80.56
N TYR E 247 -0.24 32.33 -80.34
CA TYR E 247 0.36 31.46 -81.34
C TYR E 247 0.72 30.10 -80.75
N LEU E 248 0.34 29.04 -81.46
CA LEU E 248 0.61 27.67 -81.00
C LEU E 248 1.45 26.90 -82.00
N ILE E 249 2.75 26.83 -81.75
CA ILE E 249 3.66 26.07 -82.59
C ILE E 249 3.75 24.64 -82.09
N THR E 250 3.45 23.69 -82.98
CA THR E 250 3.46 22.28 -82.62
C THR E 250 4.23 21.44 -83.62
N SER E 251 4.41 20.16 -83.32
CA SER E 251 5.07 19.24 -84.22
C SER E 251 4.20 18.00 -84.44
N GLY E 252 4.71 17.06 -85.21
CA GLY E 252 4.01 15.81 -85.46
C GLY E 252 4.43 14.74 -84.47
N CYS E 253 3.66 13.66 -84.42
CA CYS E 253 3.96 12.56 -83.51
C CYS E 253 4.66 11.42 -84.23
N THR E 254 5.98 11.52 -84.37
CA THR E 254 6.75 10.52 -85.07
C THR E 254 8.03 10.14 -84.32
N GLY E 255 7.91 9.98 -83.01
CA GLY E 255 9.04 9.58 -82.18
C GLY E 255 10.20 10.54 -82.25
N TRP E 256 11.41 9.99 -82.29
CA TRP E 256 12.63 10.80 -82.37
C TRP E 256 12.72 11.52 -83.72
N ASN E 257 12.33 10.82 -84.77
CA ASN E 257 12.43 11.35 -86.14
C ASN E 257 11.74 12.70 -86.30
N PRO E 258 12.52 13.71 -86.72
CA PRO E 258 11.98 15.06 -86.94
C PRO E 258 10.90 15.07 -88.00
N ASN E 259 9.93 15.98 -87.86
CA ASN E 259 8.83 16.08 -88.80
C ASN E 259 8.53 17.54 -89.18
N GLN E 260 7.37 17.77 -89.78
CA GLN E 260 6.97 19.11 -90.17
C GLN E 260 6.31 19.86 -89.03
N ALA E 261 6.94 20.95 -88.59
CA ALA E 261 6.37 21.79 -87.55
C ALA E 261 5.32 22.72 -88.13
N LYS E 262 4.21 22.89 -87.43
CA LYS E 262 3.13 23.76 -87.89
C LYS E 262 2.78 24.80 -86.83
N TYR E 263 1.97 25.78 -87.21
CA TYR E 263 1.56 26.82 -86.28
C TYR E 263 0.14 27.27 -86.55
N ALA E 264 -0.46 27.90 -85.55
CA ALA E 264 -1.82 28.45 -85.66
C ALA E 264 -1.96 29.67 -84.78
N TYR E 265 -2.94 30.51 -85.08
CA TYR E 265 -3.15 31.73 -84.32
C TYR E 265 -4.61 31.89 -83.90
N SER E 266 -4.85 32.78 -82.94
CA SER E 266 -6.19 33.06 -82.47
C SER E 266 -6.21 34.31 -81.61
N LYS E 267 -7.36 34.99 -81.58
CA LYS E 267 -7.51 36.21 -80.79
C LYS E 267 -7.79 35.84 -79.33
N ASP E 268 -8.39 34.67 -79.14
CA ASP E 268 -8.70 34.18 -77.79
C ASP E 268 -8.16 32.77 -77.60
N LEU E 269 -7.91 32.40 -76.35
CA LEU E 269 -7.40 31.07 -76.03
C LEU E 269 -8.53 30.03 -76.07
N ALA E 270 -9.71 30.43 -75.61
CA ALA E 270 -10.85 29.53 -75.54
C ALA E 270 -11.28 29.02 -76.92
N SER E 271 -11.33 29.94 -77.88
CA SER E 271 -11.77 29.58 -79.23
C SER E 271 -11.25 30.57 -80.27
N GLY E 272 -11.61 30.33 -81.53
CA GLY E 272 -11.22 31.21 -82.62
C GLY E 272 -9.89 30.86 -83.23
N TRP E 273 -9.45 29.62 -83.02
CA TRP E 273 -8.16 29.16 -83.54
C TRP E 273 -8.21 28.88 -85.04
N SER E 274 -7.17 29.31 -85.75
CA SER E 274 -7.09 29.11 -87.18
C SER E 274 -6.63 27.69 -87.52
N GLN E 275 -6.48 27.42 -88.80
CA GLN E 275 -6.02 26.12 -89.25
C GLN E 275 -4.52 25.97 -89.08
N LEU E 276 -4.00 24.80 -89.41
CA LEU E 276 -2.58 24.52 -89.28
C LEU E 276 -1.81 24.97 -90.52
N TYR E 277 -0.83 25.85 -90.31
CA TYR E 277 0.03 26.30 -91.40
C TYR E 277 1.45 25.79 -91.20
N ASN E 278 2.08 25.33 -92.28
CA ASN E 278 3.45 24.83 -92.21
C ASN E 278 4.42 25.88 -91.68
N LEU E 279 5.50 25.40 -91.04
CA LEU E 279 6.46 26.28 -90.41
C LEU E 279 7.84 25.63 -90.44
N GLY E 280 8.70 26.13 -91.32
CA GLY E 280 10.00 25.51 -91.56
C GLY E 280 9.87 24.48 -92.66
N ASN E 281 10.90 23.64 -92.82
CA ASN E 281 10.85 22.58 -93.82
C ASN E 281 10.19 21.31 -93.28
N SER E 282 10.14 20.27 -94.10
CA SER E 282 9.47 19.03 -93.75
C SER E 282 10.11 18.32 -92.56
N THR E 283 11.25 18.84 -92.11
CA THR E 283 11.99 18.22 -91.03
C THR E 283 12.24 19.22 -89.90
N THR E 284 11.64 20.41 -90.02
CA THR E 284 11.88 21.49 -89.08
C THR E 284 13.39 21.68 -88.87
N TYR E 285 14.15 21.48 -89.95
CA TYR E 285 15.60 21.61 -89.91
C TYR E 285 16.20 20.65 -88.90
N ARG E 286 15.73 19.40 -88.94
CA ARG E 286 16.18 18.36 -88.02
C ARG E 286 16.12 18.81 -86.56
N SER E 287 14.91 19.14 -86.11
CA SER E 287 14.71 19.53 -84.73
C SER E 287 13.24 19.42 -84.35
N GLN E 288 12.97 19.46 -83.05
CA GLN E 288 11.59 19.44 -82.55
C GLN E 288 11.38 20.59 -81.59
N PRO E 289 10.30 21.37 -81.82
CA PRO E 289 9.98 22.53 -80.97
C PRO E 289 9.96 22.16 -79.49
N THR E 290 10.52 23.03 -78.65
CA THR E 290 10.52 22.79 -77.22
C THR E 290 10.06 24.01 -76.44
N PHE E 291 10.38 25.20 -76.96
CA PHE E 291 9.99 26.44 -76.29
C PHE E 291 10.31 27.67 -77.14
N ILE E 292 9.45 28.67 -77.08
CA ILE E 292 9.66 29.93 -77.79
C ILE E 292 9.56 31.09 -76.80
N ILE E 293 10.63 31.87 -76.69
CA ILE E 293 10.68 32.97 -75.73
C ILE E 293 11.02 34.30 -76.40
N PRO E 294 10.22 35.33 -76.13
CA PRO E 294 10.46 36.67 -76.66
C PRO E 294 11.68 37.32 -76.03
N VAL E 295 12.63 37.76 -76.86
CA VAL E 295 13.84 38.40 -76.38
C VAL E 295 13.77 39.91 -76.62
N GLN E 296 13.35 40.64 -75.60
CA GLN E 296 13.18 42.09 -75.72
C GLN E 296 14.44 42.85 -75.36
N GLY E 297 14.75 43.87 -76.16
CA GLY E 297 15.92 44.70 -75.93
C GLY E 297 15.63 46.17 -76.20
N SER E 298 16.69 46.94 -76.44
CA SER E 298 16.55 48.37 -76.69
C SER E 298 15.90 48.63 -78.05
N SER E 299 16.42 47.97 -79.08
CA SER E 299 15.92 48.16 -80.44
C SER E 299 14.49 47.64 -80.59
N GLY E 300 14.28 46.38 -80.22
CA GLY E 300 12.96 45.78 -80.33
C GLY E 300 12.88 44.41 -79.69
N THR E 301 11.90 43.62 -80.11
CA THR E 301 11.71 42.27 -79.57
C THR E 301 11.78 41.22 -80.66
N SER E 302 12.74 40.31 -80.53
CA SER E 302 12.89 39.20 -81.47
C SER E 302 12.63 37.87 -80.78
N TYR E 303 11.59 37.18 -81.24
CA TYR E 303 11.21 35.90 -80.65
C TYR E 303 12.21 34.80 -80.96
N LEU E 304 12.67 34.11 -79.91
CA LEU E 304 13.66 33.04 -80.05
C LEU E 304 13.00 31.67 -80.08
N TYR E 305 13.37 30.86 -81.08
CA TYR E 305 12.87 29.50 -81.18
C TYR E 305 13.91 28.51 -80.67
N MET E 306 13.52 27.71 -79.70
CA MET E 306 14.41 26.66 -79.17
C MET E 306 13.91 25.29 -79.62
N GLY E 307 14.83 24.48 -80.14
CA GLY E 307 14.48 23.16 -80.61
C GLY E 307 15.51 22.11 -80.24
N ASP E 308 15.09 20.85 -80.23
CA ASP E 308 15.99 19.75 -79.91
C ASP E 308 16.26 18.85 -81.11
N ARG E 309 17.53 18.61 -81.40
CA ARG E 309 17.92 17.64 -82.41
C ARG E 309 18.22 16.32 -81.72
N TRP E 310 17.17 15.56 -81.46
CA TRP E 310 17.28 14.33 -80.68
C TRP E 310 18.24 13.31 -81.31
N ALA E 311 19.19 12.83 -80.51
CA ALA E 311 20.16 11.86 -80.96
C ALA E 311 19.53 10.51 -81.25
N GLY E 312 18.30 10.33 -80.78
CA GLY E 312 17.58 9.08 -81.00
C GLY E 312 17.34 8.82 -82.47
N ALA E 313 17.35 9.88 -83.27
CA ALA E 313 17.12 9.77 -84.71
C ALA E 313 18.21 8.92 -85.38
N TRP E 314 19.40 8.91 -84.79
CA TRP E 314 20.50 8.12 -85.34
C TRP E 314 21.03 7.09 -84.35
N GLY E 315 20.20 6.69 -83.39
CA GLY E 315 20.55 5.62 -82.47
C GLY E 315 21.28 6.07 -81.22
N GLY E 316 21.63 7.35 -81.15
CA GLY E 316 22.33 7.89 -80.01
C GLY E 316 21.43 8.06 -78.79
N LYS E 317 22.03 8.17 -77.61
CA LYS E 317 21.27 8.37 -76.39
C LYS E 317 20.88 9.82 -76.20
N VAL E 318 19.89 10.06 -75.34
CA VAL E 318 19.34 11.41 -75.15
C VAL E 318 20.40 12.45 -74.84
N ASN E 319 21.37 12.09 -73.99
CA ASN E 319 22.42 13.02 -73.60
C ASN E 319 23.37 13.38 -74.74
N ASP E 320 23.15 12.78 -75.90
CA ASP E 320 23.95 13.09 -77.08
C ASP E 320 23.19 14.03 -78.01
N SER E 321 21.97 14.37 -77.63
CA SER E 321 21.13 15.26 -78.43
C SER E 321 21.77 16.64 -78.58
N GLN E 322 21.34 17.37 -79.60
CA GLN E 322 21.89 18.69 -79.89
C GLN E 322 20.81 19.76 -79.82
N TYR E 323 21.19 21.01 -80.10
CA TYR E 323 20.26 22.11 -80.02
C TYR E 323 20.19 22.92 -81.31
N VAL E 324 19.01 23.43 -81.62
CA VAL E 324 18.82 24.28 -82.79
C VAL E 324 18.01 25.52 -82.43
N TRP E 325 18.69 26.66 -82.38
CA TRP E 325 18.02 27.92 -82.06
C TRP E 325 17.91 28.81 -83.29
N LEU E 326 16.69 29.25 -83.58
CA LEU E 326 16.43 30.09 -84.75
C LEU E 326 15.49 31.24 -84.38
N PRO E 327 15.57 32.33 -85.16
CA PRO E 327 14.65 33.47 -84.95
C PRO E 327 13.27 33.20 -85.52
N LEU E 328 12.23 33.50 -84.76
CA LEU E 328 10.86 33.35 -85.25
C LEU E 328 10.35 34.70 -85.75
N ASN E 329 10.30 34.85 -87.06
CA ASN E 329 9.92 36.13 -87.65
C ASN E 329 8.42 36.25 -87.93
N PHE E 330 7.88 37.42 -87.66
CA PHE E 330 6.46 37.69 -87.89
C PHE E 330 6.26 38.65 -89.05
N ILE E 331 6.20 38.11 -90.26
CA ILE E 331 5.93 38.91 -91.45
C ILE E 331 4.62 39.66 -91.29
N SER E 332 3.65 38.99 -90.69
CA SER E 332 2.35 39.58 -90.39
C SER E 332 1.79 38.99 -89.11
N ASP E 333 0.67 39.53 -88.63
CA ASP E 333 0.02 39.00 -87.44
C ASP E 333 -0.54 37.60 -87.70
N THR E 334 -0.61 37.21 -88.97
CA THR E 334 -1.16 35.91 -89.35
C THR E 334 -0.16 35.08 -90.14
N THR E 335 0.98 35.68 -90.47
CA THR E 335 2.00 34.99 -91.24
C THR E 335 3.33 34.88 -90.49
N LEU E 336 3.73 33.66 -90.17
CA LEU E 336 4.98 33.42 -89.45
C LEU E 336 6.04 32.78 -90.34
N GLU E 337 7.30 32.94 -89.96
CA GLU E 337 8.41 32.45 -90.75
C GLU E 337 9.57 31.97 -89.88
N LEU E 338 10.05 30.76 -90.13
CA LEU E 338 11.17 30.21 -89.38
C LEU E 338 12.31 29.80 -90.31
N PRO E 339 13.25 30.72 -90.55
CA PRO E 339 14.40 30.45 -91.41
C PRO E 339 15.47 29.63 -90.69
N TYR E 340 16.37 29.00 -91.44
CA TYR E 340 17.45 28.25 -90.83
C TYR E 340 18.82 28.89 -91.13
N TYR E 341 19.59 29.11 -90.08
CA TYR E 341 20.92 29.67 -90.21
C TYR E 341 21.92 28.76 -89.50
N ASP E 342 22.91 28.27 -90.23
CA ASP E 342 23.93 27.39 -89.64
C ASP E 342 24.57 28.05 -88.43
N SER E 343 24.59 29.38 -88.44
CA SER E 343 25.09 30.16 -87.31
C SER E 343 24.18 31.36 -87.07
N VAL E 344 23.78 31.55 -85.82
CA VAL E 344 22.87 32.64 -85.47
C VAL E 344 23.51 33.60 -84.47
N LYS E 345 23.47 34.89 -84.77
CA LYS E 345 24.01 35.90 -83.88
C LYS E 345 22.90 36.47 -82.99
N ILE E 346 23.14 36.48 -81.68
CA ILE E 346 22.16 36.97 -80.73
C ILE E 346 22.72 38.13 -79.90
N ASP E 347 21.91 39.18 -79.77
CA ASP E 347 22.28 40.33 -78.95
C ASP E 347 21.12 40.73 -78.05
N ALA E 348 21.11 40.18 -76.84
CA ALA E 348 20.00 40.37 -75.90
C ALA E 348 19.78 41.83 -75.54
N SER E 349 20.86 42.59 -75.46
CA SER E 349 20.78 44.01 -75.11
C SER E 349 19.94 44.79 -76.11
N SER E 350 20.19 44.57 -77.39
CA SER E 350 19.44 45.26 -78.44
C SER E 350 18.16 44.52 -78.77
N GLY E 351 18.15 43.22 -78.52
CA GLY E 351 16.99 42.38 -78.81
C GLY E 351 16.99 41.92 -80.26
N ILE E 352 18.18 41.71 -80.81
CA ILE E 352 18.32 41.29 -82.20
C ILE E 352 18.70 39.82 -82.33
N ILE E 353 17.93 39.09 -83.11
CA ILE E 353 18.25 37.71 -83.45
C ILE E 353 18.23 37.54 -84.96
N SER E 354 19.42 37.53 -85.56
CA SER E 354 19.53 37.46 -87.01
C SER E 354 20.59 36.47 -87.46
N GLU E 355 20.68 36.28 -88.77
CA GLU E 355 21.67 35.38 -89.35
C GLU E 355 23.09 35.92 -89.14
N TYR E 356 24.01 35.03 -88.82
CA TYR E 356 25.41 35.42 -88.68
C TYR E 356 26.19 35.13 -89.96
N ILE E 357 26.66 36.19 -90.61
CA ILE E 357 27.46 36.04 -91.83
C ILE E 357 28.94 36.13 -91.51
N PRO E 358 29.66 35.02 -91.63
CA PRO E 358 31.10 34.95 -91.34
C PRO E 358 31.90 36.01 -92.10
N ASP E 359 31.49 36.26 -93.34
CA ASP E 359 32.19 37.23 -94.19
C ASP E 359 31.24 38.35 -94.61
N THR E 360 31.32 39.48 -93.92
CA THR E 360 30.40 40.59 -94.14
C THR E 360 30.78 41.42 -95.38
N THR E 361 31.56 40.82 -96.28
CA THR E 361 31.94 41.50 -97.51
C THR E 361 30.75 41.62 -98.46
N ARG E 362 30.40 42.85 -98.81
CA ARG E 362 29.28 43.10 -99.71
C ARG E 362 29.72 43.01 -101.17
N TYR E 363 28.80 42.62 -102.05
CA TYR E 363 29.12 42.44 -103.46
C TYR E 363 28.06 43.00 -104.41
N LYS E 364 28.47 43.21 -105.66
CA LYS E 364 27.56 43.56 -106.74
C LYS E 364 27.75 42.57 -107.87
N LEU E 365 26.65 42.02 -108.37
CA LEU E 365 26.70 41.06 -109.48
C LEU E 365 26.35 41.73 -110.80
N VAL E 366 27.38 42.07 -111.57
CA VAL E 366 27.20 42.79 -112.83
C VAL E 366 27.11 41.84 -114.01
N ASN E 367 26.08 42.01 -114.84
CA ASN E 367 25.91 41.20 -116.03
C ASN E 367 26.82 41.68 -117.17
N LYS E 368 27.51 40.75 -117.81
CA LYS E 368 28.42 41.11 -118.90
C LYS E 368 27.70 41.72 -120.08
N ASN E 369 26.56 41.15 -120.43
CA ASN E 369 25.82 41.59 -121.62
C ASN E 369 25.10 42.92 -121.43
N SER E 370 24.36 43.06 -120.33
CA SER E 370 23.54 44.24 -120.09
C SER E 370 24.28 45.31 -119.31
N GLY E 371 25.25 44.90 -118.50
CA GLY E 371 25.97 45.83 -117.66
C GLY E 371 25.20 46.15 -116.40
N LYS E 372 23.98 45.65 -116.31
CA LYS E 372 23.14 45.84 -115.12
C LYS E 372 23.60 44.92 -114.00
N VAL E 373 23.09 45.17 -112.80
CA VAL E 373 23.46 44.38 -111.62
C VAL E 373 22.26 43.64 -111.05
N LEU E 374 22.55 42.55 -110.33
CA LEU E 374 21.50 41.76 -109.71
C LEU E 374 20.80 42.57 -108.62
N ASP E 375 19.47 42.56 -108.65
CA ASP E 375 18.70 43.41 -107.75
C ASP E 375 17.34 42.77 -107.42
N VAL E 376 16.63 43.37 -106.47
CA VAL E 376 15.29 42.94 -106.13
C VAL E 376 14.27 43.96 -106.63
N LEU E 377 13.20 43.48 -107.25
CA LEU E 377 12.18 44.36 -107.82
C LEU E 377 11.65 45.36 -106.79
N ASP E 378 11.76 46.64 -107.11
CA ASP E 378 11.30 47.72 -106.24
C ASP E 378 12.06 47.75 -104.91
N GLY E 379 13.19 47.05 -104.87
CA GLY E 379 14.00 46.97 -103.66
C GLY E 379 13.18 46.50 -102.48
N SER E 380 12.25 45.58 -102.73
CA SER E 380 11.34 45.09 -101.70
C SER E 380 12.03 44.09 -100.78
N VAL E 381 11.63 44.09 -99.51
CA VAL E 381 12.15 43.14 -98.54
C VAL E 381 11.14 42.02 -98.29
N ASP E 382 10.02 42.08 -98.99
CA ASP E 382 8.98 41.07 -98.85
C ASP E 382 9.46 39.72 -99.39
N ASN E 383 8.89 38.64 -98.87
CA ASN E 383 9.29 37.30 -99.26
C ASN E 383 8.80 36.94 -100.65
N ALA E 384 9.57 36.09 -101.34
CA ALA E 384 9.23 35.64 -102.69
C ALA E 384 9.27 36.77 -103.71
N ALA E 385 9.88 37.90 -103.34
CA ALA E 385 9.99 39.05 -104.23
C ALA E 385 10.75 38.69 -105.50
N GLN E 386 10.34 39.25 -106.63
CA GLN E 386 10.95 38.96 -107.92
C GLN E 386 12.37 39.51 -108.00
N ILE E 387 13.28 38.71 -108.57
CA ILE E 387 14.66 39.13 -108.75
C ILE E 387 14.87 39.62 -110.18
N VAL E 388 15.21 40.90 -110.32
CA VAL E 388 15.42 41.51 -111.63
C VAL E 388 16.77 42.22 -111.71
N GLN E 389 17.23 42.48 -112.93
CA GLN E 389 18.46 43.22 -113.15
C GLN E 389 18.15 44.69 -113.30
N TRP E 390 18.75 45.50 -112.44
CA TRP E 390 18.54 46.94 -112.47
C TRP E 390 19.87 47.67 -112.70
N THR E 391 19.79 48.98 -112.94
CA THR E 391 20.97 49.78 -113.17
C THR E 391 21.79 49.89 -111.88
N ASP E 392 23.10 50.10 -112.02
CA ASP E 392 23.99 50.22 -110.88
C ASP E 392 23.77 51.56 -110.18
N ASN E 393 22.76 51.63 -109.33
CA ASN E 393 22.46 52.86 -108.60
C ASN E 393 23.06 52.88 -107.21
N GLY E 394 23.74 51.79 -106.85
CA GLY E 394 24.39 51.68 -105.56
C GLY E 394 23.41 51.48 -104.42
N SER E 395 22.14 51.31 -104.77
CA SER E 395 21.09 51.09 -103.77
C SER E 395 21.41 49.91 -102.89
N LEU E 396 20.87 49.90 -101.68
CA LEU E 396 21.11 48.82 -100.73
C LEU E 396 20.48 47.51 -101.21
N SER E 397 19.51 47.62 -102.12
CA SER E 397 18.81 46.45 -102.63
C SER E 397 19.68 45.65 -103.61
N GLN E 398 20.84 46.20 -103.96
CA GLN E 398 21.71 45.59 -104.95
C GLN E 398 23.01 45.05 -104.36
N GLN E 399 23.03 44.86 -103.05
CA GLN E 399 24.20 44.35 -102.36
C GLN E 399 23.93 42.96 -101.78
N TRP E 400 24.92 42.08 -101.87
CA TRP E 400 24.72 40.69 -101.49
C TRP E 400 25.88 40.11 -100.69
N TYR E 401 25.55 39.28 -99.70
CA TYR E 401 26.56 38.55 -98.95
C TYR E 401 26.80 37.19 -99.60
N LEU E 402 27.98 36.62 -99.35
CA LEU E 402 28.29 35.28 -99.84
C LEU E 402 28.57 34.35 -98.67
N VAL E 403 27.56 33.57 -98.29
CA VAL E 403 27.67 32.66 -97.15
C VAL E 403 28.06 31.26 -97.57
N ASP E 404 29.23 30.82 -97.14
CA ASP E 404 29.73 29.49 -97.47
C ASP E 404 28.88 28.41 -96.79
N VAL E 405 28.38 27.46 -97.58
CA VAL E 405 27.55 26.38 -97.05
C VAL E 405 28.20 25.00 -97.25
N GLY E 406 29.49 25.00 -97.55
CA GLY E 406 30.23 23.77 -97.73
C GLY E 406 29.91 23.06 -99.03
N GLY E 407 30.86 22.27 -99.53
CA GLY E 407 30.69 21.54 -100.76
C GLY E 407 31.08 22.36 -101.98
N GLY E 408 31.55 23.58 -101.73
CA GLY E 408 31.94 24.47 -102.81
C GLY E 408 30.80 25.39 -103.22
N TYR E 409 29.64 25.21 -102.59
CA TYR E 409 28.48 26.04 -102.89
C TYR E 409 28.33 27.15 -101.86
N LYS E 410 27.59 28.20 -102.23
CA LYS E 410 27.42 29.36 -101.36
C LYS E 410 26.01 29.93 -101.45
N LYS E 411 25.62 30.66 -100.42
CA LYS E 411 24.33 31.35 -100.41
C LYS E 411 24.50 32.80 -100.85
N ILE E 412 23.64 33.24 -101.76
CA ILE E 412 23.63 34.64 -102.18
C ILE E 412 22.54 35.39 -101.42
N VAL E 413 22.93 36.00 -100.31
CA VAL E 413 21.98 36.65 -99.42
C VAL E 413 21.94 38.17 -99.63
N ASN E 414 20.75 38.69 -99.89
CA ASN E 414 20.58 40.14 -100.05
C ASN E 414 20.88 40.85 -98.74
N VAL E 415 21.29 42.11 -98.83
CA VAL E 415 21.64 42.88 -97.64
C VAL E 415 20.44 43.59 -97.03
N LYS E 416 19.66 44.26 -97.88
CA LYS E 416 18.49 44.99 -97.42
C LYS E 416 17.52 44.03 -96.71
N SER E 417 17.30 42.87 -97.32
CA SER E 417 16.49 41.83 -96.71
C SER E 417 17.34 40.57 -96.47
N GLY E 418 17.20 39.97 -95.30
CA GLY E 418 18.01 38.83 -94.93
C GLY E 418 17.71 37.59 -95.76
N ARG E 419 16.85 37.73 -96.77
CA ARG E 419 16.45 36.60 -97.59
C ARG E 419 17.55 36.20 -98.57
N ALA E 420 17.47 34.97 -99.07
CA ALA E 420 18.49 34.45 -99.99
C ALA E 420 17.93 34.20 -101.39
N LEU E 421 18.82 34.19 -102.37
CA LEU E 421 18.45 33.94 -103.75
C LEU E 421 18.19 32.44 -103.96
N ASP E 422 17.03 32.10 -104.50
CA ASP E 422 16.68 30.70 -104.73
C ASP E 422 15.83 30.49 -105.97
N VAL E 423 15.93 29.30 -106.54
CA VAL E 423 15.10 28.92 -107.68
C VAL E 423 13.69 28.62 -107.20
N LYS E 424 12.74 29.45 -107.60
CA LYS E 424 11.36 29.34 -107.14
C LYS E 424 10.78 27.94 -107.32
N ASP E 425 10.13 27.43 -106.28
CA ASP E 425 9.47 26.13 -106.31
C ASP E 425 10.41 25.00 -106.70
N GLU E 426 11.71 25.18 -106.42
CA GLU E 426 12.73 24.20 -106.77
C GLU E 426 12.56 23.70 -108.20
N SER E 427 12.44 24.64 -109.14
CA SER E 427 12.26 24.31 -110.53
C SER E 427 13.52 23.72 -111.14
N LYS E 428 13.35 22.83 -112.12
CA LYS E 428 14.46 22.19 -112.81
C LYS E 428 14.46 22.54 -114.30
N GLU E 429 13.50 23.37 -114.70
CA GLU E 429 13.29 23.67 -116.11
C GLU E 429 13.85 25.03 -116.51
N ASP E 430 14.07 25.22 -117.81
CA ASP E 430 14.50 26.50 -118.35
C ASP E 430 13.42 27.55 -118.13
N GLY E 431 13.85 28.79 -117.91
CA GLY E 431 12.92 29.88 -117.67
C GLY E 431 12.49 29.92 -116.22
N GLY E 432 13.07 29.04 -115.40
CA GLY E 432 12.78 29.01 -113.98
C GLY E 432 13.14 30.34 -113.32
N VAL E 433 12.12 31.09 -112.93
CA VAL E 433 12.31 32.41 -112.35
C VAL E 433 12.99 32.34 -110.99
N LEU E 434 13.86 33.30 -110.72
CA LEU E 434 14.56 33.38 -109.43
C LEU E 434 13.93 34.44 -108.53
N ILE E 435 13.77 34.11 -107.25
CA ILE E 435 13.20 35.04 -106.28
C ILE E 435 14.04 35.03 -105.01
N GLN E 436 13.81 36.02 -104.15
CA GLN E 436 14.43 36.03 -102.83
C GLN E 436 13.48 35.35 -101.84
N TYR E 437 14.00 34.36 -101.12
CA TYR E 437 13.16 33.59 -100.21
C TYR E 437 13.87 33.34 -98.88
N THR E 438 13.08 33.04 -97.86
CA THR E 438 13.62 32.77 -96.53
C THR E 438 14.58 31.58 -96.60
N SER E 439 15.68 31.67 -95.86
CA SER E 439 16.66 30.58 -95.82
C SER E 439 16.02 29.31 -95.27
N ASN E 440 16.18 28.22 -96.00
CA ASN E 440 15.59 26.94 -95.59
C ASN E 440 16.51 25.76 -95.85
N GLY E 441 17.77 26.04 -96.16
CA GLY E 441 18.76 25.00 -96.37
C GLY E 441 18.53 24.19 -97.63
N GLY E 442 17.54 24.58 -98.42
CA GLY E 442 17.25 23.89 -99.66
C GLY E 442 18.37 24.07 -100.68
N TYR E 443 18.58 23.06 -101.50
CA TYR E 443 19.65 23.11 -102.49
C TYR E 443 19.37 24.12 -103.60
N ASN E 444 18.12 24.57 -103.68
CA ASN E 444 17.75 25.60 -104.64
C ASN E 444 18.23 26.98 -104.18
N GLN E 445 18.86 27.03 -103.02
CA GLN E 445 19.39 28.27 -102.48
C GLN E 445 20.92 28.24 -102.45
N HIS E 446 21.49 27.16 -102.96
CA HIS E 446 22.95 27.02 -103.02
C HIS E 446 23.46 27.22 -104.44
N TRP E 447 24.52 27.99 -104.57
CA TRP E 447 25.07 28.32 -105.89
C TRP E 447 26.58 28.07 -105.96
N LYS E 448 27.03 27.52 -107.09
CA LYS E 448 28.46 27.30 -107.30
C LYS E 448 29.02 28.37 -108.24
N PHE E 449 30.19 28.90 -107.89
CA PHE E 449 30.83 29.93 -108.70
C PHE E 449 31.96 29.35 -109.55
N THR E 450 31.78 29.40 -110.87
CA THR E 450 32.78 28.89 -111.80
C THR E 450 33.48 30.03 -112.53
N ASP E 451 34.77 30.20 -112.24
CA ASP E 451 35.56 31.25 -112.86
C ASP E 451 35.83 30.97 -114.34
N ILE E 452 35.51 31.94 -115.18
CA ILE E 452 35.73 31.80 -116.62
C ILE E 452 36.71 32.85 -117.15
N GLY E 453 37.35 33.57 -116.22
CA GLY E 453 38.35 34.56 -116.59
C GLY E 453 37.84 35.99 -116.53
N ASP E 454 38.77 36.93 -116.39
CA ASP E 454 38.43 38.35 -116.32
C ASP E 454 37.45 38.68 -115.19
N GLY E 455 37.55 37.95 -114.09
CA GLY E 455 36.70 38.18 -112.94
C GLY E 455 35.23 37.93 -113.20
N TYR E 456 34.94 37.13 -114.23
CA TYR E 456 33.57 36.75 -114.54
C TYR E 456 33.29 35.31 -114.15
N TYR E 457 32.07 35.05 -113.69
CA TYR E 457 31.71 33.73 -113.20
C TYR E 457 30.42 33.20 -113.85
N LYS E 458 30.31 31.87 -113.90
CA LYS E 458 29.06 31.22 -114.25
C LYS E 458 28.43 30.63 -113.00
N ILE E 459 27.41 31.31 -112.47
CA ILE E 459 26.79 30.88 -111.23
C ILE E 459 25.71 29.81 -111.48
N SER E 460 26.04 28.57 -111.12
CA SER E 460 25.12 27.45 -111.34
C SER E 460 24.40 27.06 -110.05
N SER E 461 23.17 26.56 -110.20
CA SER E 461 22.39 26.11 -109.06
C SER E 461 22.79 24.70 -108.64
N ARG E 462 22.73 24.44 -107.33
CA ARG E 462 23.10 23.14 -106.80
C ARG E 462 22.02 22.11 -107.11
N HIS E 463 20.82 22.59 -107.43
CA HIS E 463 19.68 21.72 -107.66
C HIS E 463 19.80 20.95 -108.98
N CYS E 464 19.93 21.68 -110.09
CA CYS E 464 20.02 21.04 -111.41
C CYS E 464 21.32 21.36 -112.14
N GLY E 465 21.87 22.55 -111.87
CA GLY E 465 23.13 22.94 -112.48
C GLY E 465 22.99 24.10 -113.46
N LYS E 466 21.75 24.55 -113.66
CA LYS E 466 21.50 25.66 -114.58
C LYS E 466 22.06 26.97 -114.03
N LEU E 467 22.31 27.91 -114.93
CA LEU E 467 22.97 29.17 -114.55
C LEU E 467 21.97 30.30 -114.31
N ILE E 468 22.43 31.33 -113.61
CA ILE E 468 21.64 32.54 -113.43
C ILE E 468 21.57 33.28 -114.77
N ASP E 469 20.35 33.41 -115.30
CA ASP E 469 20.18 33.93 -116.65
C ASP E 469 19.34 35.20 -116.68
N VAL E 470 19.66 36.09 -117.61
CA VAL E 470 18.85 37.28 -117.84
C VAL E 470 17.86 36.99 -118.97
N ARG E 471 16.58 37.00 -118.65
CA ARG E 471 15.54 36.62 -119.61
C ARG E 471 15.68 37.31 -120.96
N LYS E 472 15.96 36.51 -121.99
CA LYS E 472 16.02 37.00 -123.36
C LYS E 472 17.10 38.06 -123.56
N TRP E 473 18.22 37.90 -122.87
CA TRP E 473 19.36 38.81 -123.03
C TRP E 473 18.96 40.26 -122.78
N SER E 474 17.89 40.48 -122.02
CA SER E 474 17.38 41.81 -121.76
C SER E 474 18.49 42.77 -121.32
N THR E 475 18.38 44.03 -121.75
CA THR E 475 19.37 45.04 -121.43
C THR E 475 18.75 46.21 -120.69
N GLU E 476 17.45 46.11 -120.42
CA GLU E 476 16.71 47.19 -119.78
C GLU E 476 16.49 46.93 -118.30
N ASP E 477 16.02 47.95 -117.59
CA ASP E 477 15.69 47.81 -116.16
C ASP E 477 14.50 46.88 -116.00
N GLY E 478 14.48 46.14 -114.89
CA GLY E 478 13.41 45.22 -114.62
C GLY E 478 13.58 43.92 -115.39
N GLY E 479 14.75 43.74 -115.98
CA GLY E 479 15.07 42.53 -116.71
C GLY E 479 14.98 41.32 -115.79
N ILE E 480 13.98 40.48 -116.03
CA ILE E 480 13.72 39.32 -115.18
C ILE E 480 14.89 38.36 -115.13
N ILE E 481 15.38 38.09 -113.92
CA ILE E 481 16.43 37.11 -113.72
C ILE E 481 15.80 35.73 -113.58
N GLN E 482 16.37 34.74 -114.27
CA GLN E 482 15.79 33.41 -114.31
C GLN E 482 16.85 32.31 -114.25
N GLN E 483 16.47 31.13 -114.71
CA GLN E 483 17.34 29.96 -114.69
C GLN E 483 17.37 29.34 -116.08
N TRP E 484 18.56 29.00 -116.57
CA TRP E 484 18.69 28.46 -117.92
C TRP E 484 19.93 27.58 -118.06
N SER E 485 19.90 26.69 -119.04
CA SER E 485 21.03 25.80 -119.29
C SER E 485 22.25 26.60 -119.74
N ASP E 486 23.44 26.03 -119.54
CA ASP E 486 24.67 26.69 -119.93
C ASP E 486 24.71 26.87 -121.45
N ALA E 487 24.54 28.11 -121.89
CA ALA E 487 24.51 28.42 -123.31
C ALA E 487 25.75 29.20 -123.76
N GLY E 488 26.59 29.56 -122.81
CA GLY E 488 27.81 30.28 -123.11
C GLY E 488 27.57 31.73 -123.50
N GLY E 489 26.35 32.21 -123.28
CA GLY E 489 26.00 33.57 -123.59
C GLY E 489 26.48 34.55 -122.54
N THR E 490 26.77 35.77 -122.95
CA THR E 490 27.26 36.80 -122.04
C THR E 490 26.19 37.21 -121.03
N ASN E 491 24.94 36.86 -121.33
CA ASN E 491 23.82 37.13 -120.44
C ASN E 491 23.82 36.18 -119.25
N GLN E 492 24.71 35.19 -119.28
CA GLN E 492 24.82 34.21 -118.21
C GLN E 492 26.12 34.39 -117.44
N HIS E 493 26.85 35.45 -117.76
CA HIS E 493 28.12 35.72 -117.09
C HIS E 493 27.99 36.90 -116.14
N TRP E 494 28.54 36.75 -114.93
CA TRP E 494 28.42 37.79 -113.92
C TRP E 494 29.77 38.13 -113.30
N LYS E 495 30.00 39.43 -113.07
CA LYS E 495 31.24 39.90 -112.48
C LYS E 495 31.04 40.25 -111.02
N LEU E 496 31.92 39.77 -110.16
CA LEU E 496 31.81 40.00 -108.73
C LEU E 496 32.57 41.26 -108.32
N VAL E 497 31.82 42.31 -108.00
CA VAL E 497 32.40 43.60 -107.67
C VAL E 497 32.23 43.95 -106.20
N LEU E 498 33.33 44.27 -105.52
CA LEU E 498 33.28 44.63 -104.11
C LEU E 498 32.72 46.03 -103.92
N VAL E 499 32.12 46.27 -102.75
CA VAL E 499 31.55 47.58 -102.44
C VAL E 499 31.64 47.89 -100.95
N GLU F 39 -0.42 1.63 -11.87
CA GLU F 39 -0.38 0.67 -12.96
C GLU F 39 -0.82 1.32 -14.27
N GLY F 40 -1.43 0.52 -15.14
CA GLY F 40 -1.93 1.01 -16.41
C GLY F 40 -3.23 1.78 -16.24
N VAL F 41 -3.16 2.87 -15.49
CA VAL F 41 -4.34 3.68 -15.19
C VAL F 41 -4.21 5.09 -15.74
N ILE F 42 -5.33 5.65 -16.18
CA ILE F 42 -5.36 7.00 -16.73
C ILE F 42 -6.31 7.91 -15.95
N VAL F 43 -5.86 9.13 -15.67
CA VAL F 43 -6.70 10.09 -14.97
C VAL F 43 -7.22 11.16 -15.93
N ASN F 44 -8.49 11.07 -16.28
CA ASN F 44 -9.11 12.00 -17.22
C ASN F 44 -9.20 13.42 -16.66
N GLY F 45 -9.23 14.40 -17.56
CA GLY F 45 -9.33 15.80 -17.16
C GLY F 45 -7.99 16.40 -16.79
N THR F 46 -6.92 15.74 -17.21
CA THR F 46 -5.57 16.23 -16.91
C THR F 46 -4.69 16.14 -18.15
N GLN F 47 -3.54 16.79 -18.09
CA GLN F 47 -2.56 16.72 -19.17
C GLN F 47 -1.61 15.55 -18.95
N PHE F 48 -1.80 14.49 -19.73
CA PHE F 48 -0.95 13.31 -19.62
C PHE F 48 0.52 13.68 -19.82
N LYS F 49 1.40 12.98 -19.13
CA LYS F 49 2.84 13.21 -19.28
C LYS F 49 3.52 12.04 -19.98
N ASP F 50 4.56 12.35 -20.75
CA ASP F 50 5.31 11.31 -21.45
C ASP F 50 6.34 10.68 -20.51
N THR F 51 7.07 9.70 -21.03
CA THR F 51 8.06 8.98 -20.24
C THR F 51 9.20 9.89 -19.75
N SER F 52 9.26 11.09 -20.30
CA SER F 52 10.31 12.04 -19.92
C SER F 52 9.83 13.06 -18.90
N GLY F 53 8.56 12.96 -18.52
CA GLY F 53 8.00 13.82 -17.49
C GLY F 53 7.38 15.10 -18.02
N ASN F 54 7.47 15.30 -19.33
CA ASN F 54 6.89 16.48 -19.96
C ASN F 54 5.42 16.27 -20.33
N VAL F 55 4.64 17.34 -20.33
CA VAL F 55 3.24 17.26 -20.73
C VAL F 55 3.14 16.89 -22.20
N ILE F 56 2.20 15.99 -22.52
CA ILE F 56 2.00 15.56 -23.89
C ILE F 56 1.19 16.60 -24.68
N HIS F 57 1.79 17.12 -25.74
CA HIS F 57 1.08 18.07 -26.61
C HIS F 57 0.66 17.43 -27.92
N ALA F 58 -0.51 16.78 -27.89
CA ALA F 58 -1.07 16.16 -29.09
C ALA F 58 -2.57 16.35 -29.08
N HIS F 59 -2.99 17.60 -29.25
CA HIS F 59 -4.40 17.97 -29.15
C HIS F 59 -5.19 17.68 -30.43
N GLY F 60 -6.46 17.34 -30.26
CA GLY F 60 -7.32 17.02 -31.39
C GLY F 60 -6.67 16.03 -32.34
N GLY F 61 -5.96 15.06 -31.78
CA GLY F 61 -5.22 14.11 -32.59
C GLY F 61 -5.90 12.76 -32.75
N GLY F 62 -5.17 11.83 -33.36
CA GLY F 62 -5.66 10.48 -33.56
C GLY F 62 -4.59 9.48 -33.20
N MET F 63 -4.84 8.20 -33.48
CA MET F 63 -3.89 7.16 -33.15
C MET F 63 -3.80 6.09 -34.24
N LEU F 64 -2.60 5.56 -34.43
CA LEU F 64 -2.36 4.54 -35.45
C LEU F 64 -1.74 3.29 -34.83
N LYS F 65 -2.27 2.13 -35.19
CA LYS F 65 -1.72 0.87 -34.70
C LYS F 65 -0.90 0.19 -35.80
N HIS F 66 0.42 0.32 -35.71
CA HIS F 66 1.30 -0.29 -36.68
C HIS F 66 2.40 -1.08 -35.97
N GLY F 67 2.56 -2.34 -36.35
CA GLY F 67 3.51 -3.22 -35.68
C GLY F 67 3.09 -3.48 -34.25
N ASP F 68 4.04 -3.33 -33.33
CA ASP F 68 3.76 -3.57 -31.91
C ASP F 68 3.51 -2.25 -31.18
N TYR F 69 3.49 -1.15 -31.93
CA TYR F 69 3.38 0.17 -31.32
C TYR F 69 2.12 0.93 -31.69
N TYR F 70 1.63 1.74 -30.75
CA TYR F 70 0.57 2.70 -31.03
C TYR F 70 1.20 4.07 -31.20
N TYR F 71 0.79 4.79 -32.24
CA TYR F 71 1.34 6.11 -32.50
C TYR F 71 0.29 7.20 -32.33
N TRP F 72 0.56 8.12 -31.42
CA TRP F 72 -0.38 9.18 -31.09
C TRP F 72 0.07 10.52 -31.67
N TYR F 73 -0.63 10.97 -32.70
CA TYR F 73 -0.33 12.25 -33.34
C TYR F 73 -1.31 13.32 -32.87
N GLY F 74 -0.87 14.58 -32.86
CA GLY F 74 -1.72 15.67 -32.42
C GLY F 74 -1.12 17.05 -32.62
N GLU F 75 -1.93 18.08 -32.38
CA GLU F 75 -1.50 19.46 -32.56
C GLU F 75 -0.49 19.87 -31.52
N TYR F 76 0.42 20.76 -31.90
CA TYR F 76 1.39 21.36 -31.00
C TYR F 76 1.48 22.84 -31.34
N ARG F 77 0.83 23.67 -30.54
CA ARG F 77 0.72 25.09 -30.85
C ARG F 77 1.45 25.96 -29.82
N ASP F 78 1.79 27.18 -30.22
CA ASP F 78 2.47 28.11 -29.33
C ASP F 78 1.46 28.89 -28.49
N ASP F 79 1.94 29.90 -27.75
CA ASP F 79 1.06 30.69 -26.90
C ASP F 79 0.05 31.51 -27.70
N SER F 80 0.36 31.76 -28.98
CA SER F 80 -0.52 32.53 -29.84
C SER F 80 -1.44 31.62 -30.65
N ASN F 81 -1.62 30.40 -30.17
CA ASN F 81 -2.46 29.41 -30.85
C ASN F 81 -2.08 29.21 -32.32
N LEU F 82 -0.80 29.42 -32.63
CA LEU F 82 -0.30 29.19 -33.98
C LEU F 82 0.37 27.83 -34.08
N PHE F 83 0.46 27.31 -35.31
CA PHE F 83 1.00 25.98 -35.54
C PHE F 83 2.51 25.92 -35.32
N LEU F 84 2.94 25.02 -34.45
CA LEU F 84 4.36 24.76 -34.23
C LEU F 84 4.75 23.42 -34.84
N GLY F 85 3.86 22.44 -34.73
CA GLY F 85 4.11 21.13 -35.31
C GLY F 85 3.09 20.07 -34.93
N VAL F 86 3.16 18.94 -35.62
CA VAL F 86 2.33 17.78 -35.28
C VAL F 86 3.20 16.76 -34.57
N SER F 87 2.98 16.60 -33.27
CA SER F 87 3.82 15.74 -32.44
C SER F 87 3.44 14.27 -32.54
N CYS F 88 4.43 13.40 -32.35
CA CYS F 88 4.21 11.96 -32.40
C CYS F 88 4.66 11.28 -31.11
N TYR F 89 3.75 10.51 -30.50
CA TYR F 89 4.05 9.78 -29.28
C TYR F 89 3.81 8.28 -29.48
N ARG F 90 4.82 7.48 -29.11
CA ARG F 90 4.75 6.04 -29.31
C ARG F 90 4.54 5.31 -27.98
N SER F 91 3.87 4.15 -28.05
CA SER F 91 3.62 3.36 -26.84
C SER F 91 3.15 1.95 -27.17
N LYS F 92 3.37 1.02 -26.24
CA LYS F 92 2.90 -0.35 -26.40
C LYS F 92 1.70 -0.62 -25.51
N ASP F 93 1.61 0.11 -24.41
CA ASP F 93 0.58 -0.15 -23.41
C ASP F 93 -0.51 0.93 -23.37
N LEU F 94 -0.33 1.97 -24.16
CA LEU F 94 -1.30 3.07 -24.23
C LEU F 94 -1.33 3.92 -22.97
N VAL F 95 -0.43 3.64 -22.04
CA VAL F 95 -0.37 4.39 -20.80
C VAL F 95 0.93 5.18 -20.68
N ASN F 96 2.04 4.55 -21.06
CA ASN F 96 3.34 5.21 -21.04
C ASN F 96 3.77 5.60 -22.45
N TRP F 97 3.76 6.91 -22.71
CA TRP F 97 4.05 7.41 -24.06
C TRP F 97 5.46 7.98 -24.19
N GLU F 98 6.17 7.53 -25.22
CA GLU F 98 7.52 8.01 -25.49
C GLU F 98 7.50 9.05 -26.59
N TYR F 99 7.98 10.25 -26.27
CA TYR F 99 8.01 11.36 -27.22
C TYR F 99 8.96 11.08 -28.38
N ARG F 100 8.48 11.26 -29.60
CA ARG F 100 9.26 10.94 -30.80
C ARG F 100 9.58 12.19 -31.63
N GLY F 101 9.15 13.35 -31.14
CA GLY F 101 9.40 14.60 -31.83
C GLY F 101 8.28 15.00 -32.77
N GLU F 102 8.48 16.08 -33.51
CA GLU F 102 7.50 16.55 -34.47
C GLU F 102 7.67 15.90 -35.84
N VAL F 103 6.68 15.12 -36.25
CA VAL F 103 6.71 14.49 -37.57
C VAL F 103 6.45 15.53 -38.64
N LEU F 104 5.89 16.66 -38.23
CA LEU F 104 5.67 17.80 -39.12
C LEU F 104 5.75 19.08 -38.29
N SER F 105 6.34 20.12 -38.88
CA SER F 105 6.51 21.38 -38.15
C SER F 105 6.18 22.59 -39.01
N ARG F 106 6.22 23.77 -38.39
CA ARG F 106 5.96 25.02 -39.09
C ARG F 106 7.09 25.32 -40.08
N ASN F 107 8.15 24.52 -40.02
CA ASN F 107 9.29 24.71 -40.91
C ASN F 107 9.28 23.73 -42.08
N SER F 108 8.33 22.78 -42.03
CA SER F 108 8.22 21.76 -43.07
C SER F 108 7.84 22.35 -44.42
N ALA F 109 7.28 23.55 -44.40
CA ALA F 109 6.88 24.23 -45.63
C ALA F 109 6.65 25.71 -45.37
N PRO F 110 6.93 26.56 -46.37
CA PRO F 110 6.78 28.01 -46.22
C PRO F 110 5.36 28.42 -45.80
N GLU F 111 4.36 27.73 -46.33
CA GLU F 111 2.96 28.06 -46.02
C GLU F 111 2.59 27.56 -44.62
N LEU F 112 3.56 26.97 -43.93
CA LEU F 112 3.33 26.49 -42.57
C LEU F 112 4.04 27.36 -41.54
N ASN F 113 4.89 28.27 -42.00
CA ASN F 113 5.62 29.17 -41.12
C ASN F 113 4.70 29.88 -40.13
N HIS F 114 3.62 30.45 -40.67
CA HIS F 114 2.63 31.15 -39.86
C HIS F 114 1.23 30.70 -40.25
N CYS F 115 0.70 29.73 -39.52
CA CYS F 115 -0.61 29.18 -39.84
C CYS F 115 -1.25 28.47 -38.65
N ASN F 116 -2.28 27.67 -38.94
CA ASN F 116 -2.98 26.92 -37.92
C ASN F 116 -3.45 25.57 -38.43
N ILE F 117 -2.77 24.50 -38.01
CA ILE F 117 -3.16 23.14 -38.37
C ILE F 117 -3.99 22.51 -37.26
N GLU F 118 -5.08 21.86 -37.63
CA GLU F 118 -5.97 21.24 -36.66
C GLU F 118 -6.34 19.81 -37.00
N ARG F 119 -6.42 18.97 -35.97
CA ARG F 119 -6.88 17.59 -36.10
C ARG F 119 -6.13 16.77 -37.15
N PRO F 120 -4.80 16.70 -37.02
CA PRO F 120 -4.01 15.88 -37.93
C PRO F 120 -4.21 14.40 -37.67
N LYS F 121 -4.44 13.62 -38.73
CA LYS F 121 -4.66 12.19 -38.60
C LYS F 121 -3.72 11.42 -39.52
N VAL F 122 -3.30 10.24 -39.08
CA VAL F 122 -2.38 9.42 -39.86
C VAL F 122 -2.98 8.06 -40.20
N MET F 123 -2.88 7.68 -41.47
CA MET F 123 -3.40 6.40 -41.94
C MET F 123 -2.30 5.63 -42.66
N TYR F 124 -2.34 4.31 -42.56
CA TYR F 124 -1.34 3.47 -43.22
C TYR F 124 -1.87 2.82 -44.49
N ASN F 125 -1.10 2.92 -45.55
CA ASN F 125 -1.47 2.34 -46.84
C ASN F 125 -0.74 1.01 -47.06
N ALA F 126 -1.48 -0.09 -46.99
CA ALA F 126 -0.90 -1.42 -47.07
C ALA F 126 -0.13 -1.67 -48.37
N SER F 127 -0.68 -1.21 -49.48
CA SER F 127 -0.08 -1.44 -50.78
C SER F 127 1.19 -0.62 -51.01
N THR F 128 1.11 0.69 -50.78
CA THR F 128 2.24 1.58 -51.00
C THR F 128 3.25 1.50 -49.86
N GLY F 129 2.79 1.04 -48.69
CA GLY F 129 3.65 0.93 -47.53
C GLY F 129 4.04 2.28 -46.95
N GLU F 130 3.29 3.31 -47.34
CA GLU F 130 3.56 4.67 -46.85
C GLU F 130 2.51 5.14 -45.86
N PHE F 131 2.92 6.02 -44.96
CA PHE F 131 2.00 6.62 -44.00
C PHE F 131 1.56 8.00 -44.49
N VAL F 132 0.25 8.17 -44.65
CA VAL F 132 -0.30 9.43 -45.14
C VAL F 132 -0.97 10.21 -44.02
N MET F 133 -0.67 11.50 -43.96
CA MET F 133 -1.25 12.36 -42.94
C MET F 133 -2.21 13.38 -43.54
N TRP F 134 -3.43 13.41 -43.01
CA TRP F 134 -4.43 14.40 -43.42
C TRP F 134 -4.72 15.36 -42.28
N MET F 135 -4.91 16.62 -42.61
CA MET F 135 -5.06 17.65 -41.59
C MET F 135 -5.95 18.81 -42.06
N HIS F 136 -6.40 19.62 -41.12
CA HIS F 136 -7.21 20.80 -41.43
C HIS F 136 -6.33 22.04 -41.43
N TRP F 137 -6.16 22.64 -42.60
CA TRP F 137 -5.30 23.82 -42.73
C TRP F 137 -6.07 25.12 -42.60
N GLU F 138 -5.46 26.09 -41.92
CA GLU F 138 -6.04 27.42 -41.78
C GLU F 138 -4.91 28.44 -41.65
N ASN F 139 -5.24 29.71 -41.88
CA ASN F 139 -4.29 30.77 -41.64
C ASN F 139 -4.31 31.18 -40.17
N GLY F 140 -3.35 32.00 -39.75
CA GLY F 140 -3.26 32.39 -38.36
C GLY F 140 -4.37 33.32 -37.92
N ILE F 141 -5.01 33.98 -38.87
CA ILE F 141 -6.02 34.99 -38.56
C ILE F 141 -7.39 34.40 -38.27
N ASN F 142 -7.93 33.65 -39.22
CA ASN F 142 -9.29 33.12 -39.09
C ASN F 142 -9.46 31.73 -39.68
N TYR F 143 -10.71 31.29 -39.75
CA TYR F 143 -11.04 29.98 -40.31
C TYR F 143 -11.69 30.13 -41.68
N GLY F 144 -11.39 31.23 -42.36
CA GLY F 144 -12.01 31.55 -43.63
C GLY F 144 -11.54 30.70 -44.79
N GLN F 145 -10.28 30.26 -44.73
CA GLN F 145 -9.69 29.47 -45.81
C GLN F 145 -10.29 28.07 -45.90
N ALA F 146 -10.42 27.42 -44.74
CA ALA F 146 -11.04 26.10 -44.65
C ALA F 146 -10.50 25.13 -45.70
N ARG F 147 -9.20 24.85 -45.63
CA ARG F 147 -8.58 23.92 -46.57
C ARG F 147 -8.27 22.59 -45.89
N ALA F 148 -7.81 21.63 -46.69
CA ALA F 148 -7.28 20.37 -46.18
C ALA F 148 -5.85 20.22 -46.67
N ALA F 149 -5.02 19.55 -45.89
CA ALA F 149 -3.62 19.39 -46.27
C ALA F 149 -3.17 17.94 -46.15
N VAL F 150 -2.17 17.55 -46.95
CA VAL F 150 -1.68 16.18 -46.97
C VAL F 150 -0.18 16.11 -46.80
N ALA F 151 0.29 15.04 -46.16
CA ALA F 151 1.71 14.77 -46.02
C ALA F 151 1.92 13.26 -45.98
N TYR F 152 3.13 12.82 -46.35
CA TYR F 152 3.42 11.38 -46.35
C TYR F 152 4.80 11.07 -45.78
N SER F 153 5.02 9.80 -45.45
CA SER F 153 6.29 9.37 -44.90
C SER F 153 6.44 7.85 -45.04
N LYS F 154 7.69 7.39 -45.11
CA LYS F 154 7.97 5.96 -45.18
C LYS F 154 7.83 5.32 -43.81
N THR F 155 8.11 6.09 -42.77
CA THR F 155 8.03 5.61 -41.39
C THR F 155 7.01 6.41 -40.60
N PRO F 156 6.42 5.78 -39.57
CA PRO F 156 5.37 6.42 -38.76
C PRO F 156 5.89 7.57 -37.90
N ASP F 157 7.13 7.48 -37.42
CA ASP F 157 7.69 8.50 -36.55
C ASP F 157 8.77 9.33 -37.22
N GLY F 158 8.92 9.16 -38.53
CA GLY F 158 9.89 9.93 -39.29
C GLY F 158 9.36 11.31 -39.63
N LYS F 159 10.18 12.10 -40.31
CA LYS F 159 9.77 13.45 -40.71
C LYS F 159 8.94 13.41 -41.97
N PHE F 160 7.63 13.59 -41.82
CA PHE F 160 6.71 13.62 -42.96
C PHE F 160 7.07 14.74 -43.92
N THR F 161 7.03 14.45 -45.22
CA THR F 161 7.24 15.47 -46.23
C THR F 161 5.90 16.10 -46.61
N TYR F 162 5.83 17.43 -46.55
CA TYR F 162 4.59 18.13 -46.83
C TYR F 162 4.28 18.14 -48.32
N ILE F 163 2.99 17.97 -48.66
CA ILE F 163 2.57 17.97 -50.05
C ILE F 163 1.93 19.29 -50.45
N ARG F 164 0.73 19.55 -49.92
CA ARG F 164 -0.01 20.74 -50.30
C ARG F 164 -1.28 20.92 -49.47
N SER F 165 -1.81 22.13 -49.48
CA SER F 165 -3.11 22.41 -48.90
C SER F 165 -4.06 22.82 -50.00
N PHE F 166 -5.32 22.42 -49.90
CA PHE F 166 -6.28 22.67 -50.97
C PHE F 166 -7.72 22.51 -50.51
N ARG F 167 -8.64 22.99 -51.34
CA ARG F 167 -10.06 22.80 -51.10
C ARG F 167 -10.58 21.70 -52.01
N PRO F 168 -11.19 20.65 -51.42
CA PRO F 168 -11.63 19.47 -52.15
C PRO F 168 -12.54 19.79 -53.34
N MET F 169 -12.32 19.11 -54.45
CA MET F 169 -13.18 19.21 -55.63
C MET F 169 -13.19 20.61 -56.25
N GLN F 170 -12.05 21.28 -56.19
CA GLN F 170 -11.94 22.62 -56.75
C GLN F 170 -11.86 22.56 -58.28
N ASP F 171 -11.60 21.37 -58.82
CA ASP F 171 -11.56 21.17 -60.26
C ASP F 171 -12.95 21.31 -60.89
N THR F 172 -13.96 20.81 -60.19
CA THR F 172 -15.33 20.80 -60.70
C THR F 172 -15.96 22.20 -60.75
N GLY F 173 -15.16 23.21 -60.44
CA GLY F 173 -15.61 24.59 -60.50
C GLY F 173 -16.65 24.93 -59.44
N VAL F 174 -16.83 24.01 -58.49
CA VAL F 174 -17.78 24.23 -57.40
C VAL F 174 -17.35 25.40 -56.53
N MET F 175 -18.32 26.09 -55.93
CA MET F 175 -18.05 27.20 -55.04
C MET F 175 -18.67 26.95 -53.68
N ASP F 176 -17.95 27.32 -52.62
CA ASP F 176 -18.45 27.16 -51.27
C ASP F 176 -18.17 28.41 -50.45
N HIS F 177 -19.15 29.31 -50.40
CA HIS F 177 -19.04 30.55 -49.65
C HIS F 177 -17.91 31.46 -50.13
N GLY F 178 -17.89 31.72 -51.44
CA GLY F 178 -16.98 32.70 -52.01
C GLY F 178 -15.64 32.17 -52.49
N LEU F 179 -15.41 30.87 -52.35
CA LEU F 179 -14.15 30.27 -52.75
C LEU F 179 -14.33 28.97 -53.53
N PRO F 180 -13.45 28.72 -54.50
CA PRO F 180 -13.47 27.50 -55.33
C PRO F 180 -13.22 26.26 -54.49
N GLY F 181 -14.04 25.23 -54.68
CA GLY F 181 -13.90 23.98 -53.96
C GLY F 181 -14.64 23.99 -52.63
N TYR F 182 -15.05 22.81 -52.18
CA TYR F 182 -15.76 22.67 -50.93
C TYR F 182 -14.91 23.15 -49.75
N MET F 183 -15.58 23.67 -48.73
CA MET F 183 -14.88 24.05 -47.50
C MET F 183 -14.52 22.78 -46.74
N SER F 184 -13.34 22.77 -46.11
CA SER F 184 -12.91 21.62 -45.35
C SER F 184 -12.29 22.04 -44.02
N ARG F 185 -12.96 21.71 -42.93
CA ARG F 185 -12.48 22.06 -41.60
C ARG F 185 -12.22 20.82 -40.75
N ASP F 186 -13.02 20.62 -39.71
CA ASP F 186 -12.89 19.42 -38.87
C ASP F 186 -12.83 18.16 -39.72
N CYS F 187 -11.75 17.42 -39.60
CA CYS F 187 -11.52 16.25 -40.46
C CYS F 187 -11.20 14.99 -39.68
N ASN F 188 -11.02 13.90 -40.42
CA ASN F 188 -10.67 12.60 -39.84
C ASN F 188 -10.56 11.57 -40.97
N VAL F 189 -9.70 10.58 -40.79
CA VAL F 189 -9.50 9.56 -41.82
C VAL F 189 -10.06 8.20 -41.43
N PHE F 190 -10.27 7.35 -42.42
CA PHE F 190 -10.82 6.02 -42.19
C PHE F 190 -10.43 5.05 -43.31
N VAL F 191 -10.00 3.86 -42.93
CA VAL F 191 -9.63 2.82 -43.90
C VAL F 191 -10.60 1.65 -43.81
N ASP F 192 -11.26 1.36 -44.93
CA ASP F 192 -12.26 0.29 -44.98
C ASP F 192 -11.59 -1.07 -45.11
N THR F 193 -12.37 -2.13 -44.91
CA THR F 193 -11.85 -3.49 -45.00
C THR F 193 -11.48 -3.86 -46.44
N ASP F 194 -12.03 -3.12 -47.40
CA ASP F 194 -11.75 -3.37 -48.81
C ASP F 194 -10.41 -2.76 -49.23
N GLY F 195 -9.85 -1.92 -48.36
CA GLY F 195 -8.57 -1.31 -48.63
C GLY F 195 -8.66 0.13 -49.11
N LYS F 196 -9.88 0.62 -49.29
CA LYS F 196 -10.08 2.00 -49.71
C LYS F 196 -9.97 2.98 -48.56
N GLY F 197 -9.28 4.09 -48.79
CA GLY F 197 -9.14 5.11 -47.78
C GLY F 197 -10.15 6.23 -47.96
N TYR F 198 -10.48 6.90 -46.87
CA TYR F 198 -11.47 7.98 -46.90
C TYR F 198 -11.05 9.17 -46.06
N PHE F 199 -11.56 10.35 -46.43
CA PHE F 199 -11.27 11.58 -45.70
C PHE F 199 -12.57 12.36 -45.50
N ILE F 200 -13.04 12.40 -44.26
CA ILE F 200 -14.28 13.09 -43.94
C ILE F 200 -14.02 14.43 -43.27
N SER F 201 -14.72 15.46 -43.72
CA SER F 201 -14.55 16.80 -43.15
C SER F 201 -15.83 17.61 -43.21
N ALA F 202 -15.93 18.63 -42.36
CA ALA F 202 -17.10 19.50 -42.33
C ALA F 202 -17.04 20.54 -43.45
N ALA F 203 -18.09 20.60 -44.26
CA ALA F 203 -18.14 21.52 -45.38
C ALA F 203 -19.35 22.44 -45.30
N ASN F 204 -19.48 23.35 -46.26
CA ASN F 204 -20.60 24.26 -46.33
C ASN F 204 -20.79 25.02 -45.02
N GLU F 205 -19.72 25.65 -44.55
CA GLU F 205 -19.74 26.39 -43.29
C GLU F 205 -20.13 25.47 -42.13
N ASN F 206 -19.57 24.27 -42.11
CA ASN F 206 -19.79 23.31 -41.04
C ASN F 206 -21.21 22.73 -40.99
N MET F 207 -22.05 23.17 -41.92
CA MET F 207 -23.44 22.71 -41.95
C MET F 207 -23.58 21.27 -42.41
N ASP F 208 -22.71 20.86 -43.33
CA ASP F 208 -22.78 19.51 -43.89
C ASP F 208 -21.48 18.75 -43.67
N LEU F 209 -21.55 17.43 -43.78
CA LEU F 209 -20.35 16.60 -43.71
C LEU F 209 -20.07 15.95 -45.06
N HIS F 210 -18.87 16.15 -45.56
CA HIS F 210 -18.47 15.57 -46.84
C HIS F 210 -17.52 14.39 -46.67
N LEU F 211 -17.97 13.22 -47.08
CA LEU F 211 -17.13 12.03 -47.06
C LEU F 211 -16.45 11.85 -48.41
N TYR F 212 -15.13 12.02 -48.43
CA TYR F 212 -14.38 11.89 -49.67
C TYR F 212 -13.67 10.56 -49.78
N GLU F 213 -13.67 9.99 -50.99
CA GLU F 213 -12.91 8.77 -51.25
C GLU F 213 -11.52 9.12 -51.78
N LEU F 214 -10.50 8.58 -51.15
CA LEU F 214 -9.12 8.90 -51.50
C LEU F 214 -8.63 8.06 -52.67
N THR F 215 -7.62 8.58 -53.37
CA THR F 215 -6.97 7.84 -54.44
C THR F 215 -6.30 6.60 -53.86
N PRO F 216 -5.93 5.65 -54.72
CA PRO F 216 -5.30 4.39 -54.26
C PRO F 216 -4.15 4.59 -53.29
N ASP F 217 -3.39 5.67 -53.43
CA ASP F 217 -2.23 5.90 -52.56
C ASP F 217 -2.55 6.77 -51.35
N TYR F 218 -3.83 7.13 -51.19
CA TYR F 218 -4.30 7.90 -50.04
C TYR F 218 -3.84 9.36 -50.05
N LYS F 219 -3.01 9.74 -51.01
CA LYS F 219 -2.42 11.08 -51.02
C LYS F 219 -3.20 12.10 -51.84
N ASN F 220 -4.47 11.80 -52.11
CA ASN F 220 -5.31 12.70 -52.90
C ASN F 220 -6.79 12.32 -52.82
N ILE F 221 -7.67 13.29 -53.08
CA ILE F 221 -9.10 13.03 -53.11
C ILE F 221 -9.55 12.62 -54.50
N ALA F 222 -10.20 11.46 -54.60
CA ALA F 222 -10.63 10.92 -55.88
C ALA F 222 -12.05 11.36 -56.25
N SER F 223 -12.94 11.39 -55.26
CA SER F 223 -14.33 11.75 -55.51
C SER F 223 -15.08 11.99 -54.20
N LEU F 224 -16.29 12.52 -54.32
CA LEU F 224 -17.15 12.73 -53.15
C LEU F 224 -18.03 11.52 -52.92
N LYS F 225 -17.68 10.72 -51.91
CA LYS F 225 -18.41 9.50 -51.61
C LYS F 225 -19.89 9.77 -51.33
N ALA F 226 -20.15 10.72 -50.44
CA ALA F 226 -21.52 11.06 -50.07
C ALA F 226 -21.59 12.30 -49.17
N LYS F 227 -22.73 12.99 -49.22
CA LYS F 227 -22.99 14.10 -48.31
C LYS F 227 -23.83 13.60 -47.14
N LEU F 228 -23.22 13.57 -45.95
CA LEU F 228 -23.89 13.00 -44.78
C LEU F 228 -24.41 14.07 -43.82
N PHE F 229 -25.61 13.84 -43.31
CA PHE F 229 -26.22 14.72 -42.32
C PHE F 229 -26.19 16.19 -42.75
N VAL F 230 -26.87 16.48 -43.85
CA VAL F 230 -26.96 17.85 -44.37
C VAL F 230 -27.81 18.72 -43.45
N GLY F 231 -27.28 19.89 -43.10
CA GLY F 231 -28.01 20.84 -42.27
C GLY F 231 -27.93 20.52 -40.79
N GLN F 232 -27.52 19.29 -40.48
CA GLN F 232 -27.40 18.85 -39.09
C GLN F 232 -26.32 19.64 -38.35
N GLN F 233 -25.33 20.10 -39.11
CA GLN F 233 -24.24 20.89 -38.55
C GLN F 233 -23.44 20.10 -37.52
N ARG F 234 -23.19 18.83 -37.83
CA ARG F 234 -22.37 18.00 -36.96
C ARG F 234 -20.89 18.29 -37.16
N GLU F 235 -20.09 17.97 -36.16
CA GLU F 235 -18.69 18.34 -36.17
C GLU F 235 -17.78 17.29 -35.55
N ALA F 236 -16.47 17.53 -35.60
CA ALA F 236 -15.48 16.60 -35.07
C ALA F 236 -15.84 15.14 -35.36
N PRO F 237 -15.92 14.79 -36.65
CA PRO F 237 -16.37 13.46 -37.05
C PRO F 237 -15.35 12.38 -36.71
N CYS F 238 -15.84 11.20 -36.33
CA CYS F 238 -14.99 10.04 -36.08
C CYS F 238 -15.60 8.81 -36.73
N LEU F 239 -14.99 8.36 -37.82
CA LEU F 239 -15.52 7.24 -38.58
C LEU F 239 -14.82 5.93 -38.27
N ILE F 240 -15.58 4.94 -37.83
CA ILE F 240 -15.04 3.62 -37.53
C ILE F 240 -15.96 2.53 -38.06
N LYS F 241 -15.51 1.28 -37.96
CA LYS F 241 -16.29 0.15 -38.44
C LYS F 241 -16.16 -1.05 -37.50
N ARG F 242 -17.27 -1.75 -37.29
CA ARG F 242 -17.29 -2.87 -36.37
C ARG F 242 -18.35 -3.90 -36.77
N ASN F 243 -17.91 -5.12 -37.07
CA ASN F 243 -18.80 -6.21 -37.44
C ASN F 243 -19.79 -5.86 -38.55
N GLY F 244 -19.26 -5.35 -39.66
CA GLY F 244 -20.08 -5.05 -40.83
C GLY F 244 -20.90 -3.79 -40.69
N TYR F 245 -20.70 -3.07 -39.59
CA TYR F 245 -21.42 -1.81 -39.35
C TYR F 245 -20.49 -0.60 -39.36
N TYR F 246 -20.96 0.49 -39.95
CA TYR F 246 -20.21 1.74 -39.92
C TYR F 246 -20.76 2.64 -38.82
N TYR F 247 -19.87 3.34 -38.13
CA TYR F 247 -20.28 4.22 -37.05
C TYR F 247 -19.66 5.61 -37.19
N LEU F 248 -20.49 6.63 -36.98
CA LEU F 248 -20.02 8.02 -37.06
C LEU F 248 -20.34 8.78 -35.78
N ILE F 249 -19.30 9.08 -35.01
CA ILE F 249 -19.46 9.85 -33.78
C ILE F 249 -19.07 11.30 -34.02
N THR F 250 -20.00 12.22 -33.72
CA THR F 250 -19.77 13.64 -33.97
C THR F 250 -20.17 14.50 -32.77
N SER F 251 -19.84 15.78 -32.83
CA SER F 251 -20.23 16.74 -31.81
C SER F 251 -21.06 17.85 -32.45
N GLY F 252 -21.45 18.83 -31.64
CA GLY F 252 -22.17 19.98 -32.15
C GLY F 252 -21.23 21.10 -32.55
N CYS F 253 -21.78 22.23 -32.96
CA CYS F 253 -20.97 23.38 -33.32
C CYS F 253 -21.13 24.52 -32.30
N THR F 254 -20.38 24.43 -31.20
CA THR F 254 -20.48 25.43 -30.15
C THR F 254 -19.10 25.98 -29.77
N GLY F 255 -18.22 26.07 -30.75
CA GLY F 255 -16.88 26.59 -30.52
C GLY F 255 -16.06 25.69 -29.63
N TRP F 256 -15.29 26.29 -28.73
CA TRP F 256 -14.47 25.53 -27.78
C TRP F 256 -15.34 24.83 -26.75
N ASN F 257 -16.45 25.48 -26.37
CA ASN F 257 -17.36 24.93 -25.38
C ASN F 257 -17.85 23.54 -25.75
N PRO F 258 -17.73 22.57 -24.82
CA PRO F 258 -18.18 21.21 -25.06
C PRO F 258 -19.70 21.13 -25.21
N ASN F 259 -20.18 20.14 -25.96
CA ASN F 259 -21.60 19.98 -26.22
C ASN F 259 -22.02 18.53 -26.30
N GLN F 260 -23.30 18.29 -26.55
CA GLN F 260 -23.82 16.93 -26.66
C GLN F 260 -23.21 16.19 -27.84
N ALA F 261 -22.63 15.03 -27.58
CA ALA F 261 -22.08 14.19 -28.63
C ALA F 261 -23.15 13.23 -29.13
N LYS F 262 -23.14 12.98 -30.44
CA LYS F 262 -24.13 12.07 -31.03
C LYS F 262 -23.44 11.03 -31.89
N TYR F 263 -24.14 9.94 -32.18
CA TYR F 263 -23.59 8.88 -33.01
C TYR F 263 -24.66 8.31 -33.96
N ALA F 264 -24.21 7.80 -35.10
CA ALA F 264 -25.10 7.19 -36.07
C ALA F 264 -24.45 5.95 -36.68
N TYR F 265 -25.25 5.09 -37.28
CA TYR F 265 -24.74 3.85 -37.86
C TYR F 265 -25.34 3.58 -39.23
N SER F 266 -24.73 2.66 -39.98
CA SER F 266 -25.20 2.31 -41.31
C SER F 266 -24.52 1.04 -41.81
N LYS F 267 -25.16 0.38 -42.78
CA LYS F 267 -24.60 -0.82 -43.39
C LYS F 267 -23.71 -0.42 -44.56
N ASP F 268 -23.87 0.82 -45.00
CA ASP F 268 -23.10 1.35 -46.13
C ASP F 268 -22.61 2.77 -45.87
N LEU F 269 -21.49 3.13 -46.47
CA LEU F 269 -20.93 4.47 -46.31
C LEU F 269 -21.72 5.50 -47.11
N ALA F 270 -22.08 5.13 -48.34
CA ALA F 270 -22.79 6.03 -49.25
C ALA F 270 -24.18 6.39 -48.73
N SER F 271 -24.93 5.39 -48.29
CA SER F 271 -26.29 5.61 -47.82
C SER F 271 -26.70 4.58 -46.78
N GLY F 272 -27.90 4.76 -46.22
CA GLY F 272 -28.42 3.85 -45.22
C GLY F 272 -28.11 4.28 -43.79
N TRP F 273 -27.69 5.53 -43.63
CA TRP F 273 -27.35 6.04 -42.31
C TRP F 273 -28.58 6.29 -41.45
N SER F 274 -28.52 5.86 -40.20
CA SER F 274 -29.61 6.05 -39.27
C SER F 274 -29.70 7.50 -38.79
N GLN F 275 -30.44 7.72 -37.72
CA GLN F 275 -30.59 9.04 -37.15
C GLN F 275 -29.52 9.30 -36.09
N LEU F 276 -29.56 10.48 -35.49
CA LEU F 276 -28.60 10.87 -34.47
C LEU F 276 -29.06 10.48 -33.07
N TYR F 277 -28.33 9.57 -32.45
CA TYR F 277 -28.62 9.16 -31.08
C TYR F 277 -27.61 9.77 -30.12
N ASN F 278 -28.07 10.15 -28.94
CA ASN F 278 -27.19 10.78 -27.94
C ASN F 278 -26.11 9.84 -27.41
N LEU F 279 -24.93 10.40 -27.16
CA LEU F 279 -23.81 9.65 -26.61
C LEU F 279 -23.16 10.45 -25.48
N GLY F 280 -23.16 9.88 -24.28
CA GLY F 280 -22.65 10.58 -23.11
C GLY F 280 -23.65 11.63 -22.64
N ASN F 281 -23.21 12.54 -21.79
CA ASN F 281 -24.09 13.57 -21.27
C ASN F 281 -24.11 14.83 -22.16
N SER F 282 -24.69 15.90 -21.65
CA SER F 282 -24.89 17.12 -22.42
C SER F 282 -23.60 17.80 -22.83
N THR F 283 -22.49 17.42 -22.20
CA THR F 283 -21.20 18.04 -22.49
C THR F 283 -20.17 17.02 -22.93
N THR F 284 -20.62 15.79 -23.19
CA THR F 284 -19.72 14.70 -23.53
C THR F 284 -18.63 14.60 -22.47
N TYR F 285 -19.02 14.86 -21.22
CA TYR F 285 -18.08 14.81 -20.10
C TYR F 285 -17.01 15.87 -20.24
N ARG F 286 -17.44 17.05 -20.69
CA ARG F 286 -16.53 18.18 -20.87
C ARG F 286 -15.39 17.85 -21.82
N SER F 287 -15.74 17.34 -23.00
CA SER F 287 -14.75 17.02 -24.01
C SER F 287 -15.35 17.06 -25.41
N GLN F 288 -14.49 17.00 -26.42
CA GLN F 288 -14.93 16.96 -27.80
C GLN F 288 -14.24 15.80 -28.51
N PRO F 289 -15.02 14.93 -29.15
CA PRO F 289 -14.49 13.76 -29.87
C PRO F 289 -13.37 14.15 -30.82
N THR F 290 -12.36 13.30 -30.94
CA THR F 290 -11.25 13.57 -31.84
C THR F 290 -10.82 12.32 -32.62
N PHE F 291 -11.00 11.15 -32.00
CA PHE F 291 -10.65 9.90 -32.66
C PHE F 291 -11.07 8.69 -31.83
N ILE F 292 -11.44 7.62 -32.51
CA ILE F 292 -11.81 6.36 -31.86
C ILE F 292 -11.07 5.21 -32.51
N ILE F 293 -10.33 4.44 -31.72
CA ILE F 293 -9.50 3.37 -32.25
C ILE F 293 -9.71 2.05 -31.50
N PRO F 294 -9.85 0.95 -32.26
CA PRO F 294 -10.03 -0.39 -31.69
C PRO F 294 -8.75 -0.89 -31.02
N VAL F 295 -8.89 -1.39 -29.79
CA VAL F 295 -7.76 -1.99 -29.08
C VAL F 295 -7.94 -3.50 -29.00
N GLN F 296 -7.27 -4.22 -29.88
CA GLN F 296 -7.43 -5.67 -29.98
C GLN F 296 -6.40 -6.43 -29.15
N GLY F 297 -6.87 -7.25 -28.23
CA GLY F 297 -5.99 -8.04 -27.38
C GLY F 297 -6.36 -9.51 -27.38
N SER F 298 -5.73 -10.27 -26.49
CA SER F 298 -5.98 -11.70 -26.39
C SER F 298 -7.38 -12.01 -25.88
N SER F 299 -7.82 -11.29 -24.85
CA SER F 299 -9.13 -11.49 -24.27
C SER F 299 -10.25 -11.12 -25.24
N GLY F 300 -10.09 -10.00 -25.93
CA GLY F 300 -11.08 -9.55 -26.88
C GLY F 300 -10.69 -8.22 -27.52
N THR F 301 -11.69 -7.44 -27.91
CA THR F 301 -11.46 -6.15 -28.54
C THR F 301 -12.33 -5.05 -27.95
N SER F 302 -11.69 -4.03 -27.38
CA SER F 302 -12.42 -2.89 -26.85
C SER F 302 -12.16 -1.66 -27.72
N TYR F 303 -12.94 -0.61 -27.50
CA TYR F 303 -12.81 0.61 -28.29
C TYR F 303 -12.46 1.81 -27.44
N LEU F 304 -11.39 2.51 -27.81
CA LEU F 304 -10.90 3.65 -27.05
C LEU F 304 -11.37 4.97 -27.63
N TYR F 305 -12.13 5.71 -26.83
CA TYR F 305 -12.59 7.04 -27.22
C TYR F 305 -11.59 8.10 -26.79
N MET F 306 -11.10 8.86 -27.77
CA MET F 306 -10.19 9.97 -27.48
C MET F 306 -10.91 11.31 -27.60
N GLY F 307 -10.76 12.15 -26.58
CA GLY F 307 -11.40 13.45 -26.57
C GLY F 307 -10.49 14.55 -26.08
N ASP F 308 -10.86 15.79 -26.35
CA ASP F 308 -10.08 16.94 -25.92
C ASP F 308 -10.90 17.86 -25.02
N ARG F 309 -10.34 18.20 -23.86
CA ARG F 309 -10.95 19.20 -23.00
C ARG F 309 -10.29 20.55 -23.29
N TRP F 310 -10.75 21.19 -24.35
CA TRP F 310 -10.16 22.43 -24.82
C TRP F 310 -10.18 23.51 -23.74
N ALA F 311 -9.01 24.05 -23.44
CA ALA F 311 -8.88 25.11 -22.44
C ALA F 311 -9.64 26.37 -22.88
N GLY F 312 -9.90 26.46 -24.18
CA GLY F 312 -10.61 27.61 -24.73
C GLY F 312 -12.01 27.74 -24.15
N ALA F 313 -12.56 26.63 -23.70
CA ALA F 313 -13.90 26.63 -23.11
C ALA F 313 -13.98 27.56 -21.91
N TRP F 314 -12.84 27.82 -21.27
CA TRP F 314 -12.80 28.73 -20.14
C TRP F 314 -11.82 29.88 -20.37
N GLY F 315 -11.60 30.21 -21.64
CA GLY F 315 -10.77 31.35 -22.00
C GLY F 315 -9.28 31.05 -22.05
N GLY F 316 -8.92 29.77 -21.94
CA GLY F 316 -7.54 29.37 -21.97
C GLY F 316 -7.04 29.04 -23.35
N LYS F 317 -5.72 29.11 -23.54
CA LYS F 317 -5.10 28.78 -24.81
C LYS F 317 -5.00 27.28 -25.03
N VAL F 318 -4.74 26.86 -26.26
CA VAL F 318 -4.71 25.45 -26.62
C VAL F 318 -3.67 24.68 -25.81
N ASN F 319 -2.56 25.35 -25.49
CA ASN F 319 -1.49 24.72 -24.70
C ASN F 319 -1.98 24.10 -23.39
N ASP F 320 -2.99 24.72 -22.81
CA ASP F 320 -3.49 24.29 -21.50
C ASP F 320 -4.64 23.29 -21.60
N SER F 321 -4.88 22.80 -22.81
CA SER F 321 -5.96 21.83 -23.03
C SER F 321 -5.62 20.46 -22.44
N GLN F 322 -6.66 19.73 -22.05
CA GLN F 322 -6.49 18.44 -21.40
C GLN F 322 -7.08 17.30 -22.24
N TYR F 323 -7.02 16.09 -21.72
CA TYR F 323 -7.50 14.92 -22.46
C TYR F 323 -8.52 14.11 -21.67
N VAL F 324 -9.39 13.42 -22.39
CA VAL F 324 -10.39 12.56 -21.77
C VAL F 324 -10.53 11.27 -22.57
N TRP F 325 -10.00 10.18 -22.01
CA TRP F 325 -10.08 8.87 -22.66
C TRP F 325 -11.09 7.97 -21.96
N LEU F 326 -12.01 7.41 -22.74
CA LEU F 326 -13.06 6.56 -22.18
C LEU F 326 -13.31 5.35 -23.07
N PRO F 327 -13.85 4.27 -22.49
CA PRO F 327 -14.19 3.08 -23.27
C PRO F 327 -15.51 3.25 -24.01
N LEU F 328 -15.54 2.87 -25.28
CA LEU F 328 -16.77 2.89 -26.06
C LEU F 328 -17.37 1.49 -26.10
N ASN F 329 -18.49 1.31 -25.41
CA ASN F 329 -19.11 -0.01 -25.29
C ASN F 329 -20.26 -0.24 -26.26
N PHE F 330 -20.28 -1.42 -26.86
CA PHE F 330 -21.33 -1.78 -27.81
C PHE F 330 -22.28 -2.82 -27.22
N ILE F 331 -23.35 -2.35 -26.59
CA ILE F 331 -24.39 -3.24 -26.09
C ILE F 331 -24.89 -4.12 -27.24
N SER F 332 -25.11 -3.48 -28.39
CA SER F 332 -25.51 -4.17 -29.60
C SER F 332 -24.99 -3.38 -30.80
N ASP F 333 -25.21 -3.91 -32.00
CA ASP F 333 -24.77 -3.22 -33.22
C ASP F 333 -25.50 -1.90 -33.39
N THR F 334 -26.60 -1.74 -32.66
CA THR F 334 -27.43 -0.54 -32.77
C THR F 334 -27.24 0.40 -31.57
N THR F 335 -27.04 -0.18 -30.40
CA THR F 335 -26.95 0.62 -29.17
C THR F 335 -25.51 0.81 -28.71
N LEU F 336 -25.08 2.07 -28.64
CA LEU F 336 -23.75 2.40 -28.16
C LEU F 336 -23.80 3.08 -26.79
N GLU F 337 -22.70 2.98 -26.05
CA GLU F 337 -22.63 3.52 -24.70
C GLU F 337 -21.25 4.12 -24.43
N LEU F 338 -21.24 5.31 -23.84
CA LEU F 338 -19.98 5.98 -23.49
C LEU F 338 -20.00 6.44 -22.03
N PRO F 339 -19.62 5.54 -21.12
CA PRO F 339 -19.60 5.86 -19.68
C PRO F 339 -18.42 6.77 -19.33
N TYR F 340 -18.53 7.49 -18.23
CA TYR F 340 -17.43 8.34 -17.77
C TYR F 340 -16.80 7.80 -16.49
N TYR F 341 -15.48 7.72 -16.49
CA TYR F 341 -14.73 7.27 -15.32
C TYR F 341 -13.63 8.27 -15.01
N ASP F 342 -13.48 8.64 -13.75
CA ASP F 342 -12.42 9.55 -13.34
C ASP F 342 -11.06 8.91 -13.62
N SER F 343 -11.02 7.59 -13.50
CA SER F 343 -9.81 6.83 -13.77
C SER F 343 -10.12 5.62 -14.64
N VAL F 344 -9.38 5.48 -15.73
CA VAL F 344 -9.62 4.39 -16.66
C VAL F 344 -8.47 3.38 -16.69
N LYS F 345 -8.79 2.11 -16.52
CA LYS F 345 -7.80 1.05 -16.56
C LYS F 345 -7.65 0.54 -17.97
N ILE F 346 -6.45 0.65 -18.54
CA ILE F 346 -6.19 0.21 -19.91
C ILE F 346 -5.19 -0.95 -19.97
N ASP F 347 -5.64 -2.07 -20.52
CA ASP F 347 -4.79 -3.24 -20.71
C ASP F 347 -4.71 -3.59 -22.18
N ALA F 348 -3.69 -3.08 -22.86
CA ALA F 348 -3.54 -3.26 -24.31
C ALA F 348 -3.38 -4.72 -24.71
N SER F 349 -2.55 -5.44 -23.97
CA SER F 349 -2.27 -6.85 -24.27
C SER F 349 -3.53 -7.71 -24.17
N SER F 350 -4.39 -7.39 -23.20
CA SER F 350 -5.62 -8.13 -23.00
C SER F 350 -6.72 -7.62 -23.93
N GLY F 351 -6.63 -6.35 -24.29
CA GLY F 351 -7.64 -5.72 -25.12
C GLY F 351 -8.85 -5.32 -24.29
N ILE F 352 -8.61 -4.87 -23.07
CA ILE F 352 -9.68 -4.51 -22.15
C ILE F 352 -9.56 -3.06 -21.69
N ILE F 353 -10.66 -2.33 -21.78
CA ILE F 353 -10.72 -0.97 -21.29
C ILE F 353 -11.90 -0.83 -20.35
N SER F 354 -11.62 -0.61 -19.06
CA SER F 354 -12.67 -0.54 -18.05
C SER F 354 -12.40 0.54 -17.02
N GLU F 355 -13.29 0.66 -16.05
CA GLU F 355 -13.15 1.62 -14.97
C GLU F 355 -12.11 1.14 -13.97
N TYR F 356 -11.32 2.07 -13.44
CA TYR F 356 -10.35 1.74 -12.42
C TYR F 356 -10.90 2.05 -11.03
N ILE F 357 -11.14 0.99 -10.25
CA ILE F 357 -11.64 1.16 -8.89
C ILE F 357 -10.50 1.13 -7.89
N PRO F 358 -10.19 2.30 -7.30
CA PRO F 358 -9.11 2.45 -6.33
C PRO F 358 -9.24 1.46 -5.16
N ASP F 359 -10.45 1.33 -4.62
CA ASP F 359 -10.70 0.43 -3.50
C ASP F 359 -11.55 -0.75 -3.95
N THR F 360 -10.92 -1.91 -4.11
CA THR F 360 -11.59 -3.10 -4.62
C THR F 360 -12.32 -3.88 -3.52
N THR F 361 -12.57 -3.23 -2.39
CA THR F 361 -13.28 -3.89 -1.29
C THR F 361 -14.74 -4.14 -1.65
N ARG F 362 -15.08 -5.41 -1.86
CA ARG F 362 -16.46 -5.79 -2.16
C ARG F 362 -17.35 -5.61 -0.94
N TYR F 363 -18.57 -5.14 -1.17
CA TYR F 363 -19.50 -4.87 -0.06
C TYR F 363 -20.85 -5.57 -0.22
N LYS F 364 -21.71 -5.37 0.77
CA LYS F 364 -23.03 -5.98 0.79
C LYS F 364 -23.94 -5.12 1.65
N LEU F 365 -24.99 -4.56 1.05
CA LEU F 365 -25.89 -3.66 1.74
C LEU F 365 -27.13 -4.38 2.26
N VAL F 366 -27.21 -4.53 3.57
CA VAL F 366 -28.35 -5.22 4.19
C VAL F 366 -29.32 -4.22 4.80
N ASN F 367 -30.61 -4.41 4.56
CA ASN F 367 -31.63 -3.53 5.09
C ASN F 367 -32.03 -3.89 6.52
N LYS F 368 -32.08 -2.87 7.37
CA LYS F 368 -32.40 -3.07 8.79
C LYS F 368 -33.71 -3.84 8.96
N ASN F 369 -34.78 -3.29 8.40
CA ASN F 369 -36.10 -3.91 8.51
C ASN F 369 -36.19 -5.25 7.79
N SER F 370 -36.11 -5.21 6.47
CA SER F 370 -36.31 -6.40 5.65
C SER F 370 -35.31 -7.51 5.97
N GLY F 371 -34.04 -7.14 6.11
CA GLY F 371 -33.00 -8.12 6.35
C GLY F 371 -32.44 -8.63 5.03
N LYS F 372 -33.02 -8.15 3.93
CA LYS F 372 -32.54 -8.52 2.60
C LYS F 372 -31.39 -7.62 2.20
N VAL F 373 -30.74 -7.96 1.08
CA VAL F 373 -29.59 -7.20 0.62
C VAL F 373 -29.88 -6.50 -0.71
N LEU F 374 -29.19 -5.40 -0.95
CA LEU F 374 -29.34 -4.65 -2.19
C LEU F 374 -28.92 -5.53 -3.37
N ASP F 375 -29.80 -5.70 -4.34
CA ASP F 375 -29.55 -6.61 -5.44
C ASP F 375 -30.09 -6.06 -6.77
N VAL F 376 -29.75 -6.73 -7.87
CA VAL F 376 -30.27 -6.36 -9.18
C VAL F 376 -31.27 -7.40 -9.66
N LEU F 377 -32.40 -6.93 -10.18
CA LEU F 377 -33.45 -7.84 -10.63
C LEU F 377 -32.93 -8.89 -11.61
N ASP F 378 -33.04 -10.15 -11.21
CA ASP F 378 -32.61 -11.27 -12.05
C ASP F 378 -31.11 -11.27 -12.27
N GLY F 379 -30.37 -10.59 -11.39
CA GLY F 379 -28.93 -10.48 -11.50
C GLY F 379 -28.52 -10.04 -12.90
N SER F 380 -29.33 -9.19 -13.51
CA SER F 380 -29.09 -8.73 -14.87
C SER F 380 -27.94 -7.73 -14.92
N VAL F 381 -27.18 -7.76 -16.01
CA VAL F 381 -26.11 -6.80 -16.24
C VAL F 381 -26.55 -5.77 -17.28
N ASP F 382 -27.81 -5.89 -17.71
CA ASP F 382 -28.36 -4.97 -18.70
C ASP F 382 -28.49 -3.57 -18.13
N ASN F 383 -28.54 -2.58 -19.01
CA ASN F 383 -28.64 -1.19 -18.60
C ASN F 383 -30.03 -0.84 -18.10
N ALA F 384 -30.08 0.01 -17.08
CA ALA F 384 -31.34 0.48 -16.50
C ALA F 384 -32.13 -0.64 -15.83
N ALA F 385 -31.43 -1.67 -15.38
CA ALA F 385 -32.07 -2.78 -14.67
C ALA F 385 -32.59 -2.34 -13.31
N GLN F 386 -33.73 -2.89 -12.91
CA GLN F 386 -34.36 -2.51 -11.64
C GLN F 386 -33.57 -3.01 -10.44
N ILE F 387 -33.44 -2.14 -9.42
CA ILE F 387 -32.77 -2.50 -8.19
C ILE F 387 -33.78 -3.00 -7.16
N VAL F 388 -33.57 -4.22 -6.68
CA VAL F 388 -34.48 -4.82 -5.70
C VAL F 388 -33.70 -5.42 -4.53
N GLN F 389 -34.39 -5.66 -3.43
CA GLN F 389 -33.80 -6.35 -2.29
C GLN F 389 -34.00 -7.85 -2.46
N TRP F 390 -33.14 -8.64 -1.82
CA TRP F 390 -33.21 -10.08 -1.98
C TRP F 390 -32.49 -10.79 -0.83
N THR F 391 -32.79 -12.08 -0.65
CA THR F 391 -32.16 -12.88 0.39
C THR F 391 -30.66 -13.00 0.15
N ASP F 392 -29.88 -12.84 1.22
CA ASP F 392 -28.44 -12.97 1.14
C ASP F 392 -28.05 -14.36 0.64
N ASN F 393 -27.68 -14.45 -0.64
CA ASN F 393 -27.29 -15.71 -1.24
C ASN F 393 -25.85 -15.70 -1.75
N GLY F 394 -25.12 -14.64 -1.44
CA GLY F 394 -23.73 -14.51 -1.84
C GLY F 394 -23.53 -14.42 -3.33
N SER F 395 -24.56 -13.96 -4.04
CA SER F 395 -24.48 -13.79 -5.49
C SER F 395 -23.65 -12.58 -5.86
N LEU F 396 -23.10 -12.57 -7.07
CA LEU F 396 -22.29 -11.46 -7.54
C LEU F 396 -23.08 -10.16 -7.57
N SER F 397 -24.32 -10.24 -8.04
CA SER F 397 -25.17 -9.07 -8.19
C SER F 397 -25.47 -8.38 -6.85
N GLN F 398 -25.08 -9.01 -5.76
CA GLN F 398 -25.33 -8.46 -4.43
C GLN F 398 -24.08 -7.82 -3.83
N GLN F 399 -23.03 -7.70 -4.64
CA GLN F 399 -21.77 -7.12 -4.21
C GLN F 399 -21.54 -5.77 -4.88
N TRP F 400 -21.01 -4.82 -4.13
CA TRP F 400 -20.86 -3.46 -4.65
C TRP F 400 -19.52 -2.83 -4.25
N TYR F 401 -18.96 -2.02 -5.15
CA TYR F 401 -17.78 -1.25 -4.86
C TYR F 401 -18.18 0.12 -4.32
N LEU F 402 -17.22 0.83 -3.72
CA LEU F 402 -17.46 2.18 -3.24
C LEU F 402 -16.39 3.13 -3.75
N VAL F 403 -16.75 3.93 -4.77
CA VAL F 403 -15.82 4.86 -5.37
C VAL F 403 -16.12 6.29 -4.96
N ASP F 404 -15.28 6.84 -4.09
CA ASP F 404 -15.45 8.22 -3.62
C ASP F 404 -15.27 9.20 -4.77
N VAL F 405 -16.17 10.18 -4.85
CA VAL F 405 -16.11 11.18 -5.91
C VAL F 405 -15.98 12.58 -5.33
N GLY F 406 -15.39 12.68 -4.14
CA GLY F 406 -15.19 13.95 -3.49
C GLY F 406 -16.46 14.51 -2.90
N GLY F 407 -16.32 15.52 -2.05
CA GLY F 407 -17.47 16.15 -1.42
C GLY F 407 -18.14 15.27 -0.38
N GLY F 408 -17.55 14.09 -0.16
CA GLY F 408 -18.07 13.15 0.82
C GLY F 408 -19.02 12.14 0.20
N TYR F 409 -19.40 12.38 -1.05
CA TYR F 409 -20.30 11.48 -1.77
C TYR F 409 -19.52 10.37 -2.45
N LYS F 410 -20.20 9.27 -2.75
CA LYS F 410 -19.56 8.12 -3.37
C LYS F 410 -20.46 7.41 -4.36
N LYS F 411 -19.85 6.72 -5.32
CA LYS F 411 -20.59 5.92 -6.29
C LYS F 411 -20.75 4.49 -5.76
N ILE F 412 -21.95 3.95 -5.91
CA ILE F 412 -22.20 2.57 -5.53
C ILE F 412 -22.25 1.69 -6.78
N VAL F 413 -21.10 1.15 -7.16
CA VAL F 413 -20.98 0.40 -8.40
C VAL F 413 -21.18 -1.10 -8.17
N ASN F 414 -22.08 -1.70 -8.94
CA ASN F 414 -22.28 -3.14 -8.87
C ASN F 414 -21.02 -3.87 -9.30
N VAL F 415 -20.87 -5.13 -8.86
CA VAL F 415 -19.69 -5.90 -9.21
C VAL F 415 -19.93 -6.80 -10.42
N LYS F 416 -21.08 -7.48 -10.44
CA LYS F 416 -21.44 -8.33 -11.55
C LYS F 416 -21.39 -7.54 -12.86
N SER F 417 -22.00 -6.36 -12.83
CA SER F 417 -21.89 -5.42 -13.95
C SER F 417 -21.00 -4.26 -13.50
N GLY F 418 -20.81 -3.29 -14.38
CA GLY F 418 -19.99 -2.13 -14.05
C GLY F 418 -20.83 -0.88 -13.90
N ARG F 419 -22.14 -1.08 -13.71
CA ARG F 419 -23.07 0.04 -13.67
C ARG F 419 -23.27 0.58 -12.25
N ALA F 420 -23.47 1.88 -12.15
CA ALA F 420 -23.60 2.54 -10.85
C ALA F 420 -25.06 2.70 -10.43
N LEU F 421 -25.29 2.66 -9.12
CA LEU F 421 -26.62 2.89 -8.57
C LEU F 421 -27.10 4.27 -9.00
N ASP F 422 -28.25 4.32 -9.67
CA ASP F 422 -28.72 5.55 -10.29
C ASP F 422 -30.20 5.80 -10.03
N VAL F 423 -30.54 7.06 -9.74
CA VAL F 423 -31.93 7.46 -9.59
C VAL F 423 -32.53 7.71 -10.96
N LYS F 424 -33.39 6.80 -11.40
CA LYS F 424 -33.95 6.86 -12.75
C LYS F 424 -34.45 8.25 -13.12
N ASP F 425 -33.98 8.74 -14.27
CA ASP F 425 -34.42 10.01 -14.82
C ASP F 425 -34.16 11.19 -13.88
N GLU F 426 -33.11 11.09 -13.05
CA GLU F 426 -32.78 12.15 -12.11
C GLU F 426 -34.01 12.66 -11.37
N SER F 427 -34.87 11.73 -10.95
CA SER F 427 -36.09 12.09 -10.26
C SER F 427 -35.81 12.75 -8.92
N LYS F 428 -36.67 13.69 -8.53
CA LYS F 428 -36.55 14.36 -7.25
C LYS F 428 -37.83 14.17 -6.44
N GLU F 429 -38.52 13.06 -6.69
CA GLU F 429 -39.81 12.81 -6.05
C GLU F 429 -39.77 11.53 -5.21
N ASP F 430 -40.70 11.43 -4.27
CA ASP F 430 -40.81 10.24 -3.43
C ASP F 430 -41.26 9.06 -4.27
N GLY F 431 -40.66 7.90 -4.04
CA GLY F 431 -41.01 6.70 -4.77
C GLY F 431 -40.21 6.53 -6.05
N GLY F 432 -39.34 7.49 -6.32
CA GLY F 432 -38.50 7.44 -7.51
C GLY F 432 -37.69 6.16 -7.58
N VAL F 433 -38.03 5.30 -8.53
CA VAL F 433 -37.36 4.02 -8.70
C VAL F 433 -35.85 4.15 -8.89
N LEU F 434 -35.11 3.22 -8.31
CA LEU F 434 -33.65 3.16 -8.46
C LEU F 434 -33.25 2.07 -9.44
N ILE F 435 -32.29 2.38 -10.31
CA ILE F 435 -31.82 1.44 -11.30
C ILE F 435 -30.30 1.45 -11.39
N GLN F 436 -29.73 0.49 -12.11
CA GLN F 436 -28.30 0.51 -12.40
C GLN F 436 -28.08 1.08 -13.80
N TYR F 437 -27.39 2.21 -13.87
CA TYR F 437 -27.21 2.90 -15.14
C TYR F 437 -25.73 3.20 -15.41
N THR F 438 -25.42 3.44 -16.67
CA THR F 438 -24.04 3.75 -17.06
C THR F 438 -23.57 5.00 -16.34
N SER F 439 -22.33 4.97 -15.86
CA SER F 439 -21.75 6.11 -15.16
C SER F 439 -21.73 7.33 -16.07
N ASN F 440 -22.33 8.42 -15.62
CA ASN F 440 -22.41 9.65 -16.41
C ASN F 440 -22.06 10.90 -15.62
N GLY F 441 -21.52 10.72 -14.42
CA GLY F 441 -21.08 11.84 -13.60
C GLY F 441 -22.23 12.65 -13.03
N GLY F 442 -23.45 12.16 -13.21
CA GLY F 442 -24.63 12.84 -12.70
C GLY F 442 -24.77 12.69 -11.20
N TYR F 443 -25.28 13.73 -10.55
CA TYR F 443 -25.47 13.69 -9.10
C TYR F 443 -26.44 12.61 -8.68
N ASN F 444 -27.25 12.13 -9.61
CA ASN F 444 -28.20 11.06 -9.34
C ASN F 444 -27.50 9.71 -9.26
N GLN F 445 -26.17 9.73 -9.25
CA GLN F 445 -25.38 8.52 -9.10
C GLN F 445 -24.40 8.68 -7.94
N HIS F 446 -24.49 9.81 -7.25
CA HIS F 446 -23.64 10.08 -6.09
C HIS F 446 -24.44 9.91 -4.80
N TRP F 447 -23.87 9.17 -3.85
CA TRP F 447 -24.57 8.87 -2.61
C TRP F 447 -23.72 9.16 -1.37
N LYS F 448 -24.35 9.73 -0.35
CA LYS F 448 -23.66 10.03 0.91
C LYS F 448 -24.08 9.06 2.00
N PHE F 449 -23.10 8.60 2.78
CA PHE F 449 -23.36 7.71 3.91
C PHE F 449 -23.37 8.48 5.22
N THR F 450 -24.50 8.45 5.92
CA THR F 450 -24.62 9.10 7.22
C THR F 450 -24.85 8.08 8.32
N ASP F 451 -23.95 8.08 9.32
CA ASP F 451 -24.01 7.10 10.39
C ASP F 451 -25.07 7.45 11.43
N ILE F 452 -25.85 6.45 11.83
CA ILE F 452 -26.89 6.63 12.83
C ILE F 452 -26.66 5.71 14.03
N GLY F 453 -25.53 5.00 14.00
CA GLY F 453 -25.20 4.06 15.05
C GLY F 453 -25.50 2.62 14.64
N ASP F 454 -24.90 1.68 15.35
CA ASP F 454 -25.10 0.26 15.09
C ASP F 454 -24.58 -0.14 13.71
N GLY F 455 -23.71 0.70 13.13
CA GLY F 455 -23.13 0.43 11.83
C GLY F 455 -24.14 0.58 10.71
N TYR F 456 -25.26 1.24 10.99
CA TYR F 456 -26.28 1.50 9.99
C TYR F 456 -26.18 2.92 9.45
N TYR F 457 -26.46 3.08 8.16
CA TYR F 457 -26.35 4.38 7.51
C TYR F 457 -27.65 4.80 6.82
N LYS F 458 -27.78 6.09 6.58
CA LYS F 458 -28.87 6.62 5.78
C LYS F 458 -28.29 7.15 4.46
N ILE F 459 -28.29 6.30 3.44
CA ILE F 459 -27.66 6.64 2.16
C ILE F 459 -28.48 7.62 1.34
N SER F 460 -28.18 8.90 1.50
CA SER F 460 -28.90 9.95 0.77
C SER F 460 -28.36 10.14 -0.65
N SER F 461 -29.13 10.85 -1.47
CA SER F 461 -28.71 11.13 -2.84
C SER F 461 -28.27 12.58 -2.97
N ARG F 462 -27.16 12.78 -3.69
CA ARG F 462 -26.58 14.11 -3.85
C ARG F 462 -27.50 15.07 -4.61
N HIS F 463 -28.41 14.50 -5.41
CA HIS F 463 -29.28 15.31 -6.26
C HIS F 463 -30.26 16.16 -5.44
N CYS F 464 -31.17 15.49 -4.74
CA CYS F 464 -32.21 16.19 -3.97
C CYS F 464 -32.02 16.03 -2.47
N GLY F 465 -31.55 14.85 -2.05
CA GLY F 465 -31.31 14.60 -0.64
C GLY F 465 -32.02 13.36 -0.14
N LYS F 466 -33.07 12.95 -0.85
CA LYS F 466 -33.82 11.76 -0.48
C LYS F 466 -32.91 10.55 -0.50
N LEU F 467 -33.18 9.58 0.37
CA LEU F 467 -32.28 8.45 0.56
C LEU F 467 -32.89 7.12 0.10
N ILE F 468 -32.03 6.12 -0.03
CA ILE F 468 -32.45 4.78 -0.46
C ILE F 468 -33.55 4.23 0.46
N ASP F 469 -34.65 3.78 -0.14
CA ASP F 469 -35.80 3.32 0.61
C ASP F 469 -36.36 2.02 0.02
N VAL F 470 -36.86 1.15 0.89
CA VAL F 470 -37.53 -0.06 0.45
C VAL F 470 -39.02 0.21 0.33
N ARG F 471 -39.55 0.10 -0.89
CA ARG F 471 -40.94 0.44 -1.16
C ARG F 471 -41.92 -0.19 -0.18
N LYS F 472 -42.61 0.65 0.59
CA LYS F 472 -43.65 0.19 1.51
C LYS F 472 -43.16 -0.87 2.49
N TRP F 473 -41.95 -0.67 2.99
CA TRP F 473 -41.39 -1.54 4.03
C TRP F 473 -41.45 -3.02 3.66
N SER F 474 -41.30 -3.32 2.37
CA SER F 474 -41.37 -4.69 1.90
C SER F 474 -40.40 -5.59 2.65
N THR F 475 -40.86 -6.78 3.01
CA THR F 475 -40.05 -7.72 3.77
C THR F 475 -39.62 -8.89 2.88
N GLU F 476 -40.27 -9.03 1.74
CA GLU F 476 -40.04 -10.16 0.85
C GLU F 476 -39.03 -9.82 -0.25
N ASP F 477 -38.72 -10.82 -1.07
CA ASP F 477 -37.80 -10.63 -2.19
C ASP F 477 -38.45 -9.79 -3.28
N GLY F 478 -37.63 -9.27 -4.19
CA GLY F 478 -38.14 -8.45 -5.27
C GLY F 478 -38.61 -7.08 -4.80
N GLY F 479 -38.42 -6.81 -3.52
CA GLY F 479 -38.81 -5.53 -2.95
C GLY F 479 -38.16 -4.37 -3.68
N ILE F 480 -38.97 -3.58 -4.37
CA ILE F 480 -38.45 -2.47 -5.17
C ILE F 480 -37.67 -1.47 -4.32
N ILE F 481 -36.42 -1.22 -4.73
CA ILE F 481 -35.59 -0.23 -4.08
C ILE F 481 -35.84 1.12 -4.73
N GLN F 482 -36.21 2.11 -3.92
CA GLN F 482 -36.61 3.41 -4.44
C GLN F 482 -35.95 4.57 -3.71
N GLN F 483 -36.45 5.77 -3.97
CA GLN F 483 -35.97 6.99 -3.35
C GLN F 483 -37.10 7.55 -2.50
N TRP F 484 -36.76 8.09 -1.33
CA TRP F 484 -37.78 8.61 -0.43
C TRP F 484 -37.21 9.58 0.59
N SER F 485 -38.04 10.52 1.02
CA SER F 485 -37.63 11.49 2.03
C SER F 485 -37.33 10.79 3.34
N ASP F 486 -36.47 11.39 4.16
CA ASP F 486 -36.07 10.80 5.43
C ASP F 486 -37.25 10.72 6.40
N ALA F 487 -37.76 9.51 6.61
CA ALA F 487 -38.89 9.30 7.52
C ALA F 487 -38.43 8.68 8.83
N GLY F 488 -37.16 8.27 8.87
CA GLY F 488 -36.61 7.65 10.06
C GLY F 488 -37.13 6.25 10.28
N GLY F 489 -37.34 5.51 9.19
CA GLY F 489 -37.84 4.15 9.28
C GLY F 489 -36.75 3.13 9.06
N THR F 490 -36.92 1.94 9.62
CA THR F 490 -35.93 0.88 9.50
C THR F 490 -35.83 0.38 8.06
N ASN F 491 -36.82 0.73 7.25
CA ASN F 491 -36.79 0.39 5.82
C ASN F 491 -35.87 1.32 5.05
N GLN F 492 -35.39 2.35 5.73
CA GLN F 492 -34.50 3.34 5.12
C GLN F 492 -33.08 3.19 5.63
N HIS F 493 -32.89 2.37 6.65
CA HIS F 493 -31.59 2.18 7.27
C HIS F 493 -30.86 0.97 6.69
N TRP F 494 -29.59 1.17 6.34
CA TRP F 494 -28.81 0.13 5.67
C TRP F 494 -27.51 -0.18 6.40
N LYS F 495 -27.10 -1.44 6.34
CA LYS F 495 -25.89 -1.89 7.01
C LYS F 495 -24.81 -2.23 5.99
N LEU F 496 -23.60 -1.73 6.22
CA LEU F 496 -22.48 -1.97 5.32
C LEU F 496 -21.67 -3.17 5.77
N VAL F 497 -21.79 -4.27 5.04
CA VAL F 497 -21.12 -5.53 5.40
C VAL F 497 -20.11 -5.97 4.35
N LEU F 498 -18.88 -6.22 4.79
CA LEU F 498 -17.81 -6.65 3.90
C LEU F 498 -18.01 -8.10 3.45
N VAL F 499 -17.25 -8.52 2.45
CA VAL F 499 -17.34 -9.88 1.94
C VAL F 499 -16.05 -10.31 1.25
#